data_1VDV
#
_entry.id   1VDV
#
_cell.length_a   166.817
_cell.length_b   123.940
_cell.length_c   148.888
_cell.angle_alpha   90.00
_cell.angle_beta   91.16
_cell.angle_gamma   90.00
#
_symmetry.space_group_name_H-M   'C 1 2 1'
#
loop_
_entity.id
_entity.type
_entity.pdbx_description
1 polymer 'Xanthine dehydrogenase/oxidase'
2 non-polymer 'CALCIUM ION'
3 non-polymer 'FE2/S2 (INORGANIC) CLUSTER'
4 non-polymer 'PHOSPHONIC ACIDMONO-(2-AMINO-5,6-DIMERCAPTO-4-OXO-3,7,8A,9,10,10A-HEXAHYDRO-4H-8-OXA-1,3,9,10-TETRAAZA-ANTHRACEN-7-YLMETHYL)ESTER'
5 non-polymer 'DIOXOTHIOMOLYBDENUM(VI) ION'
6 non-polymer 'FLAVIN-ADENINE DINUCLEOTIDE'
7 non-polymer '1-[3-CYANO-4-(NEOPENTYLOXY)PHENYL]-1H-PYRAZOLE-4-CARBOXYLIC ACID'
8 non-polymer GLYCEROL
9 non-polymer 'ACETIC ACID'
10 water water
#
_entity_poly.entity_id   1
_entity_poly.type   'polypeptide(L)'
_entity_poly.pdbx_seq_one_letter_code
;MTADELVFFVNGKKVVEKNADPETTLLAYLRRKLGLRGTKLGCGEGGCGACTVMLSKYDRLQDKIIHFSANACLAPICTL
HHVAVTTVEGIGSTKTRLHPVQERIAKSHGSQCGFCTPGIVMSMYTLLRNQPEPTVEEIEDAFQGNLCRCTGYRPILQGF
RTFAKNGGCCGGNGNNPNCCMNQKKDHTVTLSPSLFNPEEFMPLDPTQEPIFPPELLRLKDVPPKQLRFEGERVTWIQAS
TLKELLDLKAQHPEAKLVVGNTEIGIEMKFKNQLFPMIICPAWIPELNAVEHGPEGISFGAACALSSVEKTLLEAVAKLP
TQKTEVFRGVLEQLRWFAGKQVKSVASLGGNIITASPISDLNPVFMASGTKLTIVSRGTRRTVPMDHTFFPSYRKTLLGP
EEILLSIEIPYSREDEFFSAFKQASRREDDIAKVTCGMRVLFQPGSMQVKELALCYGGMADRTISALKTTQKQLSKFWNE
KLLQDVCAGLAEELSLSPDAPGGMIEFRRTLTLSFFFKFYLTVLKKLGKDSKDKCGKLDPTYTSATLLFQKHPPANIQLF
QEVPNGQSKEDTVGRPLPHLAAAMQASGEAVYCDDIPRYENELFLRLVTSTRAHAKIKSIDVSEAQKVPGFVCFLSADDI
PGSNETGLFNDETVFAKDTVTCVGHIIGAVVADTPEHAERAAHVVKVTYEDLPAIITIEDAIKNNSFYGSELKIEKGDLK
KGFSEADNVVSGELYIGGQDHFYLETHCTIAIPKGEEGEMELFVSTQNAMKTQSFVAKMLGVPVNRILVRVKRMGGGFGG
KETRSTLVSVAVALAAYKTGHPVRCMLDRNEDMLITGGRHPFLARYKVGFMKTGTIVALEVDHYSNAGNSRDLSHSIMER
ALFHMDNCYKIPNIRGTGRLCKTNLSSNTAFRGFGGPQALFIAENWMSEVAVTCGLPAEEVRWKNMYKEGDLTHFNQRLE
GFSVPRCWDECLKSSQYYARKSEVDKFNKENCWKKRGLCIIPTKFGISFTVPFLNQAGALIHVYTDGSVLVSHGGTEMGQ
GLHTKMVQVASKALKIPISKIYISETSTNTVPNSSPTAASVSTDIYGQAVYEACQTILKRLEPFKKKNPDGSWEDWVMAA
YQDRVSLSTTGFYRTPNLGYSFETNSGNAFHYFTYGVACSEVEIDCLTGDHKNLRTDIVMDVGSSLNPAIDIGQVEGAFV
QGLGLFTLEELHYSPEGSLHTRGPSTYKIPAFGSIPTEFRVSLLRDCPNKKAIYASKAVGEPPLFLGASVFFAIKDAIRA
ARAQHTNNNTKELFRLDSPATPEKIRNACVDKFTTLCVTGAPGNCKPWSLRV
;
_entity_poly.pdbx_strand_id   A,B
#
loop_
_chem_comp.id
_chem_comp.type
_chem_comp.name
_chem_comp.formula
ACY non-polymer 'ACETIC ACID' 'C2 H4 O2'
CA non-polymer 'CALCIUM ION' 'Ca 2'
FAD non-polymer 'FLAVIN-ADENINE DINUCLEOTIDE' 'C27 H33 N9 O15 P2'
FES non-polymer 'FE2/S2 (INORGANIC) CLUSTER' 'Fe2 S2'
GOL non-polymer GLYCEROL 'C3 H8 O3'
MOS non-polymer 'DIOXOTHIOMOLYBDENUM(VI) ION' 'H Mo O2 S'
MTE non-polymer 'PHOSPHONIC ACIDMONO-(2-AMINO-5,6-DIMERCAPTO-4-OXO-3,7,8A,9,10,10A-HEXAHYDRO-4H-8-OXA-1,3,9,10-TETRAAZA-ANTHRACEN-7-YLMETHYL)ESTER' 'C10 H14 N5 O6 P S2'
YSH non-polymer '1-[3-CYANO-4-(NEOPENTYLOXY)PHENYL]-1H-PYRAZOLE-4-CARBOXYLIC ACID' 'C16 H17 N3 O3'
#
# COMPACT_ATOMS: atom_id res chain seq x y z
N ALA A 3 -21.08 34.38 2.96
CA ALA A 3 -21.84 33.11 2.77
C ALA A 3 -20.90 31.95 2.54
N ASP A 4 -20.47 31.81 1.29
CA ASP A 4 -19.59 30.74 0.86
C ASP A 4 -18.94 29.84 1.92
N GLU A 5 -18.15 30.39 2.84
CA GLU A 5 -17.49 29.55 3.84
C GLU A 5 -18.37 28.78 4.84
N LEU A 6 -18.18 27.46 4.87
CA LEU A 6 -18.92 26.58 5.79
C LEU A 6 -17.99 26.32 6.97
N VAL A 7 -18.45 26.64 8.17
CA VAL A 7 -17.63 26.44 9.35
C VAL A 7 -18.32 25.60 10.41
N PHE A 8 -17.66 24.49 10.77
CA PHE A 8 -18.20 23.60 11.79
C PHE A 8 -17.06 22.89 12.51
N PHE A 9 -17.38 22.11 13.53
CA PHE A 9 -16.35 21.41 14.27
C PHE A 9 -16.52 19.90 14.24
N VAL A 10 -15.39 19.19 14.30
CA VAL A 10 -15.38 17.74 14.32
C VAL A 10 -14.43 17.32 15.42
N ASN A 11 -14.97 16.68 16.45
CA ASN A 11 -14.21 16.23 17.59
C ASN A 11 -13.42 17.37 18.23
N GLY A 12 -14.07 18.52 18.36
CA GLY A 12 -13.43 19.68 18.98
C GLY A 12 -12.56 20.51 18.06
N LYS A 13 -12.26 19.98 16.89
CA LYS A 13 -11.41 20.68 15.92
C LYS A 13 -12.22 21.47 14.91
N LYS A 14 -11.83 22.71 14.69
CA LYS A 14 -12.52 23.60 13.75
C LYS A 14 -12.23 23.22 12.31
N VAL A 15 -13.27 23.22 11.50
CA VAL A 15 -13.16 22.88 10.09
C VAL A 15 -13.68 24.06 9.27
N VAL A 16 -12.89 24.54 8.33
CA VAL A 16 -13.33 25.63 7.49
C VAL A 16 -13.31 25.10 6.06
N GLU A 17 -14.49 24.91 5.50
CA GLU A 17 -14.62 24.41 4.14
C GLU A 17 -14.98 25.57 3.23
N LYS A 18 -14.01 26.02 2.44
CA LYS A 18 -14.20 27.14 1.53
C LYS A 18 -15.01 26.81 0.29
N ASN A 19 -15.14 25.53 -0.04
CA ASN A 19 -15.90 25.17 -1.23
C ASN A 19 -16.84 23.99 -0.98
N ALA A 20 -17.72 24.15 0.01
CA ALA A 20 -18.67 23.10 0.35
C ALA A 20 -19.65 22.83 -0.79
N ASP A 21 -19.75 21.57 -1.17
CA ASP A 21 -20.68 21.19 -2.22
C ASP A 21 -21.94 20.72 -1.51
N PRO A 22 -23.10 21.28 -1.88
CA PRO A 22 -24.37 20.89 -1.25
C PRO A 22 -24.66 19.39 -1.26
N GLU A 23 -24.11 18.67 -2.25
CA GLU A 23 -24.34 17.23 -2.35
C GLU A 23 -23.44 16.38 -1.47
N THR A 24 -22.47 17.00 -0.82
CA THR A 24 -21.55 16.27 0.05
C THR A 24 -22.18 15.91 1.39
N THR A 25 -22.19 14.62 1.73
CA THR A 25 -22.75 14.17 3.00
C THR A 25 -21.64 14.18 4.05
N LEU A 26 -22.03 14.23 5.32
CA LEU A 26 -21.04 14.22 6.40
C LEU A 26 -20.20 12.94 6.36
N LEU A 27 -20.83 11.81 6.04
CA LEU A 27 -20.09 10.55 5.98
C LEU A 27 -18.94 10.60 4.98
N ALA A 28 -19.22 11.08 3.77
CA ALA A 28 -18.20 11.19 2.74
C ALA A 28 -17.11 12.16 3.17
N TYR A 29 -17.50 13.27 3.78
CA TYR A 29 -16.54 14.27 4.23
C TYR A 29 -15.61 13.71 5.30
N LEU A 30 -16.17 12.97 6.27
CA LEU A 30 -15.39 12.38 7.34
C LEU A 30 -14.36 11.39 6.81
N ARG A 31 -14.82 10.49 5.96
CA ARG A 31 -13.98 9.44 5.39
C ARG A 31 -13.00 9.90 4.31
N ARG A 32 -13.44 10.76 3.41
CA ARG A 32 -12.58 11.19 2.30
C ARG A 32 -11.81 12.49 2.48
N LYS A 33 -12.28 13.38 3.33
CA LYS A 33 -11.60 14.65 3.51
C LYS A 33 -10.88 14.80 4.85
N LEU A 34 -11.49 14.29 5.93
CA LEU A 34 -10.89 14.42 7.25
C LEU A 34 -10.09 13.22 7.74
N GLY A 35 -10.15 12.11 7.01
CA GLY A 35 -9.40 10.92 7.41
C GLY A 35 -9.92 10.23 8.66
N LEU A 36 -11.20 10.37 8.94
CA LEU A 36 -11.82 9.74 10.11
C LEU A 36 -12.68 8.60 9.59
N ARG A 37 -12.07 7.44 9.43
CA ARG A 37 -12.75 6.27 8.87
C ARG A 37 -13.46 5.35 9.86
N GLY A 38 -13.63 5.81 11.08
CA GLY A 38 -14.31 5.02 12.10
C GLY A 38 -15.79 4.93 11.82
N THR A 39 -16.34 5.98 11.22
CA THR A 39 -17.76 6.01 10.86
C THR A 39 -17.84 5.25 9.53
N LYS A 40 -18.76 4.28 9.46
CA LYS A 40 -18.91 3.43 8.28
C LYS A 40 -20.14 3.63 7.40
N LEU A 41 -20.05 3.12 6.18
CA LEU A 41 -21.16 3.15 5.22
C LEU A 41 -21.73 1.74 5.25
N GLY A 42 -23.01 1.62 5.58
CA GLY A 42 -23.63 0.31 5.63
C GLY A 42 -24.84 0.15 4.72
N CYS A 43 -25.46 1.27 4.34
CA CYS A 43 -26.64 1.19 3.50
C CYS A 43 -26.91 2.48 2.72
N GLY A 44 -26.45 3.59 3.26
CA GLY A 44 -26.66 4.86 2.60
C GLY A 44 -28.12 5.30 2.54
N GLU A 45 -28.99 4.61 3.26
CA GLU A 45 -30.41 4.98 3.26
C GLU A 45 -31.03 5.18 4.65
N GLY A 46 -30.17 5.38 5.65
CA GLY A 46 -30.64 5.64 7.01
C GLY A 46 -31.20 4.52 7.85
N GLY A 47 -31.16 3.28 7.37
CA GLY A 47 -31.72 2.19 8.16
C GLY A 47 -30.80 1.26 8.93
N CYS A 48 -29.50 1.50 8.91
CA CYS A 48 -28.61 0.58 9.62
C CYS A 48 -27.85 1.23 10.78
N GLY A 49 -27.71 2.55 10.74
CA GLY A 49 -27.02 3.26 11.81
C GLY A 49 -25.51 3.09 11.88
N ALA A 50 -24.91 2.45 10.88
CA ALA A 50 -23.46 2.26 10.89
C ALA A 50 -22.72 3.59 10.75
N CYS A 51 -23.40 4.60 10.23
CA CYS A 51 -22.82 5.93 10.03
C CYS A 51 -23.19 6.91 11.16
N THR A 52 -23.70 6.38 12.27
CA THR A 52 -24.13 7.21 13.38
C THR A 52 -23.03 8.07 14.02
N VAL A 53 -23.36 9.33 14.25
CA VAL A 53 -22.44 10.27 14.89
C VAL A 53 -23.30 11.13 15.81
N MET A 54 -22.66 11.92 16.65
CA MET A 54 -23.40 12.80 17.54
C MET A 54 -23.20 14.23 17.07
N LEU A 55 -24.26 15.02 17.17
CA LEU A 55 -24.21 16.43 16.78
C LEU A 55 -24.57 17.26 18.00
N SER A 56 -23.86 18.36 18.18
CA SER A 56 -24.12 19.25 19.32
C SER A 56 -24.21 20.66 18.80
N LYS A 57 -25.15 21.44 19.33
CA LYS A 57 -25.28 22.82 18.92
C LYS A 57 -25.93 23.66 19.98
N TYR A 58 -25.72 24.97 19.88
CA TYR A 58 -26.33 25.89 20.81
C TYR A 58 -27.71 26.22 20.25
N ASP A 59 -28.74 25.88 21.01
CA ASP A 59 -30.10 26.15 20.60
C ASP A 59 -30.55 27.48 21.19
N ARG A 60 -30.65 28.49 20.33
CA ARG A 60 -31.05 29.84 20.76
C ARG A 60 -32.41 29.90 21.44
N LEU A 61 -33.42 29.25 20.86
CA LEU A 61 -34.77 29.26 21.44
C LEU A 61 -34.82 28.66 22.83
N GLN A 62 -33.90 27.75 23.13
CA GLN A 62 -33.87 27.12 24.44
C GLN A 62 -32.70 27.60 25.28
N ASP A 63 -31.81 28.38 24.67
CA ASP A 63 -30.64 28.89 25.36
C ASP A 63 -29.97 27.71 26.08
N LYS A 64 -29.58 26.71 25.30
CA LYS A 64 -28.95 25.52 25.88
C LYS A 64 -28.21 24.69 24.83
N ILE A 65 -27.22 23.92 25.28
CA ILE A 65 -26.48 23.06 24.38
C ILE A 65 -27.26 21.76 24.27
N ILE A 66 -27.57 21.35 23.05
CA ILE A 66 -28.32 20.12 22.85
C ILE A 66 -27.47 19.11 22.09
N HIS A 67 -27.59 17.84 22.46
CA HIS A 67 -26.85 16.76 21.83
C HIS A 67 -27.85 15.75 21.25
N PHE A 68 -27.61 15.31 20.02
CA PHE A 68 -28.50 14.34 19.40
C PHE A 68 -27.74 13.52 18.37
N SER A 69 -28.24 12.32 18.06
CA SER A 69 -27.55 11.46 17.11
C SER A 69 -28.08 11.72 15.71
N ALA A 70 -27.32 11.29 14.70
CA ALA A 70 -27.74 11.50 13.32
C ALA A 70 -26.98 10.56 12.39
N ASN A 71 -27.60 10.19 11.29
CA ASN A 71 -26.96 9.33 10.31
C ASN A 71 -26.11 10.21 9.41
N ALA A 72 -24.80 10.00 9.46
CA ALA A 72 -23.88 10.78 8.64
C ALA A 72 -24.12 10.60 7.14
N CYS A 73 -24.74 9.48 6.73
CA CYS A 73 -24.98 9.26 5.31
C CYS A 73 -26.08 10.11 4.70
N LEU A 74 -26.94 10.70 5.53
CA LEU A 74 -28.03 11.54 5.04
C LEU A 74 -27.89 13.00 5.46
N ALA A 75 -26.90 13.28 6.31
CA ALA A 75 -26.69 14.65 6.78
C ALA A 75 -25.84 15.46 5.80
N PRO A 76 -26.44 16.47 5.16
CA PRO A 76 -25.63 17.27 4.24
C PRO A 76 -24.70 18.13 5.09
N ILE A 77 -23.42 18.21 4.74
CA ILE A 77 -22.53 19.02 5.55
C ILE A 77 -23.00 20.48 5.54
N CYS A 78 -23.75 20.86 4.50
CA CYS A 78 -24.22 22.23 4.40
C CYS A 78 -25.28 22.60 5.43
N THR A 79 -25.77 21.62 6.18
CA THR A 79 -26.76 21.88 7.23
C THR A 79 -26.02 22.01 8.56
N LEU A 80 -24.73 21.78 8.54
CA LEU A 80 -23.92 21.79 9.76
C LEU A 80 -23.16 23.05 10.15
N HIS A 81 -23.43 24.18 9.50
CA HIS A 81 -22.70 25.40 9.86
C HIS A 81 -22.88 25.65 11.35
N HIS A 82 -21.76 25.86 12.04
CA HIS A 82 -21.76 26.10 13.48
C HIS A 82 -22.30 24.95 14.32
N VAL A 83 -22.09 23.72 13.85
CA VAL A 83 -22.51 22.54 14.58
C VAL A 83 -21.24 21.79 14.96
N ALA A 84 -21.28 21.11 16.11
CA ALA A 84 -20.14 20.34 16.57
C ALA A 84 -20.41 18.86 16.40
N VAL A 85 -19.61 18.20 15.57
CA VAL A 85 -19.77 16.77 15.33
C VAL A 85 -18.83 15.99 16.25
N THR A 86 -19.31 14.84 16.73
CA THR A 86 -18.51 13.95 17.56
C THR A 86 -18.59 12.55 16.95
N THR A 87 -17.47 11.98 16.55
CA THR A 87 -17.46 10.65 15.97
C THR A 87 -16.91 9.67 16.99
N VAL A 88 -16.83 8.40 16.62
CA VAL A 88 -16.32 7.38 17.52
C VAL A 88 -14.90 7.71 17.97
N GLU A 89 -14.08 8.24 17.06
CA GLU A 89 -12.71 8.57 17.44
C GLU A 89 -12.65 9.78 18.37
N GLY A 90 -13.76 10.50 18.49
CA GLY A 90 -13.76 11.66 19.37
C GLY A 90 -14.05 11.38 20.85
N ILE A 91 -14.45 10.15 21.19
CA ILE A 91 -14.75 9.85 22.59
C ILE A 91 -13.71 8.96 23.26
N GLY A 92 -12.84 8.35 22.46
CA GLY A 92 -11.80 7.48 23.00
C GLY A 92 -11.14 6.57 21.98
N SER A 93 -10.07 5.89 22.40
CA SER A 93 -9.36 4.97 21.53
C SER A 93 -8.37 4.13 22.33
N THR A 94 -7.86 3.07 21.70
CA THR A 94 -6.90 2.20 22.35
C THR A 94 -5.53 2.87 22.47
N LYS A 95 -5.32 3.91 21.68
CA LYS A 95 -4.05 4.64 21.71
C LYS A 95 -4.00 5.58 22.91
N THR A 96 -5.17 6.06 23.32
CA THR A 96 -5.25 6.96 24.46
C THR A 96 -5.95 6.21 25.57
N ARG A 97 -7.27 6.28 25.60
CA ARG A 97 -8.06 5.57 26.60
C ARG A 97 -9.46 5.37 26.06
N LEU A 98 -10.02 4.18 26.25
CA LEU A 98 -11.36 3.88 25.78
C LEU A 98 -12.38 4.53 26.68
N HIS A 99 -13.48 5.00 26.08
CA HIS A 99 -14.56 5.61 26.84
C HIS A 99 -15.34 4.43 27.42
N PRO A 100 -15.98 4.60 28.58
CA PRO A 100 -16.75 3.51 29.18
C PRO A 100 -17.65 2.76 28.20
N VAL A 101 -18.29 3.49 27.29
CA VAL A 101 -19.16 2.86 26.30
C VAL A 101 -18.40 1.87 25.44
N GLN A 102 -17.21 2.27 24.99
CA GLN A 102 -16.38 1.42 24.16
C GLN A 102 -15.82 0.23 24.96
N GLU A 103 -15.41 0.49 26.20
CA GLU A 103 -14.89 -0.59 27.03
C GLU A 103 -15.94 -1.66 27.31
N ARG A 104 -17.15 -1.24 27.66
CA ARG A 104 -18.21 -2.19 27.99
C ARG A 104 -18.71 -3.02 26.82
N ILE A 105 -18.88 -2.43 25.64
CA ILE A 105 -19.36 -3.23 24.53
C ILE A 105 -18.27 -4.24 24.13
N ALA A 106 -17.01 -3.85 24.32
CA ALA A 106 -15.90 -4.75 23.98
C ALA A 106 -15.78 -5.91 24.97
N LYS A 107 -15.69 -5.58 26.25
CA LYS A 107 -15.56 -6.59 27.30
C LYS A 107 -16.77 -7.47 27.48
N SER A 108 -17.95 -6.97 27.11
CA SER A 108 -19.18 -7.75 27.28
C SER A 108 -19.45 -8.66 26.08
N HIS A 109 -18.53 -8.61 25.11
CA HIS A 109 -18.62 -9.40 23.89
C HIS A 109 -19.72 -8.91 22.96
N GLY A 110 -19.98 -7.61 22.96
CA GLY A 110 -21.01 -7.05 22.09
C GLY A 110 -20.48 -6.71 20.71
N SER A 111 -19.25 -7.12 20.43
CA SER A 111 -18.64 -6.85 19.14
C SER A 111 -18.04 -8.11 18.53
N GLN A 112 -18.49 -8.46 17.33
CA GLN A 112 -17.96 -9.62 16.63
C GLN A 112 -17.17 -9.18 15.40
N CYS A 113 -17.83 -8.94 14.25
CA CYS A 113 -17.06 -8.49 13.08
C CYS A 113 -16.65 -7.05 13.32
N GLY A 114 -17.43 -6.35 14.14
CA GLY A 114 -17.14 -4.97 14.50
C GLY A 114 -17.57 -3.83 13.60
N PHE A 115 -18.16 -4.12 12.44
CA PHE A 115 -18.53 -3.05 11.52
C PHE A 115 -19.66 -2.15 12.02
N CYS A 116 -20.54 -2.68 12.87
CA CYS A 116 -21.66 -1.91 13.41
C CYS A 116 -21.31 -1.26 14.74
N THR A 117 -20.20 -1.67 15.34
CA THR A 117 -19.83 -1.17 16.65
C THR A 117 -19.70 0.35 16.83
N PRO A 118 -19.01 1.03 15.90
CA PRO A 118 -18.90 2.48 16.09
C PRO A 118 -20.28 3.16 16.14
N GLY A 119 -21.15 2.79 15.20
CA GLY A 119 -22.48 3.37 15.14
C GLY A 119 -23.30 3.12 16.39
N ILE A 120 -23.17 1.92 16.97
CA ILE A 120 -23.91 1.58 18.17
C ILE A 120 -23.26 2.28 19.36
N VAL A 121 -21.94 2.40 19.34
CA VAL A 121 -21.21 3.10 20.38
C VAL A 121 -21.71 4.55 20.43
N MET A 122 -21.84 5.18 19.26
CA MET A 122 -22.29 6.57 19.23
C MET A 122 -23.76 6.74 19.63
N SER A 123 -24.59 5.74 19.36
CA SER A 123 -25.99 5.83 19.76
C SER A 123 -26.06 5.80 21.29
N MET A 124 -25.30 4.88 21.89
CA MET A 124 -25.26 4.75 23.33
C MET A 124 -24.64 6.01 23.95
N TYR A 125 -23.53 6.46 23.37
CA TYR A 125 -22.84 7.65 23.86
C TYR A 125 -23.78 8.85 23.90
N THR A 126 -24.51 9.06 22.82
CA THR A 126 -25.44 10.19 22.73
C THR A 126 -26.48 10.12 23.84
N LEU A 127 -27.01 8.93 24.08
CA LEU A 127 -28.00 8.75 25.14
C LEU A 127 -27.44 9.22 26.47
N LEU A 128 -26.21 8.78 26.78
CA LEU A 128 -25.55 9.14 28.04
C LEU A 128 -25.25 10.63 28.17
N ARG A 129 -25.03 11.32 27.05
CA ARG A 129 -24.77 12.75 27.11
C ARG A 129 -26.07 13.48 27.42
N ASN A 130 -27.19 12.82 27.16
CA ASN A 130 -28.50 13.39 27.43
C ASN A 130 -29.02 12.90 28.78
N GLN A 131 -28.64 11.68 29.14
CA GLN A 131 -29.08 11.08 30.40
C GLN A 131 -28.03 10.11 30.91
N PRO A 132 -27.14 10.59 31.80
CA PRO A 132 -26.07 9.79 32.39
C PRO A 132 -26.54 8.55 33.17
N GLU A 133 -27.82 8.55 33.55
CA GLU A 133 -28.39 7.42 34.28
C GLU A 133 -29.71 7.00 33.65
N PRO A 134 -29.65 6.42 32.44
CA PRO A 134 -30.83 5.98 31.71
C PRO A 134 -31.45 4.72 32.27
N THR A 135 -32.71 4.48 31.89
CA THR A 135 -33.43 3.30 32.33
C THR A 135 -33.17 2.24 31.27
N VAL A 136 -33.47 0.99 31.59
CA VAL A 136 -33.27 -0.09 30.64
C VAL A 136 -34.05 0.17 29.36
N GLU A 137 -35.26 0.73 29.49
CA GLU A 137 -36.08 1.00 28.31
C GLU A 137 -35.45 2.06 27.42
N GLU A 138 -34.91 3.12 28.01
CA GLU A 138 -34.27 4.18 27.24
C GLU A 138 -33.04 3.66 26.52
N ILE A 139 -32.38 2.68 27.13
CA ILE A 139 -31.19 2.09 26.52
C ILE A 139 -31.61 1.28 25.28
N GLU A 140 -32.63 0.45 25.41
CA GLU A 140 -33.07 -0.33 24.26
C GLU A 140 -33.55 0.59 23.14
N ASP A 141 -34.33 1.60 23.49
CA ASP A 141 -34.85 2.54 22.50
C ASP A 141 -33.78 3.34 21.76
N ALA A 142 -32.59 3.46 22.35
CA ALA A 142 -31.52 4.20 21.71
C ALA A 142 -31.07 3.51 20.42
N PHE A 143 -31.39 2.23 20.28
CA PHE A 143 -30.94 1.49 19.11
C PHE A 143 -31.99 1.10 18.09
N GLN A 144 -33.09 1.84 18.02
CA GLN A 144 -34.16 1.55 17.07
C GLN A 144 -33.61 1.69 15.65
N GLY A 145 -32.54 2.47 15.50
CA GLY A 145 -31.95 2.68 14.19
C GLY A 145 -30.59 2.06 13.94
N ASN A 146 -30.21 1.08 14.77
CA ASN A 146 -28.92 0.41 14.59
C ASN A 146 -29.10 -1.08 14.35
N LEU A 147 -28.41 -1.61 13.36
CA LEU A 147 -28.50 -3.03 13.04
C LEU A 147 -27.19 -3.77 13.26
N CYS A 148 -27.30 -5.00 13.77
CA CYS A 148 -26.13 -5.86 13.97
C CYS A 148 -26.50 -7.23 13.43
N ARG A 149 -25.63 -7.79 12.59
CA ARG A 149 -25.88 -9.09 11.98
C ARG A 149 -25.16 -10.25 12.67
N CYS A 150 -24.13 -9.95 13.44
CA CYS A 150 -23.32 -10.99 14.10
C CYS A 150 -23.70 -11.45 15.50
N THR A 151 -23.88 -10.49 16.40
CA THR A 151 -24.12 -10.76 17.82
C THR A 151 -25.42 -11.33 18.36
N GLY A 152 -26.54 -11.03 17.73
CA GLY A 152 -27.79 -11.52 18.28
C GLY A 152 -28.25 -10.48 19.31
N TYR A 153 -27.55 -9.35 19.33
CA TYR A 153 -27.87 -8.21 20.21
C TYR A 153 -27.79 -8.36 21.73
N ARG A 154 -28.14 -9.53 22.24
CA ARG A 154 -28.13 -9.76 23.68
C ARG A 154 -26.91 -9.23 24.44
N PRO A 155 -25.68 -9.54 23.98
CA PRO A 155 -24.51 -9.03 24.69
C PRO A 155 -24.38 -7.51 24.72
N ILE A 156 -24.79 -6.84 23.65
CA ILE A 156 -24.71 -5.37 23.58
C ILE A 156 -25.63 -4.76 24.63
N LEU A 157 -26.87 -5.23 24.69
CA LEU A 157 -27.83 -4.73 25.66
C LEU A 157 -27.42 -5.07 27.09
N GLN A 158 -27.00 -6.31 27.31
CA GLN A 158 -26.61 -6.74 28.66
C GLN A 158 -25.41 -5.96 29.18
N GLY A 159 -24.47 -5.64 28.30
CA GLY A 159 -23.30 -4.89 28.72
C GLY A 159 -23.64 -3.44 29.02
N PHE A 160 -24.49 -2.85 28.19
CA PHE A 160 -24.89 -1.45 28.38
C PHE A 160 -25.86 -1.27 29.54
N ARG A 161 -26.53 -2.36 29.91
CA ARG A 161 -27.49 -2.35 31.00
C ARG A 161 -26.81 -1.97 32.31
N THR A 162 -25.48 -2.12 32.35
CA THR A 162 -24.71 -1.78 33.53
C THR A 162 -24.72 -0.27 33.79
N PHE A 163 -25.14 0.50 32.79
CA PHE A 163 -25.21 1.95 32.89
C PHE A 163 -26.51 2.39 33.57
N ALA A 164 -27.48 1.48 33.63
CA ALA A 164 -28.78 1.78 34.23
C ALA A 164 -28.66 2.04 35.73
N LYS A 165 -29.63 2.79 36.27
CA LYS A 165 -29.71 3.16 37.68
C LYS A 165 -28.92 4.44 37.95
N SER A 192 -22.11 -21.34 37.97
CA SER A 192 -21.50 -21.11 36.63
C SER A 192 -20.73 -19.79 36.57
N PRO A 193 -19.57 -19.79 35.91
CA PRO A 193 -18.77 -18.57 35.80
C PRO A 193 -19.51 -17.56 34.93
N SER A 194 -19.03 -16.33 34.88
CA SER A 194 -19.68 -15.29 34.08
C SER A 194 -18.86 -14.92 32.85
N LEU A 195 -19.54 -14.45 31.80
CA LEU A 195 -18.88 -14.07 30.57
C LEU A 195 -18.06 -12.80 30.73
N PHE A 196 -18.47 -11.93 31.65
CA PHE A 196 -17.75 -10.71 31.92
C PHE A 196 -18.04 -10.22 33.34
N ASN A 197 -17.17 -9.36 33.86
CA ASN A 197 -17.33 -8.85 35.22
C ASN A 197 -17.52 -7.34 35.27
N PRO A 198 -18.77 -6.90 35.46
CA PRO A 198 -19.14 -5.48 35.53
C PRO A 198 -18.31 -4.68 36.53
N GLU A 199 -17.88 -5.33 37.59
CA GLU A 199 -17.09 -4.66 38.63
C GLU A 199 -15.77 -4.09 38.14
N GLU A 200 -15.25 -4.60 37.03
CA GLU A 200 -13.99 -4.07 36.52
C GLU A 200 -14.20 -2.89 35.56
N PHE A 201 -15.45 -2.56 35.27
CA PHE A 201 -15.78 -1.46 34.36
C PHE A 201 -15.49 -0.08 34.96
N MET A 202 -14.86 0.80 34.18
CA MET A 202 -14.57 2.14 34.65
C MET A 202 -15.89 2.92 34.74
N PRO A 203 -16.16 3.55 35.89
CA PRO A 203 -17.41 4.31 36.01
C PRO A 203 -17.49 5.47 35.03
N LEU A 204 -18.71 5.85 34.68
CA LEU A 204 -18.93 6.96 33.77
C LEU A 204 -18.78 8.25 34.58
N ASP A 205 -17.98 9.19 34.09
CA ASP A 205 -17.78 10.47 34.78
C ASP A 205 -18.02 11.60 33.79
N PRO A 206 -19.25 12.11 33.73
CA PRO A 206 -19.57 13.20 32.81
C PRO A 206 -18.70 14.45 32.92
N THR A 207 -18.04 14.65 34.05
CA THR A 207 -17.18 15.83 34.21
C THR A 207 -15.94 15.73 33.34
N GLN A 208 -15.65 14.52 32.87
CA GLN A 208 -14.47 14.31 32.04
C GLN A 208 -14.77 14.24 30.54
N GLU A 209 -16.00 14.59 30.16
CA GLU A 209 -16.39 14.58 28.75
C GLU A 209 -15.84 15.81 28.03
N PRO A 210 -15.61 15.69 26.71
CA PRO A 210 -15.09 16.83 25.94
C PRO A 210 -16.05 18.00 26.06
N ILE A 211 -15.50 19.21 26.19
CA ILE A 211 -16.31 20.41 26.32
C ILE A 211 -16.85 20.85 24.95
N PHE A 212 -17.96 21.58 24.98
CA PHE A 212 -18.56 22.10 23.74
C PHE A 212 -17.57 23.17 23.27
N PRO A 213 -17.18 23.15 22.00
CA PRO A 213 -16.22 24.14 21.46
C PRO A 213 -16.46 25.58 21.90
N PRO A 214 -15.54 26.14 22.69
CA PRO A 214 -15.66 27.53 23.18
C PRO A 214 -15.89 28.53 22.05
N GLU A 215 -15.23 28.33 20.92
CA GLU A 215 -15.38 29.23 19.80
C GLU A 215 -16.84 29.28 19.31
N LEU A 216 -17.52 28.15 19.34
CA LEU A 216 -18.92 28.11 18.91
C LEU A 216 -19.82 28.84 19.87
N LEU A 217 -19.48 28.79 21.17
CA LEU A 217 -20.29 29.47 22.17
C LEU A 217 -20.17 30.98 22.04
N ARG A 218 -19.12 31.43 21.35
CA ARG A 218 -18.91 32.86 21.13
C ARG A 218 -19.76 33.28 19.93
N LEU A 219 -19.66 32.49 18.86
CA LEU A 219 -20.40 32.75 17.63
C LEU A 219 -21.90 32.83 17.86
N LYS A 220 -22.37 32.30 19.00
CA LYS A 220 -23.79 32.33 19.34
C LYS A 220 -24.28 33.76 19.54
N ASP A 221 -23.35 34.63 19.94
CA ASP A 221 -23.67 36.03 20.19
C ASP A 221 -23.55 36.86 18.92
N VAL A 222 -23.56 36.19 17.78
CA VAL A 222 -23.46 36.85 16.49
C VAL A 222 -24.69 36.48 15.67
N PRO A 223 -25.63 37.42 15.50
CA PRO A 223 -26.86 37.17 14.74
C PRO A 223 -26.59 36.48 13.40
N PRO A 224 -27.34 35.42 13.09
CA PRO A 224 -27.22 34.64 11.86
C PRO A 224 -27.30 35.48 10.58
N LYS A 225 -26.69 34.97 9.52
CA LYS A 225 -26.69 35.64 8.23
C LYS A 225 -26.92 34.58 7.15
N GLN A 226 -27.62 34.96 6.09
CA GLN A 226 -27.88 34.04 4.99
C GLN A 226 -26.58 33.57 4.37
N LEU A 227 -26.49 32.27 4.08
CA LEU A 227 -25.29 31.70 3.48
C LEU A 227 -25.60 31.06 2.13
N ARG A 228 -24.62 31.04 1.25
CA ARG A 228 -24.78 30.47 -0.08
C ARG A 228 -23.61 29.52 -0.36
N PHE A 229 -23.94 28.29 -0.77
CA PHE A 229 -22.93 27.30 -1.08
C PHE A 229 -23.14 26.86 -2.53
N GLU A 230 -22.04 26.72 -3.27
CA GLU A 230 -22.12 26.34 -4.67
C GLU A 230 -21.36 25.06 -4.96
N GLY A 231 -22.06 24.06 -5.48
CA GLY A 231 -21.42 22.79 -5.79
C GLY A 231 -21.29 22.55 -7.28
N GLU A 232 -20.98 21.31 -7.64
CA GLU A 232 -20.82 20.95 -9.05
C GLU A 232 -22.14 21.08 -9.80
N ARG A 233 -23.24 20.71 -9.14
CA ARG A 233 -24.56 20.75 -9.78
C ARG A 233 -25.64 21.43 -8.96
N VAL A 234 -25.36 21.73 -7.69
CA VAL A 234 -26.39 22.32 -6.83
C VAL A 234 -26.00 23.60 -6.12
N THR A 235 -26.99 24.46 -5.90
CA THR A 235 -26.80 25.71 -5.18
C THR A 235 -27.67 25.62 -3.93
N TRP A 236 -27.04 25.87 -2.79
CA TRP A 236 -27.69 25.78 -1.49
C TRP A 236 -27.76 27.12 -0.79
N ILE A 237 -28.96 27.51 -0.35
CA ILE A 237 -29.11 28.77 0.37
C ILE A 237 -29.64 28.50 1.77
N GLN A 238 -28.86 28.90 2.77
CA GLN A 238 -29.27 28.73 4.16
C GLN A 238 -29.97 30.04 4.53
N ALA A 239 -31.29 30.01 4.59
CA ALA A 239 -32.08 31.19 4.92
C ALA A 239 -32.04 31.45 6.42
N SER A 240 -31.82 32.70 6.81
CA SER A 240 -31.75 33.02 8.24
C SER A 240 -33.03 33.59 8.82
N THR A 241 -33.86 34.20 7.98
CA THR A 241 -35.12 34.77 8.47
C THR A 241 -36.32 34.30 7.65
N LEU A 242 -37.51 34.47 8.20
CA LEU A 242 -38.73 34.07 7.51
C LEU A 242 -38.90 34.89 6.24
N LYS A 243 -38.57 36.18 6.33
CA LYS A 243 -38.68 37.07 5.18
C LYS A 243 -37.80 36.63 4.02
N GLU A 244 -36.57 36.23 4.33
CA GLU A 244 -35.65 35.78 3.28
C GLU A 244 -36.21 34.51 2.62
N LEU A 245 -36.71 33.59 3.43
CA LEU A 245 -37.26 32.35 2.91
C LEU A 245 -38.40 32.64 1.95
N LEU A 246 -39.30 33.53 2.36
CA LEU A 246 -40.44 33.86 1.51
C LEU A 246 -40.01 34.59 0.25
N ASP A 247 -39.00 35.46 0.34
CA ASP A 247 -38.53 36.15 -0.85
C ASP A 247 -37.92 35.14 -1.81
N LEU A 248 -37.12 34.22 -1.27
CA LEU A 248 -36.47 33.18 -2.07
C LEU A 248 -37.50 32.30 -2.76
N LYS A 249 -38.56 31.93 -2.05
CA LYS A 249 -39.60 31.08 -2.62
C LYS A 249 -40.40 31.79 -3.71
N ALA A 250 -40.51 33.11 -3.59
CA ALA A 250 -41.24 33.88 -4.58
C ALA A 250 -40.38 33.97 -5.83
N GLN A 251 -39.07 34.08 -5.63
CA GLN A 251 -38.12 34.18 -6.73
C GLN A 251 -37.78 32.82 -7.34
N HIS A 252 -37.79 31.77 -6.52
CA HIS A 252 -37.48 30.42 -6.97
C HIS A 252 -38.48 29.41 -6.42
N PRO A 253 -39.71 29.39 -6.95
CA PRO A 253 -40.76 28.47 -6.52
C PRO A 253 -40.39 26.99 -6.69
N GLU A 254 -39.47 26.72 -7.60
CA GLU A 254 -39.05 25.35 -7.86
C GLU A 254 -38.06 24.83 -6.82
N ALA A 255 -37.35 25.75 -6.17
CA ALA A 255 -36.37 25.37 -5.15
C ALA A 255 -36.98 24.40 -4.13
N LYS A 256 -36.23 23.35 -3.82
CA LYS A 256 -36.68 22.35 -2.86
C LYS A 256 -36.19 22.74 -1.48
N LEU A 257 -37.09 22.71 -0.49
CA LEU A 257 -36.67 23.03 0.86
C LEU A 257 -36.02 21.77 1.39
N VAL A 258 -35.08 21.92 2.30
CA VAL A 258 -34.42 20.77 2.91
C VAL A 258 -34.17 21.09 4.37
N VAL A 259 -34.56 20.16 5.24
CA VAL A 259 -34.34 20.33 6.66
C VAL A 259 -33.54 19.10 7.11
N GLY A 260 -34.22 17.97 7.28
CA GLY A 260 -33.54 16.76 7.70
C GLY A 260 -32.89 15.99 6.56
N ASN A 261 -33.38 16.23 5.35
CA ASN A 261 -32.85 15.57 4.15
C ASN A 261 -33.09 14.07 4.15
N THR A 262 -34.01 13.59 4.99
CA THR A 262 -34.27 12.16 5.05
C THR A 262 -35.19 11.69 3.92
N GLU A 263 -35.68 12.63 3.12
CA GLU A 263 -36.51 12.31 1.96
C GLU A 263 -35.68 12.71 0.73
N ILE A 264 -35.33 13.99 0.65
CA ILE A 264 -34.54 14.51 -0.47
C ILE A 264 -33.27 13.68 -0.69
N GLY A 265 -32.60 13.31 0.41
CA GLY A 265 -31.40 12.51 0.29
C GLY A 265 -31.66 11.21 -0.45
N ILE A 266 -32.79 10.58 -0.13
CA ILE A 266 -33.17 9.33 -0.77
C ILE A 266 -33.50 9.58 -2.25
N GLU A 267 -34.21 10.66 -2.52
CA GLU A 267 -34.58 11.01 -3.89
C GLU A 267 -33.36 11.26 -4.77
N MET A 268 -32.40 12.01 -4.23
CA MET A 268 -31.16 12.32 -4.96
C MET A 268 -30.33 11.07 -5.20
N LYS A 269 -30.10 10.32 -4.13
CA LYS A 269 -29.27 9.12 -4.17
C LYS A 269 -29.86 7.90 -4.87
N PHE A 270 -31.14 7.62 -4.63
CA PHE A 270 -31.76 6.44 -5.22
C PHE A 270 -32.78 6.65 -6.32
N LYS A 271 -33.41 7.82 -6.37
CA LYS A 271 -34.45 8.07 -7.36
C LYS A 271 -34.03 8.85 -8.60
N ASN A 272 -32.73 8.93 -8.86
CA ASN A 272 -32.24 9.64 -10.03
C ASN A 272 -32.83 11.05 -10.13
N GLN A 273 -32.94 11.74 -9.00
CA GLN A 273 -33.48 13.09 -9.02
C GLN A 273 -32.35 14.10 -8.87
N LEU A 274 -32.58 15.32 -9.31
CA LEU A 274 -31.59 16.38 -9.20
C LEU A 274 -32.29 17.71 -9.02
N PHE A 275 -32.06 18.35 -7.88
CA PHE A 275 -32.66 19.64 -7.59
C PHE A 275 -31.55 20.68 -7.58
N PRO A 276 -31.44 21.46 -8.66
CA PRO A 276 -30.41 22.50 -8.82
C PRO A 276 -30.37 23.56 -7.73
N MET A 277 -31.50 23.84 -7.10
CA MET A 277 -31.52 24.84 -6.03
C MET A 277 -32.23 24.37 -4.78
N ILE A 278 -31.53 24.47 -3.66
CA ILE A 278 -32.07 24.06 -2.38
C ILE A 278 -32.05 25.25 -1.41
N ILE A 279 -33.10 25.33 -0.59
CA ILE A 279 -33.18 26.36 0.42
C ILE A 279 -33.38 25.64 1.75
N CYS A 280 -32.50 25.88 2.71
CA CYS A 280 -32.63 25.25 4.02
C CYS A 280 -33.15 26.31 4.97
N PRO A 281 -34.38 26.13 5.49
CA PRO A 281 -34.99 27.08 6.42
C PRO A 281 -34.88 26.68 7.89
N ALA A 282 -34.07 25.67 8.18
CA ALA A 282 -33.89 25.16 9.54
C ALA A 282 -33.60 26.19 10.63
N TRP A 283 -32.89 27.26 10.30
CA TRP A 283 -32.54 28.31 11.27
C TRP A 283 -33.68 29.24 11.68
N ILE A 284 -34.66 29.41 10.79
CA ILE A 284 -35.78 30.32 11.04
C ILE A 284 -36.56 30.05 12.33
N PRO A 285 -36.55 31.02 13.26
CA PRO A 285 -37.26 30.86 14.53
C PRO A 285 -38.75 30.54 14.44
N GLU A 286 -39.47 31.15 13.51
CA GLU A 286 -40.89 30.87 13.37
C GLU A 286 -41.15 29.42 12.97
N LEU A 287 -40.18 28.81 12.28
CA LEU A 287 -40.32 27.43 11.85
C LEU A 287 -39.91 26.43 12.94
N ASN A 288 -39.43 26.96 14.07
CA ASN A 288 -38.99 26.14 15.19
C ASN A 288 -39.76 26.43 16.49
N ALA A 289 -40.74 27.32 16.41
CA ALA A 289 -41.51 27.71 17.59
C ALA A 289 -42.56 26.72 18.07
N VAL A 290 -42.68 26.62 19.39
CA VAL A 290 -43.66 25.75 20.03
C VAL A 290 -44.58 26.64 20.86
N GLU A 291 -45.88 26.59 20.58
CA GLU A 291 -46.84 27.41 21.29
C GLU A 291 -48.03 26.60 21.81
N HIS A 292 -48.33 26.76 23.09
CA HIS A 292 -49.45 26.06 23.71
C HIS A 292 -50.69 26.94 23.72
N GLY A 293 -51.62 26.67 22.81
CA GLY A 293 -52.83 27.46 22.73
C GLY A 293 -54.06 26.79 23.31
N PRO A 294 -55.19 27.51 23.36
CA PRO A 294 -56.44 26.96 23.90
C PRO A 294 -57.02 25.77 23.13
N GLU A 295 -56.71 25.69 21.83
CA GLU A 295 -57.21 24.59 21.02
C GLU A 295 -56.21 23.44 20.85
N GLY A 296 -54.94 23.71 21.13
CA GLY A 296 -53.94 22.66 21.01
C GLY A 296 -52.52 23.19 21.12
N ILE A 297 -51.56 22.38 20.69
CA ILE A 297 -50.16 22.77 20.74
C ILE A 297 -49.62 22.95 19.32
N SER A 298 -49.02 24.11 19.07
CA SER A 298 -48.49 24.42 17.76
C SER A 298 -46.99 24.16 17.64
N PHE A 299 -46.58 23.62 16.50
CA PHE A 299 -45.17 23.34 16.24
C PHE A 299 -44.74 23.95 14.92
N GLY A 300 -43.59 24.60 14.90
CA GLY A 300 -43.09 25.16 13.66
C GLY A 300 -42.75 23.98 12.75
N ALA A 301 -43.00 24.13 11.47
CA ALA A 301 -42.77 23.07 10.49
C ALA A 301 -41.35 22.49 10.45
N ALA A 302 -40.38 23.21 11.01
CA ALA A 302 -39.00 22.73 11.02
C ALA A 302 -38.66 21.90 12.26
N CYS A 303 -39.54 21.93 13.25
CA CYS A 303 -39.32 21.16 14.47
C CYS A 303 -39.06 19.69 14.15
N ALA A 304 -38.04 19.11 14.78
CA ALA A 304 -37.71 17.71 14.58
C ALA A 304 -38.77 16.83 15.26
N LEU A 305 -38.98 15.64 14.73
CA LEU A 305 -39.97 14.74 15.30
C LEU A 305 -39.64 14.39 16.75
N SER A 306 -38.36 14.35 17.08
CA SER A 306 -37.95 14.05 18.45
C SER A 306 -38.43 15.16 19.40
N SER A 307 -38.45 16.40 18.92
CA SER A 307 -38.90 17.52 19.72
C SER A 307 -40.40 17.45 19.93
N VAL A 308 -41.12 17.11 18.86
CA VAL A 308 -42.58 16.98 18.93
C VAL A 308 -42.90 15.90 19.96
N GLU A 309 -42.17 14.80 19.87
CA GLU A 309 -42.36 13.67 20.77
C GLU A 309 -42.14 14.05 22.24
N LYS A 310 -41.08 14.81 22.49
CA LYS A 310 -40.78 15.23 23.86
C LYS A 310 -41.86 16.18 24.40
N THR A 311 -42.26 17.13 23.57
CA THR A 311 -43.28 18.10 23.97
C THR A 311 -44.60 17.39 24.22
N LEU A 312 -44.97 16.48 23.33
CA LEU A 312 -46.22 15.76 23.48
C LEU A 312 -46.23 14.81 24.69
N LEU A 313 -45.08 14.21 24.98
CA LEU A 313 -44.98 13.32 26.14
C LEU A 313 -45.24 14.11 27.41
N GLU A 314 -44.64 15.30 27.49
CA GLU A 314 -44.81 16.15 28.65
C GLU A 314 -46.25 16.59 28.80
N ALA A 315 -46.92 16.80 27.66
CA ALA A 315 -48.32 17.22 27.66
C ALA A 315 -49.21 16.08 28.17
N VAL A 316 -48.93 14.86 27.73
CA VAL A 316 -49.72 13.71 28.15
C VAL A 316 -49.58 13.47 29.65
N ALA A 317 -48.41 13.78 30.20
CA ALA A 317 -48.18 13.58 31.62
C ALA A 317 -48.81 14.69 32.46
N LYS A 318 -48.98 15.87 31.88
CA LYS A 318 -49.54 17.00 32.61
C LYS A 318 -51.02 17.26 32.41
N LEU A 319 -51.54 16.99 31.21
CA LEU A 319 -52.95 17.24 30.93
C LEU A 319 -53.86 16.05 31.19
N PRO A 320 -55.15 16.33 31.42
CA PRO A 320 -56.12 15.26 31.67
C PRO A 320 -56.14 14.30 30.48
N THR A 321 -56.38 13.03 30.75
CA THR A 321 -56.41 12.02 29.70
C THR A 321 -57.40 12.34 28.59
N GLN A 322 -58.51 12.98 28.93
CA GLN A 322 -59.52 13.29 27.94
C GLN A 322 -59.14 14.34 26.90
N LYS A 323 -58.09 15.10 27.17
CA LYS A 323 -57.65 16.13 26.24
C LYS A 323 -56.45 15.72 25.38
N THR A 324 -55.83 14.58 25.72
CA THR A 324 -54.66 14.10 25.01
C THR A 324 -54.85 12.90 24.07
N GLU A 325 -56.08 12.64 23.65
CA GLU A 325 -56.35 11.51 22.76
C GLU A 325 -55.54 11.59 21.46
N VAL A 326 -55.56 12.74 20.81
CA VAL A 326 -54.82 12.88 19.57
C VAL A 326 -53.31 12.84 19.82
N PHE A 327 -52.85 13.55 20.86
CA PHE A 327 -51.42 13.57 21.19
C PHE A 327 -50.94 12.13 21.34
N ARG A 328 -51.72 11.34 22.06
CA ARG A 328 -51.45 9.94 22.33
C ARG A 328 -51.29 9.16 21.02
N GLY A 329 -52.15 9.46 20.04
CA GLY A 329 -52.09 8.79 18.76
C GLY A 329 -50.79 9.11 18.03
N VAL A 330 -50.39 10.37 18.09
CA VAL A 330 -49.15 10.80 17.46
C VAL A 330 -47.97 10.07 18.09
N LEU A 331 -47.96 10.01 19.41
CA LEU A 331 -46.88 9.34 20.15
C LEU A 331 -46.77 7.86 19.78
N GLU A 332 -47.91 7.19 19.65
CA GLU A 332 -47.93 5.77 19.30
C GLU A 332 -47.24 5.57 17.95
N GLN A 333 -47.54 6.42 16.98
CA GLN A 333 -46.90 6.31 15.67
C GLN A 333 -45.41 6.63 15.78
N LEU A 334 -45.08 7.74 16.44
CA LEU A 334 -43.69 8.17 16.60
C LEU A 334 -42.84 7.08 17.24
N ARG A 335 -43.51 6.21 17.99
CA ARG A 335 -42.88 5.11 18.68
C ARG A 335 -42.27 4.13 17.66
N TRP A 336 -42.93 3.99 16.51
CA TRP A 336 -42.48 3.09 15.45
C TRP A 336 -42.05 3.85 14.21
N PHE A 337 -41.63 5.10 14.39
CA PHE A 337 -41.20 5.93 13.29
C PHE A 337 -39.67 5.94 13.19
N ALA A 338 -39.14 5.25 12.18
CA ALA A 338 -37.68 5.17 11.99
C ALA A 338 -36.97 4.87 13.30
N GLY A 339 -35.88 5.59 13.56
CA GLY A 339 -35.12 5.41 14.79
C GLY A 339 -34.75 6.75 15.38
N LYS A 340 -33.90 6.78 16.41
CA LYS A 340 -33.52 8.03 17.05
C LYS A 340 -32.78 8.98 16.10
N GLN A 341 -31.88 8.43 15.28
CA GLN A 341 -31.11 9.25 14.34
C GLN A 341 -32.01 10.02 13.38
N VAL A 342 -32.93 9.32 12.73
CA VAL A 342 -33.83 9.96 11.79
C VAL A 342 -34.81 10.91 12.49
N LYS A 343 -35.38 10.48 13.61
CA LYS A 343 -36.32 11.33 14.33
C LYS A 343 -35.70 12.63 14.85
N SER A 344 -34.40 12.62 15.10
CA SER A 344 -33.71 13.81 15.61
C SER A 344 -33.44 14.84 14.52
N VAL A 345 -33.56 14.45 13.25
CA VAL A 345 -33.31 15.38 12.16
C VAL A 345 -34.54 15.56 11.28
N ALA A 346 -35.42 14.57 11.26
CA ALA A 346 -36.63 14.63 10.45
C ALA A 346 -37.58 15.70 10.97
N SER A 347 -38.05 16.57 10.07
CA SER A 347 -38.96 17.64 10.46
C SER A 347 -40.40 17.28 10.20
N LEU A 348 -41.30 17.97 10.90
CA LEU A 348 -42.74 17.78 10.76
C LEU A 348 -43.17 18.16 9.35
N GLY A 349 -42.72 19.32 8.90
CA GLY A 349 -43.07 19.79 7.58
C GLY A 349 -42.65 18.83 6.48
N GLY A 350 -41.47 18.24 6.64
CA GLY A 350 -40.98 17.31 5.64
C GLY A 350 -41.87 16.10 5.45
N ASN A 351 -42.40 15.57 6.54
CA ASN A 351 -43.26 14.39 6.42
C ASN A 351 -44.61 14.74 5.79
N ILE A 352 -45.20 15.86 6.23
CA ILE A 352 -46.48 16.28 5.71
C ILE A 352 -46.42 16.63 4.21
N ILE A 353 -45.45 17.46 3.82
CA ILE A 353 -45.34 17.87 2.43
C ILE A 353 -44.80 16.81 1.46
N THR A 354 -44.01 15.87 1.95
CA THR A 354 -43.50 14.81 1.07
C THR A 354 -44.74 14.06 0.59
N ALA A 355 -45.75 14.01 1.45
CA ALA A 355 -47.01 13.36 1.12
C ALA A 355 -46.86 11.95 0.56
N SER A 356 -46.07 11.12 1.22
CA SER A 356 -45.92 9.75 0.75
C SER A 356 -47.17 8.95 1.11
N PRO A 357 -47.56 8.02 0.23
CA PRO A 357 -48.74 7.18 0.45
C PRO A 357 -48.69 6.49 1.82
N ILE A 358 -47.47 6.20 2.28
CA ILE A 358 -47.28 5.50 3.55
C ILE A 358 -46.86 6.35 4.73
N SER A 359 -47.11 7.66 4.67
CA SER A 359 -46.78 8.52 5.80
C SER A 359 -47.53 7.98 7.01
N ASP A 360 -46.85 7.90 8.14
CA ASP A 360 -47.49 7.40 9.37
C ASP A 360 -48.15 8.55 10.14
N LEU A 361 -47.80 9.78 9.78
CA LEU A 361 -48.35 10.93 10.48
C LEU A 361 -49.53 11.60 9.78
N ASN A 362 -49.51 11.65 8.45
CA ASN A 362 -50.60 12.29 7.73
C ASN A 362 -51.98 11.70 8.01
N PRO A 363 -52.07 10.37 8.20
CA PRO A 363 -53.41 9.82 8.47
C PRO A 363 -53.91 10.33 9.83
N VAL A 364 -52.98 10.54 10.76
CA VAL A 364 -53.31 11.03 12.09
C VAL A 364 -53.71 12.50 12.03
N PHE A 365 -52.94 13.28 11.29
CA PHE A 365 -53.22 14.70 11.16
C PHE A 365 -54.54 14.89 10.42
N MET A 366 -54.79 14.06 9.42
CA MET A 366 -56.04 14.16 8.65
C MET A 366 -57.24 13.78 9.50
N ALA A 367 -57.16 12.65 10.19
CA ALA A 367 -58.26 12.19 11.01
C ALA A 367 -58.59 13.16 12.15
N SER A 368 -57.56 13.83 12.67
CA SER A 368 -57.75 14.77 13.76
C SER A 368 -58.00 16.21 13.31
N GLY A 369 -57.95 16.43 12.00
CA GLY A 369 -58.17 17.78 11.49
C GLY A 369 -57.11 18.76 11.95
N THR A 370 -55.87 18.27 12.10
CA THR A 370 -54.76 19.11 12.53
C THR A 370 -54.66 20.36 11.65
N LYS A 371 -54.56 21.53 12.29
CA LYS A 371 -54.48 22.80 11.58
C LYS A 371 -53.12 23.09 10.97
N LEU A 372 -53.14 23.49 9.70
CA LEU A 372 -51.93 23.81 8.96
C LEU A 372 -51.89 25.31 8.62
N THR A 373 -50.86 26.00 9.06
CA THR A 373 -50.73 27.42 8.74
C THR A 373 -49.76 27.52 7.57
N ILE A 374 -50.30 27.94 6.43
CA ILE A 374 -49.55 28.06 5.18
C ILE A 374 -49.31 29.52 4.83
N VAL A 375 -48.07 29.83 4.44
CA VAL A 375 -47.72 31.20 4.09
C VAL A 375 -46.89 31.35 2.82
N SER A 376 -46.91 32.58 2.29
CA SER A 376 -46.16 32.95 1.10
C SER A 376 -45.94 34.44 1.29
N ARG A 377 -45.08 35.06 0.48
CA ARG A 377 -44.83 36.48 0.62
C ARG A 377 -46.12 37.26 0.45
N GLY A 378 -46.58 37.87 1.54
CA GLY A 378 -47.81 38.65 1.47
C GLY A 378 -49.11 37.92 1.73
N THR A 379 -49.06 36.62 2.01
CA THR A 379 -50.30 35.87 2.29
C THR A 379 -50.15 34.89 3.43
N ARG A 380 -51.25 34.66 4.13
CA ARG A 380 -51.27 33.74 5.27
C ARG A 380 -52.65 33.09 5.37
N ARG A 381 -52.66 31.79 5.66
CA ARG A 381 -53.93 31.07 5.81
C ARG A 381 -53.74 29.82 6.66
N THR A 382 -54.80 29.46 7.39
CA THR A 382 -54.78 28.28 8.24
C THR A 382 -55.94 27.39 7.86
N VAL A 383 -55.64 26.13 7.53
CA VAL A 383 -56.68 25.20 7.15
C VAL A 383 -56.51 23.85 7.83
N PRO A 384 -57.62 23.23 8.23
CA PRO A 384 -57.52 21.92 8.89
C PRO A 384 -57.23 20.88 7.81
N MET A 385 -56.36 19.92 8.10
CA MET A 385 -56.07 18.90 7.10
C MET A 385 -57.25 17.96 6.95
N ASP A 386 -57.69 17.76 5.71
CA ASP A 386 -58.79 16.86 5.43
C ASP A 386 -58.42 16.06 4.17
N HIS A 387 -59.33 15.22 3.70
CA HIS A 387 -59.07 14.39 2.53
C HIS A 387 -58.67 15.16 1.27
N THR A 388 -59.03 16.43 1.17
CA THR A 388 -58.72 17.23 -0.01
C THR A 388 -57.28 17.77 -0.04
N PHE A 389 -56.62 17.81 1.10
CA PHE A 389 -55.25 18.33 1.16
C PHE A 389 -54.28 17.55 0.29
N PHE A 390 -54.60 16.29 0.02
CA PHE A 390 -53.76 15.44 -0.81
C PHE A 390 -54.50 15.10 -2.11
N PRO A 391 -54.43 16.01 -3.11
CA PRO A 391 -55.06 15.90 -4.43
C PRO A 391 -54.71 14.64 -5.20
N SER A 392 -53.42 14.37 -5.29
CA SER A 392 -52.94 13.21 -6.02
C SER A 392 -51.58 12.78 -5.51
N TYR A 393 -51.02 11.74 -6.14
CA TYR A 393 -49.73 11.19 -5.76
C TYR A 393 -48.63 12.21 -5.50
N ARG A 394 -48.13 12.21 -4.27
CA ARG A 394 -47.04 13.09 -3.86
C ARG A 394 -47.33 14.59 -3.93
N LYS A 395 -48.61 14.96 -3.99
CA LYS A 395 -48.94 16.37 -4.06
C LYS A 395 -49.85 16.83 -2.93
N THR A 396 -49.70 18.10 -2.55
CA THR A 396 -50.52 18.71 -1.51
C THR A 396 -51.15 19.95 -2.13
N LEU A 397 -52.03 20.60 -1.39
CA LEU A 397 -52.69 21.80 -1.91
C LEU A 397 -51.90 23.09 -1.70
N LEU A 398 -50.59 22.98 -1.54
CA LEU A 398 -49.78 24.18 -1.36
C LEU A 398 -49.43 24.75 -2.72
N GLY A 399 -49.38 26.08 -2.80
CA GLY A 399 -49.01 26.73 -4.04
C GLY A 399 -47.50 26.64 -4.18
N PRO A 400 -46.95 26.78 -5.40
CA PRO A 400 -45.51 26.69 -5.60
C PRO A 400 -44.70 27.68 -4.79
N GLU A 401 -45.31 28.81 -4.44
CA GLU A 401 -44.63 29.86 -3.67
C GLU A 401 -44.87 29.77 -2.17
N GLU A 402 -45.76 28.88 -1.75
CA GLU A 402 -46.07 28.73 -0.33
C GLU A 402 -45.19 27.71 0.39
N ILE A 403 -45.13 27.84 1.71
CA ILE A 403 -44.38 26.92 2.55
C ILE A 403 -45.21 26.67 3.81
N LEU A 404 -45.02 25.51 4.42
CA LEU A 404 -45.76 25.19 5.64
C LEU A 404 -45.02 25.86 6.80
N LEU A 405 -45.70 26.75 7.50
CA LEU A 405 -45.10 27.49 8.61
C LEU A 405 -45.22 26.77 9.94
N SER A 406 -46.42 26.37 10.30
CA SER A 406 -46.65 25.69 11.57
C SER A 406 -47.81 24.71 11.48
N ILE A 407 -47.91 23.86 12.50
CA ILE A 407 -48.94 22.83 12.58
C ILE A 407 -49.48 22.80 14.01
N GLU A 408 -50.80 22.83 14.17
CA GLU A 408 -51.37 22.79 15.51
C GLU A 408 -52.12 21.48 15.74
N ILE A 409 -51.54 20.61 16.57
CA ILE A 409 -52.17 19.33 16.90
C ILE A 409 -53.21 19.67 17.96
N PRO A 410 -54.48 19.35 17.69
CA PRO A 410 -55.58 19.63 18.62
C PRO A 410 -55.73 18.82 19.88
N TYR A 411 -56.29 19.47 20.91
CA TYR A 411 -56.58 18.79 22.16
C TYR A 411 -57.84 18.03 21.80
N SER A 412 -58.06 16.88 22.43
CA SER A 412 -59.29 16.15 22.15
C SER A 412 -60.36 16.71 23.09
N ARG A 413 -61.62 16.63 22.65
CA ARG A 413 -62.73 17.13 23.45
C ARG A 413 -63.42 16.00 24.20
N GLU A 414 -64.42 16.35 25.00
CA GLU A 414 -65.19 15.36 25.73
C GLU A 414 -65.96 14.58 24.67
N ASP A 415 -66.22 13.30 24.93
CA ASP A 415 -66.96 12.46 23.99
C ASP A 415 -66.21 12.26 22.67
N GLU A 416 -64.91 12.58 22.65
CA GLU A 416 -64.09 12.42 21.45
C GLU A 416 -62.95 11.46 21.74
N PHE A 417 -62.84 10.40 20.94
CA PHE A 417 -61.80 9.40 21.13
C PHE A 417 -60.95 9.18 19.88
N PHE A 418 -59.69 8.84 20.08
CA PHE A 418 -58.74 8.66 18.99
C PHE A 418 -57.85 7.42 19.13
N SER A 419 -57.48 6.85 17.99
CA SER A 419 -56.59 5.69 17.94
C SER A 419 -55.71 5.81 16.69
N ALA A 420 -54.49 5.31 16.80
CA ALA A 420 -53.54 5.31 15.68
C ALA A 420 -52.83 3.98 15.73
N PHE A 421 -52.79 3.28 14.60
CA PHE A 421 -52.14 1.98 14.54
C PHE A 421 -51.22 1.88 13.32
N LYS A 422 -50.19 1.06 13.44
CA LYS A 422 -49.25 0.83 12.36
C LYS A 422 -48.85 -0.64 12.38
N GLN A 423 -48.78 -1.24 11.21
CA GLN A 423 -48.37 -2.63 11.09
C GLN A 423 -47.47 -2.72 9.88
N ALA A 424 -46.32 -3.36 10.05
CA ALA A 424 -45.35 -3.50 8.97
C ALA A 424 -44.82 -4.93 8.91
N SER A 425 -43.57 -5.09 8.48
CA SER A 425 -42.93 -6.41 8.39
C SER A 425 -42.15 -6.66 9.69
N ARG A 426 -41.61 -5.58 10.26
CA ARG A 426 -40.86 -5.63 11.50
C ARG A 426 -41.35 -4.45 12.34
N ARG A 427 -41.39 -4.61 13.65
CA ARG A 427 -41.86 -3.53 14.52
C ARG A 427 -41.04 -2.25 14.43
N GLU A 428 -39.73 -2.38 14.59
CA GLU A 428 -38.85 -1.23 14.56
C GLU A 428 -38.36 -0.77 13.18
N ASP A 429 -38.27 0.56 13.04
CA ASP A 429 -37.76 1.19 11.83
C ASP A 429 -38.16 0.48 10.53
N ASP A 430 -39.46 0.47 10.26
CA ASP A 430 -39.96 -0.17 9.05
C ASP A 430 -40.97 0.72 8.34
N ILE A 431 -41.29 0.36 7.11
CA ILE A 431 -42.26 1.08 6.29
C ILE A 431 -43.63 0.49 6.58
N ALA A 432 -44.64 1.34 6.75
CA ALA A 432 -45.97 0.84 7.04
C ALA A 432 -46.56 0.03 5.89
N LYS A 433 -47.26 -1.05 6.22
CA LYS A 433 -47.94 -1.85 5.22
C LYS A 433 -49.30 -1.16 5.18
N VAL A 434 -49.81 -0.87 6.36
CA VAL A 434 -51.06 -0.14 6.54
C VAL A 434 -50.87 0.63 7.84
N THR A 435 -51.25 1.89 7.83
CA THR A 435 -51.12 2.75 8.99
C THR A 435 -52.39 3.58 9.02
N CYS A 436 -52.84 3.98 10.21
CA CYS A 436 -54.08 4.74 10.27
C CYS A 436 -54.23 5.69 11.44
N GLY A 437 -55.20 6.58 11.28
CA GLY A 437 -55.56 7.54 12.31
C GLY A 437 -57.07 7.39 12.33
N MET A 438 -57.66 7.27 13.52
CA MET A 438 -59.11 7.10 13.61
C MET A 438 -59.71 7.95 14.73
N ARG A 439 -60.75 8.69 14.39
CA ARG A 439 -61.40 9.56 15.36
C ARG A 439 -62.91 9.44 15.31
N VAL A 440 -63.52 9.58 16.49
CA VAL A 440 -64.96 9.53 16.62
C VAL A 440 -65.38 10.57 17.64
N LEU A 441 -66.44 11.31 17.31
CA LEU A 441 -66.99 12.33 18.20
C LEU A 441 -68.44 11.95 18.42
N PHE A 442 -68.81 11.71 19.68
CA PHE A 442 -70.18 11.35 19.99
C PHE A 442 -70.98 12.57 20.46
N GLN A 443 -72.30 12.47 20.42
CA GLN A 443 -73.14 13.55 20.90
C GLN A 443 -72.83 13.58 22.41
N PRO A 444 -72.98 14.74 23.06
CA PRO A 444 -72.70 14.84 24.49
C PRO A 444 -73.21 13.69 25.36
N GLY A 445 -72.28 13.02 26.04
CA GLY A 445 -72.63 11.91 26.92
C GLY A 445 -73.31 10.70 26.31
N SER A 446 -73.33 10.59 24.99
CA SER A 446 -73.99 9.46 24.35
C SER A 446 -73.05 8.52 23.61
N MET A 447 -73.62 7.51 23.00
CA MET A 447 -72.88 6.53 22.21
C MET A 447 -73.29 6.75 20.75
N GLN A 448 -73.87 7.91 20.49
CA GLN A 448 -74.34 8.26 19.15
C GLN A 448 -73.31 9.07 18.37
N VAL A 449 -72.88 8.53 17.25
CA VAL A 449 -71.88 9.16 16.41
C VAL A 449 -72.28 10.52 15.84
N LYS A 450 -71.43 11.52 16.07
CA LYS A 450 -71.67 12.85 15.54
C LYS A 450 -70.67 13.03 14.41
N GLU A 451 -69.44 12.61 14.66
CA GLU A 451 -68.37 12.69 13.67
C GLU A 451 -67.56 11.40 13.68
N LEU A 452 -67.13 10.97 12.51
CA LEU A 452 -66.33 9.75 12.39
C LEU A 452 -65.34 9.89 11.24
N ALA A 453 -64.06 9.68 11.53
CA ALA A 453 -63.02 9.77 10.51
C ALA A 453 -62.05 8.61 10.61
N LEU A 454 -61.96 7.84 9.53
CA LEU A 454 -61.06 6.70 9.45
C LEU A 454 -60.13 6.96 8.27
N CYS A 455 -58.89 7.35 8.57
CA CYS A 455 -57.92 7.66 7.54
C CYS A 455 -56.77 6.66 7.51
N TYR A 456 -56.45 6.19 6.30
CA TYR A 456 -55.41 5.19 6.13
C TYR A 456 -54.27 5.56 5.19
N GLY A 457 -53.13 4.94 5.45
CA GLY A 457 -51.95 5.09 4.64
C GLY A 457 -51.67 3.69 4.13
N GLY A 458 -51.04 3.56 2.98
CA GLY A 458 -50.73 2.24 2.46
C GLY A 458 -51.85 1.53 1.73
N MET A 459 -52.95 2.22 1.44
CA MET A 459 -54.08 1.62 0.75
C MET A 459 -54.40 2.30 -0.57
N ALA A 460 -53.56 3.25 -0.97
CA ALA A 460 -53.76 4.00 -2.22
C ALA A 460 -52.49 4.81 -2.49
N ASP A 461 -52.49 5.58 -3.57
CA ASP A 461 -51.32 6.39 -3.90
C ASP A 461 -51.31 7.71 -3.13
N ARG A 462 -51.98 7.71 -1.99
CA ARG A 462 -52.04 8.89 -1.13
C ARG A 462 -52.79 8.54 0.14
N THR A 463 -52.69 9.40 1.13
CA THR A 463 -53.40 9.19 2.39
C THR A 463 -54.88 9.39 2.04
N ILE A 464 -55.74 8.47 2.45
CA ILE A 464 -57.16 8.59 2.14
C ILE A 464 -58.08 8.45 3.35
N SER A 465 -59.32 8.89 3.17
CA SER A 465 -60.33 8.81 4.22
C SER A 465 -61.47 7.95 3.68
N ALA A 466 -61.98 7.05 4.51
CA ALA A 466 -63.08 6.18 4.11
C ALA A 466 -64.41 6.90 4.30
N LEU A 467 -64.53 8.06 3.67
CA LEU A 467 -65.71 8.91 3.76
C LEU A 467 -67.04 8.22 3.47
N LYS A 468 -67.12 7.53 2.33
CA LYS A 468 -68.36 6.86 1.97
C LYS A 468 -68.81 5.96 3.10
N THR A 469 -67.88 5.22 3.69
CA THR A 469 -68.20 4.32 4.78
C THR A 469 -68.57 5.06 6.07
N THR A 470 -67.75 6.02 6.47
CA THR A 470 -68.01 6.75 7.71
C THR A 470 -69.26 7.64 7.66
N GLN A 471 -69.51 8.25 6.51
CA GLN A 471 -70.68 9.12 6.37
C GLN A 471 -71.98 8.39 6.68
N LYS A 472 -72.02 7.10 6.36
CA LYS A 472 -73.22 6.29 6.60
C LYS A 472 -73.49 6.00 8.07
N GLN A 473 -72.53 6.26 8.94
CA GLN A 473 -72.72 5.98 10.36
C GLN A 473 -73.08 7.20 11.20
N LEU A 474 -73.06 8.37 10.59
CA LEU A 474 -73.39 9.59 11.33
C LEU A 474 -74.79 9.44 11.92
N SER A 475 -74.91 9.78 13.20
CA SER A 475 -76.17 9.71 13.96
C SER A 475 -76.52 8.26 14.35
N LYS A 476 -75.66 7.31 13.98
CA LYS A 476 -75.88 5.91 14.34
C LYS A 476 -75.18 5.66 15.69
N PHE A 477 -75.50 4.56 16.35
CA PHE A 477 -74.88 4.27 17.66
C PHE A 477 -73.76 3.25 17.62
N TRP A 478 -72.82 3.38 18.54
CA TRP A 478 -71.67 2.48 18.62
C TRP A 478 -72.11 1.11 19.12
N ASN A 479 -72.35 0.20 18.19
CA ASN A 479 -72.79 -1.14 18.53
C ASN A 479 -72.32 -2.15 17.48
N GLU A 480 -72.65 -3.42 17.71
CA GLU A 480 -72.26 -4.51 16.83
C GLU A 480 -72.69 -4.29 15.38
N LYS A 481 -73.88 -3.74 15.19
CA LYS A 481 -74.38 -3.49 13.84
C LYS A 481 -73.49 -2.47 13.12
N LEU A 482 -73.02 -1.46 13.86
CA LEU A 482 -72.15 -0.45 13.28
C LEU A 482 -70.82 -1.10 12.89
N LEU A 483 -70.32 -1.96 13.77
CA LEU A 483 -69.05 -2.64 13.51
C LEU A 483 -69.14 -3.43 12.21
N GLN A 484 -70.24 -4.16 12.05
CA GLN A 484 -70.45 -4.97 10.84
C GLN A 484 -70.60 -4.10 9.60
N ASP A 485 -71.37 -3.03 9.71
CA ASP A 485 -71.59 -2.13 8.59
C ASP A 485 -70.30 -1.44 8.15
N VAL A 486 -69.48 -1.04 9.11
CA VAL A 486 -68.24 -0.37 8.78
C VAL A 486 -67.26 -1.32 8.09
N CYS A 487 -67.16 -2.55 8.60
CA CYS A 487 -66.26 -3.53 8.00
C CYS A 487 -66.64 -3.86 6.56
N ALA A 488 -67.93 -4.06 6.31
CA ALA A 488 -68.37 -4.37 4.96
C ALA A 488 -68.11 -3.15 4.08
N GLY A 489 -68.31 -1.96 4.65
CA GLY A 489 -68.07 -0.74 3.91
C GLY A 489 -66.60 -0.63 3.53
N LEU A 490 -65.71 -0.86 4.49
CA LEU A 490 -64.29 -0.78 4.23
C LEU A 490 -63.86 -1.81 3.18
N ALA A 491 -64.42 -3.02 3.27
CA ALA A 491 -64.10 -4.08 2.33
C ALA A 491 -64.46 -3.69 0.91
N GLU A 492 -65.52 -2.90 0.77
CA GLU A 492 -65.97 -2.45 -0.54
C GLU A 492 -65.26 -1.16 -0.99
N GLU A 493 -65.12 -0.21 -0.07
CA GLU A 493 -64.50 1.07 -0.38
C GLU A 493 -62.97 1.05 -0.54
N LEU A 494 -62.27 0.35 0.34
CA LEU A 494 -60.82 0.30 0.25
C LEU A 494 -60.35 -0.94 -0.52
N SER A 495 -60.79 -1.03 -1.77
CA SER A 495 -60.45 -2.15 -2.63
C SER A 495 -59.01 -2.04 -3.16
N LEU A 496 -58.46 -3.17 -3.58
CA LEU A 496 -57.11 -3.20 -4.13
C LEU A 496 -57.08 -4.14 -5.32
N SER A 497 -56.55 -3.66 -6.44
CA SER A 497 -56.45 -4.47 -7.65
C SER A 497 -55.38 -5.52 -7.43
N PRO A 498 -55.51 -6.68 -8.09
CA PRO A 498 -54.53 -7.75 -7.95
C PRO A 498 -53.12 -7.28 -8.26
N ASP A 499 -53.00 -6.22 -9.07
CA ASP A 499 -51.71 -5.68 -9.44
C ASP A 499 -51.32 -4.46 -8.61
N ALA A 500 -51.95 -4.29 -7.46
CA ALA A 500 -51.66 -3.16 -6.59
C ALA A 500 -50.19 -3.20 -6.17
N PRO A 501 -49.48 -2.07 -6.29
CA PRO A 501 -48.06 -1.98 -5.92
C PRO A 501 -47.84 -2.41 -4.48
N GLY A 502 -46.82 -3.23 -4.24
CA GLY A 502 -46.53 -3.69 -2.89
C GLY A 502 -47.15 -5.04 -2.59
N GLY A 503 -48.12 -5.44 -3.40
CA GLY A 503 -48.76 -6.73 -3.20
C GLY A 503 -49.44 -6.89 -1.84
N MET A 504 -49.46 -8.12 -1.34
CA MET A 504 -50.07 -8.43 -0.06
C MET A 504 -51.46 -7.83 0.05
N ILE A 505 -52.24 -7.98 -1.03
CA ILE A 505 -53.58 -7.47 -1.11
C ILE A 505 -54.51 -7.95 0.01
N GLU A 506 -54.54 -9.25 0.24
CA GLU A 506 -55.40 -9.83 1.27
C GLU A 506 -55.01 -9.31 2.67
N PHE A 507 -53.72 -9.32 2.97
CA PHE A 507 -53.22 -8.87 4.26
C PHE A 507 -53.56 -7.40 4.53
N ARG A 508 -53.35 -6.54 3.55
CA ARG A 508 -53.64 -5.12 3.73
C ARG A 508 -55.13 -4.83 3.94
N ARG A 509 -55.99 -5.51 3.19
CA ARG A 509 -57.41 -5.28 3.34
C ARG A 509 -57.85 -5.76 4.72
N THR A 510 -57.27 -6.88 5.16
CA THR A 510 -57.61 -7.44 6.46
C THR A 510 -57.19 -6.49 7.58
N LEU A 511 -56.05 -5.82 7.41
CA LEU A 511 -55.58 -4.89 8.42
C LEU A 511 -56.50 -3.68 8.51
N THR A 512 -57.03 -3.24 7.37
CA THR A 512 -57.92 -2.08 7.40
C THR A 512 -59.13 -2.39 8.27
N LEU A 513 -59.68 -3.60 8.15
CA LEU A 513 -60.84 -3.98 8.96
C LEU A 513 -60.40 -4.26 10.40
N SER A 514 -59.29 -4.98 10.55
CA SER A 514 -58.78 -5.33 11.87
C SER A 514 -58.46 -4.10 12.72
N PHE A 515 -57.89 -3.09 12.09
CA PHE A 515 -57.57 -1.85 12.80
C PHE A 515 -58.89 -1.24 13.28
N PHE A 516 -59.91 -1.25 12.44
CA PHE A 516 -61.18 -0.67 12.88
C PHE A 516 -61.78 -1.45 14.03
N PHE A 517 -61.66 -2.77 13.98
CA PHE A 517 -62.18 -3.62 15.05
C PHE A 517 -61.51 -3.20 16.35
N LYS A 518 -60.19 -3.05 16.30
CA LYS A 518 -59.43 -2.64 17.48
C LYS A 518 -59.92 -1.28 17.98
N PHE A 519 -60.16 -0.37 17.03
CA PHE A 519 -60.65 0.97 17.37
C PHE A 519 -62.05 0.84 17.99
N TYR A 520 -62.89 0.00 17.38
CA TYR A 520 -64.25 -0.22 17.87
C TYR A 520 -64.24 -0.69 19.33
N LEU A 521 -63.44 -1.71 19.61
CA LEU A 521 -63.37 -2.25 20.96
C LEU A 521 -62.77 -1.24 21.94
N THR A 522 -61.74 -0.53 21.48
CA THR A 522 -61.09 0.47 22.33
C THR A 522 -62.07 1.56 22.72
N VAL A 523 -62.90 1.97 21.78
CA VAL A 523 -63.88 3.01 22.05
C VAL A 523 -64.94 2.52 23.05
N LEU A 524 -65.36 1.26 22.93
CA LEU A 524 -66.34 0.73 23.87
C LEU A 524 -65.74 0.84 25.28
N LYS A 525 -64.46 0.48 25.39
CA LYS A 525 -63.72 0.51 26.65
C LYS A 525 -63.64 1.93 27.20
N LYS A 526 -63.29 2.89 26.35
CA LYS A 526 -63.17 4.28 26.78
C LYS A 526 -64.55 4.82 27.16
N LEU A 527 -65.59 4.38 26.47
CA LEU A 527 -66.94 4.82 26.78
C LEU A 527 -67.37 4.21 28.10
N GLY A 528 -66.82 3.03 28.40
CA GLY A 528 -67.15 2.34 29.64
C GLY A 528 -66.72 3.09 30.88
N LYS A 529 -66.38 4.37 30.71
CA LYS A 529 -65.97 5.20 31.83
C LYS A 529 -64.70 4.68 32.49
N ASP A 530 -64.89 3.91 33.57
CA ASP A 530 -63.78 3.33 34.33
C ASP A 530 -63.07 4.41 35.16
N SER A 531 -62.85 5.56 34.55
CA SER A 531 -62.19 6.69 35.22
C SER A 531 -60.85 6.28 35.83
N LYS A 537 -70.60 -5.31 29.81
CA LYS A 537 -69.23 -4.74 29.67
C LYS A 537 -68.50 -5.42 28.51
N LEU A 538 -67.19 -5.17 28.41
CA LEU A 538 -66.36 -5.74 27.37
C LEU A 538 -65.93 -7.14 27.78
N ASP A 539 -66.20 -8.13 26.96
CA ASP A 539 -65.84 -9.51 27.26
C ASP A 539 -64.35 -9.60 27.62
N PRO A 540 -64.04 -10.22 28.78
CA PRO A 540 -62.67 -10.38 29.27
C PRO A 540 -61.68 -10.95 28.26
N THR A 541 -62.14 -11.83 27.39
CA THR A 541 -61.27 -12.44 26.39
C THR A 541 -61.02 -11.53 25.18
N TYR A 542 -61.64 -10.35 25.19
CA TYR A 542 -61.49 -9.39 24.11
C TYR A 542 -60.64 -8.19 24.52
N THR A 543 -60.46 -8.02 25.82
CA THR A 543 -59.70 -6.90 26.37
C THR A 543 -58.31 -6.68 25.78
N SER A 544 -57.52 -7.75 25.68
CA SER A 544 -56.16 -7.63 25.18
C SER A 544 -56.09 -7.06 23.77
N ALA A 545 -57.21 -7.08 23.05
CA ALA A 545 -57.24 -6.55 21.70
C ALA A 545 -57.16 -5.02 21.69
N THR A 546 -57.44 -4.39 22.84
CA THR A 546 -57.38 -2.94 22.95
C THR A 546 -56.06 -2.42 23.51
N LEU A 547 -55.18 -3.32 23.92
CA LEU A 547 -53.90 -2.91 24.49
C LEU A 547 -52.85 -2.55 23.44
N LEU A 548 -52.10 -1.50 23.70
CA LEU A 548 -51.05 -1.09 22.78
C LEU A 548 -49.80 -1.90 23.16
N PHE A 549 -48.89 -2.06 22.22
CA PHE A 549 -47.68 -2.85 22.46
C PHE A 549 -47.01 -2.46 23.77
N GLN A 550 -46.65 -3.46 24.57
CA GLN A 550 -45.99 -3.23 25.85
C GLN A 550 -44.72 -4.08 25.96
N LYS A 551 -43.60 -3.42 26.20
CA LYS A 551 -42.32 -4.10 26.34
C LYS A 551 -42.31 -4.88 27.65
N HIS A 552 -41.59 -6.00 27.66
CA HIS A 552 -41.50 -6.82 28.85
C HIS A 552 -40.03 -6.75 29.31
N PRO A 553 -39.80 -6.77 30.64
CA PRO A 553 -38.41 -6.70 31.12
C PRO A 553 -37.59 -7.87 30.62
N PRO A 554 -36.35 -7.60 30.17
CA PRO A 554 -35.45 -8.64 29.67
C PRO A 554 -34.79 -9.46 30.77
N ALA A 555 -34.43 -10.70 30.43
CA ALA A 555 -33.77 -11.60 31.37
C ALA A 555 -32.88 -12.54 30.57
N ASN A 556 -31.57 -12.42 30.76
CA ASN A 556 -30.62 -13.25 30.04
C ASN A 556 -29.73 -14.03 30.98
N ILE A 557 -29.45 -15.28 30.62
CA ILE A 557 -28.59 -16.13 31.43
C ILE A 557 -27.72 -16.97 30.51
N GLN A 558 -26.43 -17.04 30.81
CA GLN A 558 -25.52 -17.85 30.02
C GLN A 558 -24.84 -18.80 30.98
N LEU A 559 -24.93 -20.09 30.70
CA LEU A 559 -24.30 -21.09 31.55
C LEU A 559 -23.24 -21.84 30.76
N PHE A 560 -22.05 -21.95 31.36
CA PHE A 560 -20.97 -22.66 30.73
C PHE A 560 -20.08 -23.24 31.81
N GLN A 561 -19.10 -24.05 31.40
CA GLN A 561 -18.22 -24.72 32.33
C GLN A 561 -16.94 -23.95 32.65
N GLU A 562 -16.56 -23.97 33.92
CA GLU A 562 -15.34 -23.31 34.37
C GLU A 562 -14.19 -24.24 33.99
N VAL A 563 -13.00 -23.70 33.84
CA VAL A 563 -11.84 -24.51 33.50
C VAL A 563 -11.32 -25.19 34.76
N PRO A 564 -10.53 -26.26 34.60
CA PRO A 564 -9.97 -27.00 35.74
C PRO A 564 -9.31 -26.08 36.76
N ASN A 565 -9.54 -26.38 38.04
CA ASN A 565 -9.00 -25.60 39.14
C ASN A 565 -7.51 -25.29 39.03
N GLY A 566 -6.72 -26.26 38.60
CA GLY A 566 -5.29 -26.06 38.50
C GLY A 566 -4.74 -25.46 37.22
N GLN A 567 -5.62 -25.12 36.27
CA GLN A 567 -5.17 -24.56 35.01
C GLN A 567 -4.51 -23.19 35.17
N SER A 568 -3.33 -23.05 34.58
CA SER A 568 -2.57 -21.80 34.65
C SER A 568 -3.40 -20.64 34.11
N LYS A 569 -3.15 -19.46 34.65
CA LYS A 569 -3.86 -18.26 34.22
C LYS A 569 -3.45 -17.91 32.79
N GLU A 570 -2.24 -18.31 32.40
CA GLU A 570 -1.73 -18.05 31.07
C GLU A 570 -2.34 -18.97 30.02
N ASP A 571 -2.95 -20.07 30.47
CA ASP A 571 -3.61 -20.99 29.57
C ASP A 571 -5.04 -20.46 29.46
N THR A 572 -5.33 -19.77 28.36
CA THR A 572 -6.66 -19.19 28.16
C THR A 572 -7.66 -20.09 27.45
N VAL A 573 -7.23 -21.27 27.02
CA VAL A 573 -8.14 -22.19 26.34
C VAL A 573 -9.26 -22.61 27.29
N GLY A 574 -10.50 -22.31 26.92
CA GLY A 574 -11.62 -22.65 27.76
C GLY A 574 -12.10 -21.46 28.56
N ARG A 575 -11.38 -20.34 28.45
CA ARG A 575 -11.77 -19.13 29.18
C ARG A 575 -12.50 -18.17 28.24
N PRO A 576 -13.38 -17.32 28.79
CA PRO A 576 -14.16 -16.36 27.99
C PRO A 576 -13.37 -15.13 27.57
N LEU A 577 -12.24 -15.36 26.91
CA LEU A 577 -11.39 -14.27 26.44
C LEU A 577 -12.10 -13.47 25.35
N PRO A 578 -12.27 -12.16 25.55
CA PRO A 578 -12.94 -11.37 24.50
C PRO A 578 -12.15 -11.30 23.20
N HIS A 579 -12.88 -11.08 22.09
CA HIS A 579 -12.31 -10.98 20.75
C HIS A 579 -11.12 -10.01 20.82
N LEU A 580 -9.96 -10.47 20.36
CA LEU A 580 -8.75 -9.64 20.39
C LEU A 580 -8.86 -8.27 19.74
N ALA A 581 -9.74 -8.11 18.77
CA ALA A 581 -9.89 -6.82 18.09
C ALA A 581 -11.10 -6.01 18.55
N ALA A 582 -11.87 -6.55 19.49
CA ALA A 582 -13.06 -5.89 20.00
C ALA A 582 -12.85 -4.43 20.40
N ALA A 583 -11.78 -4.15 21.15
CA ALA A 583 -11.50 -2.79 21.58
C ALA A 583 -11.26 -1.85 20.40
N MET A 584 -10.49 -2.31 19.41
CA MET A 584 -10.21 -1.48 18.24
C MET A 584 -11.44 -1.32 17.36
N GLN A 585 -12.36 -2.28 17.43
CA GLN A 585 -13.59 -2.18 16.64
C GLN A 585 -14.55 -1.20 17.32
N ALA A 586 -14.49 -1.12 18.64
CA ALA A 586 -15.34 -0.20 19.40
C ALA A 586 -14.80 1.23 19.26
N SER A 587 -13.51 1.35 18.94
CA SER A 587 -12.88 2.66 18.81
C SER A 587 -12.80 3.13 17.36
N GLY A 588 -13.23 2.30 16.43
CA GLY A 588 -13.17 2.69 15.04
C GLY A 588 -11.75 2.66 14.48
N GLU A 589 -10.82 2.04 15.20
CA GLU A 589 -9.43 1.94 14.74
C GLU A 589 -9.22 0.68 13.88
N ALA A 590 -10.12 -0.29 14.02
CA ALA A 590 -10.02 -1.53 13.24
C ALA A 590 -10.18 -1.19 11.78
N VAL A 591 -9.24 -1.64 10.96
CA VAL A 591 -9.27 -1.35 9.53
C VAL A 591 -9.98 -2.40 8.68
N TYR A 592 -10.98 -1.94 7.92
CA TYR A 592 -11.71 -2.81 6.99
C TYR A 592 -11.23 -2.35 5.62
N CYS A 593 -11.46 -3.15 4.59
CA CYS A 593 -10.96 -2.83 3.25
C CYS A 593 -11.02 -1.37 2.80
N ASP A 594 -12.21 -0.78 2.77
CA ASP A 594 -12.32 0.61 2.32
C ASP A 594 -11.65 1.62 3.24
N ASP A 595 -11.35 1.22 4.47
CA ASP A 595 -10.71 2.11 5.43
C ASP A 595 -9.24 2.31 5.04
N ILE A 596 -8.71 1.39 4.23
CA ILE A 596 -7.33 1.51 3.78
C ILE A 596 -7.27 2.79 2.94
N PRO A 597 -6.29 3.68 3.24
CA PRO A 597 -6.15 4.93 2.49
C PRO A 597 -5.98 4.70 0.99
N ARG A 598 -6.49 5.62 0.18
CA ARG A 598 -6.37 5.48 -1.26
C ARG A 598 -5.09 6.15 -1.71
N TYR A 599 -4.46 5.60 -2.74
CA TYR A 599 -3.25 6.20 -3.27
C TYR A 599 -3.69 7.48 -3.97
N GLU A 600 -2.77 8.42 -4.14
CA GLU A 600 -3.12 9.68 -4.80
C GLU A 600 -3.64 9.47 -6.21
N ASN A 601 -3.17 8.43 -6.88
CA ASN A 601 -3.58 8.14 -8.25
C ASN A 601 -4.58 6.98 -8.32
N GLU A 602 -5.24 6.69 -7.20
CA GLU A 602 -6.20 5.59 -7.15
C GLU A 602 -7.56 6.01 -7.74
N LEU A 603 -8.08 5.19 -8.64
CA LEU A 603 -9.35 5.45 -9.31
C LEU A 603 -10.48 4.60 -8.72
N PHE A 604 -11.72 4.91 -9.07
CA PHE A 604 -12.88 4.18 -8.58
C PHE A 604 -13.62 3.46 -9.69
N LEU A 605 -14.17 2.29 -9.35
CA LEU A 605 -14.90 1.49 -10.33
C LEU A 605 -16.36 1.29 -9.94
N ARG A 606 -17.22 1.41 -10.95
CA ARG A 606 -18.65 1.22 -10.77
C ARG A 606 -19.11 0.21 -11.81
N LEU A 607 -19.73 -0.87 -11.36
CA LEU A 607 -20.22 -1.91 -12.23
C LEU A 607 -21.44 -1.47 -13.06
N VAL A 608 -21.47 -1.91 -14.30
CA VAL A 608 -22.59 -1.62 -15.19
C VAL A 608 -23.29 -2.97 -15.32
N THR A 609 -24.52 -3.06 -14.82
CA THR A 609 -25.24 -4.33 -14.83
C THR A 609 -26.51 -4.37 -15.67
N SER A 610 -26.89 -5.58 -16.07
CA SER A 610 -28.08 -5.79 -16.88
C SER A 610 -29.39 -5.43 -16.18
N THR A 611 -30.30 -4.82 -16.92
CA THR A 611 -31.61 -4.46 -16.38
C THR A 611 -32.65 -5.44 -16.90
N ARG A 612 -32.21 -6.42 -17.66
CA ARG A 612 -33.10 -7.45 -18.23
C ARG A 612 -32.70 -8.81 -17.67
N ALA A 613 -33.68 -9.69 -17.48
CA ALA A 613 -33.44 -11.02 -16.94
C ALA A 613 -32.78 -11.94 -17.95
N HIS A 614 -33.14 -11.82 -19.22
CA HIS A 614 -32.56 -12.65 -20.27
C HIS A 614 -32.73 -11.94 -21.61
N ALA A 615 -31.62 -11.56 -22.23
CA ALA A 615 -31.69 -10.86 -23.49
C ALA A 615 -30.36 -10.76 -24.19
N LYS A 616 -30.41 -10.44 -25.47
CA LYS A 616 -29.19 -10.29 -26.25
C LYS A 616 -28.76 -8.84 -26.13
N ILE A 617 -27.45 -8.62 -26.05
CA ILE A 617 -26.91 -7.28 -25.97
C ILE A 617 -26.69 -6.86 -27.42
N LYS A 618 -27.55 -5.99 -27.93
CA LYS A 618 -27.46 -5.53 -29.31
C LYS A 618 -26.41 -4.44 -29.47
N SER A 619 -26.31 -3.58 -28.48
CA SER A 619 -25.34 -2.49 -28.55
C SER A 619 -25.14 -1.81 -27.20
N ILE A 620 -23.99 -1.14 -27.06
CA ILE A 620 -23.66 -0.41 -25.85
C ILE A 620 -23.15 0.97 -26.27
N ASP A 621 -23.82 2.01 -25.78
CA ASP A 621 -23.45 3.39 -26.11
C ASP A 621 -22.92 4.09 -24.86
N VAL A 622 -21.68 4.57 -24.93
CA VAL A 622 -21.05 5.26 -23.81
C VAL A 622 -20.87 6.76 -24.04
N SER A 623 -21.48 7.25 -25.12
CA SER A 623 -21.41 8.66 -25.49
C SER A 623 -21.73 9.60 -24.35
N GLU A 624 -22.80 9.30 -23.61
CA GLU A 624 -23.20 10.15 -22.50
C GLU A 624 -22.24 10.02 -21.32
N ALA A 625 -21.88 8.78 -20.98
CA ALA A 625 -20.97 8.54 -19.86
C ALA A 625 -19.66 9.30 -20.02
N GLN A 626 -19.15 9.31 -21.25
CA GLN A 626 -17.90 10.00 -21.58
C GLN A 626 -17.94 11.49 -21.24
N LYS A 627 -19.15 12.04 -21.12
CA LYS A 627 -19.31 13.46 -20.83
C LYS A 627 -19.25 13.78 -19.33
N VAL A 628 -19.44 12.76 -18.51
CA VAL A 628 -19.38 12.96 -17.06
C VAL A 628 -17.97 13.35 -16.66
N PRO A 629 -17.84 14.39 -15.83
CA PRO A 629 -16.52 14.84 -15.38
C PRO A 629 -15.77 13.74 -14.64
N GLY A 630 -14.48 13.62 -14.88
CA GLY A 630 -13.68 12.61 -14.20
C GLY A 630 -13.71 11.22 -14.82
N PHE A 631 -14.55 11.05 -15.84
CA PHE A 631 -14.67 9.77 -16.52
C PHE A 631 -13.30 9.33 -17.05
N VAL A 632 -12.96 8.07 -16.85
CA VAL A 632 -11.68 7.57 -17.34
C VAL A 632 -11.91 6.56 -18.46
N CYS A 633 -12.80 5.61 -18.27
CA CYS A 633 -13.05 4.63 -19.32
C CYS A 633 -14.17 3.66 -18.99
N PHE A 634 -14.65 2.98 -20.02
CA PHE A 634 -15.67 1.96 -19.87
C PHE A 634 -14.97 0.66 -20.23
N LEU A 635 -15.10 -0.35 -19.39
CA LEU A 635 -14.46 -1.63 -19.63
C LEU A 635 -15.51 -2.71 -19.88
N SER A 636 -15.18 -3.63 -20.78
CA SER A 636 -16.08 -4.73 -21.11
C SER A 636 -15.29 -5.99 -21.48
N ALA A 637 -16.00 -7.04 -21.87
CA ALA A 637 -15.40 -8.33 -22.20
C ALA A 637 -14.18 -8.26 -23.11
N ASP A 638 -14.23 -7.38 -24.11
CA ASP A 638 -13.13 -7.24 -25.06
C ASP A 638 -11.82 -6.74 -24.46
N ASP A 639 -11.91 -6.12 -23.29
CA ASP A 639 -10.73 -5.58 -22.62
C ASP A 639 -9.93 -6.63 -21.85
N ILE A 640 -10.55 -7.78 -21.60
CA ILE A 640 -9.90 -8.85 -20.87
C ILE A 640 -8.72 -9.44 -21.65
N PRO A 641 -7.51 -9.40 -21.05
CA PRO A 641 -6.31 -9.92 -21.70
C PRO A 641 -6.22 -11.44 -21.67
N GLY A 642 -6.75 -12.05 -20.62
CA GLY A 642 -6.70 -13.50 -20.50
C GLY A 642 -7.98 -14.20 -20.90
N SER A 643 -8.75 -14.64 -19.92
CA SER A 643 -9.99 -15.36 -20.19
C SER A 643 -11.20 -14.70 -19.57
N ASN A 644 -12.33 -14.77 -20.28
CA ASN A 644 -13.57 -14.19 -19.80
C ASN A 644 -14.42 -15.31 -19.18
N GLU A 645 -13.82 -16.47 -19.00
CA GLU A 645 -14.51 -17.60 -18.41
C GLU A 645 -14.09 -17.73 -16.96
N THR A 646 -15.06 -17.66 -16.05
CA THR A 646 -14.78 -17.73 -14.62
C THR A 646 -15.85 -18.52 -13.86
N GLY A 647 -15.83 -18.44 -12.54
CA GLY A 647 -16.79 -19.16 -11.72
C GLY A 647 -16.21 -20.49 -11.27
N LEU A 648 -16.72 -21.03 -10.17
CA LEU A 648 -16.23 -22.31 -9.65
C LEU A 648 -16.27 -23.41 -10.68
N PHE A 649 -17.25 -23.35 -11.59
CA PHE A 649 -17.35 -24.38 -12.61
C PHE A 649 -17.20 -23.85 -14.04
N ASN A 650 -16.42 -22.79 -14.20
CA ASN A 650 -16.17 -22.19 -15.52
C ASN A 650 -17.48 -22.00 -16.25
N ASP A 651 -18.45 -21.61 -15.45
CA ASP A 651 -19.85 -21.37 -15.80
C ASP A 651 -20.20 -19.94 -16.14
N GLU A 652 -19.33 -19.02 -15.77
CA GLU A 652 -19.64 -17.61 -15.94
C GLU A 652 -18.70 -16.79 -16.77
N THR A 653 -19.14 -15.56 -17.03
CA THR A 653 -18.36 -14.58 -17.77
C THR A 653 -17.92 -13.57 -16.73
N VAL A 654 -16.81 -12.90 -16.98
CA VAL A 654 -16.33 -11.87 -16.07
C VAL A 654 -17.17 -10.66 -16.43
N PHE A 655 -17.39 -10.49 -17.73
CA PHE A 655 -18.21 -9.43 -18.29
C PHE A 655 -19.08 -10.08 -19.36
N ALA A 656 -20.39 -9.83 -19.29
CA ALA A 656 -21.34 -10.40 -20.24
C ALA A 656 -20.90 -10.26 -21.69
N LYS A 657 -21.10 -11.32 -22.46
CA LYS A 657 -20.74 -11.35 -23.88
C LYS A 657 -21.92 -11.89 -24.69
N ASP A 658 -22.45 -11.04 -25.57
CA ASP A 658 -23.57 -11.36 -26.44
C ASP A 658 -24.93 -11.41 -25.73
N THR A 659 -24.97 -11.98 -24.53
CA THR A 659 -26.24 -12.08 -23.81
C THR A 659 -26.14 -11.89 -22.29
N VAL A 660 -27.23 -11.44 -21.68
CA VAL A 660 -27.30 -11.25 -20.25
C VAL A 660 -28.28 -12.30 -19.76
N THR A 661 -28.02 -12.89 -18.60
CA THR A 661 -28.88 -13.96 -18.10
C THR A 661 -29.56 -13.73 -16.75
N CYS A 662 -29.55 -12.49 -16.28
CA CYS A 662 -30.21 -12.14 -15.03
C CYS A 662 -30.12 -10.65 -14.84
N VAL A 663 -31.07 -10.07 -14.11
CA VAL A 663 -31.01 -8.64 -13.83
C VAL A 663 -29.84 -8.57 -12.86
N GLY A 664 -28.87 -7.71 -13.14
CA GLY A 664 -27.72 -7.60 -12.26
C GLY A 664 -26.49 -8.24 -12.89
N HIS A 665 -26.70 -8.93 -14.01
CA HIS A 665 -25.60 -9.58 -14.72
C HIS A 665 -24.60 -8.48 -15.09
N ILE A 666 -23.35 -8.66 -14.68
CA ILE A 666 -22.33 -7.65 -14.95
C ILE A 666 -21.92 -7.58 -16.42
N ILE A 667 -22.20 -6.44 -17.04
CA ILE A 667 -21.88 -6.22 -18.45
C ILE A 667 -20.51 -5.56 -18.62
N GLY A 668 -20.17 -4.66 -17.70
CA GLY A 668 -18.90 -3.98 -17.79
C GLY A 668 -18.69 -3.11 -16.57
N ALA A 669 -17.83 -2.11 -16.71
CA ALA A 669 -17.58 -1.23 -15.58
C ALA A 669 -17.03 0.13 -16.01
N VAL A 670 -17.39 1.15 -15.24
CA VAL A 670 -16.90 2.49 -15.51
C VAL A 670 -15.84 2.81 -14.47
N VAL A 671 -14.78 3.47 -14.91
CA VAL A 671 -13.70 3.87 -14.02
C VAL A 671 -13.68 5.39 -14.05
N ALA A 672 -13.67 6.02 -12.89
CA ALA A 672 -13.65 7.48 -12.81
C ALA A 672 -12.76 7.97 -11.67
N ASP A 673 -12.59 9.29 -11.56
CA ASP A 673 -11.73 9.85 -10.52
C ASP A 673 -12.36 9.89 -9.13
N THR A 674 -13.70 9.84 -9.06
CA THR A 674 -14.39 9.83 -7.78
C THR A 674 -15.50 8.80 -7.87
N PRO A 675 -16.02 8.33 -6.72
CA PRO A 675 -17.09 7.33 -6.72
C PRO A 675 -18.38 7.90 -7.32
N GLU A 676 -18.65 9.17 -7.04
CA GLU A 676 -19.86 9.83 -7.57
C GLU A 676 -19.83 9.87 -9.09
N HIS A 677 -18.71 10.28 -9.64
CA HIS A 677 -18.56 10.38 -11.09
C HIS A 677 -18.65 8.99 -11.76
N ALA A 678 -18.12 7.97 -11.11
CA ALA A 678 -18.18 6.63 -11.67
C ALA A 678 -19.63 6.17 -11.71
N GLU A 679 -20.36 6.45 -10.62
CA GLU A 679 -21.77 6.08 -10.51
C GLU A 679 -22.63 6.79 -11.56
N ARG A 680 -22.47 8.11 -11.65
CA ARG A 680 -23.24 8.91 -12.60
C ARG A 680 -22.96 8.52 -14.05
N ALA A 681 -21.70 8.23 -14.34
CA ALA A 681 -21.32 7.84 -15.70
C ALA A 681 -21.94 6.48 -16.03
N ALA A 682 -21.79 5.52 -15.11
CA ALA A 682 -22.32 4.18 -15.31
C ALA A 682 -23.83 4.22 -15.53
N HIS A 683 -24.50 5.09 -14.77
CA HIS A 683 -25.95 5.23 -14.87
C HIS A 683 -26.39 5.66 -16.27
N VAL A 684 -25.55 6.38 -16.99
CA VAL A 684 -25.92 6.83 -18.33
C VAL A 684 -25.38 5.99 -19.47
N VAL A 685 -24.77 4.85 -19.16
CA VAL A 685 -24.28 3.98 -20.21
C VAL A 685 -25.56 3.37 -20.77
N LYS A 686 -25.74 3.45 -22.09
CA LYS A 686 -26.96 2.92 -22.70
C LYS A 686 -26.80 1.56 -23.37
N VAL A 687 -27.54 0.59 -22.88
CA VAL A 687 -27.50 -0.76 -23.43
C VAL A 687 -28.80 -1.05 -24.15
N THR A 688 -28.70 -1.53 -25.39
CA THR A 688 -29.87 -1.88 -26.19
C THR A 688 -30.04 -3.38 -26.14
N TYR A 689 -31.21 -3.83 -25.69
CA TYR A 689 -31.48 -5.26 -25.56
C TYR A 689 -32.55 -5.80 -26.50
N GLU A 690 -32.58 -7.12 -26.59
CA GLU A 690 -33.55 -7.86 -27.37
C GLU A 690 -33.89 -9.02 -26.43
N ASP A 691 -35.02 -8.91 -25.75
CA ASP A 691 -35.46 -9.93 -24.81
C ASP A 691 -35.51 -11.35 -25.34
N LEU A 692 -35.16 -12.29 -24.48
CA LEU A 692 -35.19 -13.72 -24.78
C LEU A 692 -36.07 -14.37 -23.73
N PRO A 693 -36.68 -15.52 -24.05
CA PRO A 693 -37.54 -16.20 -23.08
C PRO A 693 -36.80 -16.42 -21.77
N ALA A 694 -37.42 -16.08 -20.66
CA ALA A 694 -36.77 -16.23 -19.35
C ALA A 694 -37.45 -17.26 -18.45
N ILE A 695 -36.63 -17.90 -17.62
CA ILE A 695 -37.10 -18.90 -16.65
C ILE A 695 -36.69 -18.34 -15.30
N ILE A 696 -37.69 -17.90 -14.52
CA ILE A 696 -37.45 -17.28 -13.23
C ILE A 696 -37.64 -18.14 -11.98
N THR A 697 -38.83 -18.71 -11.83
CA THR A 697 -39.17 -19.50 -10.66
C THR A 697 -38.80 -20.98 -10.73
N ILE A 698 -38.88 -21.64 -9.59
CA ILE A 698 -38.60 -23.07 -9.50
C ILE A 698 -39.65 -23.77 -10.37
N GLU A 699 -40.89 -23.29 -10.28
CA GLU A 699 -41.99 -23.85 -11.04
C GLU A 699 -41.71 -23.75 -12.54
N ASP A 700 -41.19 -22.60 -12.98
CA ASP A 700 -40.86 -22.39 -14.39
C ASP A 700 -39.79 -23.39 -14.82
N ALA A 701 -38.76 -23.54 -13.99
CA ALA A 701 -37.65 -24.44 -14.30
C ALA A 701 -38.12 -25.88 -14.46
N ILE A 702 -38.93 -26.35 -13.53
CA ILE A 702 -39.44 -27.72 -13.59
C ILE A 702 -40.24 -27.90 -14.88
N LYS A 703 -41.11 -26.95 -15.18
CA LYS A 703 -41.95 -27.01 -16.36
C LYS A 703 -41.12 -27.04 -17.65
N ASN A 704 -40.01 -26.30 -17.66
CA ASN A 704 -39.15 -26.26 -18.83
C ASN A 704 -37.97 -27.19 -18.73
N ASN A 705 -37.92 -27.99 -17.67
CA ASN A 705 -36.83 -28.93 -17.48
C ASN A 705 -35.46 -28.25 -17.52
N SER A 706 -35.32 -27.13 -16.79
CA SER A 706 -34.05 -26.40 -16.75
C SER A 706 -33.34 -26.62 -15.42
N PHE A 707 -32.40 -27.55 -15.43
CA PHE A 707 -31.64 -27.87 -14.23
C PHE A 707 -30.15 -27.91 -14.50
N TYR A 708 -29.36 -27.93 -13.42
CA TYR A 708 -27.92 -28.03 -13.52
C TYR A 708 -27.61 -29.47 -13.15
N GLY A 709 -27.02 -30.22 -14.07
CA GLY A 709 -26.68 -31.60 -13.79
C GLY A 709 -27.88 -32.50 -13.58
N SER A 710 -27.63 -33.71 -13.10
CA SER A 710 -28.71 -34.67 -12.88
C SER A 710 -29.11 -34.77 -11.40
N GLU A 711 -30.22 -35.45 -11.17
CA GLU A 711 -30.78 -35.63 -9.84
C GLU A 711 -29.82 -36.22 -8.81
N LEU A 712 -29.87 -35.69 -7.60
CA LEU A 712 -29.06 -36.18 -6.49
C LEU A 712 -30.03 -37.03 -5.69
N LYS A 713 -29.55 -38.13 -5.13
CA LYS A 713 -30.45 -39.00 -4.37
C LYS A 713 -29.79 -39.87 -3.32
N ILE A 714 -30.50 -40.03 -2.21
CA ILE A 714 -30.06 -40.88 -1.12
C ILE A 714 -31.27 -41.75 -0.81
N GLU A 715 -31.08 -43.06 -0.86
CA GLU A 715 -32.18 -43.97 -0.57
C GLU A 715 -31.72 -45.11 0.31
N LYS A 716 -32.51 -45.42 1.32
CA LYS A 716 -32.19 -46.49 2.24
C LYS A 716 -33.48 -47.21 2.63
N GLY A 717 -33.39 -48.53 2.81
CA GLY A 717 -34.56 -49.28 3.20
C GLY A 717 -35.50 -49.62 2.05
N ASP A 718 -36.73 -49.98 2.41
CA ASP A 718 -37.75 -50.37 1.44
C ASP A 718 -38.96 -49.46 1.55
N LEU A 719 -39.00 -48.44 0.69
CA LEU A 719 -40.08 -47.47 0.67
C LEU A 719 -41.44 -48.13 0.48
N LYS A 720 -41.57 -48.86 -0.62
CA LYS A 720 -42.82 -49.55 -0.94
C LYS A 720 -43.33 -50.30 0.29
N LYS A 721 -42.43 -50.98 0.99
CA LYS A 721 -42.77 -51.73 2.19
C LYS A 721 -43.16 -50.78 3.34
N GLY A 722 -42.32 -49.78 3.57
CA GLY A 722 -42.58 -48.82 4.64
C GLY A 722 -43.97 -48.22 4.60
N PHE A 723 -44.39 -47.72 3.45
CA PHE A 723 -45.71 -47.13 3.33
C PHE A 723 -46.81 -48.16 3.56
N SER A 724 -46.48 -49.43 3.34
CA SER A 724 -47.42 -50.52 3.51
C SER A 724 -47.69 -50.80 4.99
N GLU A 725 -46.67 -50.62 5.83
CA GLU A 725 -46.80 -50.86 7.25
C GLU A 725 -47.40 -49.66 7.99
N ALA A 726 -47.37 -48.51 7.34
CA ALA A 726 -47.88 -47.27 7.92
C ALA A 726 -49.38 -47.20 8.17
N ASP A 727 -49.76 -46.76 9.36
CA ASP A 727 -51.16 -46.62 9.71
C ASP A 727 -51.70 -45.38 9.00
N ASN A 728 -50.87 -44.34 8.93
CA ASN A 728 -51.27 -43.08 8.30
C ASN A 728 -50.24 -42.58 7.30
N VAL A 729 -50.71 -41.83 6.31
CA VAL A 729 -49.84 -41.26 5.30
C VAL A 729 -50.20 -39.80 5.09
N VAL A 730 -49.19 -38.94 5.12
CA VAL A 730 -49.38 -37.51 4.91
C VAL A 730 -48.43 -37.02 3.83
N SER A 731 -48.96 -36.32 2.84
CA SER A 731 -48.13 -35.79 1.78
C SER A 731 -48.49 -34.31 1.59
N GLY A 732 -47.54 -33.54 1.09
CA GLY A 732 -47.79 -32.13 0.88
C GLY A 732 -46.63 -31.44 0.19
N GLU A 733 -46.71 -30.11 0.14
CA GLU A 733 -45.68 -29.29 -0.47
C GLU A 733 -45.31 -28.18 0.51
N LEU A 734 -44.06 -27.72 0.44
CA LEU A 734 -43.59 -26.68 1.35
C LEU A 734 -42.56 -25.79 0.66
N TYR A 735 -42.56 -24.51 1.01
CA TYR A 735 -41.64 -23.56 0.42
C TYR A 735 -40.94 -22.73 1.49
N ILE A 736 -39.65 -22.46 1.27
CA ILE A 736 -38.89 -21.64 2.19
C ILE A 736 -38.15 -20.60 1.34
N GLY A 737 -38.47 -19.32 1.61
CA GLY A 737 -37.85 -18.23 0.87
C GLY A 737 -36.36 -18.12 1.09
N GLY A 738 -35.72 -17.30 0.25
CA GLY A 738 -34.27 -17.11 0.35
C GLY A 738 -33.86 -16.22 1.50
N GLN A 739 -32.67 -15.63 1.37
CA GLN A 739 -32.14 -14.77 2.40
C GLN A 739 -30.92 -14.01 1.91
N ASP A 740 -30.84 -12.73 2.25
CA ASP A 740 -29.69 -11.91 1.87
C ASP A 740 -28.77 -11.89 3.08
N HIS A 741 -27.48 -12.15 2.84
CA HIS A 741 -26.50 -12.18 3.92
C HIS A 741 -26.54 -10.95 4.82
N PHE A 742 -26.64 -9.79 4.20
CA PHE A 742 -26.64 -8.51 4.89
C PHE A 742 -25.49 -8.36 5.89
N TYR A 743 -24.28 -8.66 5.42
CA TYR A 743 -23.09 -8.46 6.25
C TYR A 743 -23.07 -6.93 6.32
N LEU A 744 -22.73 -6.36 7.47
CA LEU A 744 -22.73 -4.90 7.57
C LEU A 744 -21.77 -4.25 6.59
N GLU A 745 -20.65 -4.91 6.32
CA GLU A 745 -19.70 -4.40 5.32
C GLU A 745 -19.98 -5.15 4.02
N THR A 746 -20.30 -4.42 2.96
CA THR A 746 -20.57 -5.03 1.66
C THR A 746 -19.25 -5.49 1.00
N HIS A 747 -19.37 -6.08 -0.18
CA HIS A 747 -18.19 -6.55 -0.92
C HIS A 747 -17.26 -5.39 -1.24
N CYS A 748 -15.96 -5.64 -1.18
CA CYS A 748 -15.00 -4.59 -1.46
C CYS A 748 -13.64 -5.14 -1.88
N THR A 749 -13.03 -4.48 -2.86
CA THR A 749 -11.72 -4.88 -3.34
C THR A 749 -10.89 -3.67 -3.76
N ILE A 750 -9.60 -3.72 -3.43
CA ILE A 750 -8.64 -2.70 -3.83
C ILE A 750 -7.59 -3.52 -4.60
N ALA A 751 -7.29 -3.12 -5.83
CA ALA A 751 -6.30 -3.83 -6.64
C ALA A 751 -5.14 -2.90 -7.00
N ILE A 752 -3.93 -3.32 -6.62
CA ILE A 752 -2.73 -2.53 -6.89
C ILE A 752 -1.86 -3.19 -7.96
N PRO A 753 -1.83 -2.61 -9.17
CA PRO A 753 -1.01 -3.20 -10.23
C PRO A 753 0.41 -2.68 -10.03
N LYS A 754 1.39 -3.58 -10.06
CA LYS A 754 2.77 -3.18 -9.84
C LYS A 754 3.48 -2.68 -11.09
N GLY A 755 3.09 -3.22 -12.25
CA GLY A 755 3.71 -2.80 -13.49
C GLY A 755 4.87 -3.69 -13.87
N GLU A 756 5.13 -4.72 -13.06
CA GLU A 756 6.21 -5.67 -13.29
C GLU A 756 5.70 -7.10 -13.41
N GLU A 757 6.08 -7.77 -14.49
CA GLU A 757 5.71 -9.17 -14.69
C GLU A 757 4.25 -9.53 -14.39
N GLY A 758 3.33 -8.59 -14.63
CA GLY A 758 1.93 -8.86 -14.38
C GLY A 758 1.55 -8.94 -12.92
N GLU A 759 2.48 -8.56 -12.05
CA GLU A 759 2.23 -8.59 -10.60
C GLU A 759 1.08 -7.70 -10.16
N MET A 760 0.29 -8.20 -9.21
CA MET A 760 -0.82 -7.44 -8.67
C MET A 760 -1.07 -7.84 -7.22
N GLU A 761 -1.29 -6.85 -6.36
CA GLU A 761 -1.54 -7.07 -4.93
C GLU A 761 -2.93 -6.54 -4.64
N LEU A 762 -3.80 -7.39 -4.09
CA LEU A 762 -5.16 -6.98 -3.79
C LEU A 762 -5.56 -7.11 -2.33
N PHE A 763 -6.32 -6.14 -1.86
CA PHE A 763 -6.85 -6.12 -0.49
C PHE A 763 -8.32 -6.42 -0.73
N VAL A 764 -8.79 -7.53 -0.17
CA VAL A 764 -10.16 -7.96 -0.41
C VAL A 764 -10.92 -8.43 0.81
N SER A 765 -12.21 -8.11 0.84
CA SER A 765 -13.08 -8.55 1.91
C SER A 765 -13.60 -9.90 1.39
N THR A 766 -12.90 -10.98 1.69
CA THR A 766 -13.31 -12.30 1.20
C THR A 766 -12.89 -13.44 2.13
N GLN A 767 -13.67 -14.53 2.11
CA GLN A 767 -13.37 -15.71 2.91
C GLN A 767 -12.56 -16.68 2.06
N ASN A 768 -12.33 -16.33 0.80
CA ASN A 768 -11.63 -17.22 -0.11
C ASN A 768 -10.49 -16.53 -0.88
N ALA A 769 -9.35 -16.35 -0.23
CA ALA A 769 -8.21 -15.72 -0.88
C ALA A 769 -7.64 -16.57 -2.01
N MET A 770 -7.72 -17.89 -1.85
CA MET A 770 -7.20 -18.81 -2.87
C MET A 770 -7.92 -18.68 -4.21
N LYS A 771 -9.26 -18.72 -4.20
CA LYS A 771 -10.01 -18.61 -5.43
C LYS A 771 -9.93 -17.20 -5.98
N THR A 772 -9.86 -16.21 -5.10
CA THR A 772 -9.73 -14.83 -5.54
C THR A 772 -8.44 -14.73 -6.35
N GLN A 773 -7.37 -15.29 -5.80
CA GLN A 773 -6.06 -15.27 -6.45
C GLN A 773 -6.04 -15.96 -7.81
N SER A 774 -6.56 -17.18 -7.87
CA SER A 774 -6.58 -17.93 -9.12
C SER A 774 -7.53 -17.35 -10.16
N PHE A 775 -8.68 -16.85 -9.73
CA PHE A 775 -9.64 -16.25 -10.65
C PHE A 775 -9.06 -14.97 -11.28
N VAL A 776 -8.38 -14.17 -10.47
CA VAL A 776 -7.77 -12.95 -10.98
C VAL A 776 -6.67 -13.30 -11.97
N ALA A 777 -5.84 -14.28 -11.61
CA ALA A 777 -4.75 -14.71 -12.49
C ALA A 777 -5.30 -15.29 -13.79
N LYS A 778 -6.41 -16.01 -13.71
CA LYS A 778 -7.01 -16.61 -14.89
C LYS A 778 -7.50 -15.53 -15.84
N MET A 779 -8.15 -14.52 -15.29
CA MET A 779 -8.68 -13.41 -16.09
C MET A 779 -7.54 -12.63 -16.72
N LEU A 780 -6.43 -12.48 -16.00
CA LEU A 780 -5.27 -11.73 -16.50
C LEU A 780 -4.40 -12.55 -17.45
N GLY A 781 -4.46 -13.87 -17.33
CA GLY A 781 -3.65 -14.72 -18.18
C GLY A 781 -2.21 -14.79 -17.71
N VAL A 782 -2.01 -14.76 -16.39
CA VAL A 782 -0.68 -14.81 -15.82
C VAL A 782 -0.61 -15.93 -14.79
N PRO A 783 0.60 -16.35 -14.42
CA PRO A 783 0.72 -17.43 -13.42
C PRO A 783 0.18 -16.97 -12.08
N VAL A 784 -0.35 -17.91 -11.31
CA VAL A 784 -0.91 -17.61 -10.00
C VAL A 784 0.14 -17.00 -9.06
N ASN A 785 1.40 -17.35 -9.26
CA ASN A 785 2.47 -16.83 -8.40
C ASN A 785 2.73 -15.33 -8.58
N ARG A 786 1.98 -14.69 -9.48
CA ARG A 786 2.12 -13.26 -9.72
C ARG A 786 1.09 -12.46 -8.92
N ILE A 787 0.11 -13.18 -8.36
CA ILE A 787 -0.96 -12.52 -7.62
C ILE A 787 -0.92 -12.70 -6.11
N LEU A 788 -1.01 -11.59 -5.40
CA LEU A 788 -1.00 -11.61 -3.94
C LEU A 788 -2.35 -11.10 -3.44
N VAL A 789 -3.02 -11.88 -2.60
CA VAL A 789 -4.31 -11.48 -2.04
C VAL A 789 -4.13 -11.41 -0.52
N ARG A 790 -4.51 -10.27 0.05
CA ARG A 790 -4.39 -10.06 1.48
C ARG A 790 -5.75 -9.75 2.08
N VAL A 791 -6.06 -10.44 3.18
CA VAL A 791 -7.33 -10.26 3.87
C VAL A 791 -7.04 -9.98 5.35
N LYS A 792 -7.37 -8.77 5.79
CA LYS A 792 -7.17 -8.38 7.19
C LYS A 792 -8.36 -8.93 7.96
N ARG A 793 -9.54 -8.43 7.62
CA ARG A 793 -10.79 -8.87 8.25
C ARG A 793 -11.97 -8.47 7.37
N MET A 794 -13.12 -9.08 7.64
CA MET A 794 -14.35 -8.78 6.92
C MET A 794 -15.37 -8.31 7.93
N GLY A 795 -16.19 -7.35 7.54
CA GLY A 795 -17.23 -6.88 8.43
C GLY A 795 -18.42 -7.78 8.13
N GLY A 796 -18.22 -9.08 8.32
CA GLY A 796 -19.26 -10.05 8.05
C GLY A 796 -19.01 -10.79 6.73
N GLY A 797 -19.40 -12.06 6.69
CA GLY A 797 -19.23 -12.88 5.50
C GLY A 797 -20.43 -13.81 5.35
N PHE A 798 -20.64 -14.65 6.36
CA PHE A 798 -21.76 -15.59 6.41
C PHE A 798 -21.93 -16.46 5.16
N GLY A 799 -20.86 -16.63 4.40
CA GLY A 799 -20.92 -17.45 3.20
C GLY A 799 -21.06 -16.61 1.95
N GLY A 800 -21.56 -15.39 2.11
CA GLY A 800 -21.74 -14.51 0.97
C GLY A 800 -20.43 -14.07 0.36
N LYS A 801 -19.34 -14.29 1.10
CA LYS A 801 -18.02 -13.93 0.61
C LYS A 801 -17.15 -15.16 0.40
N GLU A 802 -17.77 -16.34 0.35
CA GLU A 802 -17.04 -17.59 0.12
C GLU A 802 -16.60 -17.69 -1.34
N THR A 803 -17.41 -17.17 -2.25
CA THR A 803 -17.06 -17.19 -3.66
C THR A 803 -17.48 -15.93 -4.42
N ARG A 804 -18.67 -15.43 -4.15
CA ARG A 804 -19.19 -14.29 -4.90
C ARG A 804 -18.40 -13.00 -4.80
N SER A 805 -17.43 -12.94 -3.89
CA SER A 805 -16.61 -11.74 -3.75
C SER A 805 -15.76 -11.54 -5.01
N THR A 806 -15.57 -12.60 -5.80
CA THR A 806 -14.76 -12.51 -7.01
C THR A 806 -15.41 -11.68 -8.11
N LEU A 807 -16.73 -11.55 -8.09
CA LEU A 807 -17.44 -10.77 -9.11
C LEU A 807 -16.86 -9.36 -9.13
N VAL A 808 -16.58 -8.82 -7.95
CA VAL A 808 -16.01 -7.49 -7.80
C VAL A 808 -14.49 -7.52 -7.94
N SER A 809 -13.85 -8.45 -7.24
CA SER A 809 -12.40 -8.54 -7.31
C SER A 809 -11.84 -8.62 -8.72
N VAL A 810 -12.38 -9.53 -9.53
CA VAL A 810 -11.88 -9.68 -10.89
C VAL A 810 -12.14 -8.44 -11.76
N ALA A 811 -13.26 -7.77 -11.53
CA ALA A 811 -13.59 -6.56 -12.28
C ALA A 811 -12.59 -5.45 -11.91
N VAL A 812 -12.33 -5.31 -10.62
CA VAL A 812 -11.39 -4.31 -10.14
C VAL A 812 -9.97 -4.61 -10.64
N ALA A 813 -9.60 -5.89 -10.65
CA ALA A 813 -8.27 -6.28 -11.12
C ALA A 813 -8.08 -5.88 -12.58
N LEU A 814 -9.10 -6.11 -13.40
CA LEU A 814 -9.04 -5.75 -14.81
C LEU A 814 -8.82 -4.25 -14.98
N ALA A 815 -9.55 -3.46 -14.19
CA ALA A 815 -9.45 -2.01 -14.25
C ALA A 815 -8.03 -1.55 -13.90
N ALA A 816 -7.44 -2.20 -12.90
CA ALA A 816 -6.09 -1.87 -12.48
C ALA A 816 -5.11 -2.23 -13.59
N TYR A 817 -5.34 -3.39 -14.20
CA TYR A 817 -4.49 -3.86 -15.28
C TYR A 817 -4.54 -2.88 -16.45
N LYS A 818 -5.74 -2.54 -16.86
CA LYS A 818 -5.97 -1.65 -18.01
C LYS A 818 -5.47 -0.22 -17.81
N THR A 819 -5.72 0.36 -16.66
CA THR A 819 -5.31 1.74 -16.40
C THR A 819 -3.88 1.86 -15.89
N GLY A 820 -3.41 0.82 -15.20
CA GLY A 820 -2.07 0.89 -14.64
C GLY A 820 -2.12 1.60 -13.30
N HIS A 821 -3.32 1.99 -12.88
CA HIS A 821 -3.53 2.68 -11.61
C HIS A 821 -4.18 1.77 -10.57
N PRO A 822 -3.98 2.09 -9.29
CA PRO A 822 -4.64 1.24 -8.30
C PRO A 822 -6.11 1.62 -8.47
N VAL A 823 -7.01 0.68 -8.18
CA VAL A 823 -8.43 0.93 -8.33
C VAL A 823 -9.16 0.22 -7.20
N ARG A 824 -10.31 0.75 -6.82
CA ARG A 824 -11.09 0.11 -5.77
C ARG A 824 -12.57 0.22 -6.06
N CYS A 825 -13.34 -0.61 -5.38
CA CYS A 825 -14.79 -0.62 -5.49
C CYS A 825 -15.40 -1.27 -4.28
N MET A 826 -16.31 -0.55 -3.64
CA MET A 826 -17.04 -1.10 -2.51
C MET A 826 -18.49 -0.96 -2.97
N LEU A 827 -19.24 -2.04 -2.92
CA LEU A 827 -20.63 -2.01 -3.37
C LEU A 827 -21.58 -1.27 -2.44
N ASP A 828 -22.54 -0.58 -3.02
CA ASP A 828 -23.57 0.08 -2.22
C ASP A 828 -24.48 -1.11 -1.89
N ARG A 829 -25.26 -0.98 -0.83
CA ARG A 829 -26.15 -2.06 -0.43
C ARG A 829 -27.09 -2.54 -1.55
N ASN A 830 -27.68 -1.63 -2.30
CA ASN A 830 -28.59 -2.06 -3.36
C ASN A 830 -27.90 -2.87 -4.45
N GLU A 831 -26.66 -2.53 -4.77
CA GLU A 831 -25.90 -3.28 -5.76
C GLU A 831 -25.62 -4.66 -5.21
N ASP A 832 -25.18 -4.70 -3.96
CA ASP A 832 -24.82 -5.94 -3.27
C ASP A 832 -25.96 -6.95 -3.23
N MET A 833 -27.13 -6.50 -2.80
CA MET A 833 -28.30 -7.36 -2.69
C MET A 833 -28.79 -7.87 -4.04
N LEU A 834 -28.58 -7.08 -5.08
CA LEU A 834 -29.02 -7.46 -6.41
C LEU A 834 -28.11 -8.46 -7.10
N ILE A 835 -26.81 -8.18 -7.06
CA ILE A 835 -25.79 -8.95 -7.75
C ILE A 835 -25.14 -10.19 -7.14
N THR A 836 -24.78 -10.09 -5.86
CA THR A 836 -24.03 -11.16 -5.20
C THR A 836 -24.69 -12.46 -4.76
N GLY A 837 -25.99 -12.60 -4.93
CA GLY A 837 -26.66 -13.83 -4.55
C GLY A 837 -26.93 -14.00 -3.07
N GLY A 838 -27.71 -15.01 -2.73
CA GLY A 838 -28.02 -15.26 -1.34
C GLY A 838 -28.32 -16.72 -1.06
N ARG A 839 -29.07 -16.98 0.00
CA ARG A 839 -29.42 -18.35 0.34
C ARG A 839 -30.37 -18.88 -0.74
N HIS A 840 -30.32 -20.19 -0.97
CA HIS A 840 -31.17 -20.82 -1.98
C HIS A 840 -32.61 -21.03 -1.55
N PRO A 841 -33.57 -20.51 -2.33
CA PRO A 841 -34.95 -20.74 -1.92
C PRO A 841 -35.14 -22.24 -2.20
N PHE A 842 -36.00 -22.91 -1.44
CA PHE A 842 -36.25 -24.34 -1.63
C PHE A 842 -37.73 -24.65 -1.76
N LEU A 843 -38.07 -25.60 -2.63
CA LEU A 843 -39.45 -26.04 -2.80
C LEU A 843 -39.38 -27.54 -2.51
N ALA A 844 -40.27 -28.03 -1.67
CA ALA A 844 -40.26 -29.45 -1.35
C ALA A 844 -41.61 -30.12 -1.51
N ARG A 845 -41.57 -31.35 -2.00
CA ARG A 845 -42.76 -32.18 -2.16
C ARG A 845 -42.43 -33.41 -1.34
N TYR A 846 -43.22 -33.65 -0.30
CA TYR A 846 -42.97 -34.77 0.61
C TYR A 846 -44.17 -35.69 0.83
N LYS A 847 -43.88 -36.86 1.37
CA LYS A 847 -44.88 -37.88 1.67
C LYS A 847 -44.29 -38.69 2.82
N VAL A 848 -44.97 -38.73 3.95
CA VAL A 848 -44.47 -39.45 5.12
C VAL A 848 -45.45 -40.49 5.65
N GLY A 849 -44.93 -41.68 5.98
CA GLY A 849 -45.74 -42.75 6.52
C GLY A 849 -45.38 -42.97 7.98
N PHE A 850 -46.39 -43.11 8.83
CA PHE A 850 -46.15 -43.30 10.26
C PHE A 850 -47.24 -44.13 10.95
N MET A 851 -46.99 -44.51 12.20
CA MET A 851 -47.94 -45.29 12.97
C MET A 851 -48.75 -44.37 13.88
N LYS A 852 -49.86 -44.87 14.41
CA LYS A 852 -50.71 -44.08 15.28
C LYS A 852 -49.94 -43.58 16.49
N THR A 853 -48.84 -44.25 16.80
CA THR A 853 -48.01 -43.89 17.93
C THR A 853 -47.12 -42.69 17.61
N GLY A 854 -46.99 -42.36 16.34
CA GLY A 854 -46.17 -41.24 15.93
C GLY A 854 -44.85 -41.67 15.31
N THR A 855 -44.55 -42.97 15.41
CA THR A 855 -43.32 -43.52 14.86
C THR A 855 -43.35 -43.47 13.33
N ILE A 856 -42.27 -42.94 12.74
CA ILE A 856 -42.17 -42.84 11.28
C ILE A 856 -41.61 -44.14 10.69
N VAL A 857 -42.20 -44.58 9.58
CA VAL A 857 -41.78 -45.81 8.93
C VAL A 857 -41.38 -45.59 7.47
N ALA A 858 -41.79 -44.47 6.89
CA ALA A 858 -41.46 -44.17 5.51
C ALA A 858 -41.46 -42.67 5.25
N LEU A 859 -40.56 -42.22 4.38
CA LEU A 859 -40.46 -40.81 4.04
C LEU A 859 -39.82 -40.59 2.68
N GLU A 860 -40.49 -39.82 1.84
CA GLU A 860 -39.98 -39.48 0.52
C GLU A 860 -40.01 -37.97 0.46
N VAL A 861 -38.90 -37.36 0.05
CA VAL A 861 -38.85 -35.91 -0.07
C VAL A 861 -38.07 -35.51 -1.31
N ASP A 862 -38.72 -34.75 -2.19
CA ASP A 862 -38.08 -34.26 -3.40
C ASP A 862 -37.78 -32.78 -3.19
N HIS A 863 -36.50 -32.42 -3.24
CA HIS A 863 -36.07 -31.03 -3.04
C HIS A 863 -35.74 -30.33 -4.36
N TYR A 864 -36.08 -29.04 -4.43
CA TYR A 864 -35.79 -28.23 -5.59
C TYR A 864 -35.30 -26.88 -5.09
N SER A 865 -34.12 -26.47 -5.55
CA SER A 865 -33.56 -25.19 -5.14
C SER A 865 -33.45 -24.27 -6.34
N ASN A 866 -33.60 -22.96 -6.11
CA ASN A 866 -33.46 -22.01 -7.20
C ASN A 866 -32.00 -21.57 -7.16
N ALA A 867 -31.21 -22.12 -8.08
CA ALA A 867 -29.77 -21.85 -8.14
C ALA A 867 -29.28 -20.57 -8.83
N GLY A 868 -30.10 -19.97 -9.68
CA GLY A 868 -29.64 -18.77 -10.35
C GLY A 868 -28.97 -19.04 -11.68
N ASN A 869 -28.24 -18.06 -12.22
CA ASN A 869 -27.60 -18.20 -13.52
C ASN A 869 -26.24 -18.89 -13.61
N SER A 870 -25.84 -19.59 -12.55
CA SER A 870 -24.58 -20.34 -12.59
C SER A 870 -24.63 -21.39 -11.49
N ARG A 871 -23.75 -22.38 -11.60
CA ARG A 871 -23.70 -23.45 -10.62
C ARG A 871 -23.17 -23.01 -9.26
N ASP A 872 -21.98 -22.41 -9.26
CA ASP A 872 -21.34 -21.96 -8.04
C ASP A 872 -21.31 -23.09 -7.01
N LEU A 873 -21.84 -22.85 -5.82
CA LEU A 873 -21.83 -23.85 -4.77
C LEU A 873 -23.14 -24.65 -4.67
N SER A 874 -24.05 -24.40 -5.59
CA SER A 874 -25.36 -25.05 -5.56
C SER A 874 -25.39 -26.56 -5.39
N HIS A 875 -24.47 -27.28 -6.04
CA HIS A 875 -24.48 -28.73 -5.93
C HIS A 875 -24.16 -29.20 -4.51
N SER A 876 -23.07 -28.70 -3.95
CA SER A 876 -22.65 -29.08 -2.60
C SER A 876 -23.75 -28.71 -1.59
N ILE A 877 -24.39 -27.58 -1.83
CA ILE A 877 -25.46 -27.13 -0.94
C ILE A 877 -26.60 -28.14 -0.93
N MET A 878 -26.96 -28.66 -2.09
CA MET A 878 -28.04 -29.65 -2.17
C MET A 878 -27.56 -30.92 -1.48
N GLU A 879 -26.27 -31.23 -1.62
CA GLU A 879 -25.72 -32.41 -0.97
C GLU A 879 -25.91 -32.30 0.54
N ARG A 880 -25.51 -31.17 1.13
CA ARG A 880 -25.65 -30.98 2.57
C ARG A 880 -27.13 -31.04 2.97
N ALA A 881 -27.99 -30.52 2.12
CA ALA A 881 -29.42 -30.56 2.39
C ALA A 881 -29.85 -32.02 2.56
N LEU A 882 -29.51 -32.84 1.56
CA LEU A 882 -29.87 -34.25 1.61
C LEU A 882 -29.27 -34.92 2.84
N PHE A 883 -28.07 -34.51 3.22
CA PHE A 883 -27.39 -35.06 4.40
C PHE A 883 -28.14 -34.75 5.69
N HIS A 884 -29.03 -33.75 5.66
CA HIS A 884 -29.76 -33.39 6.88
C HIS A 884 -31.28 -33.50 6.83
N MET A 885 -31.81 -34.17 5.81
CA MET A 885 -33.27 -34.33 5.69
C MET A 885 -33.84 -35.20 6.80
N ASP A 886 -32.97 -35.76 7.62
CA ASP A 886 -33.38 -36.63 8.74
C ASP A 886 -33.39 -35.87 10.05
N ASN A 887 -32.60 -34.80 10.11
CA ASN A 887 -32.42 -34.01 11.32
C ASN A 887 -31.96 -34.98 12.40
N CYS A 888 -32.73 -35.14 13.47
CA CYS A 888 -32.31 -36.05 14.54
C CYS A 888 -33.20 -37.29 14.67
N TYR A 889 -33.86 -37.68 13.57
CA TYR A 889 -34.76 -38.81 13.61
C TYR A 889 -34.40 -40.02 12.74
N LYS A 890 -34.55 -41.20 13.31
CA LYS A 890 -34.26 -42.45 12.62
C LYS A 890 -35.44 -42.87 11.75
N ILE A 891 -35.22 -42.90 10.43
CA ILE A 891 -36.24 -43.28 9.48
C ILE A 891 -35.75 -44.50 8.71
N PRO A 892 -36.28 -45.70 9.04
CA PRO A 892 -35.93 -46.98 8.43
C PRO A 892 -35.92 -47.01 6.90
N ASN A 893 -36.98 -46.47 6.31
CA ASN A 893 -37.13 -46.44 4.87
C ASN A 893 -37.25 -44.96 4.46
N ILE A 894 -36.33 -44.51 3.61
CA ILE A 894 -36.32 -43.11 3.23
C ILE A 894 -35.67 -42.86 1.86
N ARG A 895 -36.26 -41.91 1.13
CA ARG A 895 -35.78 -41.54 -0.20
C ARG A 895 -35.81 -40.02 -0.36
N GLY A 896 -34.63 -39.44 -0.59
CA GLY A 896 -34.55 -38.00 -0.77
C GLY A 896 -33.88 -37.65 -2.08
N THR A 897 -34.51 -36.78 -2.87
CA THR A 897 -33.93 -36.36 -4.15
C THR A 897 -33.71 -34.86 -4.15
N GLY A 898 -32.82 -34.41 -5.04
CA GLY A 898 -32.53 -32.99 -5.14
C GLY A 898 -32.27 -32.56 -6.58
N ARG A 899 -32.81 -31.40 -6.93
CA ARG A 899 -32.61 -30.87 -8.27
C ARG A 899 -32.26 -29.39 -8.16
N LEU A 900 -31.30 -28.95 -8.97
CA LEU A 900 -30.88 -27.55 -8.97
C LEU A 900 -31.54 -26.86 -10.14
N CYS A 901 -32.45 -25.92 -9.85
CA CYS A 901 -33.13 -25.22 -10.92
C CYS A 901 -32.27 -24.13 -11.51
N LYS A 902 -32.10 -24.18 -12.83
CA LYS A 902 -31.31 -23.21 -13.59
C LYS A 902 -32.28 -22.10 -14.00
N THR A 903 -32.05 -20.90 -13.48
CA THR A 903 -32.93 -19.77 -13.77
C THR A 903 -32.20 -18.47 -14.07
N ASN A 904 -32.95 -17.50 -14.58
CA ASN A 904 -32.40 -16.20 -14.92
C ASN A 904 -32.49 -15.23 -13.73
N LEU A 905 -31.75 -15.57 -12.68
CA LEU A 905 -31.68 -14.75 -11.47
C LEU A 905 -30.22 -14.81 -11.05
N SER A 906 -29.78 -13.83 -10.28
CA SER A 906 -28.39 -13.83 -9.82
C SER A 906 -28.13 -15.19 -9.18
N SER A 907 -26.91 -15.69 -9.37
CA SER A 907 -26.52 -16.99 -8.84
C SER A 907 -26.54 -17.04 -7.31
N ASN A 908 -27.30 -17.98 -6.75
CA ASN A 908 -27.35 -18.08 -5.30
C ASN A 908 -26.12 -18.85 -4.83
N THR A 909 -25.74 -18.62 -3.58
CA THR A 909 -24.52 -19.23 -3.07
C THR A 909 -24.62 -19.70 -1.63
N ALA A 910 -23.47 -19.81 -0.97
CA ALA A 910 -23.41 -20.26 0.41
C ALA A 910 -23.95 -19.21 1.38
N PHE A 911 -24.64 -19.68 2.40
CA PHE A 911 -25.19 -18.83 3.45
C PHE A 911 -25.26 -19.74 4.67
N ARG A 912 -24.66 -19.27 5.76
CA ARG A 912 -24.62 -19.98 7.04
C ARG A 912 -25.67 -21.08 7.12
N GLY A 913 -25.22 -22.33 7.02
CA GLY A 913 -26.14 -23.47 7.04
C GLY A 913 -25.91 -24.32 5.81
N PHE A 914 -25.56 -23.66 4.71
CA PHE A 914 -25.23 -24.32 3.45
C PHE A 914 -26.22 -25.42 3.05
N GLY A 915 -27.51 -25.09 2.99
CA GLY A 915 -28.52 -26.08 2.61
C GLY A 915 -29.12 -26.86 3.77
N GLY A 916 -28.37 -26.99 4.85
CA GLY A 916 -28.87 -27.72 6.00
C GLY A 916 -30.16 -27.14 6.58
N PRO A 917 -30.21 -25.83 6.85
CA PRO A 917 -31.42 -25.21 7.41
C PRO A 917 -32.68 -25.52 6.60
N GLN A 918 -32.57 -25.50 5.28
CA GLN A 918 -33.72 -25.76 4.42
C GLN A 918 -34.22 -27.19 4.59
N ALA A 919 -33.30 -28.16 4.56
CA ALA A 919 -33.65 -29.56 4.71
C ALA A 919 -34.17 -29.83 6.11
N LEU A 920 -33.56 -29.20 7.11
CA LEU A 920 -33.97 -29.38 8.49
C LEU A 920 -35.36 -28.81 8.71
N PHE A 921 -35.65 -27.68 8.06
CA PHE A 921 -36.96 -27.04 8.17
C PHE A 921 -38.03 -27.95 7.57
N ILE A 922 -37.75 -28.51 6.40
CA ILE A 922 -38.69 -29.41 5.74
C ILE A 922 -38.98 -30.62 6.65
N ALA A 923 -37.92 -31.16 7.25
CA ALA A 923 -38.05 -32.30 8.15
C ALA A 923 -38.97 -31.98 9.31
N GLU A 924 -38.70 -30.88 10.01
CA GLU A 924 -39.51 -30.50 11.15
C GLU A 924 -40.95 -30.21 10.77
N ASN A 925 -41.18 -29.76 9.54
CA ASN A 925 -42.54 -29.46 9.11
C ASN A 925 -43.38 -30.72 9.07
N TRP A 926 -42.91 -31.77 8.41
CA TRP A 926 -43.70 -32.99 8.37
C TRP A 926 -43.74 -33.67 9.73
N MET A 927 -42.73 -33.44 10.55
CA MET A 927 -42.71 -34.04 11.88
C MET A 927 -43.78 -33.38 12.74
N SER A 928 -44.03 -32.10 12.49
CA SER A 928 -45.05 -31.36 13.25
C SER A 928 -46.44 -31.81 12.80
N GLU A 929 -46.56 -32.22 11.54
CA GLU A 929 -47.83 -32.68 11.01
C GLU A 929 -48.14 -34.10 11.48
N VAL A 930 -47.10 -34.88 11.73
CA VAL A 930 -47.27 -36.24 12.21
C VAL A 930 -47.86 -36.23 13.63
N ALA A 931 -47.37 -35.31 14.46
CA ALA A 931 -47.86 -35.21 15.83
C ALA A 931 -49.33 -34.79 15.86
N VAL A 932 -49.67 -33.75 15.11
CA VAL A 932 -51.03 -33.26 15.05
C VAL A 932 -51.97 -34.34 14.54
N THR A 933 -51.58 -35.00 13.46
CA THR A 933 -52.41 -36.06 12.89
C THR A 933 -52.62 -37.18 13.90
N CYS A 934 -51.58 -37.52 14.65
CA CYS A 934 -51.65 -38.56 15.67
C CYS A 934 -52.35 -38.09 16.93
N GLY A 935 -52.47 -36.77 17.08
CA GLY A 935 -53.12 -36.23 18.27
C GLY A 935 -52.27 -36.45 19.51
N LEU A 936 -50.96 -36.51 19.32
CA LEU A 936 -50.03 -36.71 20.42
C LEU A 936 -49.14 -35.49 20.64
N PRO A 937 -48.61 -35.32 21.86
CA PRO A 937 -47.74 -34.18 22.15
C PRO A 937 -46.55 -34.19 21.20
N ALA A 938 -46.26 -33.03 20.62
CA ALA A 938 -45.16 -32.91 19.66
C ALA A 938 -43.82 -33.38 20.21
N GLU A 939 -43.50 -33.00 21.44
CA GLU A 939 -42.22 -33.39 22.03
C GLU A 939 -42.15 -34.90 22.28
N GLU A 940 -43.30 -35.51 22.50
CA GLU A 940 -43.37 -36.95 22.74
C GLU A 940 -43.03 -37.66 21.43
N VAL A 941 -43.64 -37.18 20.35
CA VAL A 941 -43.44 -37.74 19.03
C VAL A 941 -41.99 -37.57 18.56
N ARG A 942 -41.42 -36.41 18.86
CA ARG A 942 -40.06 -36.16 18.44
C ARG A 942 -39.09 -37.08 19.20
N TRP A 943 -39.30 -37.18 20.51
CA TRP A 943 -38.43 -38.01 21.33
C TRP A 943 -38.39 -39.50 20.94
N LYS A 944 -39.55 -40.10 20.68
CA LYS A 944 -39.59 -41.51 20.32
C LYS A 944 -39.01 -41.84 18.94
N ASN A 945 -38.90 -40.84 18.07
CA ASN A 945 -38.36 -41.05 16.73
C ASN A 945 -36.88 -40.69 16.65
N MET A 946 -36.35 -40.22 17.77
CA MET A 946 -34.97 -39.78 17.88
C MET A 946 -33.95 -40.90 17.78
N TYR A 947 -32.82 -40.60 17.14
CA TYR A 947 -31.72 -41.56 17.02
C TYR A 947 -31.22 -41.90 18.41
N LYS A 948 -30.49 -43.00 18.52
CA LYS A 948 -29.90 -43.38 19.80
C LYS A 948 -28.42 -43.62 19.55
N GLU A 949 -27.63 -43.55 20.61
CA GLU A 949 -26.18 -43.75 20.50
C GLU A 949 -25.86 -44.98 19.67
N GLY A 950 -25.07 -44.81 18.62
CA GLY A 950 -24.70 -45.94 17.79
C GLY A 950 -25.48 -46.17 16.52
N ASP A 951 -26.64 -45.50 16.39
CA ASP A 951 -27.44 -45.66 15.19
C ASP A 951 -26.70 -45.15 13.96
N LEU A 952 -27.16 -45.57 12.79
CA LEU A 952 -26.59 -45.12 11.53
C LEU A 952 -27.60 -44.16 10.91
N THR A 953 -27.10 -43.13 10.24
CA THR A 953 -27.96 -42.15 9.59
C THR A 953 -28.45 -42.76 8.29
N HIS A 954 -29.30 -42.02 7.58
CA HIS A 954 -29.81 -42.50 6.31
C HIS A 954 -28.68 -42.65 5.29
N PHE A 955 -27.57 -41.96 5.51
CA PHE A 955 -26.43 -42.08 4.61
C PHE A 955 -25.38 -43.02 5.21
N ASN A 956 -25.85 -43.85 6.14
CA ASN A 956 -25.06 -44.88 6.80
C ASN A 956 -23.82 -44.53 7.63
N GLN A 957 -23.81 -43.38 8.28
CA GLN A 957 -22.66 -43.05 9.11
C GLN A 957 -23.08 -43.26 10.56
N ARG A 958 -22.21 -43.91 11.34
CA ARG A 958 -22.50 -44.18 12.73
C ARG A 958 -22.47 -42.91 13.58
N LEU A 959 -23.47 -42.76 14.45
CA LEU A 959 -23.56 -41.59 15.32
C LEU A 959 -22.91 -41.89 16.67
N GLU A 960 -21.65 -41.48 16.81
CA GLU A 960 -20.90 -41.68 18.05
C GLU A 960 -20.89 -40.40 18.88
N GLY A 961 -21.22 -40.54 20.16
CA GLY A 961 -21.26 -39.38 21.02
C GLY A 961 -22.47 -38.52 20.70
N PHE A 962 -23.59 -39.18 20.42
CA PHE A 962 -24.85 -38.51 20.09
C PHE A 962 -25.38 -37.88 21.38
N SER A 963 -25.20 -36.57 21.51
CA SER A 963 -25.61 -35.85 22.72
C SER A 963 -26.99 -35.20 22.71
N VAL A 964 -27.75 -35.35 21.63
CA VAL A 964 -29.09 -34.76 21.57
C VAL A 964 -29.91 -35.09 22.82
N PRO A 965 -29.93 -36.38 23.24
CA PRO A 965 -30.70 -36.76 24.43
C PRO A 965 -30.39 -35.88 25.65
N ARG A 966 -29.12 -35.65 25.92
CA ARG A 966 -28.73 -34.82 27.05
C ARG A 966 -29.18 -33.38 26.88
N CYS A 967 -28.95 -32.82 25.69
CA CYS A 967 -29.35 -31.44 25.41
C CYS A 967 -30.86 -31.31 25.55
N TRP A 968 -31.57 -32.33 25.07
CA TRP A 968 -33.02 -32.36 25.09
C TRP A 968 -33.57 -32.40 26.51
N ASP A 969 -33.06 -33.31 27.33
CA ASP A 969 -33.52 -33.41 28.69
C ASP A 969 -33.20 -32.14 29.47
N GLU A 970 -31.97 -31.66 29.36
CA GLU A 970 -31.57 -30.46 30.08
C GLU A 970 -32.38 -29.25 29.63
N CYS A 971 -32.66 -29.15 28.34
CA CYS A 971 -33.45 -28.01 27.86
C CYS A 971 -34.87 -28.08 28.43
N LEU A 972 -35.52 -29.24 28.33
CA LEU A 972 -36.86 -29.40 28.87
C LEU A 972 -36.90 -28.96 30.33
N LYS A 973 -35.87 -29.35 31.08
CA LYS A 973 -35.77 -29.03 32.49
C LYS A 973 -35.54 -27.54 32.76
N SER A 974 -34.47 -26.99 32.19
CA SER A 974 -34.15 -25.58 32.41
C SER A 974 -35.22 -24.63 31.86
N SER A 975 -35.93 -25.05 30.82
CA SER A 975 -36.96 -24.21 30.23
C SER A 975 -38.32 -24.41 30.91
N GLN A 976 -38.41 -25.41 31.79
CA GLN A 976 -39.66 -25.70 32.48
C GLN A 976 -40.77 -25.88 31.46
N TYR A 977 -40.43 -26.55 30.37
CA TYR A 977 -41.33 -26.80 29.25
C TYR A 977 -42.75 -27.21 29.62
N TYR A 978 -42.89 -28.29 30.37
CA TYR A 978 -44.20 -28.80 30.75
C TYR A 978 -45.03 -27.80 31.55
N ALA A 979 -44.42 -27.18 32.55
CA ALA A 979 -45.12 -26.21 33.37
C ALA A 979 -45.61 -25.04 32.52
N ARG A 980 -44.76 -24.59 31.59
CA ARG A 980 -45.17 -23.47 30.75
C ARG A 980 -46.15 -23.88 29.68
N LYS A 981 -46.18 -25.17 29.35
CA LYS A 981 -47.12 -25.65 28.35
C LYS A 981 -48.54 -25.46 28.90
N SER A 982 -48.66 -25.47 30.23
CA SER A 982 -49.95 -25.27 30.88
C SER A 982 -50.32 -23.80 30.87
N GLU A 983 -49.32 -22.94 31.09
CA GLU A 983 -49.53 -21.50 31.10
C GLU A 983 -50.01 -21.06 29.72
N VAL A 984 -49.41 -21.63 28.68
CA VAL A 984 -49.77 -21.29 27.31
C VAL A 984 -51.24 -21.62 27.05
N ASP A 985 -51.66 -22.82 27.43
CA ASP A 985 -53.05 -23.22 27.20
C ASP A 985 -54.01 -22.29 27.93
N LYS A 986 -53.68 -21.93 29.17
CA LYS A 986 -54.51 -21.04 29.95
C LYS A 986 -54.64 -19.69 29.26
N PHE A 987 -53.51 -19.15 28.81
CA PHE A 987 -53.51 -17.85 28.14
C PHE A 987 -54.43 -17.89 26.93
N ASN A 988 -54.38 -18.99 26.18
CA ASN A 988 -55.20 -19.11 24.99
C ASN A 988 -56.69 -19.21 25.28
N LYS A 989 -57.03 -19.71 26.46
CA LYS A 989 -58.43 -19.81 26.85
C LYS A 989 -58.93 -18.44 27.27
N GLU A 990 -58.05 -17.65 27.86
CA GLU A 990 -58.40 -16.32 28.35
C GLU A 990 -58.23 -15.20 27.33
N ASN A 991 -57.73 -15.53 26.14
CA ASN A 991 -57.51 -14.52 25.10
C ASN A 991 -58.06 -14.93 23.75
N CYS A 992 -58.92 -14.08 23.21
CA CYS A 992 -59.54 -14.37 21.93
C CYS A 992 -58.78 -13.84 20.71
N TRP A 993 -58.07 -12.73 20.87
CA TRP A 993 -57.34 -12.15 19.75
C TRP A 993 -55.82 -12.16 19.88
N LYS A 994 -55.33 -12.96 20.81
CA LYS A 994 -53.90 -13.13 21.03
C LYS A 994 -53.73 -14.58 21.43
N LYS A 995 -52.68 -15.22 20.94
CA LYS A 995 -52.43 -16.61 21.27
C LYS A 995 -50.94 -16.82 21.49
N ARG A 996 -50.60 -17.81 22.30
CA ARG A 996 -49.21 -18.13 22.55
C ARG A 996 -48.90 -19.53 22.04
N GLY A 997 -47.63 -19.76 21.71
CA GLY A 997 -47.19 -21.04 21.21
C GLY A 997 -45.88 -21.41 21.87
N LEU A 998 -45.64 -22.71 21.98
CA LEU A 998 -44.43 -23.22 22.60
C LEU A 998 -43.94 -24.41 21.80
N CYS A 999 -42.64 -24.46 21.52
CA CYS A 999 -42.09 -25.56 20.75
C CYS A 999 -40.63 -25.81 21.06
N ILE A 1000 -40.27 -27.08 21.19
CA ILE A 1000 -38.90 -27.45 21.47
C ILE A 1000 -38.41 -28.30 20.32
N ILE A 1001 -37.29 -27.88 19.74
CA ILE A 1001 -36.72 -28.56 18.58
C ILE A 1001 -35.24 -28.91 18.77
N PRO A 1002 -34.82 -30.06 18.22
CA PRO A 1002 -33.42 -30.48 18.33
C PRO A 1002 -32.77 -30.26 16.97
N THR A 1003 -31.47 -30.51 16.88
CA THR A 1003 -30.77 -30.38 15.62
C THR A 1003 -29.40 -31.03 15.70
N LYS A 1004 -28.92 -31.45 14.55
CA LYS A 1004 -27.59 -32.06 14.44
C LYS A 1004 -27.03 -31.53 13.12
N PHE A 1005 -25.75 -31.22 13.11
CA PHE A 1005 -25.11 -30.68 11.92
C PHE A 1005 -23.81 -31.42 11.66
N GLY A 1006 -23.68 -31.98 10.46
CA GLY A 1006 -22.47 -32.73 10.11
C GLY A 1006 -21.31 -31.78 9.86
N ILE A 1007 -20.20 -32.02 10.55
CA ILE A 1007 -19.03 -31.16 10.42
C ILE A 1007 -17.95 -31.66 9.47
N SER A 1008 -17.65 -30.85 8.46
CA SER A 1008 -16.63 -31.07 7.43
C SER A 1008 -17.12 -30.65 6.04
N PHE A 1009 -16.21 -30.14 5.22
CA PHE A 1009 -16.56 -29.73 3.86
C PHE A 1009 -17.10 -30.97 3.14
N THR A 1010 -18.11 -30.78 2.29
CA THR A 1010 -18.69 -31.88 1.52
C THR A 1010 -17.65 -32.38 0.51
N VAL A 1011 -16.63 -31.56 0.25
CA VAL A 1011 -15.57 -31.94 -0.67
C VAL A 1011 -14.41 -32.37 0.21
N PRO A 1012 -14.08 -33.67 0.22
CA PRO A 1012 -12.99 -34.23 1.03
C PRO A 1012 -11.66 -33.47 1.02
N PHE A 1013 -11.14 -33.15 -0.16
CA PHE A 1013 -9.84 -32.46 -0.19
C PHE A 1013 -9.79 -31.03 0.33
N LEU A 1014 -10.94 -30.42 0.60
CA LEU A 1014 -10.93 -29.07 1.13
C LEU A 1014 -10.68 -29.09 2.63
N ASN A 1015 -10.74 -30.29 3.22
CA ASN A 1015 -10.51 -30.43 4.65
C ASN A 1015 -9.02 -30.55 4.94
N GLN A 1016 -8.29 -29.48 4.60
CA GLN A 1016 -6.85 -29.41 4.82
C GLN A 1016 -6.56 -27.98 5.25
N ALA A 1017 -5.49 -27.79 6.03
CA ALA A 1017 -5.15 -26.48 6.52
C ALA A 1017 -3.66 -26.32 6.79
N GLY A 1018 -3.14 -25.13 6.51
CA GLY A 1018 -1.74 -24.86 6.74
C GLY A 1018 -1.53 -23.64 7.62
N ALA A 1019 -0.38 -23.61 8.29
CA ALA A 1019 -0.03 -22.49 9.16
C ALA A 1019 1.45 -22.21 8.97
N LEU A 1020 1.86 -21.00 9.33
CA LEU A 1020 3.24 -20.58 9.22
C LEU A 1020 3.51 -19.76 10.47
N ILE A 1021 4.53 -20.16 11.23
CA ILE A 1021 4.85 -19.46 12.45
C ILE A 1021 6.31 -19.01 12.52
N HIS A 1022 6.51 -17.76 12.94
CA HIS A 1022 7.85 -17.21 13.08
C HIS A 1022 8.02 -16.72 14.51
N VAL A 1023 9.18 -16.99 15.08
CA VAL A 1023 9.49 -16.50 16.41
C VAL A 1023 10.66 -15.53 16.15
N TYR A 1024 10.49 -14.27 16.49
CA TYR A 1024 11.56 -13.30 16.27
C TYR A 1024 12.51 -13.31 17.46
N THR A 1025 13.68 -12.72 17.27
CA THR A 1025 14.71 -12.70 18.31
C THR A 1025 14.37 -12.04 19.65
N ASP A 1026 13.21 -11.40 19.74
CA ASP A 1026 12.80 -10.77 21.00
C ASP A 1026 11.82 -11.73 21.68
N GLY A 1027 11.57 -12.86 21.03
CA GLY A 1027 10.65 -13.83 21.58
C GLY A 1027 9.22 -13.67 21.12
N SER A 1028 8.90 -12.54 20.49
CA SER A 1028 7.53 -12.32 20.01
C SER A 1028 7.24 -13.30 18.87
N VAL A 1029 6.01 -13.78 18.81
CA VAL A 1029 5.62 -14.75 17.80
C VAL A 1029 4.56 -14.24 16.83
N LEU A 1030 4.82 -14.43 15.53
CA LEU A 1030 3.88 -14.03 14.49
C LEU A 1030 3.27 -15.28 13.89
N VAL A 1031 1.97 -15.45 14.08
CA VAL A 1031 1.29 -16.61 13.55
C VAL A 1031 0.48 -16.27 12.31
N SER A 1032 0.56 -17.14 11.31
CA SER A 1032 -0.19 -16.94 10.08
C SER A 1032 -0.84 -18.28 9.74
N HIS A 1033 -2.08 -18.25 9.26
CA HIS A 1033 -2.75 -19.48 8.88
C HIS A 1033 -3.68 -19.22 7.72
N GLY A 1034 -4.22 -20.28 7.14
CA GLY A 1034 -5.10 -20.13 5.98
C GLY A 1034 -6.48 -19.52 6.23
N GLY A 1035 -6.91 -19.47 7.49
CA GLY A 1035 -8.22 -18.92 7.78
C GLY A 1035 -8.30 -17.40 7.84
N THR A 1036 -9.50 -16.87 7.61
CA THR A 1036 -9.74 -15.43 7.64
C THR A 1036 -10.73 -15.06 8.75
N GLU A 1037 -10.60 -13.82 9.23
CA GLU A 1037 -11.46 -13.32 10.29
C GLU A 1037 -12.64 -12.53 9.72
N MET A 1038 -13.85 -12.93 10.08
CA MET A 1038 -15.04 -12.24 9.64
C MET A 1038 -15.92 -11.89 10.84
N GLY A 1039 -15.34 -12.00 12.02
CA GLY A 1039 -16.06 -11.67 13.24
C GLY A 1039 -16.32 -12.85 14.15
N GLN A 1040 -16.05 -14.06 13.66
CA GLN A 1040 -16.28 -15.27 14.43
C GLN A 1040 -15.22 -15.52 15.51
N GLY A 1041 -14.18 -14.71 15.52
CA GLY A 1041 -13.13 -14.87 16.51
C GLY A 1041 -12.14 -15.98 16.23
N LEU A 1042 -11.90 -16.26 14.95
CA LEU A 1042 -10.96 -17.31 14.57
C LEU A 1042 -9.53 -17.00 15.02
N HIS A 1043 -9.04 -15.80 14.68
CA HIS A 1043 -7.67 -15.44 15.07
C HIS A 1043 -7.53 -15.49 16.59
N THR A 1044 -8.57 -15.03 17.30
CA THR A 1044 -8.54 -15.05 18.75
C THR A 1044 -8.33 -16.47 19.24
N LYS A 1045 -9.13 -17.40 18.72
CA LYS A 1045 -9.01 -18.80 19.10
C LYS A 1045 -7.63 -19.38 18.74
N MET A 1046 -7.10 -19.01 17.57
CA MET A 1046 -5.79 -19.51 17.15
C MET A 1046 -4.68 -18.99 18.06
N VAL A 1047 -4.83 -17.76 18.56
CA VAL A 1047 -3.84 -17.19 19.46
C VAL A 1047 -3.95 -17.94 20.80
N GLN A 1048 -5.17 -18.25 21.21
CA GLN A 1048 -5.40 -19.00 22.44
C GLN A 1048 -4.73 -20.37 22.30
N VAL A 1049 -4.92 -21.01 21.15
CA VAL A 1049 -4.31 -22.31 20.89
C VAL A 1049 -2.79 -22.27 20.95
N ALA A 1050 -2.19 -21.37 20.16
CA ALA A 1050 -0.75 -21.24 20.12
C ALA A 1050 -0.15 -20.98 21.50
N SER A 1051 -0.84 -20.14 22.28
CA SER A 1051 -0.39 -19.80 23.63
C SER A 1051 -0.34 -21.02 24.54
N LYS A 1052 -1.37 -21.86 24.44
CA LYS A 1052 -1.43 -23.07 25.26
C LYS A 1052 -0.33 -24.03 24.82
N ALA A 1053 -0.27 -24.31 23.53
CA ALA A 1053 0.73 -25.24 23.00
C ALA A 1053 2.17 -24.82 23.33
N LEU A 1054 2.47 -23.52 23.21
CA LEU A 1054 3.81 -23.03 23.48
C LEU A 1054 4.04 -22.76 24.95
N LYS A 1055 2.95 -22.68 25.71
CA LYS A 1055 3.02 -22.42 27.14
C LYS A 1055 3.61 -21.04 27.43
N ILE A 1056 3.14 -20.05 26.70
CA ILE A 1056 3.57 -18.66 26.87
C ILE A 1056 2.31 -17.80 26.84
N PRO A 1057 2.35 -16.60 27.42
CA PRO A 1057 1.20 -15.69 27.44
C PRO A 1057 0.76 -15.26 26.04
N ILE A 1058 -0.54 -15.06 25.84
CA ILE A 1058 -1.04 -14.62 24.53
C ILE A 1058 -0.44 -13.28 24.14
N SER A 1059 -0.02 -12.51 25.14
CA SER A 1059 0.57 -11.18 24.91
C SER A 1059 1.81 -11.23 24.01
N LYS A 1060 2.41 -12.40 23.90
CA LYS A 1060 3.61 -12.58 23.08
C LYS A 1060 3.32 -13.15 21.70
N ILE A 1061 2.04 -13.40 21.41
CA ILE A 1061 1.64 -13.97 20.12
C ILE A 1061 0.78 -12.96 19.36
N TYR A 1062 0.91 -12.95 18.04
CA TYR A 1062 0.15 -12.00 17.23
C TYR A 1062 -0.20 -12.57 15.86
N ILE A 1063 -1.39 -12.23 15.39
CA ILE A 1063 -1.84 -12.64 14.06
C ILE A 1063 -2.28 -11.33 13.38
N SER A 1064 -1.58 -10.96 12.33
CA SER A 1064 -1.85 -9.71 11.62
C SER A 1064 -2.88 -9.82 10.48
N GLU A 1065 -2.71 -10.81 9.62
CA GLU A 1065 -3.63 -10.96 8.49
C GLU A 1065 -3.51 -12.33 7.86
N THR A 1066 -4.25 -12.51 6.78
CA THR A 1066 -4.24 -13.74 6.02
C THR A 1066 -3.74 -13.33 4.64
N SER A 1067 -2.75 -14.04 4.11
CA SER A 1067 -2.19 -13.71 2.80
C SER A 1067 -1.76 -14.94 2.02
N THR A 1068 -1.95 -14.90 0.70
CA THR A 1068 -1.60 -16.03 -0.15
C THR A 1068 -0.10 -16.29 -0.26
N ASN A 1069 0.73 -15.38 0.22
CA ASN A 1069 2.18 -15.60 0.14
C ASN A 1069 2.78 -16.08 1.46
N THR A 1070 1.92 -16.40 2.42
CA THR A 1070 2.38 -16.95 3.71
C THR A 1070 1.85 -18.37 3.81
N VAL A 1071 0.58 -18.56 3.45
CA VAL A 1071 -0.05 -19.88 3.44
C VAL A 1071 -0.80 -20.00 2.12
N PRO A 1072 -0.31 -20.86 1.21
CA PRO A 1072 -0.94 -21.07 -0.10
C PRO A 1072 -2.02 -22.14 -0.15
N ASN A 1073 -2.75 -22.16 -1.25
CA ASN A 1073 -3.80 -23.14 -1.53
C ASN A 1073 -4.76 -23.42 -0.38
N SER A 1074 -5.18 -22.36 0.30
CA SER A 1074 -6.09 -22.51 1.43
C SER A 1074 -7.53 -22.70 0.96
N SER A 1075 -8.27 -23.51 1.69
CA SER A 1075 -9.68 -23.71 1.38
C SER A 1075 -10.36 -22.43 1.89
N PRO A 1076 -11.56 -22.12 1.41
CA PRO A 1076 -12.21 -20.91 1.91
C PRO A 1076 -12.51 -21.09 3.39
N THR A 1077 -12.61 -19.98 4.13
CA THR A 1077 -12.91 -20.06 5.55
C THR A 1077 -14.40 -20.38 5.56
N ALA A 1078 -14.73 -21.66 5.71
CA ALA A 1078 -16.11 -22.08 5.67
C ALA A 1078 -16.34 -23.45 6.32
N ALA A 1079 -17.58 -23.92 6.21
CA ALA A 1079 -18.00 -25.21 6.78
C ALA A 1079 -17.79 -25.31 8.28
N SER A 1080 -17.68 -24.16 8.96
CA SER A 1080 -17.50 -24.14 10.41
C SER A 1080 -16.29 -24.91 10.94
N VAL A 1081 -15.42 -25.39 10.05
CA VAL A 1081 -14.27 -26.17 10.50
C VAL A 1081 -12.94 -25.42 10.65
N SER A 1082 -12.97 -24.11 10.46
CA SER A 1082 -11.72 -23.33 10.54
C SER A 1082 -10.97 -23.52 11.86
N THR A 1083 -11.66 -23.43 12.98
CA THR A 1083 -11.02 -23.61 14.28
C THR A 1083 -10.40 -25.01 14.35
N ASP A 1084 -11.17 -26.00 13.89
CA ASP A 1084 -10.76 -27.39 13.89
C ASP A 1084 -9.45 -27.64 13.13
N ILE A 1085 -9.45 -27.27 11.85
CA ILE A 1085 -8.28 -27.52 11.03
C ILE A 1085 -7.11 -26.55 11.20
N TYR A 1086 -7.37 -25.24 11.27
CA TYR A 1086 -6.27 -24.31 11.47
C TYR A 1086 -5.72 -24.42 12.89
N GLY A 1087 -6.57 -24.85 13.82
CA GLY A 1087 -6.10 -25.00 15.19
C GLY A 1087 -5.08 -26.11 15.24
N GLN A 1088 -5.34 -27.16 14.48
CA GLN A 1088 -4.45 -28.30 14.40
C GLN A 1088 -3.15 -27.93 13.68
N ALA A 1089 -3.27 -27.17 12.59
CA ALA A 1089 -2.09 -26.74 11.83
C ALA A 1089 -1.19 -25.88 12.70
N VAL A 1090 -1.80 -24.95 13.45
CA VAL A 1090 -1.07 -24.06 14.34
C VAL A 1090 -0.41 -24.89 15.46
N TYR A 1091 -1.18 -25.82 16.01
CA TYR A 1091 -0.71 -26.71 17.07
C TYR A 1091 0.56 -27.43 16.61
N GLU A 1092 0.49 -28.03 15.43
CA GLU A 1092 1.64 -28.76 14.87
C GLU A 1092 2.85 -27.86 14.73
N ALA A 1093 2.65 -26.68 14.16
CA ALA A 1093 3.74 -25.73 13.98
C ALA A 1093 4.39 -25.40 15.32
N CYS A 1094 3.57 -25.27 16.36
CA CYS A 1094 4.09 -24.97 17.69
C CYS A 1094 4.93 -26.12 18.24
N GLN A 1095 4.51 -27.35 17.95
CA GLN A 1095 5.24 -28.52 18.42
C GLN A 1095 6.63 -28.56 17.82
N THR A 1096 6.73 -28.23 16.53
CA THR A 1096 8.02 -28.22 15.84
C THR A 1096 8.92 -27.18 16.51
N ILE A 1097 8.32 -26.05 16.88
CA ILE A 1097 9.06 -24.98 17.54
C ILE A 1097 9.58 -25.46 18.90
N LEU A 1098 8.71 -26.12 19.66
CA LEU A 1098 9.09 -26.63 20.97
C LEU A 1098 10.21 -27.65 20.84
N LYS A 1099 10.12 -28.50 19.83
CA LYS A 1099 11.13 -29.52 19.57
C LYS A 1099 12.50 -28.87 19.36
N ARG A 1100 12.53 -27.81 18.57
CA ARG A 1100 13.78 -27.11 18.27
C ARG A 1100 14.36 -26.38 19.47
N LEU A 1101 13.49 -25.87 20.34
CA LEU A 1101 13.94 -25.14 21.52
C LEU A 1101 14.35 -26.05 22.67
N GLU A 1102 13.93 -27.31 22.60
CA GLU A 1102 14.23 -28.28 23.65
C GLU A 1102 15.67 -28.30 24.15
N PRO A 1103 16.64 -28.46 23.24
CA PRO A 1103 18.06 -28.48 23.62
C PRO A 1103 18.49 -27.32 24.50
N PHE A 1104 17.98 -26.13 24.20
CA PHE A 1104 18.34 -24.94 24.95
C PHE A 1104 17.60 -24.80 26.27
N LYS A 1105 16.42 -25.41 26.33
CA LYS A 1105 15.63 -25.38 27.56
C LYS A 1105 16.34 -26.26 28.58
N LYS A 1106 16.83 -27.41 28.12
CA LYS A 1106 17.54 -28.33 28.99
C LYS A 1106 18.87 -27.76 29.45
N LYS A 1107 19.56 -27.05 28.55
CA LYS A 1107 20.84 -26.44 28.90
C LYS A 1107 20.64 -25.35 29.95
N ASN A 1108 19.55 -24.59 29.82
CA ASN A 1108 19.26 -23.49 30.73
C ASN A 1108 17.81 -23.59 31.24
N PRO A 1109 17.54 -24.60 32.09
CA PRO A 1109 16.23 -24.87 32.70
C PRO A 1109 15.53 -23.71 33.38
N ASP A 1110 16.30 -22.88 34.08
CA ASP A 1110 15.73 -21.74 34.79
C ASP A 1110 15.70 -20.47 33.95
N GLY A 1111 15.95 -20.61 32.66
CA GLY A 1111 15.94 -19.46 31.78
C GLY A 1111 14.55 -19.07 31.33
N SER A 1112 14.43 -17.94 30.65
CA SER A 1112 13.15 -17.46 30.15
C SER A 1112 12.94 -17.91 28.71
N TRP A 1113 11.71 -17.70 28.22
CA TRP A 1113 11.37 -18.02 26.85
C TRP A 1113 12.28 -17.20 25.95
N GLU A 1114 12.53 -15.96 26.34
CA GLU A 1114 13.39 -15.08 25.56
C GLU A 1114 14.82 -15.61 25.52
N ASP A 1115 15.29 -16.14 26.64
CA ASP A 1115 16.65 -16.69 26.71
C ASP A 1115 16.80 -17.87 25.74
N TRP A 1116 15.85 -18.79 25.75
CA TRP A 1116 15.93 -19.96 24.89
C TRP A 1116 15.85 -19.60 23.40
N VAL A 1117 15.01 -18.62 23.08
CA VAL A 1117 14.87 -18.20 21.68
C VAL A 1117 16.16 -17.60 21.16
N MET A 1118 16.78 -16.72 21.94
CA MET A 1118 18.04 -16.10 21.51
C MET A 1118 19.14 -17.16 21.39
N ALA A 1119 19.16 -18.10 22.33
CA ALA A 1119 20.18 -19.15 22.30
C ALA A 1119 20.03 -19.98 21.03
N ALA A 1120 18.79 -20.27 20.65
CA ALA A 1120 18.53 -21.04 19.44
C ALA A 1120 19.02 -20.25 18.23
N TYR A 1121 18.68 -18.97 18.20
CA TYR A 1121 19.09 -18.10 17.10
C TYR A 1121 20.62 -18.06 17.01
N GLN A 1122 21.26 -17.91 18.17
CA GLN A 1122 22.73 -17.85 18.26
C GLN A 1122 23.38 -19.15 17.80
N ASP A 1123 22.65 -20.25 17.93
CA ASP A 1123 23.15 -21.56 17.55
C ASP A 1123 22.72 -21.92 16.14
N ARG A 1124 22.15 -20.93 15.44
CA ARG A 1124 21.68 -21.10 14.08
C ARG A 1124 20.64 -22.21 13.91
N VAL A 1125 19.60 -22.13 14.73
CA VAL A 1125 18.48 -23.06 14.67
C VAL A 1125 17.31 -22.24 14.16
N SER A 1126 16.74 -22.65 13.02
CA SER A 1126 15.61 -21.92 12.44
C SER A 1126 14.41 -21.79 13.38
N LEU A 1127 13.90 -20.57 13.50
CA LEU A 1127 12.75 -20.30 14.35
C LEU A 1127 11.51 -20.03 13.49
N SER A 1128 11.47 -20.69 12.34
CA SER A 1128 10.34 -20.56 11.42
C SER A 1128 9.91 -21.93 10.93
N THR A 1129 8.61 -22.17 10.90
CA THR A 1129 8.12 -23.44 10.42
C THR A 1129 6.67 -23.41 9.99
N THR A 1130 6.30 -24.38 9.16
CA THR A 1130 4.93 -24.49 8.69
C THR A 1130 4.25 -25.54 9.57
N GLY A 1131 2.93 -25.60 9.48
CA GLY A 1131 2.15 -26.55 10.23
C GLY A 1131 1.08 -26.99 9.25
N PHE A 1132 0.64 -28.25 9.31
CA PHE A 1132 -0.36 -28.72 8.38
C PHE A 1132 -1.26 -29.77 9.01
N TYR A 1133 -2.50 -29.84 8.56
CA TYR A 1133 -3.45 -30.81 9.07
C TYR A 1133 -4.40 -31.27 7.98
N ARG A 1134 -4.78 -32.54 8.09
CA ARG A 1134 -5.67 -33.19 7.14
C ARG A 1134 -6.69 -33.99 7.97
N THR A 1135 -7.98 -33.71 7.78
CA THR A 1135 -9.01 -34.43 8.51
C THR A 1135 -9.03 -35.87 7.99
N PRO A 1136 -8.77 -36.83 8.89
CA PRO A 1136 -8.76 -38.24 8.50
C PRO A 1136 -10.10 -38.92 8.18
N ASN A 1137 -10.01 -39.98 7.39
CA ASN A 1137 -11.14 -40.82 7.00
C ASN A 1137 -12.41 -40.16 6.51
N LEU A 1138 -12.31 -39.38 5.43
CA LEU A 1138 -13.48 -38.72 4.86
C LEU A 1138 -13.64 -39.16 3.41
N GLY A 1139 -14.89 -39.22 2.95
CA GLY A 1139 -15.14 -39.62 1.58
C GLY A 1139 -16.44 -40.37 1.42
N TYR A 1140 -17.52 -39.64 1.23
CA TYR A 1140 -18.83 -40.24 1.05
C TYR A 1140 -19.16 -40.30 -0.44
N SER A 1141 -20.00 -41.26 -0.82
CA SER A 1141 -20.41 -41.40 -2.21
C SER A 1141 -21.93 -41.53 -2.31
N PHE A 1142 -22.54 -40.68 -3.12
CA PHE A 1142 -23.98 -40.74 -3.29
C PHE A 1142 -24.38 -41.93 -4.18
N GLU A 1143 -23.38 -42.54 -4.81
CA GLU A 1143 -23.62 -43.68 -5.68
C GLU A 1143 -23.87 -44.96 -4.86
N THR A 1144 -23.05 -45.15 -3.84
CA THR A 1144 -23.13 -46.33 -2.99
C THR A 1144 -23.70 -46.07 -1.60
N ASN A 1145 -23.99 -44.80 -1.31
CA ASN A 1145 -24.51 -44.42 0.01
C ASN A 1145 -23.61 -45.03 1.08
N SER A 1146 -22.31 -44.82 0.92
CA SER A 1146 -21.32 -45.34 1.86
C SER A 1146 -20.17 -44.34 2.01
N GLY A 1147 -19.37 -44.52 3.06
CA GLY A 1147 -18.24 -43.63 3.29
C GLY A 1147 -18.60 -42.55 4.29
N ASN A 1148 -17.61 -42.07 5.03
CA ASN A 1148 -17.82 -41.02 6.03
C ASN A 1148 -17.94 -39.63 5.42
N ALA A 1149 -19.12 -39.04 5.53
CA ALA A 1149 -19.36 -37.70 5.01
C ALA A 1149 -18.79 -36.67 5.98
N PHE A 1150 -18.92 -36.93 7.27
CA PHE A 1150 -18.44 -35.99 8.27
C PHE A 1150 -17.49 -36.60 9.29
N HIS A 1151 -16.79 -35.73 10.01
CA HIS A 1151 -15.84 -36.13 11.03
C HIS A 1151 -16.58 -36.35 12.35
N TYR A 1152 -17.64 -35.58 12.57
CA TYR A 1152 -18.45 -35.70 13.77
C TYR A 1152 -19.64 -34.76 13.61
N PHE A 1153 -20.54 -34.75 14.59
CA PHE A 1153 -21.71 -33.89 14.52
C PHE A 1153 -21.80 -32.97 15.72
N THR A 1154 -22.33 -31.78 15.49
CA THR A 1154 -22.52 -30.79 16.56
C THR A 1154 -24.01 -30.82 16.83
N TYR A 1155 -24.39 -30.84 18.10
CA TYR A 1155 -25.81 -30.92 18.45
C TYR A 1155 -26.31 -29.79 19.34
N GLY A 1156 -27.63 -29.66 19.41
CA GLY A 1156 -28.23 -28.65 20.25
C GLY A 1156 -29.75 -28.76 20.25
N VAL A 1157 -30.37 -28.10 21.22
CA VAL A 1157 -31.83 -28.11 21.36
C VAL A 1157 -32.27 -26.72 21.78
N ALA A 1158 -33.44 -26.30 21.27
CA ALA A 1158 -33.96 -24.98 21.61
C ALA A 1158 -35.46 -25.01 21.80
N CYS A 1159 -35.92 -24.32 22.84
CA CYS A 1159 -37.34 -24.22 23.15
C CYS A 1159 -37.71 -22.75 23.12
N SER A 1160 -38.70 -22.40 22.29
CA SER A 1160 -39.13 -21.02 22.17
C SER A 1160 -40.63 -20.84 22.38
N GLU A 1161 -40.99 -19.72 23.00
CA GLU A 1161 -42.38 -19.38 23.25
C GLU A 1161 -42.62 -18.01 22.62
N VAL A 1162 -43.79 -17.86 21.99
CA VAL A 1162 -44.12 -16.60 21.36
C VAL A 1162 -45.56 -16.22 21.66
N GLU A 1163 -45.94 -15.00 21.29
CA GLU A 1163 -47.30 -14.52 21.43
C GLU A 1163 -47.62 -13.80 20.15
N ILE A 1164 -48.69 -14.18 19.47
CA ILE A 1164 -49.06 -13.53 18.24
C ILE A 1164 -50.29 -12.65 18.43
N ASP A 1165 -50.35 -11.58 17.65
CA ASP A 1165 -51.49 -10.67 17.66
C ASP A 1165 -52.29 -11.23 16.49
N CYS A 1166 -53.41 -11.88 16.79
CA CYS A 1166 -54.24 -12.49 15.77
C CYS A 1166 -54.90 -11.49 14.83
N LEU A 1167 -54.86 -10.22 15.20
CA LEU A 1167 -55.47 -9.17 14.38
C LEU A 1167 -54.51 -8.41 13.47
N THR A 1168 -53.21 -8.44 13.78
CA THR A 1168 -52.22 -7.72 12.97
C THR A 1168 -51.10 -8.54 12.35
N GLY A 1169 -50.78 -9.69 12.95
CA GLY A 1169 -49.70 -10.50 12.42
C GLY A 1169 -48.39 -10.28 13.14
N ASP A 1170 -48.34 -9.26 13.99
CA ASP A 1170 -47.14 -8.99 14.76
C ASP A 1170 -47.04 -10.09 15.81
N HIS A 1171 -45.86 -10.27 16.40
CA HIS A 1171 -45.70 -11.28 17.45
C HIS A 1171 -44.49 -10.96 18.32
N LYS A 1172 -44.51 -11.52 19.53
CA LYS A 1172 -43.43 -11.33 20.48
C LYS A 1172 -42.68 -12.65 20.65
N ASN A 1173 -41.37 -12.55 20.77
CA ASN A 1173 -40.56 -13.73 21.03
C ASN A 1173 -40.38 -13.60 22.54
N LEU A 1174 -41.24 -14.28 23.29
CA LEU A 1174 -41.24 -14.20 24.75
C LEU A 1174 -40.02 -14.82 25.42
N ARG A 1175 -39.69 -16.06 25.05
CA ARG A 1175 -38.57 -16.71 25.67
C ARG A 1175 -37.99 -17.84 24.84
N THR A 1176 -36.67 -17.97 24.92
CA THR A 1176 -35.96 -19.03 24.21
C THR A 1176 -34.89 -19.56 25.14
N ASP A 1177 -34.82 -20.89 25.23
CA ASP A 1177 -33.84 -21.57 26.05
C ASP A 1177 -33.07 -22.48 25.09
N ILE A 1178 -31.74 -22.38 25.12
CA ILE A 1178 -30.91 -23.18 24.23
C ILE A 1178 -29.86 -23.99 24.97
N VAL A 1179 -29.71 -25.25 24.58
CA VAL A 1179 -28.68 -26.10 25.16
C VAL A 1179 -27.90 -26.57 23.96
N MET A 1180 -26.63 -26.17 23.88
CA MET A 1180 -25.79 -26.52 22.74
C MET A 1180 -24.56 -27.33 23.14
N ASP A 1181 -24.23 -28.33 22.32
CA ASP A 1181 -23.07 -29.16 22.58
C ASP A 1181 -21.89 -28.75 21.69
N VAL A 1182 -20.97 -27.98 22.25
CA VAL A 1182 -19.79 -27.55 21.52
C VAL A 1182 -18.56 -28.20 22.14
N GLY A 1183 -18.76 -29.40 22.69
CA GLY A 1183 -17.67 -30.12 23.33
C GLY A 1183 -17.03 -29.25 24.39
N SER A 1184 -15.72 -29.34 24.52
CA SER A 1184 -15.01 -28.51 25.50
C SER A 1184 -14.65 -27.21 24.77
N SER A 1185 -15.52 -26.22 24.89
CA SER A 1185 -15.35 -24.92 24.26
C SER A 1185 -13.96 -24.32 24.47
N LEU A 1186 -13.36 -23.83 23.38
CA LEU A 1186 -12.04 -23.20 23.45
C LEU A 1186 -12.20 -21.82 24.07
N ASN A 1187 -13.38 -21.25 23.87
CA ASN A 1187 -13.70 -19.92 24.37
C ASN A 1187 -15.21 -19.82 24.50
N PRO A 1188 -15.76 -20.06 25.70
CA PRO A 1188 -17.22 -19.99 25.87
C PRO A 1188 -17.87 -18.66 25.50
N ALA A 1189 -17.14 -17.55 25.61
CA ALA A 1189 -17.70 -16.25 25.27
C ALA A 1189 -17.96 -16.18 23.76
N ILE A 1190 -16.96 -16.56 22.97
CA ILE A 1190 -17.09 -16.54 21.53
C ILE A 1190 -18.13 -17.56 21.06
N ASP A 1191 -18.12 -18.75 21.66
CA ASP A 1191 -19.08 -19.78 21.25
C ASP A 1191 -20.53 -19.45 21.58
N ILE A 1192 -20.77 -18.85 22.74
CA ILE A 1192 -22.13 -18.47 23.10
C ILE A 1192 -22.53 -17.37 22.10
N GLY A 1193 -21.57 -16.53 21.74
CA GLY A 1193 -21.82 -15.47 20.78
C GLY A 1193 -22.20 -16.05 19.43
N GLN A 1194 -21.56 -17.14 19.05
CA GLN A 1194 -21.86 -17.80 17.78
C GLN A 1194 -23.25 -18.43 17.86
N VAL A 1195 -23.58 -18.97 19.02
CA VAL A 1195 -24.89 -19.60 19.22
C VAL A 1195 -25.98 -18.54 19.12
N GLU A 1196 -25.82 -17.45 19.86
CA GLU A 1196 -26.82 -16.39 19.83
C GLU A 1196 -26.90 -15.73 18.45
N GLY A 1197 -25.74 -15.47 17.85
CA GLY A 1197 -25.74 -14.86 16.52
C GLY A 1197 -26.40 -15.72 15.46
N ALA A 1198 -26.04 -17.00 15.43
CA ALA A 1198 -26.61 -17.92 14.45
C ALA A 1198 -28.11 -18.07 14.67
N PHE A 1199 -28.52 -18.17 15.93
CA PHE A 1199 -29.93 -18.33 16.28
C PHE A 1199 -30.76 -17.16 15.76
N VAL A 1200 -30.22 -15.95 15.90
CA VAL A 1200 -30.94 -14.76 15.45
C VAL A 1200 -31.02 -14.68 13.92
N GLN A 1201 -29.98 -15.12 13.21
CA GLN A 1201 -30.05 -15.11 11.75
C GLN A 1201 -31.08 -16.14 11.29
N GLY A 1202 -31.20 -17.24 12.05
CA GLY A 1202 -32.18 -18.27 11.71
C GLY A 1202 -33.56 -17.69 11.96
N LEU A 1203 -33.68 -17.00 13.09
CA LEU A 1203 -34.93 -16.36 13.47
C LEU A 1203 -35.34 -15.43 12.33
N GLY A 1204 -34.34 -14.74 11.76
CA GLY A 1204 -34.62 -13.83 10.66
C GLY A 1204 -35.10 -14.58 9.43
N LEU A 1205 -34.39 -15.64 9.08
CA LEU A 1205 -34.75 -16.46 7.93
C LEU A 1205 -36.19 -16.96 7.99
N PHE A 1206 -36.57 -17.50 9.14
CA PHE A 1206 -37.89 -18.09 9.32
C PHE A 1206 -39.07 -17.16 9.68
N THR A 1207 -38.79 -15.93 10.09
CA THR A 1207 -39.89 -15.07 10.52
C THR A 1207 -39.93 -13.61 10.10
N LEU A 1208 -38.84 -13.09 9.53
CA LEU A 1208 -38.82 -11.67 9.19
C LEU A 1208 -38.30 -11.31 7.81
N GLU A 1209 -37.22 -11.96 7.41
CA GLU A 1209 -36.56 -11.69 6.14
C GLU A 1209 -37.26 -12.28 4.93
N GLU A 1210 -37.53 -11.44 3.94
CA GLU A 1210 -38.18 -11.88 2.73
C GLU A 1210 -37.77 -10.98 1.57
N LEU A 1211 -37.40 -11.60 0.46
CA LEU A 1211 -37.00 -10.88 -0.74
C LEU A 1211 -38.13 -11.00 -1.75
N HIS A 1212 -38.54 -9.87 -2.35
CA HIS A 1212 -39.60 -9.88 -3.33
C HIS A 1212 -39.07 -9.55 -4.72
N TYR A 1213 -39.56 -10.28 -5.72
CA TYR A 1213 -39.16 -10.09 -7.11
C TYR A 1213 -40.39 -9.86 -7.98
N SER A 1214 -40.24 -9.06 -9.02
CA SER A 1214 -41.35 -8.81 -9.94
C SER A 1214 -41.48 -10.11 -10.75
N PRO A 1215 -42.61 -10.27 -11.48
CA PRO A 1215 -42.79 -11.49 -12.27
C PRO A 1215 -41.68 -11.66 -13.32
N GLU A 1216 -41.10 -10.55 -13.77
CA GLU A 1216 -40.04 -10.60 -14.77
C GLU A 1216 -38.65 -10.86 -14.21
N GLY A 1217 -38.57 -11.08 -12.89
CA GLY A 1217 -37.30 -11.38 -12.26
C GLY A 1217 -36.46 -10.23 -11.73
N SER A 1218 -37.08 -9.09 -11.46
CA SER A 1218 -36.33 -7.95 -10.93
C SER A 1218 -36.58 -7.81 -9.43
N LEU A 1219 -35.50 -7.87 -8.65
CA LEU A 1219 -35.59 -7.76 -7.19
C LEU A 1219 -36.12 -6.39 -6.76
N HIS A 1220 -37.18 -6.41 -5.94
CA HIS A 1220 -37.79 -5.18 -5.42
C HIS A 1220 -37.08 -4.71 -4.13
N THR A 1221 -36.78 -5.66 -3.25
CA THR A 1221 -36.16 -5.35 -1.96
C THR A 1221 -34.64 -5.28 -2.01
N ARG A 1222 -34.11 -4.06 -2.09
CA ARG A 1222 -32.68 -3.83 -2.19
C ARG A 1222 -32.08 -2.94 -1.12
N GLY A 1223 -32.63 -2.98 0.10
CA GLY A 1223 -32.10 -2.16 1.17
C GLY A 1223 -32.78 -2.48 2.49
N PRO A 1224 -32.23 -2.00 3.63
CA PRO A 1224 -32.82 -2.26 4.94
C PRO A 1224 -34.24 -1.72 5.09
N SER A 1225 -34.62 -0.74 4.27
CA SER A 1225 -35.95 -0.18 4.35
C SER A 1225 -37.02 -1.21 3.95
N THR A 1226 -36.66 -2.13 3.07
CA THR A 1226 -37.60 -3.15 2.63
C THR A 1226 -37.23 -4.57 3.04
N TYR A 1227 -35.97 -4.81 3.34
CA TYR A 1227 -35.51 -6.13 3.76
C TYR A 1227 -35.25 -5.98 5.25
N LYS A 1228 -36.08 -6.62 6.06
CA LYS A 1228 -35.98 -6.51 7.50
C LYS A 1228 -35.30 -7.64 8.24
N ILE A 1229 -34.04 -7.43 8.62
CA ILE A 1229 -33.32 -8.44 9.39
C ILE A 1229 -33.67 -8.20 10.86
N PRO A 1230 -33.32 -9.13 11.74
CA PRO A 1230 -33.65 -8.92 13.16
C PRO A 1230 -33.08 -7.62 13.73
N ALA A 1231 -33.88 -6.95 14.56
CA ALA A 1231 -33.49 -5.70 15.20
C ALA A 1231 -33.28 -5.94 16.70
N PHE A 1232 -32.76 -4.96 17.41
CA PHE A 1232 -32.54 -5.11 18.85
C PHE A 1232 -33.81 -5.65 19.51
N GLY A 1233 -34.96 -5.08 19.12
CA GLY A 1233 -36.22 -5.51 19.70
C GLY A 1233 -36.80 -6.81 19.19
N SER A 1234 -36.12 -7.46 18.25
CA SER A 1234 -36.60 -8.72 17.67
C SER A 1234 -36.20 -9.96 18.47
N ILE A 1235 -35.21 -9.83 19.35
CA ILE A 1235 -34.74 -10.99 20.09
C ILE A 1235 -35.64 -11.43 21.25
N PRO A 1236 -35.57 -12.71 21.62
CA PRO A 1236 -36.40 -13.18 22.74
C PRO A 1236 -36.12 -12.35 23.98
N THR A 1237 -37.19 -11.89 24.62
CA THR A 1237 -37.09 -11.08 25.82
C THR A 1237 -36.32 -11.80 26.91
N GLU A 1238 -36.60 -13.09 27.08
CA GLU A 1238 -35.89 -13.91 28.04
C GLU A 1238 -35.05 -14.78 27.14
N PHE A 1239 -33.73 -14.62 27.22
CA PHE A 1239 -32.80 -15.35 26.35
C PHE A 1239 -31.80 -16.12 27.20
N ARG A 1240 -31.96 -17.44 27.24
CA ARG A 1240 -31.06 -18.29 28.02
C ARG A 1240 -30.28 -19.23 27.12
N VAL A 1241 -28.96 -19.25 27.30
CA VAL A 1241 -28.09 -20.11 26.52
C VAL A 1241 -27.15 -20.88 27.45
N SER A 1242 -27.09 -22.20 27.25
CA SER A 1242 -26.24 -23.06 28.06
C SER A 1242 -25.38 -23.96 27.17
N LEU A 1243 -24.11 -24.13 27.53
CA LEU A 1243 -23.21 -24.98 26.79
C LEU A 1243 -23.15 -26.30 27.56
N LEU A 1244 -23.45 -27.39 26.86
CA LEU A 1244 -23.45 -28.71 27.49
C LEU A 1244 -22.14 -28.99 28.22
N ARG A 1245 -22.26 -29.38 29.49
CA ARG A 1245 -21.09 -29.67 30.33
C ARG A 1245 -20.57 -31.09 30.13
N ASP A 1246 -19.30 -31.29 30.46
CA ASP A 1246 -18.63 -32.58 30.37
C ASP A 1246 -19.00 -33.41 29.13
N CYS A 1247 -18.61 -32.91 27.97
CA CYS A 1247 -18.88 -33.59 26.71
C CYS A 1247 -17.72 -33.38 25.74
N PRO A 1248 -16.49 -33.69 26.18
CA PRO A 1248 -15.31 -33.51 25.33
C PRO A 1248 -15.40 -34.25 23.98
N ASN A 1249 -14.90 -33.59 22.94
CA ASN A 1249 -14.89 -34.16 21.60
C ASN A 1249 -13.48 -34.57 21.21
N LYS A 1250 -13.18 -35.86 21.35
CA LYS A 1250 -11.85 -36.37 21.02
C LYS A 1250 -11.53 -36.23 19.54
N LYS A 1251 -12.49 -35.78 18.74
CA LYS A 1251 -12.30 -35.62 17.31
C LYS A 1251 -11.72 -34.28 16.86
N ALA A 1252 -11.59 -33.32 17.78
CA ALA A 1252 -11.06 -32.01 17.41
C ALA A 1252 -10.13 -31.37 18.44
N ILE A 1253 -9.39 -30.37 17.97
CA ILE A 1253 -8.42 -29.63 18.78
C ILE A 1253 -8.91 -29.31 20.19
N TYR A 1254 -8.15 -29.77 21.17
CA TYR A 1254 -8.46 -29.57 22.58
C TYR A 1254 -9.89 -29.92 22.96
N ALA A 1255 -10.43 -30.95 22.30
CA ALA A 1255 -11.77 -31.46 22.56
C ALA A 1255 -12.94 -30.52 22.28
N SER A 1256 -12.74 -29.56 21.37
CA SER A 1256 -13.80 -28.63 21.03
C SER A 1256 -14.62 -29.12 19.84
N LYS A 1257 -15.64 -28.34 19.47
CA LYS A 1257 -16.50 -28.66 18.34
C LYS A 1257 -16.81 -27.40 17.54
N ALA A 1258 -17.03 -27.57 16.24
CA ALA A 1258 -17.37 -26.46 15.36
C ALA A 1258 -18.69 -25.87 15.88
N VAL A 1259 -18.83 -24.55 15.81
CA VAL A 1259 -20.04 -23.89 16.30
C VAL A 1259 -20.67 -22.89 15.34
N GLY A 1260 -19.91 -22.47 14.32
CA GLY A 1260 -20.42 -21.49 13.37
C GLY A 1260 -21.84 -21.60 12.84
N GLU A 1261 -22.12 -22.69 12.12
CA GLU A 1261 -23.42 -22.91 11.50
C GLU A 1261 -24.48 -23.72 12.24
N PRO A 1262 -24.07 -24.78 12.95
CA PRO A 1262 -25.01 -25.64 13.70
C PRO A 1262 -26.18 -25.00 14.45
N PRO A 1263 -25.95 -23.88 15.16
CA PRO A 1263 -27.05 -23.26 15.90
C PRO A 1263 -28.11 -22.53 15.10
N LEU A 1264 -27.79 -22.15 13.86
CA LEU A 1264 -28.74 -21.40 13.07
C LEU A 1264 -30.14 -22.01 12.94
N PHE A 1265 -30.22 -23.31 12.62
CA PHE A 1265 -31.53 -23.92 12.47
C PHE A 1265 -32.39 -23.85 13.71
N LEU A 1266 -31.77 -23.80 14.90
CA LEU A 1266 -32.55 -23.74 16.13
C LEU A 1266 -33.50 -22.53 16.13
N GLY A 1267 -33.27 -21.61 15.20
CA GLY A 1267 -34.13 -20.44 15.10
C GLY A 1267 -35.53 -20.87 14.67
N ALA A 1268 -35.62 -22.05 14.08
CA ALA A 1268 -36.91 -22.59 13.63
C ALA A 1268 -37.85 -22.87 14.80
N SER A 1269 -37.30 -22.94 16.01
CA SER A 1269 -38.13 -23.19 17.18
C SER A 1269 -39.16 -22.07 17.31
N VAL A 1270 -38.79 -20.87 16.86
CA VAL A 1270 -39.70 -19.73 16.91
C VAL A 1270 -40.78 -19.88 15.85
N PHE A 1271 -40.39 -20.39 14.68
CA PHE A 1271 -41.33 -20.59 13.58
C PHE A 1271 -42.42 -21.57 13.99
N PHE A 1272 -42.03 -22.69 14.58
CA PHE A 1272 -43.01 -23.68 14.99
C PHE A 1272 -43.81 -23.31 16.21
N ALA A 1273 -43.29 -22.40 17.03
CA ALA A 1273 -44.04 -21.95 18.19
C ALA A 1273 -45.14 -21.07 17.60
N ILE A 1274 -44.77 -20.30 16.59
CA ILE A 1274 -45.73 -19.42 15.91
C ILE A 1274 -46.84 -20.24 15.27
N LYS A 1275 -46.48 -21.34 14.61
CA LYS A 1275 -47.49 -22.18 13.96
C LYS A 1275 -48.41 -22.81 15.01
N ASP A 1276 -47.85 -23.06 16.20
CA ASP A 1276 -48.61 -23.63 17.30
C ASP A 1276 -49.65 -22.59 17.72
N ALA A 1277 -49.21 -21.34 17.85
CA ALA A 1277 -50.09 -20.25 18.24
C ALA A 1277 -51.19 -20.05 17.19
N ILE A 1278 -50.81 -20.17 15.92
CA ILE A 1278 -51.76 -20.01 14.83
C ILE A 1278 -52.84 -21.09 14.90
N ARG A 1279 -52.45 -22.31 15.27
CA ARG A 1279 -53.41 -23.39 15.38
C ARG A 1279 -54.43 -23.07 16.47
N ALA A 1280 -53.98 -22.42 17.54
CA ALA A 1280 -54.88 -22.06 18.63
C ALA A 1280 -55.87 -21.02 18.15
N ALA A 1281 -55.41 -20.11 17.30
CA ALA A 1281 -56.24 -19.06 16.74
C ALA A 1281 -57.28 -19.62 15.76
N ARG A 1282 -56.88 -20.59 14.94
CA ARG A 1282 -57.81 -21.18 13.99
C ARG A 1282 -58.87 -22.00 14.72
N ALA A 1283 -58.47 -22.66 15.80
CA ALA A 1283 -59.41 -23.46 16.58
C ALA A 1283 -60.43 -22.52 17.22
N GLN A 1284 -59.97 -21.30 17.51
CA GLN A 1284 -60.78 -20.26 18.12
C GLN A 1284 -61.83 -19.67 17.17
N HIS A 1285 -61.39 -19.24 15.99
CA HIS A 1285 -62.30 -18.63 15.02
C HIS A 1285 -62.48 -19.33 13.68
N THR A 1286 -61.59 -20.26 13.35
CA THR A 1286 -61.68 -20.94 12.05
C THR A 1286 -62.50 -22.23 12.06
N ASN A 1287 -61.81 -23.37 12.11
CA ASN A 1287 -62.49 -24.66 12.10
C ASN A 1287 -62.55 -25.27 13.51
N ASN A 1288 -63.08 -26.48 13.57
CA ASN A 1288 -63.19 -27.21 14.83
C ASN A 1288 -62.40 -28.50 14.67
N ASN A 1289 -61.85 -28.69 13.48
CA ASN A 1289 -61.07 -29.88 13.18
C ASN A 1289 -59.70 -29.81 13.87
N THR A 1290 -59.57 -30.55 14.96
CA THR A 1290 -58.34 -30.59 15.74
C THR A 1290 -57.19 -31.27 15.01
N LYS A 1291 -57.50 -31.92 13.89
CA LYS A 1291 -56.48 -32.63 13.11
C LYS A 1291 -56.16 -31.93 11.80
N GLU A 1292 -56.69 -30.73 11.61
CA GLU A 1292 -56.46 -29.99 10.38
C GLU A 1292 -54.98 -29.65 10.19
N LEU A 1293 -54.49 -29.82 8.96
CA LEU A 1293 -53.11 -29.52 8.64
C LEU A 1293 -53.07 -28.37 7.64
N PHE A 1294 -52.83 -27.16 8.13
CA PHE A 1294 -52.77 -26.01 7.25
C PHE A 1294 -51.32 -25.74 6.89
N ARG A 1295 -51.09 -25.31 5.65
CA ARG A 1295 -49.75 -25.03 5.19
C ARG A 1295 -49.24 -23.68 5.66
N LEU A 1296 -47.98 -23.62 6.04
CA LEU A 1296 -47.35 -22.38 6.48
C LEU A 1296 -45.91 -22.40 5.96
N ASP A 1297 -45.68 -21.65 4.89
CA ASP A 1297 -44.35 -21.57 4.29
C ASP A 1297 -43.49 -20.62 5.12
N SER A 1298 -42.19 -20.67 4.87
CA SER A 1298 -41.25 -19.79 5.55
C SER A 1298 -40.90 -18.69 4.54
N PRO A 1299 -40.70 -17.45 5.01
CA PRO A 1299 -40.77 -17.03 6.43
C PRO A 1299 -42.20 -16.74 6.90
N ALA A 1300 -42.46 -17.05 8.16
CA ALA A 1300 -43.77 -16.79 8.76
C ALA A 1300 -43.77 -15.32 9.16
N THR A 1301 -44.03 -14.46 8.17
CA THR A 1301 -44.08 -13.02 8.37
C THR A 1301 -45.45 -12.62 8.90
N PRO A 1302 -45.61 -11.34 9.27
CA PRO A 1302 -46.93 -10.93 9.77
C PRO A 1302 -48.01 -11.17 8.71
N GLU A 1303 -47.64 -11.07 7.44
CA GLU A 1303 -48.62 -11.32 6.38
C GLU A 1303 -49.12 -12.75 6.48
N LYS A 1304 -48.19 -13.70 6.56
CA LYS A 1304 -48.57 -15.10 6.63
C LYS A 1304 -49.27 -15.44 7.93
N ILE A 1305 -48.80 -14.86 9.03
CA ILE A 1305 -49.42 -15.11 10.33
C ILE A 1305 -50.86 -14.59 10.36
N ARG A 1306 -51.07 -13.36 9.91
CA ARG A 1306 -52.40 -12.77 9.92
C ARG A 1306 -53.36 -13.47 8.97
N ASN A 1307 -52.88 -13.79 7.77
CA ASN A 1307 -53.70 -14.48 6.78
C ASN A 1307 -54.11 -15.87 7.27
N ALA A 1308 -53.23 -16.51 8.03
CA ALA A 1308 -53.50 -17.85 8.55
C ALA A 1308 -54.53 -17.80 9.68
N CYS A 1309 -54.65 -16.65 10.34
CA CYS A 1309 -55.63 -16.53 11.43
C CYS A 1309 -56.99 -16.18 10.81
N VAL A 1310 -57.54 -17.14 10.07
CA VAL A 1310 -58.83 -16.95 9.42
C VAL A 1310 -59.92 -16.62 10.41
N ASP A 1311 -60.69 -15.58 10.11
CA ASP A 1311 -61.79 -15.15 10.96
C ASP A 1311 -62.83 -14.41 10.14
N LYS A 1312 -63.76 -13.73 10.82
CA LYS A 1312 -64.81 -13.01 10.12
C LYS A 1312 -64.25 -11.86 9.30
N PHE A 1313 -63.06 -11.39 9.68
CA PHE A 1313 -62.44 -10.29 8.96
C PHE A 1313 -61.73 -10.75 7.69
N THR A 1314 -60.97 -11.83 7.78
CA THR A 1314 -60.27 -12.35 6.61
C THR A 1314 -61.33 -12.81 5.60
N THR A 1315 -62.43 -13.33 6.11
CA THR A 1315 -63.52 -13.80 5.27
C THR A 1315 -64.23 -12.67 4.53
N LEU A 1316 -64.46 -11.54 5.21
CA LEU A 1316 -65.14 -10.41 4.58
C LEU A 1316 -64.30 -9.86 3.42
N CYS A 1317 -62.98 -9.85 3.59
CA CYS A 1317 -62.08 -9.36 2.55
C CYS A 1317 -61.95 -10.38 1.42
N VAL A 1318 -61.94 -11.65 1.79
CA VAL A 1318 -61.81 -12.74 0.82
C VAL A 1318 -60.52 -12.55 0.02
N THR A 1319 -60.62 -12.55 -1.30
CA THR A 1319 -59.46 -12.37 -2.17
C THR A 1319 -59.84 -12.54 -3.64
N GLY A 1320 -60.52 -13.64 -3.96
CA GLY A 1320 -60.93 -13.89 -5.33
C GLY A 1320 -62.36 -14.37 -5.42
N ALA A 1321 -63.19 -13.60 -6.13
CA ALA A 1321 -64.60 -13.94 -6.30
C ALA A 1321 -65.30 -14.05 -4.96
N PRO A 1322 -65.21 -12.98 -4.12
CA PRO A 1322 -65.84 -12.95 -2.80
C PRO A 1322 -67.36 -12.99 -2.90
N GLY A 1323 -68.04 -12.30 -1.98
CA GLY A 1323 -69.48 -12.26 -2.02
C GLY A 1323 -69.88 -11.51 -3.27
N ASN A 1324 -68.86 -11.06 -3.99
CA ASN A 1324 -69.02 -10.33 -5.23
C ASN A 1324 -69.48 -11.24 -6.36
N CYS A 1325 -68.68 -12.28 -6.63
CA CYS A 1325 -69.00 -13.21 -7.71
C CYS A 1325 -69.20 -14.66 -7.27
N LYS A 1326 -70.45 -15.10 -7.28
CA LYS A 1326 -70.80 -16.47 -6.93
C LYS A 1326 -71.07 -17.15 -8.28
N PRO A 1327 -70.49 -18.33 -8.51
CA PRO A 1327 -70.71 -19.01 -9.80
C PRO A 1327 -72.19 -19.29 -10.09
N TRP A 1328 -72.52 -19.31 -11.38
CA TRP A 1328 -73.90 -19.57 -11.82
C TRP A 1328 -74.38 -20.94 -11.35
N SER A 1329 -73.55 -21.95 -11.53
CA SER A 1329 -73.91 -23.30 -11.11
C SER A 1329 -72.78 -23.99 -10.37
N LEU A 1330 -73.11 -25.05 -9.64
CA LEU A 1330 -72.12 -25.82 -8.89
C LEU A 1330 -72.53 -27.28 -8.84
N ARG A 1331 -71.60 -28.17 -9.22
CA ARG A 1331 -71.89 -29.59 -9.20
C ARG A 1331 -72.47 -29.99 -7.84
N VAL A 1332 -73.41 -30.92 -7.88
CA VAL A 1332 -74.08 -31.42 -6.69
C VAL A 1332 -73.42 -32.71 -6.19
N ALA B 3 -0.17 32.58 -15.19
CA ALA B 3 -1.21 33.26 -16.01
C ALA B 3 -1.47 32.48 -17.30
N ASP B 4 -0.47 32.41 -18.16
CA ASP B 4 -0.61 31.69 -19.43
C ASP B 4 -0.48 30.18 -19.20
N GLU B 5 -1.07 29.40 -20.11
CA GLU B 5 -1.01 27.95 -20.00
C GLU B 5 0.33 27.45 -20.56
N LEU B 6 0.89 26.42 -19.93
CA LEU B 6 2.13 25.83 -20.40
C LEU B 6 1.74 24.60 -21.21
N VAL B 7 2.07 24.61 -22.49
CA VAL B 7 1.70 23.48 -23.35
C VAL B 7 2.89 22.78 -23.99
N PHE B 8 3.05 21.51 -23.65
CA PHE B 8 4.11 20.69 -24.22
C PHE B 8 3.64 19.25 -24.35
N PHE B 9 4.47 18.39 -24.92
CA PHE B 9 4.12 17.00 -25.11
C PHE B 9 5.08 16.04 -24.41
N VAL B 10 4.54 14.91 -23.95
CA VAL B 10 5.34 13.90 -23.28
C VAL B 10 4.98 12.56 -23.89
N ASN B 11 5.95 11.93 -24.55
CA ASN B 11 5.74 10.66 -25.22
C ASN B 11 4.54 10.75 -26.17
N GLY B 12 4.48 11.86 -26.91
CA GLY B 12 3.41 12.06 -27.88
C GLY B 12 2.08 12.56 -27.33
N LYS B 13 1.96 12.56 -26.01
CA LYS B 13 0.72 13.00 -25.36
C LYS B 13 0.80 14.48 -24.99
N LYS B 14 -0.26 15.21 -25.32
CA LYS B 14 -0.32 16.64 -25.05
C LYS B 14 -0.52 16.93 -23.57
N VAL B 15 0.26 17.88 -23.04
CA VAL B 15 0.14 18.26 -21.65
C VAL B 15 -0.21 19.74 -21.60
N VAL B 16 -1.26 20.06 -20.85
CA VAL B 16 -1.68 21.44 -20.70
C VAL B 16 -1.64 21.76 -19.22
N GLU B 17 -0.62 22.52 -18.81
CA GLU B 17 -0.47 22.89 -17.40
C GLU B 17 -0.94 24.33 -17.24
N LYS B 18 -2.09 24.51 -16.59
CA LYS B 18 -2.67 25.83 -16.38
C LYS B 18 -2.05 26.67 -15.27
N ASN B 19 -1.28 26.03 -14.40
CA ASN B 19 -0.64 26.75 -13.30
C ASN B 19 0.79 26.31 -13.09
N ALA B 20 1.59 26.41 -14.14
CA ALA B 20 2.99 26.02 -14.06
C ALA B 20 3.75 26.88 -13.06
N ASP B 21 4.51 26.23 -12.18
CA ASP B 21 5.31 26.93 -11.19
C ASP B 21 6.74 26.97 -11.74
N PRO B 22 7.31 28.18 -11.88
CA PRO B 22 8.67 28.34 -12.40
C PRO B 22 9.75 27.49 -11.72
N GLU B 23 9.51 27.08 -10.48
CA GLU B 23 10.49 26.27 -9.77
C GLU B 23 10.36 24.77 -10.02
N THR B 24 9.28 24.35 -10.68
CA THR B 24 9.07 22.94 -10.96
C THR B 24 10.00 22.42 -12.07
N THR B 25 10.73 21.35 -11.78
CA THR B 25 11.64 20.75 -12.77
C THR B 25 10.89 19.66 -13.53
N LEU B 26 11.37 19.34 -14.73
CA LEU B 26 10.74 18.30 -15.53
C LEU B 26 10.71 16.97 -14.76
N LEU B 27 11.81 16.66 -14.08
CA LEU B 27 11.91 15.41 -13.33
C LEU B 27 10.80 15.26 -12.30
N ALA B 28 10.57 16.31 -11.51
CA ALA B 28 9.51 16.27 -10.50
C ALA B 28 8.14 16.17 -11.14
N TYR B 29 7.94 16.88 -12.25
CA TYR B 29 6.67 16.87 -12.94
C TYR B 29 6.35 15.46 -13.48
N LEU B 30 7.34 14.83 -14.10
CA LEU B 30 7.16 13.50 -14.64
C LEU B 30 6.81 12.51 -13.52
N ARG B 31 7.60 12.54 -12.46
CA ARG B 31 7.42 11.64 -11.33
C ARG B 31 6.22 11.90 -10.42
N ARG B 32 5.95 13.16 -10.12
CA ARG B 32 4.85 13.50 -9.22
C ARG B 32 3.53 13.86 -9.88
N LYS B 33 3.57 14.39 -11.09
CA LYS B 33 2.34 14.78 -11.77
C LYS B 33 1.86 13.84 -12.87
N LEU B 34 2.79 13.37 -13.71
CA LEU B 34 2.40 12.49 -14.81
C LEU B 34 2.46 10.99 -14.53
N GLY B 35 3.00 10.60 -13.39
CA GLY B 35 3.09 9.19 -13.04
C GLY B 35 4.03 8.38 -13.90
N LEU B 36 5.10 9.02 -14.37
CA LEU B 36 6.11 8.34 -15.19
C LEU B 36 7.38 8.29 -14.36
N ARG B 37 7.50 7.23 -13.58
CA ARG B 37 8.63 7.08 -12.67
C ARG B 37 9.87 6.39 -13.23
N GLY B 38 9.93 6.21 -14.55
CA GLY B 38 11.08 5.58 -15.16
C GLY B 38 12.32 6.46 -15.04
N THR B 39 12.13 7.77 -15.14
CA THR B 39 13.22 8.73 -15.03
C THR B 39 13.51 8.87 -13.53
N LYS B 40 14.79 8.77 -13.16
CA LYS B 40 15.19 8.80 -11.76
C LYS B 40 15.96 10.01 -11.23
N LEU B 41 15.97 10.14 -9.91
CA LEU B 41 16.73 11.20 -9.24
C LEU B 41 17.97 10.52 -8.70
N GLY B 42 19.14 10.96 -9.16
CA GLY B 42 20.37 10.36 -8.69
C GLY B 42 21.30 11.34 -7.99
N CYS B 43 21.14 12.63 -8.27
CA CYS B 43 22.01 13.63 -7.65
C CYS B 43 21.39 15.02 -7.62
N GLY B 44 20.52 15.31 -8.57
CA GLY B 44 19.91 16.62 -8.64
C GLY B 44 20.93 17.69 -8.99
N GLU B 45 22.14 17.24 -9.36
CA GLU B 45 23.26 18.12 -9.71
C GLU B 45 23.64 18.17 -11.18
N GLY B 46 23.06 17.31 -12.00
CA GLY B 46 23.38 17.29 -13.41
C GLY B 46 24.59 16.44 -13.73
N GLY B 47 25.16 15.79 -12.72
CA GLY B 47 26.36 14.99 -12.95
C GLY B 47 26.26 13.48 -13.04
N CYS B 48 25.05 12.91 -12.97
CA CYS B 48 24.94 11.46 -13.03
C CYS B 48 24.14 10.92 -14.23
N GLY B 49 23.29 11.77 -14.80
CA GLY B 49 22.49 11.38 -15.96
C GLY B 49 21.34 10.39 -15.74
N ALA B 50 21.04 10.06 -14.49
CA ALA B 50 19.97 9.13 -14.20
C ALA B 50 18.61 9.70 -14.59
N CYS B 51 18.54 11.02 -14.72
CA CYS B 51 17.31 11.73 -15.07
C CYS B 51 17.24 12.11 -16.55
N THR B 52 18.13 11.53 -17.36
CA THR B 52 18.18 11.85 -18.77
C THR B 52 16.90 11.57 -19.57
N VAL B 53 16.51 12.54 -20.39
CA VAL B 53 15.34 12.39 -21.26
C VAL B 53 15.72 12.99 -22.60
N MET B 54 14.89 12.76 -23.61
CA MET B 54 15.17 13.34 -24.91
C MET B 54 14.15 14.45 -25.13
N LEU B 55 14.60 15.54 -25.73
CA LEU B 55 13.72 16.66 -26.04
C LEU B 55 13.77 16.87 -27.55
N SER B 56 12.61 17.12 -28.14
CA SER B 56 12.51 17.35 -29.57
C SER B 56 11.75 18.65 -29.81
N LYS B 57 12.19 19.42 -30.80
CA LYS B 57 11.52 20.67 -31.11
C LYS B 57 11.78 21.09 -32.54
N TYR B 58 10.87 21.92 -33.06
CA TYR B 58 11.01 22.45 -34.39
C TYR B 58 11.86 23.70 -34.25
N ASP B 59 13.03 23.70 -34.86
CA ASP B 59 13.91 24.86 -34.79
C ASP B 59 13.58 25.78 -35.96
N ARG B 60 12.87 26.86 -35.68
CA ARG B 60 12.47 27.82 -36.70
C ARG B 60 13.65 28.36 -37.51
N LEU B 61 14.76 28.62 -36.84
CA LEU B 61 15.95 29.14 -37.49
C LEU B 61 16.52 28.16 -38.52
N GLN B 62 16.54 26.87 -38.19
CA GLN B 62 17.06 25.86 -39.09
C GLN B 62 15.98 25.20 -39.92
N ASP B 63 14.72 25.46 -39.56
CA ASP B 63 13.59 24.88 -40.26
C ASP B 63 13.73 23.37 -40.30
N LYS B 64 13.80 22.77 -39.12
CA LYS B 64 13.95 21.32 -39.01
C LYS B 64 13.71 20.85 -37.57
N ILE B 65 13.37 19.57 -37.43
CA ILE B 65 13.14 18.99 -36.11
C ILE B 65 14.47 18.52 -35.55
N ILE B 66 14.81 19.00 -34.35
CA ILE B 66 16.06 18.62 -33.71
C ILE B 66 15.78 17.81 -32.46
N HIS B 67 16.64 16.85 -32.17
CA HIS B 67 16.52 15.99 -31.00
C HIS B 67 17.79 16.11 -30.17
N PHE B 68 17.63 16.28 -28.85
CA PHE B 68 18.79 16.37 -27.97
C PHE B 68 18.44 15.87 -26.59
N SER B 69 19.45 15.46 -25.82
CA SER B 69 19.24 14.96 -24.48
C SER B 69 19.33 16.10 -23.47
N ALA B 70 18.81 15.86 -22.27
CA ALA B 70 18.84 16.87 -21.22
C ALA B 70 18.58 16.20 -19.87
N ASN B 71 19.12 16.80 -18.82
CA ASN B 71 18.92 16.29 -17.47
C ASN B 71 17.60 16.85 -16.97
N ALA B 72 16.65 15.97 -16.72
CA ALA B 72 15.34 16.39 -16.23
C ALA B 72 15.39 17.06 -14.86
N CYS B 73 16.42 16.78 -14.07
CA CYS B 73 16.51 17.39 -12.75
C CYS B 73 16.83 18.87 -12.77
N LEU B 74 17.36 19.35 -13.89
CA LEU B 74 17.71 20.76 -14.02
C LEU B 74 16.90 21.51 -15.08
N ALA B 75 16.04 20.80 -15.81
CA ALA B 75 15.22 21.42 -16.85
C ALA B 75 13.93 22.00 -16.28
N PRO B 76 13.78 23.33 -16.30
CA PRO B 76 12.55 23.91 -15.77
C PRO B 76 11.42 23.57 -16.74
N ILE B 77 10.25 23.19 -16.25
CA ILE B 77 9.18 22.88 -17.18
C ILE B 77 8.79 24.14 -17.95
N CYS B 78 9.01 25.30 -17.35
CA CYS B 78 8.65 26.56 -18.01
C CYS B 78 9.49 26.89 -19.24
N THR B 79 10.51 26.09 -19.53
CA THR B 79 11.33 26.31 -20.73
C THR B 79 10.86 25.36 -21.82
N LEU B 80 9.92 24.49 -21.48
CA LEU B 80 9.44 23.47 -22.42
C LEU B 80 8.19 23.75 -23.23
N HIS B 81 7.72 24.99 -23.27
CA HIS B 81 6.51 25.29 -24.04
C HIS B 81 6.74 24.91 -25.50
N HIS B 82 5.85 24.06 -26.02
CA HIS B 82 5.92 23.58 -27.40
C HIS B 82 7.14 22.71 -27.70
N VAL B 83 7.57 21.96 -26.69
CA VAL B 83 8.68 21.04 -26.82
C VAL B 83 8.12 19.64 -26.59
N ALA B 84 8.64 18.65 -27.31
CA ALA B 84 8.18 17.28 -27.16
C ALA B 84 9.19 16.48 -26.35
N VAL B 85 8.74 15.96 -25.21
CA VAL B 85 9.60 15.16 -24.33
C VAL B 85 9.41 13.67 -24.58
N THR B 86 10.52 12.93 -24.54
CA THR B 86 10.47 11.49 -24.70
C THR B 86 11.21 10.90 -23.51
N THR B 87 10.53 10.05 -22.75
CA THR B 87 11.16 9.41 -21.59
C THR B 87 11.39 7.94 -21.93
N VAL B 88 12.01 7.22 -21.01
CA VAL B 88 12.29 5.80 -21.23
C VAL B 88 11.00 5.04 -21.58
N GLU B 89 9.89 5.33 -20.90
CA GLU B 89 8.67 4.60 -21.22
C GLU B 89 8.08 4.99 -22.57
N GLY B 90 8.62 6.04 -23.18
CA GLY B 90 8.12 6.46 -24.48
C GLY B 90 8.72 5.70 -25.67
N ILE B 91 9.79 4.94 -25.46
CA ILE B 91 10.39 4.23 -26.58
C ILE B 91 10.17 2.71 -26.59
N GLY B 92 9.60 2.18 -25.51
CA GLY B 92 9.35 0.75 -25.45
C GLY B 92 9.12 0.24 -24.04
N SER B 93 8.68 -1.01 -23.93
CA SER B 93 8.41 -1.61 -22.62
C SER B 93 8.18 -3.10 -22.77
N THR B 94 8.26 -3.82 -21.65
CA THR B 94 8.04 -5.26 -21.65
C THR B 94 6.57 -5.59 -21.85
N LYS B 95 5.70 -4.60 -21.68
CA LYS B 95 4.27 -4.80 -21.85
C LYS B 95 3.90 -4.68 -23.33
N THR B 96 4.80 -4.11 -24.12
CA THR B 96 4.57 -3.98 -25.55
C THR B 96 5.71 -4.64 -26.28
N ARG B 97 6.81 -3.91 -26.43
CA ARG B 97 7.99 -4.43 -27.11
C ARG B 97 9.14 -3.49 -26.76
N LEU B 98 10.28 -4.06 -26.40
CA LEU B 98 11.45 -3.26 -26.06
C LEU B 98 12.06 -2.64 -27.30
N HIS B 99 12.59 -1.43 -27.14
CA HIS B 99 13.26 -0.77 -28.24
C HIS B 99 14.63 -1.43 -28.32
N PRO B 100 15.25 -1.45 -29.50
CA PRO B 100 16.58 -2.08 -29.62
C PRO B 100 17.56 -1.65 -28.52
N VAL B 101 17.57 -0.35 -28.19
CA VAL B 101 18.48 0.14 -27.15
C VAL B 101 18.23 -0.57 -25.82
N GLN B 102 16.96 -0.76 -25.47
CA GLN B 102 16.61 -1.43 -24.22
C GLN B 102 16.95 -2.91 -24.30
N GLU B 103 16.59 -3.53 -25.43
CA GLU B 103 16.87 -4.95 -25.63
C GLU B 103 18.36 -5.25 -25.49
N ARG B 104 19.18 -4.46 -26.17
CA ARG B 104 20.62 -4.71 -26.15
C ARG B 104 21.32 -4.49 -24.81
N ILE B 105 20.95 -3.45 -24.07
CA ILE B 105 21.62 -3.23 -22.79
C ILE B 105 21.23 -4.32 -21.81
N ALA B 106 20.02 -4.84 -21.96
CA ALA B 106 19.53 -5.90 -21.09
C ALA B 106 20.19 -7.25 -21.44
N LYS B 107 20.17 -7.59 -22.73
CA LYS B 107 20.78 -8.85 -23.17
C LYS B 107 22.29 -8.91 -23.06
N SER B 108 22.96 -7.76 -23.13
CA SER B 108 24.43 -7.72 -23.04
C SER B 108 24.91 -7.65 -21.60
N HIS B 109 23.97 -7.72 -20.66
CA HIS B 109 24.29 -7.67 -19.23
C HIS B 109 24.80 -6.29 -18.82
N GLY B 110 24.26 -5.25 -19.44
CA GLY B 110 24.68 -3.89 -19.11
C GLY B 110 23.84 -3.27 -18.00
N SER B 111 23.01 -4.07 -17.35
CA SER B 111 22.18 -3.57 -16.27
C SER B 111 22.27 -4.48 -15.06
N GLN B 112 22.66 -3.92 -13.91
CA GLN B 112 22.75 -4.70 -12.68
C GLN B 112 21.66 -4.25 -11.70
N CYS B 113 21.89 -3.21 -10.90
CA CYS B 113 20.84 -2.76 -9.98
C CYS B 113 19.78 -2.09 -10.85
N GLY B 114 20.22 -1.59 -12.01
CA GLY B 114 19.33 -0.95 -12.96
C GLY B 114 18.89 0.49 -12.75
N PHE B 115 19.34 1.16 -11.69
CA PHE B 115 18.91 2.53 -11.43
C PHE B 115 19.40 3.54 -12.47
N CYS B 116 20.56 3.28 -13.05
CA CYS B 116 21.14 4.18 -14.06
C CYS B 116 20.71 3.80 -15.48
N THR B 117 20.11 2.63 -15.64
CA THR B 117 19.73 2.15 -16.96
C THR B 117 18.82 3.06 -17.79
N PRO B 118 17.70 3.51 -17.21
CA PRO B 118 16.85 4.40 -18.02
C PRO B 118 17.62 5.60 -18.59
N GLY B 119 18.44 6.23 -17.75
CA GLY B 119 19.20 7.38 -18.20
C GLY B 119 20.19 7.08 -19.32
N ILE B 120 20.88 5.96 -19.21
CA ILE B 120 21.85 5.56 -20.23
C ILE B 120 21.10 5.21 -21.52
N VAL B 121 19.99 4.49 -21.36
CA VAL B 121 19.16 4.13 -22.50
C VAL B 121 18.77 5.39 -23.28
N MET B 122 18.36 6.44 -22.58
CA MET B 122 17.96 7.67 -23.28
C MET B 122 19.13 8.42 -23.91
N SER B 123 20.32 8.35 -23.32
CA SER B 123 21.47 9.02 -23.92
C SER B 123 21.79 8.29 -25.23
N MET B 124 21.69 6.96 -25.21
CA MET B 124 21.96 6.15 -26.41
C MET B 124 20.86 6.36 -27.46
N TYR B 125 19.61 6.37 -27.00
CA TYR B 125 18.48 6.58 -27.91
C TYR B 125 18.61 7.91 -28.62
N THR B 126 18.97 8.95 -27.86
CA THR B 126 19.12 10.28 -28.44
C THR B 126 20.19 10.31 -29.53
N LEU B 127 21.29 9.61 -29.30
CA LEU B 127 22.35 9.55 -30.29
C LEU B 127 21.81 8.95 -31.59
N LEU B 128 21.16 7.79 -31.48
CA LEU B 128 20.61 7.12 -32.64
C LEU B 128 19.57 7.95 -33.38
N ARG B 129 18.80 8.75 -32.66
CA ARG B 129 17.80 9.59 -33.32
C ARG B 129 18.49 10.69 -34.13
N ASN B 130 19.75 10.96 -33.82
CA ASN B 130 20.52 11.97 -34.53
C ASN B 130 21.39 11.28 -35.59
N GLN B 131 21.89 10.10 -35.25
CA GLN B 131 22.75 9.33 -36.12
C GLN B 131 22.46 7.84 -35.97
N PRO B 132 21.60 7.29 -36.85
CA PRO B 132 21.21 5.87 -36.83
C PRO B 132 22.39 4.90 -36.94
N GLU B 133 23.48 5.34 -37.55
CA GLU B 133 24.67 4.51 -37.68
C GLU B 133 25.86 5.31 -37.14
N PRO B 134 26.03 5.31 -35.82
CA PRO B 134 27.13 6.04 -35.16
C PRO B 134 28.45 5.31 -35.16
N THR B 135 29.53 6.06 -34.97
CA THR B 135 30.85 5.47 -34.90
C THR B 135 31.08 5.07 -33.44
N VAL B 136 32.08 4.25 -33.20
CA VAL B 136 32.39 3.81 -31.84
C VAL B 136 32.69 4.99 -30.93
N GLU B 137 33.38 5.98 -31.46
CA GLU B 137 33.72 7.16 -30.67
C GLU B 137 32.47 7.94 -30.27
N GLU B 138 31.54 8.12 -31.21
CA GLU B 138 30.31 8.83 -30.92
C GLU B 138 29.52 8.11 -29.83
N ILE B 139 29.53 6.79 -29.87
CA ILE B 139 28.82 5.98 -28.89
C ILE B 139 29.39 6.21 -27.49
N GLU B 140 30.72 6.17 -27.35
CA GLU B 140 31.31 6.40 -26.04
C GLU B 140 31.05 7.83 -25.57
N ASP B 141 31.17 8.79 -26.48
CA ASP B 141 30.94 10.20 -26.13
C ASP B 141 29.51 10.49 -25.73
N ALA B 142 28.59 9.61 -26.10
CA ALA B 142 27.20 9.83 -25.74
C ALA B 142 26.98 9.75 -24.22
N PHE B 143 27.91 9.12 -23.52
CA PHE B 143 27.77 8.94 -22.07
C PHE B 143 28.70 9.75 -21.16
N GLN B 144 29.16 10.91 -21.63
CA GLN B 144 30.04 11.74 -20.82
C GLN B 144 29.34 12.18 -19.53
N GLY B 145 28.01 12.24 -19.57
CA GLY B 145 27.25 12.65 -18.41
C GLY B 145 26.40 11.59 -17.74
N ASN B 146 26.74 10.32 -17.94
CA ASN B 146 25.99 9.23 -17.32
C ASN B 146 26.93 8.40 -16.46
N LEU B 147 26.48 8.06 -15.25
CA LEU B 147 27.28 7.27 -14.33
C LEU B 147 26.63 5.93 -13.97
N CYS B 148 27.47 4.91 -13.80
CA CYS B 148 27.00 3.59 -13.40
C CYS B 148 27.97 3.13 -12.34
N ARG B 149 27.44 2.68 -11.21
CA ARG B 149 28.27 2.24 -10.10
C ARG B 149 28.43 0.72 -10.02
N CYS B 150 27.57 -0.01 -10.73
CA CYS B 150 27.60 -1.49 -10.69
C CYS B 150 28.36 -2.26 -11.76
N THR B 151 28.14 -1.91 -13.03
CA THR B 151 28.70 -2.66 -14.15
C THR B 151 30.16 -2.62 -14.56
N GLY B 152 30.84 -1.50 -14.34
CA GLY B 152 32.21 -1.42 -14.78
C GLY B 152 32.16 -0.93 -16.21
N TYR B 153 30.95 -0.56 -16.65
CA TYR B 153 30.71 0.00 -17.99
C TYR B 153 30.96 -0.88 -19.21
N ARG B 154 31.96 -1.75 -19.14
CA ARG B 154 32.31 -2.61 -20.27
C ARG B 154 31.13 -3.24 -21.04
N PRO B 155 30.19 -3.92 -20.35
CA PRO B 155 29.07 -4.53 -21.08
C PRO B 155 28.15 -3.52 -21.79
N ILE B 156 27.97 -2.36 -21.18
CA ILE B 156 27.12 -1.34 -21.78
C ILE B 156 27.71 -0.90 -23.11
N LEU B 157 29.00 -0.59 -23.12
CA LEU B 157 29.67 -0.16 -24.34
C LEU B 157 29.74 -1.28 -25.38
N GLN B 158 30.12 -2.48 -24.94
CA GLN B 158 30.24 -3.60 -25.86
C GLN B 158 28.89 -3.92 -26.48
N GLY B 159 27.83 -3.83 -25.69
CA GLY B 159 26.50 -4.09 -26.20
C GLY B 159 26.04 -3.05 -27.21
N PHE B 160 26.29 -1.77 -26.92
CA PHE B 160 25.87 -0.69 -27.81
C PHE B 160 26.75 -0.56 -29.05
N ARG B 161 27.97 -1.07 -28.96
CA ARG B 161 28.91 -1.01 -30.07
C ARG B 161 28.33 -1.75 -31.28
N THR B 162 27.38 -2.66 -31.04
CA THR B 162 26.76 -3.42 -32.12
C THR B 162 25.93 -2.50 -33.02
N PHE B 163 25.69 -1.27 -32.57
CA PHE B 163 24.93 -0.30 -33.36
C PHE B 163 25.83 0.36 -34.40
N ALA B 164 27.13 0.31 -34.18
CA ALA B 164 28.09 0.92 -35.10
C ALA B 164 28.20 0.14 -36.42
N LYS B 165 28.88 0.75 -37.39
CA LYS B 165 29.09 0.18 -38.73
C LYS B 165 27.88 0.41 -39.62
N SER B 192 35.00 -20.18 -28.28
CA SER B 192 34.62 -20.11 -26.83
C SER B 192 33.21 -19.57 -26.68
N PRO B 193 32.53 -19.91 -25.58
CA PRO B 193 31.15 -19.45 -25.34
C PRO B 193 31.08 -17.92 -25.18
N SER B 194 29.96 -17.34 -25.59
CA SER B 194 29.77 -15.89 -25.51
C SER B 194 28.75 -15.52 -24.45
N LEU B 195 28.89 -14.33 -23.88
CA LEU B 195 27.95 -13.87 -22.86
C LEU B 195 26.62 -13.48 -23.50
N PHE B 196 26.66 -13.02 -24.74
CA PHE B 196 25.43 -12.68 -25.45
C PHE B 196 25.62 -12.88 -26.95
N ASN B 197 24.52 -12.88 -27.70
CA ASN B 197 24.58 -13.08 -29.14
C ASN B 197 23.92 -11.96 -29.93
N PRO B 198 24.73 -11.06 -30.51
CA PRO B 198 24.29 -9.90 -31.30
C PRO B 198 23.37 -10.26 -32.47
N GLU B 199 23.49 -11.48 -32.97
CA GLU B 199 22.68 -11.92 -34.10
C GLU B 199 21.20 -11.97 -33.77
N GLU B 200 20.86 -12.05 -32.48
CA GLU B 200 19.45 -12.09 -32.10
C GLU B 200 18.92 -10.69 -31.82
N PHE B 201 19.77 -9.69 -32.00
CA PHE B 201 19.38 -8.30 -31.77
C PHE B 201 18.56 -7.74 -32.92
N MET B 202 17.44 -7.10 -32.57
CA MET B 202 16.58 -6.51 -33.57
C MET B 202 17.25 -5.24 -34.12
N PRO B 203 17.37 -5.14 -35.46
CA PRO B 203 18.00 -3.96 -36.05
C PRO B 203 17.18 -2.72 -35.78
N LEU B 204 17.83 -1.56 -35.79
CA LEU B 204 17.15 -0.29 -35.58
C LEU B 204 16.44 0.07 -36.89
N ASP B 205 15.21 0.56 -36.80
CA ASP B 205 14.45 0.94 -37.99
C ASP B 205 13.82 2.31 -37.79
N PRO B 206 14.47 3.36 -38.29
CA PRO B 206 13.99 4.74 -38.18
C PRO B 206 12.53 4.94 -38.60
N THR B 207 12.08 4.17 -39.59
CA THR B 207 10.71 4.30 -40.07
C THR B 207 9.69 3.92 -39.00
N GLN B 208 10.12 3.15 -38.00
CA GLN B 208 9.20 2.73 -36.94
C GLN B 208 9.24 3.57 -35.65
N GLU B 209 10.04 4.64 -35.64
CA GLU B 209 10.13 5.50 -34.47
C GLU B 209 8.89 6.39 -34.34
N PRO B 210 8.55 6.83 -33.11
CA PRO B 210 7.40 7.70 -32.90
C PRO B 210 7.54 8.98 -33.71
N ILE B 211 6.46 9.46 -34.30
CA ILE B 211 6.51 10.67 -35.11
C ILE B 211 6.41 11.94 -34.24
N PHE B 212 7.02 13.02 -34.71
CA PHE B 212 6.98 14.29 -33.99
C PHE B 212 5.50 14.69 -33.88
N PRO B 213 5.07 15.12 -32.69
CA PRO B 213 3.67 15.51 -32.50
C PRO B 213 3.14 16.43 -33.60
N PRO B 214 2.16 15.94 -34.39
CA PRO B 214 1.58 16.73 -35.48
C PRO B 214 1.08 18.11 -35.03
N GLU B 215 0.38 18.15 -33.90
CA GLU B 215 -0.14 19.41 -33.39
C GLU B 215 0.97 20.43 -33.20
N LEU B 216 2.12 19.99 -32.70
CA LEU B 216 3.25 20.88 -32.48
C LEU B 216 3.76 21.44 -33.79
N LEU B 217 3.72 20.61 -34.83
CA LEU B 217 4.19 21.03 -36.13
C LEU B 217 3.28 22.12 -36.70
N ARG B 218 2.01 22.07 -36.36
CA ARG B 218 1.03 23.05 -36.82
C ARG B 218 1.31 24.39 -36.13
N LEU B 219 1.66 24.33 -34.86
CA LEU B 219 1.95 25.51 -34.06
C LEU B 219 3.20 26.26 -34.51
N LYS B 220 4.12 25.54 -35.14
CA LYS B 220 5.36 26.15 -35.61
C LYS B 220 5.09 27.43 -36.40
N ASP B 221 3.99 27.43 -37.14
CA ASP B 221 3.61 28.58 -37.96
C ASP B 221 3.25 29.78 -37.09
N VAL B 222 2.30 29.57 -36.17
CA VAL B 222 1.84 30.62 -35.28
C VAL B 222 3.00 31.42 -34.66
N PRO B 223 2.96 32.75 -34.81
CA PRO B 223 4.01 33.63 -34.26
C PRO B 223 4.03 33.54 -32.74
N PRO B 224 5.20 33.30 -32.15
CA PRO B 224 5.31 33.21 -30.69
C PRO B 224 5.02 34.52 -29.96
N LYS B 225 4.44 34.41 -28.78
CA LYS B 225 4.13 35.59 -27.98
C LYS B 225 4.65 35.39 -26.57
N GLN B 226 4.93 36.49 -25.89
CA GLN B 226 5.43 36.47 -24.53
C GLN B 226 4.47 35.73 -23.60
N LEU B 227 5.02 34.92 -22.69
CA LEU B 227 4.21 34.17 -21.76
C LEU B 227 4.61 34.50 -20.33
N ARG B 228 3.66 34.33 -19.41
CA ARG B 228 3.89 34.61 -17.99
C ARG B 228 3.45 33.42 -17.14
N PHE B 229 4.34 32.96 -16.27
CA PHE B 229 4.03 31.85 -15.37
C PHE B 229 4.22 32.37 -13.95
N GLU B 230 3.33 31.98 -13.06
CA GLU B 230 3.40 32.44 -11.66
C GLU B 230 3.40 31.26 -10.70
N GLY B 231 4.45 31.17 -9.89
CA GLY B 231 4.57 30.10 -8.93
C GLY B 231 4.36 30.56 -7.50
N GLU B 232 4.65 29.69 -6.55
CA GLU B 232 4.50 30.02 -5.14
C GLU B 232 5.41 31.19 -4.73
N ARG B 233 6.62 31.21 -5.26
CA ARG B 233 7.59 32.25 -4.92
C ARG B 233 8.24 32.92 -6.12
N VAL B 234 8.09 32.34 -7.30
CA VAL B 234 8.75 32.90 -8.49
C VAL B 234 7.82 33.24 -9.65
N THR B 235 8.20 34.28 -10.40
CA THR B 235 7.46 34.70 -11.58
C THR B 235 8.40 34.48 -12.76
N TRP B 236 7.88 33.90 -13.84
CA TRP B 236 8.69 33.59 -15.01
C TRP B 236 8.12 34.21 -16.28
N ILE B 237 8.95 34.96 -17.00
CA ILE B 237 8.50 35.57 -18.23
C ILE B 237 9.32 35.06 -19.41
N GLN B 238 8.63 34.42 -20.34
CA GLN B 238 9.26 33.89 -21.54
C GLN B 238 9.21 35.00 -22.59
N ALA B 239 10.35 35.66 -22.84
CA ALA B 239 10.40 36.75 -23.82
C ALA B 239 10.46 36.25 -25.26
N SER B 240 9.59 36.78 -26.12
CA SER B 240 9.57 36.34 -27.52
C SER B 240 10.42 37.17 -28.48
N THR B 241 10.75 38.41 -28.12
CA THR B 241 11.55 39.25 -29.00
C THR B 241 12.63 40.01 -28.24
N LEU B 242 13.65 40.46 -28.95
CA LEU B 242 14.74 41.21 -28.34
C LEU B 242 14.14 42.48 -27.74
N LYS B 243 13.22 43.08 -28.47
CA LYS B 243 12.52 44.29 -28.02
C LYS B 243 11.36 43.78 -27.18
N GLU B 244 11.71 43.21 -26.04
CA GLU B 244 10.77 42.66 -25.08
C GLU B 244 11.72 42.29 -23.96
N LEU B 245 12.82 41.65 -24.32
CA LEU B 245 13.84 41.28 -23.35
C LEU B 245 14.48 42.57 -22.82
N LEU B 246 14.83 43.48 -23.72
CA LEU B 246 15.45 44.72 -23.29
C LEU B 246 14.52 45.58 -22.43
N ASP B 247 13.23 45.60 -22.76
CA ASP B 247 12.26 46.36 -21.96
C ASP B 247 12.11 45.72 -20.59
N LEU B 248 12.00 44.39 -20.58
CA LEU B 248 11.84 43.64 -19.34
C LEU B 248 13.06 43.81 -18.43
N LYS B 249 14.25 43.86 -19.02
CA LYS B 249 15.46 44.05 -18.23
C LYS B 249 15.47 45.42 -17.55
N ALA B 250 14.90 46.41 -18.23
CA ALA B 250 14.82 47.76 -17.69
C ALA B 250 13.80 47.79 -16.55
N GLN B 251 12.67 47.11 -16.76
CA GLN B 251 11.60 47.06 -15.77
C GLN B 251 11.96 46.23 -14.53
N HIS B 252 12.81 45.22 -14.71
CA HIS B 252 13.23 44.36 -13.60
C HIS B 252 14.71 44.01 -13.74
N PRO B 253 15.60 44.97 -13.40
CA PRO B 253 17.04 44.79 -13.48
C PRO B 253 17.57 43.59 -12.70
N GLU B 254 16.90 43.24 -11.61
CA GLU B 254 17.33 42.12 -10.77
C GLU B 254 16.93 40.75 -11.31
N ALA B 255 16.14 40.73 -12.37
CA ALA B 255 15.70 39.48 -12.98
C ALA B 255 16.87 38.70 -13.55
N LYS B 256 16.84 37.38 -13.42
CA LYS B 256 17.90 36.54 -13.96
C LYS B 256 17.44 36.01 -15.32
N LEU B 257 18.37 35.89 -16.26
CA LEU B 257 18.04 35.40 -17.59
C LEU B 257 18.35 33.91 -17.70
N VAL B 258 17.38 33.07 -17.36
CA VAL B 258 17.59 31.63 -17.43
C VAL B 258 17.45 31.08 -18.84
N VAL B 259 18.40 30.23 -19.22
CA VAL B 259 18.37 29.57 -20.51
C VAL B 259 18.43 28.07 -20.22
N GLY B 260 19.62 27.56 -19.92
CA GLY B 260 19.77 26.15 -19.62
C GLY B 260 19.51 25.82 -18.16
N ASN B 261 19.60 26.83 -17.30
CA ASN B 261 19.37 26.67 -15.87
C ASN B 261 20.41 25.79 -15.18
N THR B 262 21.52 25.49 -15.87
CA THR B 262 22.53 24.64 -15.26
C THR B 262 23.37 25.34 -14.19
N GLU B 263 23.17 26.64 -14.03
CA GLU B 263 23.86 27.42 -12.98
C GLU B 263 22.80 27.88 -11.99
N ILE B 264 21.76 28.53 -12.50
CA ILE B 264 20.68 29.03 -11.65
C ILE B 264 20.03 27.92 -10.86
N GLY B 265 19.80 26.78 -11.50
CA GLY B 265 19.20 25.64 -10.83
C GLY B 265 20.02 25.19 -9.64
N ILE B 266 21.34 25.24 -9.80
CA ILE B 266 22.25 24.83 -8.73
C ILE B 266 22.19 25.86 -7.61
N GLU B 267 22.20 27.13 -7.98
CA GLU B 267 22.16 28.21 -7.00
C GLU B 267 20.88 28.14 -6.16
N MET B 268 19.78 27.88 -6.83
CA MET B 268 18.48 27.77 -6.17
C MET B 268 18.42 26.55 -5.28
N LYS B 269 18.78 25.40 -5.82
CA LYS B 269 18.73 24.14 -5.08
C LYS B 269 19.78 23.96 -4.00
N PHE B 270 21.01 24.39 -4.26
CA PHE B 270 22.09 24.19 -3.29
C PHE B 270 22.68 25.41 -2.57
N LYS B 271 22.50 26.60 -3.14
CA LYS B 271 23.07 27.80 -2.53
C LYS B 271 22.08 28.66 -1.76
N ASN B 272 20.90 28.11 -1.48
CA ASN B 272 19.87 28.83 -0.73
C ASN B 272 19.56 30.20 -1.32
N GLN B 273 19.52 30.26 -2.65
CA GLN B 273 19.22 31.50 -3.34
C GLN B 273 17.74 31.52 -3.74
N LEU B 274 17.19 32.72 -3.90
CA LEU B 274 15.81 32.88 -4.30
C LEU B 274 15.69 34.05 -5.24
N PHE B 275 15.46 33.76 -6.52
CA PHE B 275 15.31 34.79 -7.53
C PHE B 275 13.84 34.85 -7.88
N PRO B 276 13.12 35.84 -7.33
CA PRO B 276 11.69 36.04 -7.57
C PRO B 276 11.25 36.34 -8.99
N MET B 277 12.17 36.81 -9.82
CA MET B 277 11.85 37.16 -11.20
C MET B 277 12.82 36.53 -12.19
N ILE B 278 12.28 35.78 -13.15
CA ILE B 278 13.11 35.13 -14.15
C ILE B 278 12.63 35.48 -15.55
N ILE B 279 13.58 35.77 -16.44
CA ILE B 279 13.24 36.08 -17.82
C ILE B 279 13.97 35.06 -18.69
N CYS B 280 13.24 34.27 -19.46
CA CYS B 280 13.88 33.31 -20.34
C CYS B 280 13.90 33.86 -21.75
N PRO B 281 15.09 34.19 -22.27
CA PRO B 281 15.31 34.75 -23.61
C PRO B 281 15.62 33.70 -24.70
N ALA B 282 15.50 32.43 -24.35
CA ALA B 282 15.80 31.34 -25.27
C ALA B 282 15.20 31.41 -26.68
N TRP B 283 13.98 31.94 -26.79
CA TRP B 283 13.30 32.02 -28.09
C TRP B 283 13.80 33.11 -29.04
N ILE B 284 14.40 34.15 -28.49
CA ILE B 284 14.87 35.28 -29.29
C ILE B 284 15.87 34.92 -30.40
N PRO B 285 15.46 35.14 -31.66
CA PRO B 285 16.31 34.84 -32.82
C PRO B 285 17.71 35.44 -32.78
N GLU B 286 17.82 36.70 -32.38
CA GLU B 286 19.13 37.34 -32.31
C GLU B 286 20.06 36.62 -31.35
N LEU B 287 19.51 36.06 -30.26
CA LEU B 287 20.33 35.34 -29.29
C LEU B 287 20.64 33.90 -29.71
N ASN B 288 20.14 33.51 -30.88
CA ASN B 288 20.37 32.17 -31.40
C ASN B 288 21.03 32.19 -32.76
N ALA B 289 21.31 33.39 -33.27
CA ALA B 289 21.90 33.55 -34.59
C ALA B 289 23.39 33.20 -34.65
N VAL B 290 23.81 32.70 -35.80
CA VAL B 290 25.19 32.33 -36.05
C VAL B 290 25.61 33.02 -37.34
N GLU B 291 26.60 33.89 -37.26
CA GLU B 291 27.05 34.62 -38.44
C GLU B 291 28.54 34.46 -38.69
N HIS B 292 28.88 34.20 -39.95
CA HIS B 292 30.27 34.02 -40.35
C HIS B 292 30.79 35.32 -40.96
N GLY B 293 31.55 36.07 -40.17
CA GLY B 293 32.08 37.33 -40.65
C GLY B 293 33.54 37.26 -41.07
N PRO B 294 34.13 38.40 -41.47
CA PRO B 294 35.53 38.46 -41.89
C PRO B 294 36.51 38.24 -40.74
N GLU B 295 36.12 38.67 -39.54
CA GLU B 295 36.97 38.55 -38.36
C GLU B 295 36.79 37.26 -37.56
N GLY B 296 35.67 36.57 -37.77
CA GLY B 296 35.44 35.34 -37.04
C GLY B 296 34.00 34.86 -37.14
N ILE B 297 33.60 34.00 -36.20
CA ILE B 297 32.25 33.49 -36.20
C ILE B 297 31.49 33.99 -34.97
N SER B 298 30.33 34.57 -35.22
CA SER B 298 29.49 35.13 -34.17
C SER B 298 28.37 34.18 -33.76
N PHE B 299 28.14 34.07 -32.46
CA PHE B 299 27.09 33.22 -31.91
C PHE B 299 26.19 34.01 -30.97
N GLY B 300 24.88 33.83 -31.12
CA GLY B 300 23.95 34.50 -30.22
C GLY B 300 24.23 33.96 -28.83
N ALA B 301 24.05 34.80 -27.81
CA ALA B 301 24.32 34.41 -26.43
C ALA B 301 23.51 33.23 -25.88
N ALA B 302 22.42 32.88 -26.55
CA ALA B 302 21.57 31.77 -26.10
C ALA B 302 21.95 30.45 -26.76
N CYS B 303 22.84 30.50 -27.76
CA CYS B 303 23.27 29.29 -28.45
C CYS B 303 23.81 28.27 -27.46
N ALA B 304 23.37 27.04 -27.62
CA ALA B 304 23.81 25.95 -26.75
C ALA B 304 25.26 25.60 -27.10
N LEU B 305 26.03 25.17 -26.09
CA LEU B 305 27.41 24.82 -26.31
C LEU B 305 27.55 23.72 -27.37
N SER B 306 26.56 22.82 -27.44
CA SER B 306 26.60 21.75 -28.43
C SER B 306 26.50 22.35 -29.84
N SER B 307 25.72 23.42 -29.97
CA SER B 307 25.58 24.09 -31.26
C SER B 307 26.89 24.78 -31.61
N VAL B 308 27.52 25.39 -30.62
CA VAL B 308 28.78 26.07 -30.82
C VAL B 308 29.82 25.02 -31.25
N GLU B 309 29.76 23.87 -30.59
CA GLU B 309 30.69 22.78 -30.88
C GLU B 309 30.55 22.28 -32.32
N LYS B 310 29.31 22.07 -32.76
CA LYS B 310 29.05 21.59 -34.11
C LYS B 310 29.53 22.58 -35.16
N THR B 311 29.22 23.85 -34.96
CA THR B 311 29.61 24.89 -35.90
C THR B 311 31.13 25.00 -36.01
N LEU B 312 31.81 24.99 -34.87
CA LEU B 312 33.26 25.10 -34.88
C LEU B 312 33.92 23.87 -35.49
N LEU B 313 33.34 22.70 -35.26
CA LEU B 313 33.92 21.48 -35.83
C LEU B 313 33.88 21.57 -37.35
N GLU B 314 32.77 22.07 -37.88
CA GLU B 314 32.60 22.20 -39.33
C GLU B 314 33.56 23.25 -39.86
N ALA B 315 33.82 24.28 -39.04
CA ALA B 315 34.72 25.35 -39.43
C ALA B 315 36.15 24.83 -39.52
N VAL B 316 36.54 24.03 -38.54
CA VAL B 316 37.88 23.46 -38.48
C VAL B 316 38.14 22.52 -39.66
N ALA B 317 37.08 21.88 -40.14
CA ALA B 317 37.20 20.94 -41.25
C ALA B 317 37.26 21.63 -42.61
N LYS B 318 36.62 22.79 -42.73
CA LYS B 318 36.59 23.52 -43.98
C LYS B 318 37.61 24.64 -44.16
N LEU B 319 38.09 25.21 -43.05
CA LEU B 319 39.05 26.31 -43.14
C LEU B 319 40.51 25.89 -42.91
N PRO B 320 41.46 26.73 -43.38
CA PRO B 320 42.88 26.47 -43.23
C PRO B 320 43.24 26.37 -41.74
N THR B 321 44.15 25.47 -41.41
CA THR B 321 44.56 25.28 -40.02
C THR B 321 44.97 26.59 -39.35
N GLN B 322 45.74 27.39 -40.05
CA GLN B 322 46.23 28.65 -39.49
C GLN B 322 45.14 29.64 -39.09
N LYS B 323 43.91 29.39 -39.50
CA LYS B 323 42.80 30.27 -39.17
C LYS B 323 41.92 29.75 -38.04
N THR B 324 42.12 28.48 -37.65
CA THR B 324 41.30 27.87 -36.61
C THR B 324 41.99 27.59 -35.28
N GLU B 325 43.07 28.30 -34.98
CA GLU B 325 43.79 28.11 -33.73
C GLU B 325 42.89 28.31 -32.50
N VAL B 326 42.08 29.37 -32.51
CA VAL B 326 41.20 29.63 -31.38
C VAL B 326 40.05 28.63 -31.33
N PHE B 327 39.42 28.38 -32.48
CA PHE B 327 38.32 27.43 -32.54
C PHE B 327 38.70 26.10 -31.93
N ARG B 328 39.92 25.64 -32.25
CA ARG B 328 40.42 24.38 -31.74
C ARG B 328 40.59 24.44 -30.23
N GLY B 329 40.95 25.62 -29.73
CA GLY B 329 41.11 25.80 -28.30
C GLY B 329 39.75 25.67 -27.63
N VAL B 330 38.73 26.24 -28.25
CA VAL B 330 37.38 26.16 -27.71
C VAL B 330 36.90 24.71 -27.75
N LEU B 331 37.19 24.03 -28.87
CA LEU B 331 36.77 22.64 -29.02
C LEU B 331 37.44 21.72 -28.01
N GLU B 332 38.71 21.95 -27.72
CA GLU B 332 39.43 21.12 -26.75
C GLU B 332 38.75 21.22 -25.39
N GLN B 333 38.34 22.42 -25.00
CA GLN B 333 37.66 22.64 -23.73
C GLN B 333 36.27 22.00 -23.72
N LEU B 334 35.48 22.25 -24.77
CA LEU B 334 34.13 21.69 -24.85
C LEU B 334 34.14 20.17 -24.76
N ARG B 335 35.29 19.61 -25.13
CA ARG B 335 35.52 18.18 -25.12
C ARG B 335 35.41 17.63 -23.69
N TRP B 336 35.90 18.41 -22.72
CA TRP B 336 35.88 18.01 -21.33
C TRP B 336 34.93 18.88 -20.51
N PHE B 337 33.95 19.45 -21.20
CA PHE B 337 32.97 20.32 -20.58
C PHE B 337 31.68 19.53 -20.29
N ALA B 338 31.43 19.25 -19.01
CA ALA B 338 30.24 18.51 -18.61
C ALA B 338 30.01 17.29 -19.49
N GLY B 339 28.75 17.05 -19.84
CA GLY B 339 28.42 15.91 -20.70
C GLY B 339 27.49 16.38 -21.80
N LYS B 340 26.94 15.46 -22.58
CA LYS B 340 26.04 15.81 -23.67
C LYS B 340 24.78 16.53 -23.17
N GLN B 341 24.19 16.03 -22.08
CA GLN B 341 22.98 16.62 -21.52
C GLN B 341 23.16 18.11 -21.20
N VAL B 342 24.21 18.42 -20.44
CA VAL B 342 24.48 19.81 -20.06
C VAL B 342 24.84 20.68 -21.26
N LYS B 343 25.74 20.19 -22.12
CA LYS B 343 26.15 20.97 -23.29
C LYS B 343 25.01 21.26 -24.27
N SER B 344 23.97 20.42 -24.26
CA SER B 344 22.83 20.62 -25.15
C SER B 344 21.85 21.68 -24.65
N VAL B 345 21.94 22.07 -23.39
CA VAL B 345 21.05 23.10 -22.86
C VAL B 345 21.82 24.33 -22.37
N ALA B 346 23.09 24.14 -22.02
CA ALA B 346 23.93 25.23 -21.54
C ALA B 346 24.24 26.24 -22.63
N SER B 347 24.04 27.52 -22.31
CA SER B 347 24.27 28.59 -23.28
C SER B 347 25.61 29.30 -23.08
N LEU B 348 26.05 29.99 -24.12
CA LEU B 348 27.30 30.74 -24.08
C LEU B 348 27.20 31.87 -23.07
N GLY B 349 26.11 32.62 -23.13
CA GLY B 349 25.93 33.73 -22.21
C GLY B 349 25.93 33.30 -20.77
N GLY B 350 25.40 32.11 -20.51
CA GLY B 350 25.34 31.61 -19.15
C GLY B 350 26.71 31.37 -18.54
N ASN B 351 27.62 30.80 -19.32
CA ASN B 351 28.95 30.52 -18.79
C ASN B 351 29.77 31.80 -18.64
N ILE B 352 29.64 32.70 -19.61
CA ILE B 352 30.38 33.95 -19.59
C ILE B 352 29.94 34.86 -18.44
N ILE B 353 28.63 35.08 -18.33
CA ILE B 353 28.10 35.97 -17.28
C ILE B 353 28.14 35.39 -15.86
N THR B 354 28.04 34.06 -15.73
CA THR B 354 28.10 33.45 -14.41
C THR B 354 29.46 33.82 -13.80
N ALA B 355 30.45 33.97 -14.69
CA ALA B 355 31.79 34.35 -14.28
C ALA B 355 32.37 33.55 -13.12
N SER B 356 32.24 32.23 -13.18
CA SER B 356 32.81 31.40 -12.14
C SER B 356 34.33 31.36 -12.30
N PRO B 357 35.05 31.35 -11.17
CA PRO B 357 36.51 31.31 -11.19
C PRO B 357 37.03 30.12 -12.00
N ILE B 358 36.25 29.04 -12.06
CA ILE B 358 36.66 27.85 -12.78
C ILE B 358 36.03 27.64 -14.16
N SER B 359 35.46 28.70 -14.72
CA SER B 359 34.89 28.61 -16.06
C SER B 359 35.99 28.14 -17.01
N ASP B 360 35.67 27.17 -17.87
CA ASP B 360 36.66 26.66 -18.82
C ASP B 360 36.67 27.44 -20.13
N LEU B 361 35.65 28.26 -20.34
CA LEU B 361 35.58 29.04 -21.57
C LEU B 361 36.08 30.48 -21.46
N ASN B 362 35.82 31.13 -20.33
CA ASN B 362 36.26 32.51 -20.15
C ASN B 362 37.77 32.71 -20.31
N PRO B 363 38.59 31.77 -19.84
CA PRO B 363 40.04 31.95 -20.00
C PRO B 363 40.41 31.97 -21.48
N VAL B 364 39.70 31.15 -22.26
CA VAL B 364 39.93 31.06 -23.70
C VAL B 364 39.41 32.31 -24.42
N PHE B 365 38.25 32.80 -24.00
CA PHE B 365 37.67 33.99 -24.60
C PHE B 365 38.53 35.21 -24.26
N MET B 366 39.10 35.22 -23.06
CA MET B 366 39.94 36.33 -22.63
C MET B 366 41.28 36.34 -23.37
N ALA B 367 41.92 35.19 -23.45
CA ALA B 367 43.22 35.09 -24.12
C ALA B 367 43.12 35.38 -25.60
N SER B 368 41.96 35.11 -26.19
CA SER B 368 41.75 35.34 -27.61
C SER B 368 41.13 36.69 -27.91
N GLY B 369 40.72 37.41 -26.87
CA GLY B 369 40.09 38.71 -27.09
C GLY B 369 38.75 38.57 -27.80
N THR B 370 38.04 37.48 -27.53
CA THR B 370 36.73 37.25 -28.14
C THR B 370 35.82 38.46 -27.94
N LYS B 371 35.17 38.89 -29.01
CA LYS B 371 34.32 40.07 -28.96
C LYS B 371 32.92 39.86 -28.38
N LEU B 372 32.57 40.72 -27.43
CA LEU B 372 31.27 40.66 -26.77
C LEU B 372 30.39 41.85 -27.16
N THR B 373 29.24 41.56 -27.79
CA THR B 373 28.32 42.61 -28.16
C THR B 373 27.29 42.70 -27.03
N ILE B 374 27.32 43.81 -26.30
CA ILE B 374 26.43 44.03 -25.17
C ILE B 374 25.40 45.09 -25.49
N VAL B 375 24.12 44.77 -25.25
CA VAL B 375 23.05 45.72 -25.53
C VAL B 375 22.12 45.99 -24.37
N SER B 376 21.44 47.13 -24.48
CA SER B 376 20.48 47.58 -23.49
C SER B 376 19.44 48.34 -24.27
N ARG B 377 18.35 48.71 -23.62
CA ARG B 377 17.33 49.47 -24.31
C ARG B 377 17.91 50.81 -24.71
N GLY B 378 18.21 50.96 -26.00
CA GLY B 378 18.76 52.21 -26.48
C GLY B 378 20.28 52.29 -26.52
N THR B 379 20.97 51.18 -26.24
CA THR B 379 22.43 51.18 -26.28
C THR B 379 22.98 49.89 -26.86
N ARG B 380 24.16 50.00 -27.46
CA ARG B 380 24.84 48.86 -28.06
C ARG B 380 26.33 49.11 -28.12
N ARG B 381 27.11 48.15 -27.66
CA ARG B 381 28.56 48.27 -27.66
C ARG B 381 29.22 46.91 -27.83
N THR B 382 30.39 46.90 -28.46
CA THR B 382 31.12 45.67 -28.70
C THR B 382 32.53 45.86 -28.16
N VAL B 383 32.94 45.00 -27.24
CA VAL B 383 34.26 45.08 -26.65
C VAL B 383 34.94 43.73 -26.60
N PRO B 384 36.27 43.72 -26.74
CA PRO B 384 36.98 42.44 -26.68
C PRO B 384 37.14 42.05 -25.22
N MET B 385 36.90 40.79 -24.89
CA MET B 385 37.04 40.36 -23.51
C MET B 385 38.52 40.49 -23.11
N ASP B 386 38.77 41.13 -21.97
CA ASP B 386 40.13 41.26 -21.47
C ASP B 386 40.09 41.09 -19.96
N HIS B 387 41.23 41.21 -19.31
CA HIS B 387 41.30 41.03 -17.87
C HIS B 387 40.34 41.90 -17.06
N THR B 388 39.95 43.06 -17.59
CA THR B 388 39.06 43.96 -16.85
C THR B 388 37.58 43.58 -16.90
N PHE B 389 37.21 42.67 -17.78
CA PHE B 389 35.81 42.27 -17.89
C PHE B 389 35.31 41.61 -16.61
N PHE B 390 36.23 41.06 -15.82
CA PHE B 390 35.87 40.42 -14.57
C PHE B 390 36.48 41.19 -13.40
N PRO B 391 35.77 42.22 -12.92
CA PRO B 391 36.18 43.09 -11.82
C PRO B 391 36.46 42.37 -10.50
N SER B 392 35.50 41.53 -10.10
CA SER B 392 35.64 40.80 -8.84
C SER B 392 34.87 39.49 -8.87
N TYR B 393 34.95 38.75 -7.78
CA TYR B 393 34.28 37.46 -7.64
C TYR B 393 32.86 37.41 -8.21
N ARG B 394 32.68 36.60 -9.24
CA ARG B 394 31.40 36.41 -9.91
C ARG B 394 30.72 37.65 -10.48
N LYS B 395 31.51 38.64 -10.88
CA LYS B 395 30.95 39.84 -11.48
C LYS B 395 31.59 40.15 -12.83
N THR B 396 30.85 40.85 -13.67
CA THR B 396 31.34 41.24 -15.00
C THR B 396 31.08 42.74 -15.15
N LEU B 397 31.53 43.32 -16.26
CA LEU B 397 31.30 44.74 -16.48
C LEU B 397 29.93 45.06 -17.05
N LEU B 398 29.03 44.09 -17.04
CA LEU B 398 27.68 44.30 -17.55
C LEU B 398 26.88 45.23 -16.64
N GLY B 399 26.10 46.12 -17.24
CA GLY B 399 25.29 47.03 -16.46
C GLY B 399 24.07 46.28 -15.94
N PRO B 400 23.37 46.81 -14.94
CA PRO B 400 22.18 46.12 -14.40
C PRO B 400 21.06 45.91 -15.41
N GLU B 401 21.04 46.72 -16.45
CA GLU B 401 20.00 46.60 -17.47
C GLU B 401 20.49 46.11 -18.82
N GLU B 402 21.77 45.72 -18.89
CA GLU B 402 22.34 45.21 -20.13
C GLU B 402 22.30 43.69 -20.16
N ILE B 403 22.40 43.14 -21.37
CA ILE B 403 22.42 41.70 -21.56
C ILE B 403 23.40 41.39 -22.67
N LEU B 404 24.03 40.22 -22.59
CA LEU B 404 24.99 39.81 -23.62
C LEU B 404 24.20 39.33 -24.81
N LEU B 405 24.34 40.02 -25.94
CA LEU B 405 23.62 39.67 -27.15
C LEU B 405 24.31 38.62 -28.00
N SER B 406 25.59 38.82 -28.25
CA SER B 406 26.34 37.87 -29.07
C SER B 406 27.83 37.86 -28.77
N ILE B 407 28.49 36.81 -29.24
CA ILE B 407 29.91 36.61 -29.05
C ILE B 407 30.54 36.23 -30.39
N GLU B 408 31.68 36.84 -30.71
CA GLU B 408 32.35 36.51 -31.95
C GLU B 408 33.71 35.89 -31.66
N ILE B 409 33.82 34.59 -31.92
CA ILE B 409 35.07 33.88 -31.69
C ILE B 409 35.90 34.18 -32.95
N PRO B 410 37.08 34.77 -32.77
CA PRO B 410 37.98 35.15 -33.87
C PRO B 410 38.77 34.09 -34.61
N TYR B 411 39.08 34.38 -35.86
CA TYR B 411 39.90 33.51 -36.68
C TYR B 411 41.31 33.85 -36.21
N SER B 412 42.22 32.90 -36.29
CA SER B 412 43.58 33.17 -35.89
C SER B 412 44.28 33.73 -37.13
N ARG B 413 45.28 34.58 -36.89
CA ARG B 413 46.02 35.21 -37.98
C ARG B 413 47.31 34.44 -38.24
N GLU B 414 48.06 34.86 -39.26
CA GLU B 414 49.32 34.21 -39.55
C GLU B 414 50.21 34.55 -38.36
N ASP B 415 51.15 33.67 -38.04
CA ASP B 415 52.07 33.91 -36.92
C ASP B 415 51.36 33.98 -35.56
N GLU B 416 50.14 33.46 -35.50
CA GLU B 416 49.35 33.45 -34.26
C GLU B 416 48.96 32.03 -33.87
N PHE B 417 49.34 31.63 -32.66
CA PHE B 417 49.04 30.28 -32.19
C PHE B 417 48.28 30.28 -30.87
N PHE B 418 47.47 29.25 -30.67
CA PHE B 418 46.64 29.14 -29.48
C PHE B 418 46.60 27.72 -28.92
N SER B 419 46.47 27.63 -27.60
CA SER B 419 46.36 26.36 -26.90
C SER B 419 45.40 26.56 -25.73
N ALA B 420 44.65 25.52 -25.41
CA ALA B 420 43.72 25.56 -24.29
C ALA B 420 43.88 24.22 -23.57
N PHE B 421 44.04 24.27 -22.25
CA PHE B 421 44.23 23.07 -21.44
C PHE B 421 43.37 23.07 -20.19
N LYS B 422 43.00 21.86 -19.75
CA LYS B 422 42.20 21.70 -18.54
C LYS B 422 42.65 20.44 -17.83
N GLN B 423 42.76 20.51 -16.50
CA GLN B 423 43.12 19.34 -15.71
C GLN B 423 42.24 19.37 -14.46
N ALA B 424 41.60 18.24 -14.18
CA ALA B 424 40.73 18.13 -13.02
C ALA B 424 41.08 16.87 -12.25
N SER B 425 40.09 16.28 -11.58
CA SER B 425 40.31 15.06 -10.83
C SER B 425 40.01 13.85 -11.72
N ARG B 426 39.08 14.04 -12.66
CA ARG B 426 38.68 13.01 -13.62
C ARG B 426 38.53 13.71 -14.95
N ARG B 427 38.91 13.05 -16.06
CA ARG B 427 38.80 13.66 -17.37
C ARG B 427 37.39 14.08 -17.76
N GLU B 428 36.44 13.15 -17.65
CA GLU B 428 35.06 13.41 -18.02
C GLU B 428 34.22 14.14 -16.98
N ASP B 429 33.38 15.05 -17.45
CA ASP B 429 32.45 15.82 -16.62
C ASP B 429 32.98 16.15 -15.21
N ASP B 430 33.97 17.02 -15.15
CA ASP B 430 34.54 17.42 -13.88
C ASP B 430 34.82 18.92 -13.87
N ILE B 431 35.01 19.46 -12.68
CA ILE B 431 35.30 20.87 -12.51
C ILE B 431 36.81 21.06 -12.63
N ALA B 432 37.24 22.07 -13.36
CA ALA B 432 38.67 22.30 -13.53
C ALA B 432 39.40 22.62 -12.23
N LYS B 433 40.61 22.06 -12.10
CA LYS B 433 41.46 22.36 -10.96
C LYS B 433 42.18 23.61 -11.47
N VAL B 434 42.67 23.50 -12.70
CA VAL B 434 43.33 24.60 -13.39
C VAL B 434 42.96 24.42 -14.86
N THR B 435 42.55 25.52 -15.49
CA THR B 435 42.15 25.50 -16.88
C THR B 435 42.72 26.77 -17.49
N CYS B 436 42.96 26.77 -18.80
CA CYS B 436 43.56 27.95 -19.40
C CYS B 436 43.38 28.17 -20.89
N GLY B 437 43.74 29.38 -21.29
CA GLY B 437 43.70 29.79 -22.68
C GLY B 437 45.02 30.53 -22.87
N MET B 438 45.78 30.16 -23.89
CA MET B 438 47.06 30.81 -24.14
C MET B 438 47.22 31.18 -25.61
N ARG B 439 47.59 32.42 -25.85
CA ARG B 439 47.76 32.93 -27.20
C ARG B 439 49.09 33.66 -27.35
N VAL B 440 49.72 33.50 -28.50
CA VAL B 440 50.96 34.19 -28.79
C VAL B 440 50.89 34.66 -30.24
N LEU B 441 51.35 35.89 -30.46
CA LEU B 441 51.37 36.48 -31.80
C LEU B 441 52.79 36.99 -32.02
N PHE B 442 53.46 36.47 -33.04
CA PHE B 442 54.82 36.90 -33.35
C PHE B 442 54.87 37.93 -34.46
N GLN B 443 56.01 38.60 -34.60
CA GLN B 443 56.17 39.56 -35.69
C GLN B 443 56.13 38.70 -36.94
N PRO B 444 55.71 39.27 -38.08
CA PRO B 444 55.63 38.51 -39.33
C PRO B 444 56.80 37.57 -39.62
N GLY B 445 56.48 36.30 -39.82
CA GLY B 445 57.48 35.29 -40.13
C GLY B 445 58.64 35.13 -39.16
N SER B 446 58.47 35.51 -37.90
CA SER B 446 59.55 35.40 -36.93
C SER B 446 59.15 34.63 -35.67
N MET B 447 60.07 34.59 -34.72
CA MET B 447 59.85 33.94 -33.44
C MET B 447 59.92 35.04 -32.38
N GLN B 448 59.66 36.27 -32.79
CA GLN B 448 59.69 37.40 -31.88
C GLN B 448 58.29 37.75 -31.40
N VAL B 449 58.10 37.68 -30.10
CA VAL B 449 56.82 37.97 -29.47
C VAL B 449 56.30 39.39 -29.63
N LYS B 450 55.10 39.50 -30.21
CA LYS B 450 54.47 40.79 -30.38
C LYS B 450 53.38 40.88 -29.30
N GLU B 451 52.61 39.81 -29.17
CA GLU B 451 51.55 39.71 -28.17
C GLU B 451 51.61 38.35 -27.47
N LEU B 452 51.30 38.35 -26.18
CA LEU B 452 51.30 37.14 -25.39
C LEU B 452 50.22 37.23 -24.31
N ALA B 453 49.41 36.19 -24.19
CA ALA B 453 48.33 36.16 -23.20
C ALA B 453 48.19 34.79 -22.58
N LEU B 454 48.38 34.73 -21.26
CA LEU B 454 48.26 33.49 -20.50
C LEU B 454 47.16 33.70 -19.48
N CYS B 455 45.97 33.18 -19.78
CA CYS B 455 44.82 33.33 -18.91
C CYS B 455 44.42 32.02 -18.24
N TYR B 456 44.25 32.08 -16.91
CA TYR B 456 43.91 30.90 -16.14
C TYR B 456 42.63 30.97 -15.31
N GLY B 457 42.06 29.80 -15.10
CA GLY B 457 40.88 29.65 -14.28
C GLY B 457 41.33 28.76 -13.14
N GLY B 458 40.72 28.90 -11.98
CA GLY B 458 41.10 28.08 -10.84
C GLY B 458 42.32 28.52 -10.05
N MET B 459 42.79 29.74 -10.29
CA MET B 459 43.96 30.25 -9.59
C MET B 459 43.68 31.51 -8.77
N ALA B 460 42.43 31.98 -8.85
CA ALA B 460 42.00 33.17 -8.11
C ALA B 460 40.49 33.12 -8.03
N ASP B 461 39.87 34.15 -7.45
CA ASP B 461 38.42 34.16 -7.34
C ASP B 461 37.76 34.66 -8.61
N ARG B 462 38.51 34.64 -9.71
CA ARG B 462 38.01 35.07 -11.01
C ARG B 462 38.99 34.63 -12.10
N THR B 463 38.57 34.74 -13.36
CA THR B 463 39.45 34.39 -14.46
C THR B 463 40.51 35.50 -14.51
N ILE B 464 41.79 35.12 -14.45
CA ILE B 464 42.86 36.12 -14.49
C ILE B 464 43.86 35.92 -15.62
N SER B 465 44.63 36.97 -15.88
CA SER B 465 45.66 36.96 -16.90
C SER B 465 46.97 37.31 -16.22
N ALA B 466 48.04 36.57 -16.52
CA ALA B 466 49.34 36.83 -15.92
C ALA B 466 50.04 37.96 -16.66
N LEU B 467 49.39 39.11 -16.73
CA LEU B 467 49.92 40.28 -17.42
C LEU B 467 51.34 40.66 -17.04
N LYS B 468 51.66 40.65 -15.76
CA LYS B 468 53.00 41.00 -15.30
C LYS B 468 54.07 40.13 -15.93
N THR B 469 53.83 38.81 -15.95
CA THR B 469 54.77 37.88 -16.52
C THR B 469 54.88 37.99 -18.04
N THR B 470 53.74 37.98 -18.72
CA THR B 470 53.70 38.06 -20.17
C THR B 470 54.23 39.39 -20.71
N GLN B 471 53.98 40.47 -19.98
CA GLN B 471 54.42 41.79 -20.40
C GLN B 471 55.94 41.87 -20.57
N LYS B 472 56.67 41.17 -19.72
CA LYS B 472 58.14 41.19 -19.76
C LYS B 472 58.72 40.43 -20.95
N GLN B 473 57.88 39.70 -21.67
CA GLN B 473 58.36 38.93 -22.82
C GLN B 473 58.08 39.56 -24.17
N LEU B 474 57.36 40.68 -24.18
CA LEU B 474 57.08 41.35 -25.43
C LEU B 474 58.42 41.74 -26.06
N SER B 475 58.55 41.51 -27.37
CA SER B 475 59.77 41.80 -28.12
C SER B 475 60.87 40.77 -27.86
N LYS B 476 60.58 39.80 -27.00
CA LYS B 476 61.54 38.73 -26.70
C LYS B 476 61.30 37.64 -27.74
N PHE B 477 62.20 36.65 -27.80
CA PHE B 477 62.08 35.56 -28.77
C PHE B 477 61.72 34.24 -28.10
N TRP B 478 61.05 33.37 -28.84
CA TRP B 478 60.61 32.07 -28.32
C TRP B 478 61.79 31.11 -28.16
N ASN B 479 62.33 31.05 -26.94
CA ASN B 479 63.47 30.19 -26.66
C ASN B 479 63.52 29.72 -25.21
N GLU B 480 64.51 28.89 -24.90
CA GLU B 480 64.70 28.31 -23.57
C GLU B 480 64.71 29.36 -22.45
N LYS B 481 65.36 30.49 -22.69
CA LYS B 481 65.42 31.56 -21.70
C LYS B 481 64.03 32.11 -21.41
N LEU B 482 63.20 32.26 -22.45
CA LEU B 482 61.86 32.77 -22.27
C LEU B 482 61.04 31.77 -21.44
N LEU B 483 61.24 30.48 -21.72
CA LEU B 483 60.55 29.44 -20.99
C LEU B 483 60.91 29.55 -19.51
N GLN B 484 62.19 29.81 -19.25
CA GLN B 484 62.69 29.95 -17.88
C GLN B 484 62.10 31.16 -17.18
N ASP B 485 62.15 32.31 -17.85
CA ASP B 485 61.62 33.54 -17.29
C ASP B 485 60.12 33.42 -17.00
N VAL B 486 59.37 32.93 -17.97
CA VAL B 486 57.93 32.79 -17.82
C VAL B 486 57.54 31.89 -16.64
N CYS B 487 58.19 30.73 -16.52
CA CYS B 487 57.90 29.82 -15.43
C CYS B 487 58.21 30.46 -14.08
N ALA B 488 59.31 31.21 -14.02
CA ALA B 488 59.71 31.89 -12.79
C ALA B 488 58.68 32.97 -12.48
N GLY B 489 58.29 33.70 -13.51
CA GLY B 489 57.30 34.75 -13.33
C GLY B 489 55.96 34.19 -12.86
N LEU B 490 55.51 33.12 -13.51
CA LEU B 490 54.24 32.50 -13.14
C LEU B 490 54.27 32.02 -11.70
N ALA B 491 55.37 31.39 -11.30
CA ALA B 491 55.53 30.88 -9.95
C ALA B 491 55.42 32.01 -8.92
N GLU B 492 55.82 33.21 -9.31
CA GLU B 492 55.79 34.36 -8.43
C GLU B 492 54.47 35.12 -8.51
N GLU B 493 53.96 35.29 -9.73
CA GLU B 493 52.73 36.04 -9.93
C GLU B 493 51.45 35.28 -9.59
N LEU B 494 51.40 33.98 -9.88
CA LEU B 494 50.20 33.19 -9.58
C LEU B 494 50.36 32.45 -8.27
N SER B 495 50.57 33.21 -7.20
CA SER B 495 50.74 32.64 -5.86
C SER B 495 49.42 32.21 -5.23
N LEU B 496 49.50 31.26 -4.32
CA LEU B 496 48.33 30.77 -3.62
C LEU B 496 48.64 30.69 -2.12
N SER B 497 47.82 31.36 -1.33
CA SER B 497 48.00 31.36 0.12
C SER B 497 47.68 29.96 0.64
N PRO B 498 48.16 29.63 1.85
CA PRO B 498 47.92 28.31 2.45
C PRO B 498 46.44 27.94 2.59
N ASP B 499 45.59 28.95 2.76
CA ASP B 499 44.16 28.73 2.96
C ASP B 499 43.32 28.88 1.69
N ALA B 500 43.97 28.85 0.53
CA ALA B 500 43.24 28.98 -0.73
C ALA B 500 42.16 27.91 -0.84
N PRO B 501 40.93 28.31 -1.21
CA PRO B 501 39.81 27.37 -1.35
C PRO B 501 40.11 26.26 -2.35
N GLY B 502 39.85 25.02 -1.96
CA GLY B 502 40.11 23.91 -2.84
C GLY B 502 41.45 23.25 -2.56
N GLY B 503 42.31 23.94 -1.81
CA GLY B 503 43.61 23.38 -1.50
C GLY B 503 44.42 22.97 -2.71
N MET B 504 45.19 21.88 -2.57
CA MET B 504 46.04 21.37 -3.65
C MET B 504 46.86 22.51 -4.23
N ILE B 505 47.46 23.30 -3.33
CA ILE B 505 48.27 24.45 -3.68
C ILE B 505 49.46 24.20 -4.61
N GLU B 506 50.28 23.21 -4.27
CA GLU B 506 51.45 22.89 -5.07
C GLU B 506 51.07 22.30 -6.43
N PHE B 507 50.06 21.43 -6.43
CA PHE B 507 49.60 20.81 -7.66
C PHE B 507 49.10 21.87 -8.63
N ARG B 508 48.25 22.77 -8.15
CA ARG B 508 47.72 23.83 -9.00
C ARG B 508 48.82 24.74 -9.55
N ARG B 509 49.76 25.12 -8.69
CA ARG B 509 50.84 26.00 -9.14
C ARG B 509 51.68 25.26 -10.17
N THR B 510 51.92 23.97 -9.93
CA THR B 510 52.70 23.16 -10.86
C THR B 510 52.00 23.05 -12.22
N LEU B 511 50.66 23.07 -12.20
CA LEU B 511 49.90 22.97 -13.44
C LEU B 511 50.01 24.25 -14.25
N THR B 512 50.04 25.39 -13.58
CA THR B 512 50.15 26.65 -14.28
C THR B 512 51.44 26.70 -15.10
N LEU B 513 52.54 26.21 -14.52
CA LEU B 513 53.82 26.20 -15.23
C LEU B 513 53.84 25.10 -16.28
N SER B 514 53.36 23.92 -15.90
CA SER B 514 53.33 22.77 -16.80
C SER B 514 52.51 23.04 -18.06
N PHE B 515 51.39 23.74 -17.90
CA PHE B 515 50.55 24.10 -19.04
C PHE B 515 51.34 25.03 -19.96
N PHE B 516 52.06 25.99 -19.38
CA PHE B 516 52.82 26.89 -20.23
C PHE B 516 53.90 26.12 -20.97
N PHE B 517 54.53 25.18 -20.27
CA PHE B 517 55.57 24.36 -20.88
C PHE B 517 54.99 23.67 -22.11
N LYS B 518 53.82 23.05 -21.94
CA LYS B 518 53.16 22.36 -23.05
C LYS B 518 52.91 23.36 -24.18
N PHE B 519 52.46 24.55 -23.82
CA PHE B 519 52.17 25.60 -24.79
C PHE B 519 53.49 25.98 -25.49
N TYR B 520 54.55 26.10 -24.71
CA TYR B 520 55.87 26.45 -25.21
C TYR B 520 56.36 25.47 -26.27
N LEU B 521 56.28 24.17 -25.96
CA LEU B 521 56.71 23.14 -26.88
C LEU B 521 55.81 23.05 -28.10
N THR B 522 54.51 23.20 -27.89
CA THR B 522 53.57 23.12 -29.01
C THR B 522 53.82 24.24 -30.01
N VAL B 523 54.12 25.43 -29.51
CA VAL B 523 54.40 26.57 -30.37
C VAL B 523 55.68 26.35 -31.18
N LEU B 524 56.70 25.76 -30.54
CA LEU B 524 57.94 25.49 -31.25
C LEU B 524 57.63 24.55 -32.41
N LYS B 525 56.79 23.56 -32.13
CA LYS B 525 56.38 22.59 -33.15
C LYS B 525 55.61 23.31 -34.27
N LYS B 526 54.69 24.18 -33.89
CA LYS B 526 53.90 24.92 -34.87
C LYS B 526 54.75 25.92 -35.66
N LEU B 527 55.81 26.43 -35.04
CA LEU B 527 56.69 27.38 -35.71
C LEU B 527 57.53 26.64 -36.73
N GLY B 528 57.64 25.33 -36.56
CA GLY B 528 58.42 24.52 -37.48
C GLY B 528 57.61 24.26 -38.74
N LYS B 537 65.35 20.91 -34.25
CA LYS B 537 63.91 21.07 -33.94
C LYS B 537 63.56 20.56 -32.54
N LEU B 538 62.39 19.94 -32.42
CA LEU B 538 61.92 19.41 -31.14
C LEU B 538 62.44 18.01 -30.87
N ASP B 539 63.01 17.80 -29.69
CA ASP B 539 63.55 16.50 -29.30
C ASP B 539 62.44 15.44 -29.40
N PRO B 540 62.73 14.31 -30.04
CA PRO B 540 61.77 13.21 -30.20
C PRO B 540 61.18 12.69 -28.89
N THR B 541 61.92 12.89 -27.79
CA THR B 541 61.47 12.44 -26.48
C THR B 541 60.58 13.48 -25.81
N TYR B 542 60.46 14.65 -26.45
CA TYR B 542 59.65 15.75 -25.95
C TYR B 542 58.33 15.87 -26.71
N THR B 543 58.29 15.33 -27.93
CA THR B 543 57.12 15.42 -28.78
C THR B 543 55.76 15.04 -28.18
N SER B 544 55.68 13.90 -27.50
CA SER B 544 54.40 13.48 -26.93
C SER B 544 53.79 14.49 -25.96
N ALA B 545 54.61 15.44 -25.49
CA ALA B 545 54.12 16.46 -24.57
C ALA B 545 53.22 17.47 -25.26
N THR B 546 53.29 17.53 -26.59
CA THR B 546 52.48 18.48 -27.36
C THR B 546 51.17 17.88 -27.85
N LEU B 547 50.99 16.58 -27.67
CA LEU B 547 49.79 15.91 -28.14
C LEU B 547 48.58 16.07 -27.22
N LEU B 548 47.43 16.31 -27.82
CA LEU B 548 46.20 16.44 -27.05
C LEU B 548 45.71 15.01 -26.82
N PHE B 549 44.88 14.82 -25.80
CA PHE B 549 44.38 13.49 -25.47
C PHE B 549 43.79 12.77 -26.68
N GLN B 550 44.14 11.50 -26.81
CA GLN B 550 43.63 10.69 -27.92
C GLN B 550 43.22 9.31 -27.39
N LYS B 551 41.95 8.97 -27.61
CA LYS B 551 41.44 7.68 -27.16
C LYS B 551 41.91 6.56 -28.08
N HIS B 552 42.07 5.36 -27.51
CA HIS B 552 42.52 4.21 -28.26
C HIS B 552 41.32 3.31 -28.54
N PRO B 553 41.42 2.44 -29.55
CA PRO B 553 40.30 1.55 -29.86
C PRO B 553 40.11 0.57 -28.70
N PRO B 554 38.86 0.38 -28.25
CA PRO B 554 38.62 -0.56 -27.14
C PRO B 554 38.71 -2.00 -27.62
N ALA B 555 39.00 -2.90 -26.69
CA ALA B 555 39.08 -4.33 -26.98
C ALA B 555 38.67 -5.06 -25.71
N ASN B 556 37.63 -5.87 -25.80
CA ASN B 556 37.15 -6.61 -24.65
C ASN B 556 37.02 -8.09 -24.96
N ILE B 557 37.44 -8.92 -24.02
CA ILE B 557 37.36 -10.36 -24.17
C ILE B 557 36.96 -10.99 -22.84
N GLN B 558 35.96 -11.86 -22.87
CA GLN B 558 35.53 -12.55 -21.66
C GLN B 558 35.64 -14.03 -21.95
N LEU B 559 36.29 -14.77 -21.06
CA LEU B 559 36.43 -16.20 -21.23
C LEU B 559 35.87 -16.95 -20.03
N PHE B 560 34.99 -17.90 -20.30
CA PHE B 560 34.40 -18.71 -19.25
C PHE B 560 34.25 -20.12 -19.78
N GLN B 561 33.65 -21.00 -18.99
CA GLN B 561 33.50 -22.38 -19.38
C GLN B 561 32.09 -22.81 -19.78
N GLU B 562 32.01 -23.60 -20.85
CA GLU B 562 30.75 -24.12 -21.33
C GLU B 562 30.22 -25.09 -20.28
N VAL B 563 28.91 -25.29 -20.24
CA VAL B 563 28.34 -26.22 -19.28
C VAL B 563 28.48 -27.62 -19.87
N PRO B 564 28.33 -28.66 -19.03
CA PRO B 564 28.45 -30.03 -19.55
C PRO B 564 27.54 -30.21 -20.78
N ASN B 565 28.12 -30.62 -21.89
CA ASN B 565 27.37 -30.81 -23.14
C ASN B 565 26.08 -31.61 -22.98
N GLY B 566 26.07 -32.53 -22.01
CA GLY B 566 24.88 -33.34 -21.78
C GLY B 566 23.96 -32.75 -20.72
N GLN B 567 23.78 -31.43 -20.76
CA GLN B 567 22.93 -30.76 -19.79
C GLN B 567 21.64 -30.23 -20.42
N SER B 568 20.53 -30.40 -19.72
CA SER B 568 19.24 -29.95 -20.22
C SER B 568 19.20 -28.45 -20.48
N LYS B 569 18.50 -28.07 -21.55
CA LYS B 569 18.35 -26.67 -21.91
C LYS B 569 17.60 -25.96 -20.79
N GLU B 570 16.79 -26.71 -20.04
CA GLU B 570 16.02 -26.14 -18.94
C GLU B 570 16.88 -25.93 -17.70
N ASP B 571 18.05 -26.57 -17.69
CA ASP B 571 18.98 -26.41 -16.58
C ASP B 571 19.85 -25.22 -16.96
N THR B 572 19.58 -24.07 -16.38
CA THR B 572 20.33 -22.85 -16.69
C THR B 572 21.53 -22.60 -15.78
N VAL B 573 21.78 -23.49 -14.84
CA VAL B 573 22.91 -23.32 -13.93
C VAL B 573 24.23 -23.45 -14.70
N GLY B 574 25.02 -22.39 -14.65
CA GLY B 574 26.28 -22.40 -15.36
C GLY B 574 26.14 -21.69 -16.69
N ARG B 575 24.93 -21.27 -17.02
CA ARG B 575 24.67 -20.57 -18.28
C ARG B 575 24.63 -19.05 -18.03
N PRO B 576 24.98 -18.26 -19.06
CA PRO B 576 25.00 -16.79 -18.99
C PRO B 576 23.60 -16.17 -19.12
N LEU B 577 22.73 -16.52 -18.17
CA LEU B 577 21.36 -16.03 -18.14
C LEU B 577 21.35 -14.59 -17.64
N PRO B 578 20.78 -13.66 -18.42
CA PRO B 578 20.75 -12.26 -17.96
C PRO B 578 19.86 -12.04 -16.74
N HIS B 579 20.22 -11.04 -15.95
CA HIS B 579 19.47 -10.65 -14.75
C HIS B 579 18.00 -10.64 -15.11
N LEU B 580 17.19 -11.37 -14.34
CA LEU B 580 15.77 -11.49 -14.62
C LEU B 580 14.98 -10.18 -14.69
N ALA B 581 15.49 -9.12 -14.06
CA ALA B 581 14.79 -7.84 -14.09
C ALA B 581 15.43 -6.81 -15.01
N ALA B 582 16.48 -7.20 -15.72
CA ALA B 582 17.19 -6.28 -16.62
C ALA B 582 16.30 -5.60 -17.65
N ALA B 583 15.38 -6.36 -18.26
CA ALA B 583 14.49 -5.79 -19.26
C ALA B 583 13.59 -4.71 -18.65
N MET B 584 13.05 -4.95 -17.47
CA MET B 584 12.18 -3.97 -16.81
C MET B 584 12.99 -2.77 -16.32
N GLN B 585 14.27 -2.97 -16.04
CA GLN B 585 15.11 -1.88 -15.61
C GLN B 585 15.44 -1.01 -16.81
N ALA B 586 15.61 -1.64 -17.97
CA ALA B 586 15.89 -0.92 -19.20
C ALA B 586 14.64 -0.16 -19.67
N SER B 587 13.47 -0.61 -19.23
CA SER B 587 12.22 0.03 -19.63
C SER B 587 11.70 1.02 -18.61
N GLY B 588 12.30 1.04 -17.43
CA GLY B 588 11.84 1.96 -16.40
C GLY B 588 10.61 1.43 -15.69
N GLU B 589 10.31 0.14 -15.89
CA GLU B 589 9.16 -0.48 -15.26
C GLU B 589 9.54 -1.06 -13.89
N ALA B 590 10.82 -1.33 -13.69
CA ALA B 590 11.29 -1.87 -12.42
C ALA B 590 11.01 -0.82 -11.34
N VAL B 591 10.36 -1.24 -10.26
CA VAL B 591 10.00 -0.34 -9.18
C VAL B 591 11.02 -0.27 -8.04
N TYR B 592 11.48 0.94 -7.75
CA TYR B 592 12.42 1.17 -6.63
C TYR B 592 11.57 1.86 -5.57
N CYS B 593 12.06 1.89 -4.33
CA CYS B 593 11.27 2.45 -3.25
C CYS B 593 10.47 3.72 -3.54
N ASP B 594 11.12 4.77 -4.02
CA ASP B 594 10.38 6.01 -4.28
C ASP B 594 9.42 5.91 -5.46
N ASP B 595 9.56 4.88 -6.29
CA ASP B 595 8.66 4.71 -7.44
C ASP B 595 7.29 4.20 -6.97
N ILE B 596 7.23 3.71 -5.74
CA ILE B 596 5.98 3.23 -5.19
C ILE B 596 5.08 4.48 -5.05
N PRO B 597 3.85 4.42 -5.54
CA PRO B 597 2.93 5.56 -5.46
C PRO B 597 2.72 6.07 -4.02
N ARG B 598 2.50 7.36 -3.86
CA ARG B 598 2.27 7.89 -2.53
C ARG B 598 0.77 7.86 -2.22
N TYR B 599 0.43 7.61 -0.96
CA TYR B 599 -0.97 7.62 -0.58
C TYR B 599 -1.41 9.07 -0.63
N GLU B 600 -2.71 9.30 -0.82
CA GLU B 600 -3.20 10.67 -0.90
C GLU B 600 -2.90 11.48 0.35
N ASN B 601 -2.82 10.82 1.50
CA ASN B 601 -2.53 11.50 2.76
C ASN B 601 -1.08 11.32 3.20
N GLU B 602 -0.24 10.85 2.28
CA GLU B 602 1.17 10.62 2.60
C GLU B 602 1.98 11.91 2.74
N LEU B 603 2.74 12.01 3.83
CA LEU B 603 3.55 13.20 4.10
C LEU B 603 5.03 12.95 3.82
N PHE B 604 5.82 14.02 3.84
CA PHE B 604 7.25 13.92 3.58
C PHE B 604 8.10 14.37 4.75
N LEU B 605 9.22 13.68 4.95
CA LEU B 605 10.12 13.97 6.04
C LEU B 605 11.49 14.44 5.53
N ARG B 606 12.05 15.43 6.22
CA ARG B 606 13.36 15.98 5.89
C ARG B 606 14.14 16.02 7.21
N LEU B 607 15.30 15.37 7.22
CA LEU B 607 16.13 15.32 8.41
C LEU B 607 16.73 16.69 8.75
N VAL B 608 16.82 16.96 10.05
CA VAL B 608 17.41 18.20 10.55
C VAL B 608 18.71 17.73 11.18
N THR B 609 19.83 18.15 10.61
CA THR B 609 21.12 17.68 11.10
C THR B 609 22.05 18.75 11.64
N SER B 610 22.99 18.30 12.47
CA SER B 610 23.97 19.16 13.09
C SER B 610 24.96 19.77 12.11
N THR B 611 25.32 21.03 12.34
CA THR B 611 26.29 21.72 11.50
C THR B 611 27.61 21.86 12.28
N ARG B 612 27.67 21.23 13.44
CA ARG B 612 28.86 21.28 14.30
C ARG B 612 29.42 19.88 14.53
N ALA B 613 30.75 19.77 14.61
CA ALA B 613 31.38 18.47 14.83
C ALA B 613 31.19 17.94 16.24
N HIS B 614 31.10 18.84 17.21
CA HIS B 614 30.92 18.46 18.61
C HIS B 614 30.46 19.68 19.39
N ALA B 615 29.29 19.58 20.00
CA ALA B 615 28.76 20.70 20.75
C ALA B 615 27.51 20.34 21.54
N LYS B 616 27.13 21.23 22.44
CA LYS B 616 25.94 21.06 23.25
C LYS B 616 24.80 21.74 22.51
N ILE B 617 23.64 21.08 22.49
CA ILE B 617 22.47 21.69 21.86
C ILE B 617 21.88 22.56 22.98
N LYS B 618 21.96 23.87 22.82
CA LYS B 618 21.44 24.79 23.83
C LYS B 618 19.95 25.00 23.70
N SER B 619 19.49 25.16 22.45
CA SER B 619 18.07 25.37 22.20
C SER B 619 17.75 25.18 20.73
N ILE B 620 16.49 24.85 20.45
CA ILE B 620 16.03 24.66 19.09
C ILE B 620 14.81 25.54 18.88
N ASP B 621 14.83 26.36 17.83
CA ASP B 621 13.72 27.25 17.54
C ASP B 621 13.10 26.95 16.18
N VAL B 622 11.83 26.54 16.18
CA VAL B 622 11.14 26.20 14.95
C VAL B 622 10.14 27.26 14.52
N SER B 623 10.17 28.42 15.19
CA SER B 623 9.23 29.49 14.87
C SER B 623 9.23 29.88 13.39
N GLU B 624 10.39 29.80 12.74
CA GLU B 624 10.46 30.15 11.33
C GLU B 624 9.95 29.02 10.44
N ALA B 625 10.30 27.78 10.80
CA ALA B 625 9.87 26.63 10.04
C ALA B 625 8.34 26.54 10.01
N GLN B 626 7.72 26.80 11.16
CA GLN B 626 6.26 26.77 11.29
C GLN B 626 5.53 27.70 10.31
N LYS B 627 6.26 28.66 9.74
CA LYS B 627 5.67 29.60 8.82
C LYS B 627 5.64 29.09 7.38
N VAL B 628 6.53 28.15 7.07
CA VAL B 628 6.57 27.60 5.72
C VAL B 628 5.25 26.89 5.41
N PRO B 629 4.67 27.16 4.23
CA PRO B 629 3.41 26.53 3.85
C PRO B 629 3.53 25.00 3.88
N GLY B 630 2.46 24.33 4.32
CA GLY B 630 2.47 22.89 4.36
C GLY B 630 3.21 22.27 5.54
N PHE B 631 3.78 23.09 6.41
CA PHE B 631 4.49 22.59 7.57
C PHE B 631 3.52 21.78 8.43
N VAL B 632 3.96 20.62 8.90
CA VAL B 632 3.11 19.80 9.74
C VAL B 632 3.66 19.72 11.16
N CYS B 633 4.95 19.40 11.29
CA CYS B 633 5.54 19.31 12.62
C CYS B 633 7.04 19.08 12.57
N PHE B 634 7.68 19.35 13.71
CA PHE B 634 9.11 19.13 13.88
C PHE B 634 9.18 18.03 14.93
N LEU B 635 9.93 16.98 14.63
CA LEU B 635 10.07 15.85 15.54
C LEU B 635 11.47 15.83 16.15
N SER B 636 11.54 15.49 17.42
CA SER B 636 12.82 15.39 18.11
C SER B 636 12.81 14.24 19.11
N ALA B 637 13.91 14.10 19.84
CA ALA B 637 14.07 13.02 20.82
C ALA B 637 12.88 12.77 21.74
N ASP B 638 12.30 13.84 22.29
CA ASP B 638 11.18 13.69 23.22
C ASP B 638 9.91 13.07 22.61
N ASP B 639 9.83 13.05 21.29
CA ASP B 639 8.67 12.48 20.61
C ASP B 639 8.73 10.95 20.55
N ILE B 640 9.90 10.38 20.80
CA ILE B 640 10.06 8.93 20.76
C ILE B 640 9.32 8.24 21.92
N PRO B 641 8.37 7.34 21.59
CA PRO B 641 7.59 6.63 22.61
C PRO B 641 8.34 5.48 23.27
N GLY B 642 9.28 4.89 22.54
CA GLY B 642 10.03 3.77 23.08
C GLY B 642 11.40 4.13 23.59
N SER B 643 12.43 3.79 22.82
CA SER B 643 13.82 4.06 23.21
C SER B 643 14.56 4.90 22.19
N ASN B 644 15.38 5.82 22.67
CA ASN B 644 16.18 6.67 21.80
C ASN B 644 17.58 6.10 21.67
N GLU B 645 17.76 4.87 22.15
CA GLU B 645 19.04 4.18 22.07
C GLU B 645 18.95 3.21 20.90
N THR B 646 19.84 3.36 19.92
CA THR B 646 19.82 2.50 18.74
C THR B 646 21.24 2.16 18.28
N GLY B 647 21.35 1.62 17.08
CA GLY B 647 22.66 1.26 16.56
C GLY B 647 23.03 -0.18 16.88
N LEU B 648 23.92 -0.74 16.08
CA LEU B 648 24.35 -2.12 16.25
C LEU B 648 24.80 -2.46 17.67
N PHE B 649 25.47 -1.51 18.32
CA PHE B 649 25.94 -1.73 19.69
C PHE B 649 25.33 -0.80 20.71
N ASN B 650 24.10 -0.36 20.45
CA ASN B 650 23.36 0.52 21.35
C ASN B 650 24.15 1.71 21.85
N ASP B 651 24.94 2.31 20.97
CA ASP B 651 25.75 3.46 21.35
C ASP B 651 25.38 4.68 20.53
N GLU B 652 24.17 4.68 19.99
CA GLU B 652 23.70 5.80 19.16
C GLU B 652 22.32 6.28 19.59
N THR B 653 21.99 7.50 19.19
CA THR B 653 20.68 8.08 19.48
C THR B 653 19.88 8.04 18.18
N VAL B 654 18.56 8.01 18.27
CA VAL B 654 17.72 8.05 17.08
C VAL B 654 17.71 9.51 16.68
N PHE B 655 17.64 10.37 17.70
CA PHE B 655 17.64 11.82 17.55
C PHE B 655 18.59 12.37 18.62
N ALA B 656 19.47 13.29 18.23
CA ALA B 656 20.44 13.88 19.14
C ALA B 656 19.81 14.42 20.43
N LYS B 657 20.43 14.09 21.56
CA LYS B 657 19.95 14.52 22.87
C LYS B 657 21.06 15.26 23.64
N ASP B 658 20.89 16.56 23.82
CA ASP B 658 21.83 17.41 24.56
C ASP B 658 23.13 17.73 23.82
N THR B 659 23.70 16.77 23.10
CA THR B 659 24.94 17.03 22.36
C THR B 659 24.95 16.36 21.00
N VAL B 660 25.68 16.97 20.07
CA VAL B 660 25.84 16.42 18.72
C VAL B 660 27.30 16.01 18.64
N THR B 661 27.56 14.87 18.00
CA THR B 661 28.92 14.35 17.91
C THR B 661 29.55 14.29 16.50
N CYS B 662 28.96 14.95 15.53
CA CYS B 662 29.51 14.99 14.17
C CYS B 662 28.64 15.88 13.29
N VAL B 663 29.23 16.46 12.26
CA VAL B 663 28.46 17.28 11.33
C VAL B 663 27.60 16.24 10.63
N GLY B 664 26.28 16.43 10.65
CA GLY B 664 25.38 15.48 10.02
C GLY B 664 24.60 14.69 11.07
N HIS B 665 25.02 14.79 12.33
CA HIS B 665 24.34 14.09 13.41
C HIS B 665 22.87 14.50 13.36
N ILE B 666 21.98 13.53 13.27
CA ILE B 666 20.55 13.80 13.19
C ILE B 666 19.96 14.27 14.52
N ILE B 667 19.46 15.50 14.52
CA ILE B 667 18.87 16.13 15.70
C ILE B 667 17.36 15.91 15.72
N GLY B 668 16.75 15.95 14.55
CA GLY B 668 15.31 15.78 14.46
C GLY B 668 14.86 15.72 13.01
N ALA B 669 13.60 16.03 12.77
CA ALA B 669 13.07 16.00 11.42
C ALA B 669 11.82 16.83 11.27
N VAL B 670 11.63 17.38 10.07
CA VAL B 670 10.45 18.16 9.77
C VAL B 670 9.55 17.32 8.86
N VAL B 671 8.24 17.44 9.04
CA VAL B 671 7.28 16.74 8.23
C VAL B 671 6.42 17.81 7.58
N ALA B 672 6.19 17.68 6.27
CA ALA B 672 5.39 18.65 5.55
C ALA B 672 4.59 17.96 4.44
N ASP B 673 3.75 18.73 3.75
CA ASP B 673 2.91 18.18 2.69
C ASP B 673 3.64 17.89 1.38
N THR B 674 4.83 18.48 1.19
CA THR B 674 5.63 18.24 0.00
C THR B 674 7.09 18.19 0.40
N PRO B 675 7.94 17.54 -0.40
CA PRO B 675 9.37 17.48 -0.06
C PRO B 675 10.00 18.86 -0.06
N GLU B 676 9.59 19.72 -0.99
CA GLU B 676 10.13 21.09 -1.06
C GLU B 676 9.83 21.86 0.22
N HIS B 677 8.59 21.76 0.68
CA HIS B 677 8.19 22.45 1.89
C HIS B 677 8.93 21.90 3.11
N ALA B 678 9.15 20.58 3.11
CA ALA B 678 9.84 19.94 4.22
C ALA B 678 11.30 20.40 4.25
N GLU B 679 11.93 20.45 3.07
CA GLU B 679 13.31 20.87 2.94
C GLU B 679 13.47 22.34 3.35
N ARG B 680 12.58 23.20 2.87
CA ARG B 680 12.66 24.62 3.20
C ARG B 680 12.45 24.88 4.70
N ALA B 681 11.48 24.19 5.29
CA ALA B 681 11.22 24.36 6.72
C ALA B 681 12.41 23.89 7.56
N ALA B 682 12.96 22.73 7.20
CA ALA B 682 14.11 22.17 7.94
C ALA B 682 15.30 23.12 7.85
N HIS B 683 15.44 23.79 6.71
CA HIS B 683 16.53 24.74 6.50
C HIS B 683 16.49 25.90 7.49
N VAL B 684 15.29 26.36 7.83
CA VAL B 684 15.17 27.49 8.76
C VAL B 684 15.01 27.12 10.23
N VAL B 685 15.19 25.84 10.57
CA VAL B 685 15.10 25.45 11.96
C VAL B 685 16.38 25.99 12.59
N LYS B 686 16.24 26.83 13.61
CA LYS B 686 17.39 27.44 14.26
C LYS B 686 17.89 26.69 15.48
N VAL B 687 19.13 26.21 15.40
CA VAL B 687 19.74 25.48 16.51
C VAL B 687 20.88 26.29 17.12
N THR B 688 20.87 26.44 18.44
CA THR B 688 21.92 27.16 19.14
C THR B 688 22.86 26.16 19.79
N TYR B 689 24.15 26.25 19.43
CA TYR B 689 25.14 25.32 19.97
C TYR B 689 26.15 25.97 20.90
N GLU B 690 26.91 25.12 21.57
CA GLU B 690 27.98 25.50 22.47
C GLU B 690 29.05 24.47 22.13
N ASP B 691 30.00 24.87 21.28
CA ASP B 691 31.07 23.97 20.85
C ASP B 691 31.84 23.30 21.97
N LEU B 692 32.26 22.07 21.70
CA LEU B 692 33.03 21.26 22.63
C LEU B 692 34.29 20.81 21.91
N PRO B 693 35.33 20.41 22.66
CA PRO B 693 36.56 19.98 22.00
C PRO B 693 36.24 18.81 21.07
N ALA B 694 36.76 18.86 19.84
CA ALA B 694 36.50 17.80 18.89
C ALA B 694 37.74 17.01 18.49
N ILE B 695 37.52 15.74 18.12
CA ILE B 695 38.58 14.85 17.67
C ILE B 695 38.14 14.38 16.29
N ILE B 696 38.80 14.91 15.26
CA ILE B 696 38.45 14.59 13.88
C ILE B 696 39.27 13.50 13.19
N THR B 697 40.59 13.64 13.24
CA THR B 697 41.48 12.71 12.55
C THR B 697 41.98 11.53 13.37
N ILE B 698 42.51 10.54 12.65
CA ILE B 698 43.08 9.36 13.28
C ILE B 698 44.22 9.81 14.20
N GLU B 699 44.93 10.85 13.76
CA GLU B 699 46.05 11.39 14.53
C GLU B 699 45.53 11.98 15.84
N ASP B 700 44.46 12.78 15.76
CA ASP B 700 43.87 13.38 16.95
C ASP B 700 43.47 12.29 17.93
N ALA B 701 42.84 11.24 17.40
CA ALA B 701 42.39 10.12 18.20
C ALA B 701 43.51 9.42 18.96
N ILE B 702 44.60 9.11 18.26
CA ILE B 702 45.75 8.45 18.86
C ILE B 702 46.36 9.33 19.95
N LYS B 703 46.55 10.59 19.61
CA LYS B 703 47.12 11.57 20.53
C LYS B 703 46.25 11.77 21.77
N ASN B 704 44.97 11.46 21.65
CA ASN B 704 44.04 11.62 22.76
C ASN B 704 43.53 10.28 23.28
N ASN B 705 44.09 9.20 22.77
CA ASN B 705 43.70 7.85 23.18
C ASN B 705 42.19 7.66 23.05
N SER B 706 41.63 8.15 21.94
CA SER B 706 40.20 8.03 21.69
C SER B 706 39.93 6.82 20.80
N PHE B 707 39.64 5.68 21.42
CA PHE B 707 39.39 4.44 20.69
C PHE B 707 38.12 3.73 21.15
N TYR B 708 37.67 2.77 20.36
CA TYR B 708 36.51 1.96 20.69
C TYR B 708 37.04 0.59 21.09
N GLY B 709 36.93 0.25 22.36
CA GLY B 709 37.41 -1.04 22.81
C GLY B 709 38.92 -1.12 22.84
N SER B 710 39.44 -2.32 23.02
CA SER B 710 40.89 -2.51 23.07
C SER B 710 41.49 -2.97 21.75
N GLU B 711 42.82 -3.02 21.74
CA GLU B 711 43.59 -3.44 20.58
C GLU B 711 43.26 -4.85 20.09
N LEU B 712 43.19 -5.00 18.77
CA LEU B 712 42.95 -6.29 18.15
C LEU B 712 44.31 -6.78 17.69
N LYS B 713 44.56 -8.08 17.76
CA LYS B 713 45.86 -8.58 17.35
C LYS B 713 45.93 -10.07 17.02
N ILE B 714 46.78 -10.37 16.03
CA ILE B 714 47.04 -11.73 15.61
C ILE B 714 48.56 -11.80 15.58
N GLU B 715 49.15 -12.76 16.27
CA GLU B 715 50.60 -12.87 16.27
C GLU B 715 51.03 -14.33 16.15
N LYS B 716 51.92 -14.59 15.21
CA LYS B 716 52.41 -15.94 14.97
C LYS B 716 53.93 -15.89 14.77
N GLY B 717 54.62 -16.94 15.24
CA GLY B 717 56.06 -16.98 15.09
C GLY B 717 56.83 -16.21 16.14
N ASP B 718 58.05 -15.81 15.80
CA ASP B 718 58.93 -15.07 16.70
C ASP B 718 59.48 -13.85 15.98
N LEU B 719 58.87 -12.70 16.20
CA LEU B 719 59.29 -11.46 15.54
C LEU B 719 60.74 -11.09 15.81
N LYS B 720 61.08 -10.88 17.08
CA LYS B 720 62.44 -10.51 17.46
C LYS B 720 63.46 -11.38 16.75
N LYS B 721 63.21 -12.68 16.74
CA LYS B 721 64.10 -13.63 16.08
C LYS B 721 64.00 -13.48 14.58
N GLY B 722 62.79 -13.24 14.09
CA GLY B 722 62.59 -13.08 12.66
C GLY B 722 63.37 -11.90 12.10
N PHE B 723 63.27 -10.75 12.77
CA PHE B 723 63.99 -9.56 12.33
C PHE B 723 65.49 -9.72 12.53
N SER B 724 65.88 -10.74 13.29
CA SER B 724 67.30 -10.98 13.55
C SER B 724 67.94 -11.78 12.41
N GLU B 725 67.09 -12.48 11.66
CA GLU B 725 67.56 -13.31 10.56
C GLU B 725 67.48 -12.59 9.21
N ALA B 726 66.76 -11.47 9.19
CA ALA B 726 66.58 -10.69 7.96
C ALA B 726 67.81 -9.89 7.53
N ASP B 727 68.08 -9.87 6.24
CA ASP B 727 69.21 -9.13 5.70
C ASP B 727 68.83 -7.66 5.61
N ASN B 728 67.55 -7.41 5.36
CA ASN B 728 67.05 -6.04 5.23
C ASN B 728 65.75 -5.83 6.00
N VAL B 729 65.53 -4.59 6.44
CA VAL B 729 64.33 -4.24 7.18
C VAL B 729 63.84 -2.88 6.71
N VAL B 730 62.58 -2.82 6.30
CA VAL B 730 61.98 -1.57 5.84
C VAL B 730 60.83 -1.16 6.76
N SER B 731 60.84 0.10 7.19
CA SER B 731 59.82 0.63 8.06
C SER B 731 59.16 1.83 7.41
N GLY B 732 57.87 2.00 7.65
CA GLY B 732 57.18 3.13 7.05
C GLY B 732 55.77 3.35 7.53
N GLU B 733 55.11 4.32 6.90
CA GLU B 733 53.74 4.66 7.22
C GLU B 733 52.99 4.78 5.91
N LEU B 734 51.70 4.43 5.94
CA LEU B 734 50.87 4.48 4.73
C LEU B 734 49.45 4.90 5.10
N TYR B 735 48.78 5.54 4.16
CA TYR B 735 47.41 6.00 4.37
C TYR B 735 46.54 5.71 3.15
N ILE B 736 45.30 5.31 3.40
CA ILE B 736 44.35 5.05 2.34
C ILE B 736 43.05 5.76 2.69
N GLY B 737 42.66 6.70 1.83
CA GLY B 737 41.45 7.47 2.06
C GLY B 737 40.19 6.63 2.06
N GLY B 738 39.10 7.21 2.58
CA GLY B 738 37.84 6.50 2.63
C GLY B 738 37.15 6.40 1.28
N GLN B 739 35.85 6.17 1.27
CA GLN B 739 35.11 6.05 0.02
C GLN B 739 33.61 6.12 0.27
N ASP B 740 32.90 6.80 -0.63
CA ASP B 740 31.46 6.93 -0.53
C ASP B 740 30.86 5.88 -1.46
N HIS B 741 29.88 5.14 -0.96
CA HIS B 741 29.26 4.08 -1.76
C HIS B 741 28.75 4.54 -3.12
N PHE B 742 28.14 5.72 -3.13
CA PHE B 742 27.54 6.29 -4.32
C PHE B 742 26.67 5.29 -5.09
N TYR B 743 25.77 4.65 -4.37
CA TYR B 743 24.82 3.75 -5.02
C TYR B 743 23.96 4.76 -5.79
N LEU B 744 23.58 4.46 -7.02
CA LEU B 744 22.77 5.42 -7.77
C LEU B 744 21.47 5.79 -7.06
N GLU B 745 20.86 4.82 -6.36
CA GLU B 745 19.65 5.14 -5.60
C GLU B 745 20.10 5.40 -4.16
N THR B 746 19.79 6.59 -3.64
CA THR B 746 20.15 6.91 -2.26
C THR B 746 19.21 6.20 -1.28
N HIS B 747 19.49 6.34 0.01
CA HIS B 747 18.68 5.74 1.06
C HIS B 747 17.23 6.20 0.95
N CYS B 748 16.29 5.30 1.19
CA CYS B 748 14.87 5.64 1.08
C CYS B 748 13.98 4.71 1.89
N THR B 749 12.99 5.29 2.58
CA THR B 749 12.03 4.53 3.37
C THR B 749 10.63 5.12 3.31
N ILE B 750 9.65 4.24 3.23
CA ILE B 750 8.24 4.60 3.25
C ILE B 750 7.70 3.84 4.45
N ALA B 751 7.04 4.53 5.37
CA ALA B 751 6.48 3.90 6.56
C ALA B 751 4.97 4.07 6.59
N ILE B 752 4.24 2.95 6.65
CA ILE B 752 2.79 2.97 6.69
C ILE B 752 2.27 2.56 8.06
N PRO B 753 1.75 3.52 8.84
CA PRO B 753 1.22 3.19 10.17
C PRO B 753 -0.20 2.67 9.98
N LYS B 754 -0.49 1.49 10.55
CA LYS B 754 -1.83 0.92 10.40
C LYS B 754 -2.86 1.46 11.38
N GLY B 755 -2.41 1.83 12.58
CA GLY B 755 -3.32 2.35 13.58
C GLY B 755 -3.86 1.26 14.49
N GLU B 756 -3.41 0.03 14.28
CA GLU B 756 -3.84 -1.12 15.08
C GLU B 756 -2.67 -1.80 15.79
N GLU B 757 -2.78 -1.94 17.11
CA GLU B 757 -1.74 -2.63 17.87
C GLU B 757 -0.30 -2.23 17.56
N GLY B 758 -0.06 -0.98 17.19
CA GLY B 758 1.29 -0.54 16.88
C GLY B 758 1.82 -1.05 15.54
N GLU B 759 0.98 -1.72 14.77
CA GLU B 759 1.42 -2.26 13.48
C GLU B 759 1.95 -1.21 12.51
N MET B 760 3.01 -1.57 11.80
CA MET B 760 3.61 -0.70 10.81
C MET B 760 4.22 -1.54 9.69
N GLU B 761 4.01 -1.11 8.45
CA GLU B 761 4.54 -1.81 7.27
C GLU B 761 5.48 -0.82 6.59
N LEU B 762 6.74 -1.22 6.38
CA LEU B 762 7.70 -0.33 5.74
C LEU B 762 8.33 -0.91 4.47
N PHE B 763 8.49 -0.04 3.48
CA PHE B 763 9.12 -0.39 2.22
C PHE B 763 10.45 0.33 2.34
N VAL B 764 11.54 -0.44 2.30
CA VAL B 764 12.86 0.14 2.52
C VAL B 764 13.94 -0.32 1.57
N SER B 765 14.83 0.60 1.22
CA SER B 765 15.98 0.28 0.38
C SER B 765 17.06 -0.13 1.39
N THR B 766 17.08 -1.40 1.77
CA THR B 766 18.05 -1.88 2.75
C THR B 766 18.47 -3.32 2.49
N GLN B 767 19.69 -3.65 2.90
CA GLN B 767 20.21 -5.00 2.76
C GLN B 767 19.95 -5.74 4.07
N ASN B 768 19.37 -5.04 5.04
CA ASN B 768 19.14 -5.60 6.38
C ASN B 768 17.71 -5.41 6.88
N ALA B 769 16.78 -6.22 6.38
CA ALA B 769 15.39 -6.11 6.81
C ALA B 769 15.23 -6.47 8.30
N MET B 770 16.04 -7.40 8.80
CA MET B 770 15.95 -7.82 10.19
C MET B 770 16.26 -6.70 11.19
N LYS B 771 17.40 -6.04 11.02
CA LYS B 771 17.75 -4.95 11.93
C LYS B 771 16.82 -3.75 11.73
N THR B 772 16.35 -3.54 10.50
CA THR B 772 15.43 -2.44 10.26
C THR B 772 14.19 -2.69 11.12
N GLN B 773 13.71 -3.92 11.07
CA GLN B 773 12.52 -4.33 11.82
C GLN B 773 12.68 -4.18 13.34
N SER B 774 13.76 -4.74 13.89
CA SER B 774 13.97 -4.67 15.33
C SER B 774 14.28 -3.25 15.81
N PHE B 775 15.05 -2.50 15.04
CA PHE B 775 15.37 -1.13 15.42
C PHE B 775 14.12 -0.25 15.43
N VAL B 776 13.23 -0.45 14.47
CA VAL B 776 12.01 0.35 14.42
C VAL B 776 11.10 -0.03 15.58
N ALA B 777 11.05 -1.33 15.90
CA ALA B 777 10.24 -1.81 17.01
C ALA B 777 10.80 -1.28 18.33
N LYS B 778 12.12 -1.27 18.45
CA LYS B 778 12.79 -0.79 19.66
C LYS B 778 12.48 0.68 19.90
N MET B 779 12.56 1.48 18.84
CA MET B 779 12.28 2.91 18.94
C MET B 779 10.82 3.15 19.32
N LEU B 780 9.92 2.37 18.72
CA LEU B 780 8.49 2.50 18.98
C LEU B 780 8.07 1.88 20.30
N GLY B 781 8.86 0.93 20.79
CA GLY B 781 8.53 0.27 22.04
C GLY B 781 7.40 -0.74 21.85
N VAL B 782 7.46 -1.49 20.75
CA VAL B 782 6.45 -2.51 20.47
C VAL B 782 7.16 -3.83 20.14
N PRO B 783 6.45 -4.96 20.25
CA PRO B 783 7.09 -6.25 19.95
C PRO B 783 7.50 -6.28 18.46
N VAL B 784 8.52 -7.07 18.15
CA VAL B 784 8.99 -7.16 16.78
C VAL B 784 7.95 -7.73 15.82
N ASN B 785 7.04 -8.57 16.32
CA ASN B 785 6.02 -9.17 15.47
C ASN B 785 4.99 -8.17 14.93
N ARG B 786 5.10 -6.92 15.37
CA ARG B 786 4.19 -5.87 14.94
C ARG B 786 4.72 -5.12 13.71
N ILE B 787 6.00 -5.33 13.42
CA ILE B 787 6.66 -4.62 12.31
C ILE B 787 6.96 -5.47 11.09
N LEU B 788 6.51 -5.01 9.93
CA LEU B 788 6.74 -5.71 8.68
C LEU B 788 7.64 -4.87 7.76
N VAL B 789 8.78 -5.43 7.36
CA VAL B 789 9.69 -4.73 6.46
C VAL B 789 9.71 -5.47 5.11
N ARG B 790 9.53 -4.73 4.03
CA ARG B 790 9.52 -5.30 2.70
C ARG B 790 10.57 -4.64 1.82
N VAL B 791 11.35 -5.46 1.13
CA VAL B 791 12.39 -4.96 0.24
C VAL B 791 12.24 -5.58 -1.14
N LYS B 792 11.87 -4.78 -2.13
CA LYS B 792 11.73 -5.26 -3.49
C LYS B 792 13.13 -5.35 -4.08
N ARG B 793 13.79 -4.20 -4.19
CA ARG B 793 15.15 -4.14 -4.72
C ARG B 793 15.78 -2.81 -4.32
N MET B 794 17.10 -2.73 -4.41
CA MET B 794 17.84 -1.51 -4.09
C MET B 794 18.58 -1.09 -5.36
N GLY B 795 18.64 0.21 -5.61
CA GLY B 795 19.40 0.68 -6.75
C GLY B 795 20.83 0.77 -6.24
N GLY B 796 21.38 -0.37 -5.80
CA GLY B 796 22.73 -0.41 -5.27
C GLY B 796 22.76 -0.39 -3.74
N GLY B 797 23.74 -1.06 -3.15
CA GLY B 797 23.89 -1.11 -1.70
C GLY B 797 25.36 -1.03 -1.34
N PHE B 798 26.14 -1.99 -1.84
CA PHE B 798 27.59 -2.05 -1.63
C PHE B 798 28.04 -2.00 -0.17
N GLY B 799 27.15 -2.38 0.75
CA GLY B 799 27.48 -2.36 2.16
C GLY B 799 26.94 -1.12 2.86
N GLY B 800 26.70 -0.07 2.08
CA GLY B 800 26.20 1.17 2.63
C GLY B 800 24.78 1.06 3.16
N LYS B 801 24.08 0.01 2.76
CA LYS B 801 22.73 -0.20 3.22
C LYS B 801 22.64 -1.43 4.11
N GLU B 802 23.80 -1.90 4.58
CA GLU B 802 23.83 -3.06 5.46
C GLU B 802 23.31 -2.70 6.84
N THR B 803 23.53 -1.46 7.27
CA THR B 803 23.05 -1.01 8.58
C THR B 803 22.62 0.46 8.64
N ARG B 804 23.37 1.34 7.97
CA ARG B 804 23.07 2.77 8.03
C ARG B 804 21.73 3.23 7.47
N SER B 805 21.04 2.33 6.79
CA SER B 805 19.74 2.68 6.24
C SER B 805 18.74 2.92 7.37
N THR B 806 19.02 2.37 8.56
CA THR B 806 18.10 2.54 9.69
C THR B 806 18.03 3.98 10.17
N LEU B 807 19.06 4.77 9.89
CA LEU B 807 19.08 6.16 10.30
C LEU B 807 17.84 6.85 9.71
N VAL B 808 17.52 6.52 8.46
CA VAL B 808 16.36 7.11 7.80
C VAL B 808 15.08 6.35 8.17
N SER B 809 15.13 5.01 8.12
CA SER B 809 13.95 4.22 8.43
C SER B 809 13.32 4.53 9.79
N VAL B 810 14.14 4.61 10.83
CA VAL B 810 13.61 4.87 12.16
C VAL B 810 13.01 6.27 12.28
N ALA B 811 13.63 7.24 11.62
CA ALA B 811 13.11 8.61 11.66
C ALA B 811 11.75 8.65 10.95
N VAL B 812 11.68 8.01 9.79
CA VAL B 812 10.44 7.97 9.03
C VAL B 812 9.35 7.24 9.82
N ALA B 813 9.74 6.17 10.50
CA ALA B 813 8.80 5.40 11.31
C ALA B 813 8.22 6.25 12.44
N LEU B 814 9.06 7.06 13.06
CA LEU B 814 8.60 7.91 14.15
C LEU B 814 7.57 8.92 13.62
N ALA B 815 7.82 9.43 12.42
CA ALA B 815 6.89 10.39 11.82
C ALA B 815 5.55 9.73 11.56
N ALA B 816 5.59 8.51 11.03
CA ALA B 816 4.37 7.76 10.75
C ALA B 816 3.63 7.53 12.06
N TYR B 817 4.36 7.11 13.09
CA TYR B 817 3.76 6.86 14.40
C TYR B 817 3.09 8.12 14.95
N LYS B 818 3.85 9.22 14.96
CA LYS B 818 3.35 10.49 15.48
C LYS B 818 2.18 11.10 14.71
N THR B 819 2.25 11.12 13.38
CA THR B 819 1.19 11.72 12.59
C THR B 819 0.02 10.78 12.30
N GLY B 820 0.31 9.49 12.21
CA GLY B 820 -0.74 8.52 11.90
C GLY B 820 -0.94 8.48 10.41
N HIS B 821 -0.08 9.19 9.68
CA HIS B 821 -0.14 9.25 8.21
C HIS B 821 1.03 8.50 7.62
N PRO B 822 0.88 7.97 6.40
CA PRO B 822 2.05 7.29 5.88
C PRO B 822 3.07 8.41 5.65
N VAL B 823 4.36 8.11 5.76
CA VAL B 823 5.39 9.10 5.58
C VAL B 823 6.54 8.50 4.79
N ARG B 824 7.25 9.32 4.03
CA ARG B 824 8.40 8.81 3.30
C ARG B 824 9.53 9.83 3.25
N CYS B 825 10.72 9.33 2.96
CA CYS B 825 11.91 10.16 2.82
C CYS B 825 12.95 9.44 1.98
N MET B 826 13.41 10.12 0.93
CA MET B 826 14.48 9.60 0.09
C MET B 826 15.52 10.72 0.24
N LEU B 827 16.74 10.36 0.56
CA LEU B 827 17.79 11.36 0.74
C LEU B 827 18.33 11.96 -0.55
N ASP B 828 18.61 13.26 -0.51
CA ASP B 828 19.23 13.92 -1.66
C ASP B 828 20.67 13.44 -1.56
N ARG B 829 21.41 13.49 -2.66
CA ARG B 829 22.80 13.04 -2.66
C ARG B 829 23.68 13.69 -1.58
N ASN B 830 23.56 15.00 -1.43
CA ASN B 830 24.39 15.68 -0.44
C ASN B 830 24.12 15.24 1.00
N GLU B 831 22.86 14.92 1.29
CA GLU B 831 22.51 14.44 2.63
C GLU B 831 23.11 13.05 2.84
N ASP B 832 22.96 12.22 1.81
CA ASP B 832 23.44 10.85 1.85
C ASP B 832 24.94 10.77 2.11
N MET B 833 25.73 11.51 1.33
CA MET B 833 27.18 11.50 1.49
C MET B 833 27.65 12.02 2.85
N LEU B 834 26.95 13.02 3.37
CA LEU B 834 27.30 13.61 4.66
C LEU B 834 26.94 12.73 5.86
N ILE B 835 25.72 12.20 5.85
CA ILE B 835 25.19 11.44 6.97
C ILE B 835 25.41 9.94 7.12
N THR B 836 25.33 9.20 6.02
CA THR B 836 25.38 7.74 6.10
C THR B 836 26.67 6.94 6.22
N GLY B 837 27.80 7.61 6.33
CA GLY B 837 29.06 6.90 6.47
C GLY B 837 29.58 6.24 5.20
N GLY B 838 30.88 5.97 5.19
CA GLY B 838 31.48 5.34 4.03
C GLY B 838 32.53 4.32 4.44
N ARG B 839 33.47 4.04 3.54
CA ARG B 839 34.53 3.10 3.83
C ARG B 839 35.42 3.74 4.88
N HIS B 840 36.04 2.91 5.72
CA HIS B 840 36.91 3.40 6.77
C HIS B 840 38.29 3.86 6.28
N PRO B 841 38.65 5.11 6.55
CA PRO B 841 39.98 5.53 6.11
C PRO B 841 40.93 4.70 6.99
N PHE B 842 42.11 4.36 6.48
CA PHE B 842 43.06 3.56 7.25
C PHE B 842 44.45 4.18 7.26
N LEU B 843 45.11 4.09 8.41
CA LEU B 843 46.47 4.58 8.57
C LEU B 843 47.25 3.39 9.07
N ALA B 844 48.42 3.15 8.48
CA ALA B 844 49.22 2.02 8.90
C ALA B 844 50.68 2.37 9.11
N ARG B 845 51.29 1.69 10.08
CA ARG B 845 52.69 1.86 10.42
C ARG B 845 53.22 0.43 10.40
N TYR B 846 54.13 0.16 9.47
CA TYR B 846 54.67 -1.19 9.29
C TYR B 846 56.19 -1.28 9.31
N LYS B 847 56.67 -2.51 9.43
CA LYS B 847 58.09 -2.81 9.46
C LYS B 847 58.22 -4.22 8.91
N VAL B 848 58.95 -4.38 7.82
CA VAL B 848 59.11 -5.70 7.21
C VAL B 848 60.58 -6.16 7.09
N GLY B 849 60.85 -7.37 7.57
CA GLY B 849 62.18 -7.93 7.50
C GLY B 849 62.22 -8.96 6.39
N PHE B 850 63.28 -8.95 5.58
CA PHE B 850 63.37 -9.89 4.47
C PHE B 850 64.81 -10.13 4.02
N MET B 851 65.00 -11.21 3.28
CA MET B 851 66.32 -11.58 2.77
C MET B 851 66.59 -10.89 1.42
N LYS B 852 67.86 -10.82 1.05
CA LYS B 852 68.25 -10.19 -0.22
C LYS B 852 67.57 -10.86 -1.40
N THR B 853 67.08 -12.08 -1.20
CA THR B 853 66.39 -12.81 -2.25
C THR B 853 64.94 -12.37 -2.36
N GLY B 854 64.49 -11.57 -1.38
CA GLY B 854 63.13 -11.09 -1.40
C GLY B 854 62.19 -11.88 -0.50
N THR B 855 62.68 -12.99 0.04
CA THR B 855 61.88 -13.82 0.92
C THR B 855 61.56 -13.07 2.21
N ILE B 856 60.28 -13.03 2.57
CA ILE B 856 59.84 -12.34 3.79
C ILE B 856 60.11 -13.22 5.00
N VAL B 857 60.65 -12.62 6.07
CA VAL B 857 60.94 -13.39 7.28
C VAL B 857 60.23 -12.82 8.50
N ALA B 858 59.93 -11.53 8.48
CA ALA B 858 59.24 -10.89 9.59
C ALA B 858 58.38 -9.71 9.14
N LEU B 859 57.19 -9.60 9.73
CA LEU B 859 56.28 -8.52 9.41
C LEU B 859 55.53 -8.00 10.63
N GLU B 860 55.50 -6.67 10.75
CA GLU B 860 54.81 -6.00 11.84
C GLU B 860 53.98 -4.86 11.28
N VAL B 861 52.67 -4.92 11.49
CA VAL B 861 51.79 -3.87 11.00
C VAL B 861 50.73 -3.44 12.02
N ASP B 862 50.70 -2.15 12.31
CA ASP B 862 49.71 -1.59 13.22
C ASP B 862 48.68 -0.82 12.42
N HIS B 863 47.43 -1.27 12.45
CA HIS B 863 46.36 -0.61 11.71
C HIS B 863 45.51 0.30 12.60
N TYR B 864 45.09 1.43 12.02
CA TYR B 864 44.22 2.36 12.73
C TYR B 864 43.17 2.79 11.72
N SER B 865 41.91 2.61 12.07
CA SER B 865 40.82 2.99 11.17
C SER B 865 40.07 4.15 11.79
N ASN B 866 39.52 5.03 10.95
CA ASN B 866 38.75 6.13 11.47
C ASN B 866 37.31 5.60 11.49
N ALA B 867 36.80 5.32 12.68
CA ALA B 867 35.47 4.75 12.85
C ALA B 867 34.28 5.71 12.89
N GLY B 868 34.51 6.98 13.19
CA GLY B 868 33.39 7.90 13.25
C GLY B 868 32.75 7.90 14.64
N ASN B 869 31.55 8.49 14.75
CA ASN B 869 30.89 8.63 16.04
C ASN B 869 30.09 7.47 16.65
N SER B 870 30.32 6.25 16.17
CA SER B 870 29.65 5.07 16.75
C SER B 870 30.44 3.84 16.32
N ARG B 871 30.17 2.71 16.97
CA ARG B 871 30.87 1.47 16.64
C ARG B 871 30.41 0.87 15.32
N ASP B 872 29.10 0.65 15.19
CA ASP B 872 28.53 0.05 14.00
C ASP B 872 29.31 -1.21 13.65
N LEU B 873 29.76 -1.34 12.40
CA LEU B 873 30.49 -2.54 12.00
C LEU B 873 32.02 -2.42 12.07
N SER B 874 32.50 -1.33 12.62
CA SER B 874 33.94 -1.09 12.71
C SER B 874 34.79 -2.23 13.26
N HIS B 875 34.34 -2.87 14.33
CA HIS B 875 35.12 -3.95 14.91
C HIS B 875 35.29 -5.14 13.97
N SER B 876 34.19 -5.60 13.36
CA SER B 876 34.27 -6.73 12.44
C SER B 876 35.11 -6.37 11.23
N ILE B 877 35.05 -5.10 10.82
CA ILE B 877 35.81 -4.63 9.69
C ILE B 877 37.32 -4.71 9.97
N MET B 878 37.71 -4.38 11.19
CA MET B 878 39.13 -4.46 11.55
C MET B 878 39.56 -5.92 11.62
N GLU B 879 38.64 -6.79 12.05
CA GLU B 879 38.94 -8.21 12.13
C GLU B 879 39.25 -8.74 10.73
N ARG B 880 38.38 -8.44 9.76
CA ARG B 880 38.61 -8.90 8.40
C ARG B 880 39.90 -8.29 7.85
N ALA B 881 40.21 -7.07 8.27
CA ALA B 881 41.45 -6.44 7.83
C ALA B 881 42.63 -7.31 8.27
N LEU B 882 42.69 -7.61 9.57
CA LEU B 882 43.76 -8.44 10.11
C LEU B 882 43.82 -9.81 9.45
N PHE B 883 42.66 -10.35 9.09
CA PHE B 883 42.59 -11.65 8.43
C PHE B 883 43.18 -11.60 7.01
N HIS B 884 43.43 -10.40 6.49
CA HIS B 884 43.97 -10.28 5.13
C HIS B 884 45.28 -9.50 4.99
N MET B 885 45.97 -9.27 6.10
CA MET B 885 47.22 -8.53 6.06
C MET B 885 48.34 -9.33 5.39
N ASP B 886 48.06 -10.60 5.08
CA ASP B 886 49.03 -11.48 4.44
C ASP B 886 48.78 -11.64 2.95
N ASN B 887 47.57 -11.29 2.53
CA ASN B 887 47.16 -11.46 1.14
C ASN B 887 47.48 -12.90 0.75
N CYS B 888 48.34 -13.09 -0.26
CA CYS B 888 48.68 -14.46 -0.69
C CYS B 888 50.11 -14.85 -0.37
N TYR B 889 50.68 -14.27 0.69
CA TYR B 889 52.07 -14.55 1.05
C TYR B 889 52.29 -15.19 2.42
N LYS B 890 53.18 -16.19 2.44
CA LYS B 890 53.54 -16.90 3.66
C LYS B 890 54.57 -16.06 4.42
N ILE B 891 54.28 -15.76 5.68
CA ILE B 891 55.17 -14.97 6.52
C ILE B 891 55.33 -15.69 7.85
N PRO B 892 56.50 -16.31 8.07
CA PRO B 892 56.87 -17.07 9.28
C PRO B 892 56.61 -16.37 10.61
N ASN B 893 57.08 -15.12 10.71
CA ASN B 893 56.92 -14.34 11.92
C ASN B 893 56.11 -13.10 11.59
N ILE B 894 54.91 -13.02 12.13
CA ILE B 894 54.03 -11.90 11.83
C ILE B 894 53.21 -11.45 13.03
N ARG B 895 52.97 -10.14 13.11
CA ARG B 895 52.19 -9.56 14.19
C ARG B 895 51.39 -8.37 13.64
N GLY B 896 50.07 -8.52 13.63
CA GLY B 896 49.23 -7.45 13.16
C GLY B 896 48.31 -6.99 14.27
N THR B 897 48.23 -5.69 14.46
CA THR B 897 47.35 -5.13 15.49
C THR B 897 46.40 -4.15 14.82
N GLY B 898 45.27 -3.92 15.47
CA GLY B 898 44.30 -2.99 14.92
C GLY B 898 43.64 -2.22 16.05
N ARG B 899 43.34 -0.94 15.79
CA ARG B 899 42.69 -0.10 16.77
C ARG B 899 41.64 0.74 16.04
N LEU B 900 40.50 0.98 16.71
CA LEU B 900 39.40 1.75 16.13
C LEU B 900 39.37 3.13 16.73
N CYS B 901 39.55 4.15 15.89
CA CYS B 901 39.55 5.53 16.37
C CYS B 901 38.16 6.13 16.50
N LYS B 902 37.84 6.60 17.70
CA LYS B 902 36.56 7.21 18.00
C LYS B 902 36.71 8.69 17.65
N THR B 903 35.95 9.14 16.65
CA THR B 903 36.06 10.53 16.19
C THR B 903 34.71 11.21 15.97
N ASN B 904 34.74 12.53 15.86
CA ASN B 904 33.53 13.31 15.65
C ASN B 904 33.20 13.46 14.16
N LEU B 905 32.97 12.31 13.53
CA LEU B 905 32.61 12.25 12.12
C LEU B 905 31.48 11.24 12.01
N SER B 906 30.76 11.28 10.89
CA SER B 906 29.67 10.32 10.69
C SER B 906 30.28 8.93 10.81
N SER B 907 29.57 8.02 11.47
CA SER B 907 30.04 6.66 11.67
C SER B 907 30.27 5.93 10.34
N ASN B 908 31.49 5.45 10.12
CA ASN B 908 31.78 4.73 8.89
C ASN B 908 31.27 3.30 9.05
N THR B 909 30.99 2.65 7.92
CA THR B 909 30.39 1.33 7.97
C THR B 909 30.97 0.39 6.93
N ALA B 910 30.19 -0.63 6.58
CA ALA B 910 30.60 -1.62 5.60
C ALA B 910 30.63 -1.02 4.19
N PHE B 911 31.61 -1.48 3.41
CA PHE B 911 31.76 -1.07 2.01
C PHE B 911 32.51 -2.19 1.33
N ARG B 912 31.90 -2.72 0.27
CA ARG B 912 32.43 -3.82 -0.53
C ARG B 912 33.92 -4.07 -0.26
N GLY B 913 34.21 -5.11 0.51
CA GLY B 913 35.58 -5.43 0.86
C GLY B 913 35.64 -5.62 2.36
N PHE B 914 34.87 -4.80 3.07
CA PHE B 914 34.75 -4.89 4.52
C PHE B 914 36.08 -4.96 5.27
N GLY B 915 36.99 -4.03 4.98
CA GLY B 915 38.27 -4.03 5.66
C GLY B 915 39.37 -4.73 4.89
N GLY B 916 39.00 -5.68 4.05
CA GLY B 916 39.98 -6.41 3.27
C GLY B 916 40.81 -5.56 2.33
N PRO B 917 40.17 -4.71 1.51
CA PRO B 917 40.90 -3.85 0.57
C PRO B 917 42.03 -3.07 1.25
N GLN B 918 41.72 -2.48 2.41
CA GLN B 918 42.70 -1.70 3.15
C GLN B 918 43.89 -2.57 3.57
N ALA B 919 43.63 -3.70 4.21
CA ALA B 919 44.69 -4.59 4.66
C ALA B 919 45.50 -5.12 3.47
N LEU B 920 44.81 -5.50 2.40
CA LEU B 920 45.47 -6.02 1.21
C LEU B 920 46.34 -4.95 0.56
N PHE B 921 45.86 -3.71 0.56
CA PHE B 921 46.61 -2.60 -0.04
C PHE B 921 47.90 -2.36 0.73
N ILE B 922 47.80 -2.33 2.05
CA ILE B 922 48.95 -2.12 2.90
C ILE B 922 49.97 -3.24 2.66
N ALA B 923 49.48 -4.46 2.50
CA ALA B 923 50.35 -5.61 2.25
C ALA B 923 51.13 -5.46 0.93
N GLU B 924 50.42 -5.21 -0.15
CA GLU B 924 51.09 -5.05 -1.45
C GLU B 924 52.02 -3.85 -1.46
N ASN B 925 51.77 -2.87 -0.60
CA ASN B 925 52.64 -1.70 -0.55
C ASN B 925 54.05 -2.08 -0.07
N TRP B 926 54.15 -2.72 1.10
CA TRP B 926 55.48 -3.09 1.56
C TRP B 926 56.08 -4.17 0.67
N MET B 927 55.23 -4.92 -0.02
CA MET B 927 55.74 -5.97 -0.91
C MET B 927 56.42 -5.32 -2.10
N SER B 928 55.84 -4.22 -2.59
CA SER B 928 56.42 -3.51 -3.72
C SER B 928 57.76 -2.88 -3.30
N GLU B 929 57.84 -2.44 -2.06
CA GLU B 929 59.07 -1.84 -1.55
C GLU B 929 60.14 -2.92 -1.38
N VAL B 930 59.71 -4.14 -1.09
CA VAL B 930 60.64 -5.26 -0.93
C VAL B 930 61.33 -5.55 -2.28
N ALA B 931 60.54 -5.62 -3.34
CA ALA B 931 61.09 -5.90 -4.67
C ALA B 931 62.10 -4.82 -5.06
N VAL B 932 61.70 -3.56 -4.88
CA VAL B 932 62.57 -2.44 -5.21
C VAL B 932 63.88 -2.47 -4.42
N THR B 933 63.78 -2.65 -3.10
CA THR B 933 64.95 -2.69 -2.25
C THR B 933 65.92 -3.81 -2.66
N CYS B 934 65.37 -4.98 -2.99
CA CYS B 934 66.20 -6.10 -3.40
C CYS B 934 66.70 -5.93 -4.83
N GLY B 935 66.05 -5.03 -5.57
CA GLY B 935 66.44 -4.82 -6.96
C GLY B 935 66.08 -6.01 -7.81
N LEU B 936 64.93 -6.62 -7.52
CA LEU B 936 64.45 -7.79 -8.25
C LEU B 936 63.10 -7.55 -8.91
N PRO B 937 62.80 -8.29 -9.99
CA PRO B 937 61.51 -8.15 -10.67
C PRO B 937 60.40 -8.41 -9.66
N ALA B 938 59.46 -7.46 -9.54
CA ALA B 938 58.36 -7.60 -8.60
C ALA B 938 57.60 -8.91 -8.68
N GLU B 939 57.25 -9.35 -9.90
CA GLU B 939 56.51 -10.60 -10.05
C GLU B 939 57.30 -11.76 -9.47
N GLU B 940 58.62 -11.66 -9.53
CA GLU B 940 59.49 -12.70 -9.03
C GLU B 940 59.43 -12.78 -7.50
N VAL B 941 59.45 -11.61 -6.87
CA VAL B 941 59.39 -11.54 -5.42
C VAL B 941 58.05 -12.05 -4.89
N ARG B 942 56.96 -11.62 -5.51
CA ARG B 942 55.64 -12.05 -5.09
C ARG B 942 55.46 -13.56 -5.23
N TRP B 943 55.87 -14.11 -6.36
CA TRP B 943 55.74 -15.54 -6.60
C TRP B 943 56.44 -16.40 -5.54
N LYS B 944 57.68 -16.05 -5.20
CA LYS B 944 58.44 -16.82 -4.22
C LYS B 944 57.93 -16.72 -2.79
N ASN B 945 57.19 -15.67 -2.47
CA ASN B 945 56.64 -15.49 -1.12
C ASN B 945 55.22 -16.01 -1.03
N MET B 946 54.72 -16.50 -2.16
CA MET B 946 53.37 -17.00 -2.28
C MET B 946 53.11 -18.31 -1.52
N TYR B 947 51.94 -18.40 -0.89
CA TYR B 947 51.55 -19.60 -0.15
C TYR B 947 51.55 -20.79 -1.11
N LYS B 948 51.43 -21.99 -0.55
CA LYS B 948 51.38 -23.19 -1.36
C LYS B 948 50.25 -24.05 -0.81
N GLU B 949 49.72 -24.92 -1.65
CA GLU B 949 48.63 -25.81 -1.24
C GLU B 949 48.98 -26.44 0.09
N GLY B 950 48.04 -26.39 1.04
CA GLY B 950 48.27 -26.96 2.34
C GLY B 950 48.79 -26.01 3.40
N ASP B 951 49.45 -24.94 3.00
CA ASP B 951 49.99 -23.99 3.97
C ASP B 951 48.92 -23.44 4.90
N LEU B 952 49.34 -22.93 6.04
CA LEU B 952 48.43 -22.33 7.00
C LEU B 952 48.66 -20.83 6.98
N THR B 953 47.57 -20.07 7.13
CA THR B 953 47.66 -18.62 7.14
C THR B 953 48.21 -18.17 8.48
N HIS B 954 48.35 -16.86 8.66
CA HIS B 954 48.86 -16.33 9.92
C HIS B 954 47.85 -16.61 11.04
N PHE B 955 46.61 -16.89 10.68
CA PHE B 955 45.59 -17.20 11.68
C PHE B 955 45.32 -18.70 11.71
N ASN B 956 46.33 -19.45 11.26
CA ASN B 956 46.34 -20.90 11.22
C ASN B 956 45.28 -21.69 10.46
N GLN B 957 44.66 -21.10 9.45
CA GLN B 957 43.68 -21.88 8.69
C GLN B 957 44.40 -22.48 7.49
N ARG B 958 44.10 -23.74 7.19
CA ARG B 958 44.73 -24.42 6.08
C ARG B 958 44.14 -23.98 4.75
N LEU B 959 45.02 -23.76 3.77
CA LEU B 959 44.58 -23.34 2.45
C LEU B 959 44.38 -24.55 1.54
N GLU B 960 43.13 -24.95 1.38
CA GLU B 960 42.78 -26.08 0.53
C GLU B 960 42.22 -25.55 -0.78
N GLY B 961 42.67 -26.13 -1.89
CA GLY B 961 42.19 -25.67 -3.18
C GLY B 961 42.71 -24.28 -3.47
N PHE B 962 43.99 -24.05 -3.15
CA PHE B 962 44.65 -22.77 -3.38
C PHE B 962 44.94 -22.65 -4.88
N SER B 963 44.11 -21.87 -5.58
CA SER B 963 44.25 -21.71 -7.02
C SER B 963 45.04 -20.51 -7.53
N VAL B 964 45.52 -19.67 -6.62
CA VAL B 964 46.28 -18.49 -7.02
C VAL B 964 47.37 -18.82 -8.05
N PRO B 965 48.15 -19.89 -7.82
CA PRO B 965 49.20 -20.24 -8.78
C PRO B 965 48.69 -20.37 -10.21
N ARG B 966 47.53 -21.01 -10.38
CA ARG B 966 46.93 -21.18 -11.70
C ARG B 966 46.52 -19.83 -12.29
N CYS B 967 45.81 -19.05 -11.49
CA CYS B 967 45.34 -17.74 -11.94
C CYS B 967 46.55 -16.88 -12.31
N TRP B 968 47.64 -17.08 -11.58
CA TRP B 968 48.87 -16.32 -11.79
C TRP B 968 49.53 -16.68 -13.12
N ASP B 969 49.79 -17.96 -13.33
CA ASP B 969 50.41 -18.40 -14.58
C ASP B 969 49.54 -18.02 -15.75
N GLU B 970 48.27 -18.39 -15.69
CA GLU B 970 47.34 -18.08 -16.78
C GLU B 970 47.31 -16.59 -17.10
N CYS B 971 47.20 -15.75 -16.06
CA CYS B 971 47.16 -14.31 -16.27
C CYS B 971 48.47 -13.79 -16.89
N LEU B 972 49.60 -14.32 -16.43
CA LEU B 972 50.89 -13.91 -16.97
C LEU B 972 50.91 -14.19 -18.47
N LYS B 973 50.46 -15.39 -18.83
CA LYS B 973 50.43 -15.82 -20.22
C LYS B 973 49.46 -15.04 -21.09
N SER B 974 48.19 -15.03 -20.71
CA SER B 974 47.16 -14.34 -21.48
C SER B 974 47.41 -12.84 -21.61
N SER B 975 48.10 -12.26 -20.64
CA SER B 975 48.37 -10.82 -20.68
C SER B 975 49.70 -10.52 -21.36
N GLN B 976 50.44 -11.56 -21.73
CA GLN B 976 51.73 -11.40 -22.38
C GLN B 976 52.63 -10.50 -21.52
N TYR B 977 52.50 -10.66 -20.21
CA TYR B 977 53.26 -9.85 -19.24
C TYR B 977 54.72 -9.57 -19.59
N TYR B 978 55.50 -10.61 -19.86
CA TYR B 978 56.91 -10.42 -20.16
C TYR B 978 57.18 -9.63 -21.44
N ALA B 979 56.48 -9.97 -22.51
CA ALA B 979 56.65 -9.26 -23.77
C ALA B 979 56.33 -7.78 -23.57
N ARG B 980 55.28 -7.49 -22.83
CA ARG B 980 54.90 -6.10 -22.62
C ARG B 980 55.80 -5.32 -21.67
N LYS B 981 56.48 -6.01 -20.77
CA LYS B 981 57.39 -5.32 -19.86
C LYS B 981 58.50 -4.68 -20.69
N SER B 982 58.84 -5.33 -21.81
CA SER B 982 59.86 -4.82 -22.70
C SER B 982 59.32 -3.60 -23.43
N GLU B 983 58.05 -3.67 -23.81
CA GLU B 983 57.37 -2.57 -24.49
C GLU B 983 57.37 -1.34 -23.60
N VAL B 984 56.98 -1.54 -22.34
CA VAL B 984 56.93 -0.44 -21.37
C VAL B 984 58.28 0.26 -21.23
N ASP B 985 59.35 -0.51 -21.02
CA ASP B 985 60.68 0.08 -20.86
C ASP B 985 61.09 0.87 -22.10
N LYS B 986 60.76 0.35 -23.28
CA LYS B 986 61.09 1.02 -24.52
C LYS B 986 60.34 2.36 -24.56
N PHE B 987 59.05 2.32 -24.27
CA PHE B 987 58.24 3.54 -24.27
C PHE B 987 58.87 4.60 -23.36
N ASN B 988 59.24 4.18 -22.15
CA ASN B 988 59.83 5.10 -21.19
C ASN B 988 61.17 5.67 -21.63
N LYS B 989 61.90 4.92 -22.45
CA LYS B 989 63.17 5.42 -22.95
C LYS B 989 62.91 6.47 -24.04
N GLU B 990 61.81 6.32 -24.76
CA GLU B 990 61.46 7.23 -25.84
C GLU B 990 60.59 8.42 -25.45
N ASN B 991 60.09 8.42 -24.22
CA ASN B 991 59.24 9.51 -23.76
C ASN B 991 59.71 10.09 -22.44
N CYS B 992 59.97 11.40 -22.47
CA CYS B 992 60.45 12.11 -21.29
C CYS B 992 59.33 12.67 -20.41
N TRP B 993 58.18 12.99 -21.00
CA TRP B 993 57.08 13.56 -20.23
C TRP B 993 55.82 12.68 -20.12
N LYS B 994 55.98 11.42 -20.48
CA LYS B 994 54.92 10.43 -20.40
C LYS B 994 55.63 9.12 -20.06
N LYS B 995 55.05 8.35 -19.14
CA LYS B 995 55.66 7.10 -18.75
C LYS B 995 54.59 6.02 -18.60
N ARG B 996 54.97 4.77 -18.84
CA ARG B 996 54.03 3.69 -18.66
C ARG B 996 54.44 2.79 -17.51
N GLY B 997 53.46 2.13 -16.92
CA GLY B 997 53.72 1.24 -15.81
C GLY B 997 52.98 -0.06 -15.99
N LEU B 998 53.49 -1.12 -15.37
CA LEU B 998 52.89 -2.44 -15.47
C LEU B 998 53.02 -3.14 -14.13
N CYS B 999 51.96 -3.82 -13.69
CA CYS B 999 52.00 -4.53 -12.41
C CYS B 999 50.97 -5.65 -12.38
N ILE B 1000 51.37 -6.81 -11.86
CA ILE B 1000 50.47 -7.95 -11.77
C ILE B 1000 50.33 -8.28 -10.28
N ILE B 1001 49.09 -8.30 -9.82
CA ILE B 1001 48.75 -8.54 -8.42
C ILE B 1001 47.78 -9.70 -8.21
N PRO B 1002 47.98 -10.48 -7.14
CA PRO B 1002 47.11 -11.61 -6.81
C PRO B 1002 46.25 -11.22 -5.62
N THR B 1003 45.31 -12.08 -5.24
CA THR B 1003 44.47 -11.80 -4.09
C THR B 1003 43.72 -13.02 -3.64
N LYS B 1004 43.40 -13.05 -2.34
CA LYS B 1004 42.62 -14.13 -1.77
C LYS B 1004 41.68 -13.44 -0.81
N PHE B 1005 40.45 -13.94 -0.70
CA PHE B 1005 39.46 -13.33 0.15
C PHE B 1005 38.69 -14.41 0.92
N GLY B 1006 38.70 -14.32 2.25
CA GLY B 1006 38.01 -15.29 3.07
C GLY B 1006 36.50 -15.17 2.94
N ILE B 1007 35.82 -16.29 2.74
CA ILE B 1007 34.37 -16.29 2.59
C ILE B 1007 33.60 -16.81 3.80
N SER B 1008 32.68 -15.97 4.30
CA SER B 1008 31.81 -16.21 5.46
C SER B 1008 31.81 -15.01 6.38
N PHE B 1009 30.70 -14.78 7.10
CA PHE B 1009 30.63 -13.66 8.04
C PHE B 1009 31.64 -13.89 9.16
N THR B 1010 32.26 -12.83 9.65
CA THR B 1010 33.22 -12.94 10.74
C THR B 1010 32.49 -13.41 12.00
N VAL B 1011 31.18 -13.16 12.06
CA VAL B 1011 30.35 -13.58 13.18
C VAL B 1011 29.72 -14.90 12.78
N PRO B 1012 30.19 -16.01 13.36
CA PRO B 1012 29.68 -17.36 13.07
C PRO B 1012 28.18 -17.54 12.92
N PHE B 1013 27.40 -17.04 13.88
CA PHE B 1013 25.95 -17.24 13.81
C PHE B 1013 25.21 -16.49 12.70
N LEU B 1014 25.89 -15.60 11.97
CA LEU B 1014 25.25 -14.89 10.87
C LEU B 1014 25.24 -15.76 9.62
N ASN B 1015 26.00 -16.86 9.67
CA ASN B 1015 26.09 -17.79 8.55
C ASN B 1015 24.95 -18.80 8.57
N GLN B 1016 23.73 -18.29 8.49
CA GLN B 1016 22.53 -19.11 8.49
C GLN B 1016 21.60 -18.49 7.46
N ALA B 1017 20.76 -19.30 6.83
CA ALA B 1017 19.85 -18.78 5.82
C ALA B 1017 18.56 -19.55 5.70
N GLY B 1018 17.46 -18.82 5.53
CA GLY B 1018 16.16 -19.44 5.41
C GLY B 1018 15.49 -19.14 4.09
N ALA B 1019 14.58 -20.03 3.71
CA ALA B 1019 13.82 -19.90 2.47
C ALA B 1019 12.39 -20.41 2.69
N LEU B 1020 11.46 -19.90 1.91
CA LEU B 1020 10.06 -20.32 2.00
C LEU B 1020 9.59 -20.52 0.58
N ILE B 1021 9.04 -21.69 0.27
CA ILE B 1021 8.57 -21.96 -1.07
C ILE B 1021 7.15 -22.47 -1.12
N HIS B 1022 6.38 -21.94 -2.07
CA HIS B 1022 5.00 -22.36 -2.26
C HIS B 1022 4.81 -22.78 -3.71
N VAL B 1023 4.07 -23.86 -3.92
CA VAL B 1023 3.77 -24.29 -5.28
C VAL B 1023 2.25 -24.16 -5.31
N TYR B 1024 1.74 -23.28 -6.18
CA TYR B 1024 0.31 -23.09 -6.27
C TYR B 1024 -0.30 -24.19 -7.13
N THR B 1025 -1.62 -24.29 -7.12
CA THR B 1025 -2.31 -25.34 -7.87
C THR B 1025 -2.18 -25.34 -9.39
N ASP B 1026 -1.67 -24.26 -9.98
CA ASP B 1026 -1.48 -24.23 -11.43
C ASP B 1026 -0.06 -24.70 -11.72
N GLY B 1027 0.67 -25.02 -10.67
CA GLY B 1027 2.04 -25.47 -10.83
C GLY B 1027 3.08 -24.37 -10.74
N SER B 1028 2.65 -23.11 -10.67
CA SER B 1028 3.61 -22.01 -10.58
C SER B 1028 4.21 -22.01 -9.18
N VAL B 1029 5.49 -21.67 -9.09
CA VAL B 1029 6.20 -21.67 -7.82
C VAL B 1029 6.61 -20.26 -7.35
N LEU B 1030 6.36 -19.97 -6.08
CA LEU B 1030 6.75 -18.69 -5.51
C LEU B 1030 7.86 -18.97 -4.51
N VAL B 1031 9.05 -18.45 -4.80
CA VAL B 1031 10.19 -18.64 -3.92
C VAL B 1031 10.48 -17.36 -3.15
N SER B 1032 10.76 -17.53 -1.87
CA SER B 1032 11.09 -16.41 -1.00
C SER B 1032 12.28 -16.84 -0.16
N HIS B 1033 13.19 -15.90 0.12
CA HIS B 1033 14.35 -16.20 0.94
C HIS B 1033 14.80 -14.93 1.65
N GLY B 1034 15.72 -15.08 2.60
CA GLY B 1034 16.18 -13.94 3.37
C GLY B 1034 17.08 -12.93 2.69
N GLY B 1035 17.58 -13.27 1.51
CA GLY B 1035 18.47 -12.35 0.81
C GLY B 1035 17.72 -11.27 0.04
N THR B 1036 18.40 -10.14 -0.19
CA THR B 1036 17.82 -9.02 -0.92
C THR B 1036 18.55 -8.78 -2.26
N GLU B 1037 17.85 -8.15 -3.19
CA GLU B 1037 18.43 -7.86 -4.50
C GLU B 1037 18.91 -6.41 -4.54
N MET B 1038 20.18 -6.22 -4.88
CA MET B 1038 20.73 -4.87 -4.99
C MET B 1038 21.47 -4.70 -6.31
N GLY B 1039 21.19 -5.62 -7.24
CA GLY B 1039 21.81 -5.56 -8.56
C GLY B 1039 22.79 -6.69 -8.84
N GLN B 1040 23.16 -7.44 -7.80
CA GLN B 1040 24.12 -8.53 -7.93
C GLN B 1040 23.53 -9.78 -8.59
N GLY B 1041 22.21 -9.76 -8.82
CA GLY B 1041 21.56 -10.92 -9.44
C GLY B 1041 21.31 -12.11 -8.54
N LEU B 1042 21.10 -11.86 -7.25
CA LEU B 1042 20.84 -12.94 -6.29
C LEU B 1042 19.55 -13.70 -6.60
N HIS B 1043 18.45 -12.97 -6.82
CA HIS B 1043 17.19 -13.63 -7.13
C HIS B 1043 17.30 -14.44 -8.43
N THR B 1044 18.03 -13.90 -9.41
CA THR B 1044 18.21 -14.61 -10.67
C THR B 1044 18.86 -15.96 -10.38
N LYS B 1045 19.95 -15.94 -9.62
CA LYS B 1045 20.65 -17.17 -9.27
C LYS B 1045 19.78 -18.14 -8.46
N MET B 1046 18.95 -17.61 -7.58
CA MET B 1046 18.09 -18.48 -6.79
C MET B 1046 17.05 -19.15 -7.68
N VAL B 1047 16.55 -18.43 -8.68
CA VAL B 1047 15.58 -19.00 -9.60
C VAL B 1047 16.27 -20.09 -10.43
N GLN B 1048 17.52 -19.84 -10.82
CA GLN B 1048 18.29 -20.80 -11.59
C GLN B 1048 18.48 -22.07 -10.77
N VAL B 1049 18.79 -21.88 -9.49
CA VAL B 1049 18.99 -22.98 -8.55
C VAL B 1049 17.71 -23.77 -8.34
N ALA B 1050 16.61 -23.08 -8.04
CA ALA B 1050 15.34 -23.74 -7.81
C ALA B 1050 14.91 -24.54 -9.04
N SER B 1051 15.14 -23.97 -10.21
CA SER B 1051 14.80 -24.63 -11.48
C SER B 1051 15.59 -25.93 -11.67
N LYS B 1052 16.88 -25.92 -11.34
CA LYS B 1052 17.71 -27.10 -11.50
C LYS B 1052 17.30 -28.19 -10.51
N ALA B 1053 17.08 -27.80 -9.26
CA ALA B 1053 16.69 -28.74 -8.21
C ALA B 1053 15.32 -29.36 -8.44
N LEU B 1054 14.36 -28.56 -8.93
CA LEU B 1054 13.02 -29.05 -9.16
C LEU B 1054 12.84 -29.68 -10.54
N LYS B 1055 13.82 -29.46 -11.41
CA LYS B 1055 13.77 -30.01 -12.76
C LYS B 1055 12.59 -29.46 -13.58
N ILE B 1056 12.40 -28.14 -13.52
CA ILE B 1056 11.33 -27.48 -14.27
C ILE B 1056 11.90 -26.17 -14.82
N PRO B 1057 11.31 -25.62 -15.89
CA PRO B 1057 11.81 -24.36 -16.46
C PRO B 1057 11.75 -23.20 -15.47
N ILE B 1058 12.65 -22.23 -15.63
CA ILE B 1058 12.66 -21.06 -14.75
C ILE B 1058 11.38 -20.25 -14.93
N SER B 1059 10.75 -20.41 -16.09
CA SER B 1059 9.52 -19.70 -16.41
C SER B 1059 8.41 -20.00 -15.41
N LYS B 1060 8.51 -21.14 -14.73
CA LYS B 1060 7.48 -21.53 -13.77
C LYS B 1060 7.81 -21.10 -12.35
N ILE B 1061 8.94 -20.41 -12.19
CA ILE B 1061 9.39 -19.95 -10.89
C ILE B 1061 9.47 -18.43 -10.83
N TYR B 1062 9.17 -17.87 -9.66
CA TYR B 1062 9.18 -16.43 -9.51
C TYR B 1062 9.57 -15.99 -8.11
N ILE B 1063 10.29 -14.87 -8.04
CA ILE B 1063 10.69 -14.30 -6.75
C ILE B 1063 10.27 -12.84 -6.83
N SER B 1064 9.33 -12.47 -5.97
CA SER B 1064 8.78 -11.11 -5.95
C SER B 1064 9.51 -10.13 -5.04
N GLU B 1065 9.76 -10.54 -3.81
CA GLU B 1065 10.40 -9.62 -2.86
C GLU B 1065 10.98 -10.37 -1.66
N THR B 1066 11.51 -9.58 -0.74
CA THR B 1066 12.08 -10.07 0.50
C THR B 1066 11.24 -9.40 1.58
N SER B 1067 10.72 -10.18 2.53
CA SER B 1067 9.89 -9.64 3.60
C SER B 1067 10.07 -10.39 4.92
N THR B 1068 9.96 -9.66 6.03
CA THR B 1068 10.14 -10.27 7.35
C THR B 1068 9.03 -11.21 7.79
N ASN B 1069 7.89 -11.19 7.11
CA ASN B 1069 6.80 -12.08 7.48
C ASN B 1069 6.82 -13.37 6.66
N THR B 1070 7.83 -13.54 5.81
CA THR B 1070 7.97 -14.76 5.03
C THR B 1070 9.21 -15.50 5.55
N VAL B 1071 10.32 -14.79 5.66
CA VAL B 1071 11.56 -15.35 6.20
C VAL B 1071 12.05 -14.41 7.29
N PRO B 1072 11.97 -14.84 8.56
CA PRO B 1072 12.40 -14.03 9.69
C PRO B 1072 13.86 -14.22 10.09
N ASN B 1073 14.32 -13.35 10.98
CA ASN B 1073 15.67 -13.41 11.54
C ASN B 1073 16.78 -13.60 10.52
N SER B 1074 16.63 -12.98 9.36
CA SER B 1074 17.63 -13.11 8.31
C SER B 1074 18.86 -12.24 8.58
N SER B 1075 20.03 -12.74 8.20
CA SER B 1075 21.25 -11.97 8.36
C SER B 1075 21.20 -10.94 7.25
N PRO B 1076 21.96 -9.84 7.38
CA PRO B 1076 21.90 -8.86 6.29
C PRO B 1076 22.48 -9.48 5.03
N THR B 1077 22.07 -8.99 3.86
CA THR B 1077 22.59 -9.53 2.61
C THR B 1077 23.98 -8.93 2.44
N ALA B 1078 24.98 -9.69 2.86
CA ALA B 1078 26.34 -9.21 2.82
C ALA B 1078 27.37 -10.34 2.96
N ALA B 1079 28.65 -9.97 2.98
CA ALA B 1079 29.75 -10.93 3.10
C ALA B 1079 29.90 -11.80 1.86
N SER B 1080 29.23 -11.42 0.78
CA SER B 1080 29.29 -12.15 -0.48
C SER B 1080 28.81 -13.60 -0.42
N VAL B 1081 28.27 -14.02 0.72
CA VAL B 1081 27.81 -15.40 0.87
C VAL B 1081 26.34 -15.67 0.59
N SER B 1082 25.61 -14.68 0.14
CA SER B 1082 24.18 -14.86 -0.11
C SER B 1082 23.85 -16.04 -1.02
N THR B 1083 24.49 -16.08 -2.19
CA THR B 1083 24.26 -17.17 -3.13
C THR B 1083 24.54 -18.49 -2.42
N ASP B 1084 25.64 -18.53 -1.69
CA ASP B 1084 26.06 -19.71 -0.94
C ASP B 1084 24.99 -20.23 0.01
N ILE B 1085 24.60 -19.41 0.98
CA ILE B 1085 23.64 -19.83 1.98
C ILE B 1085 22.18 -19.89 1.58
N TYR B 1086 21.67 -18.87 0.90
CA TYR B 1086 20.28 -18.91 0.47
C TYR B 1086 20.10 -19.95 -0.62
N GLY B 1087 21.15 -20.13 -1.42
CA GLY B 1087 21.09 -21.13 -2.49
C GLY B 1087 20.88 -22.51 -1.88
N GLN B 1088 21.49 -22.73 -0.73
CA GLN B 1088 21.38 -24.00 -0.05
C GLN B 1088 19.99 -24.14 0.58
N ALA B 1089 19.52 -23.06 1.21
CA ALA B 1089 18.19 -23.06 1.84
C ALA B 1089 17.10 -23.31 0.78
N VAL B 1090 17.29 -22.71 -0.40
CA VAL B 1090 16.33 -22.90 -1.48
C VAL B 1090 16.39 -24.35 -1.96
N TYR B 1091 17.60 -24.89 -2.04
CA TYR B 1091 17.81 -26.28 -2.47
C TYR B 1091 17.08 -27.25 -1.54
N GLU B 1092 17.25 -27.09 -0.23
CA GLU B 1092 16.60 -27.96 0.74
C GLU B 1092 15.07 -27.91 0.63
N ALA B 1093 14.53 -26.69 0.53
CA ALA B 1093 13.09 -26.52 0.41
C ALA B 1093 12.62 -27.25 -0.84
N CYS B 1094 13.41 -27.14 -1.90
CA CYS B 1094 13.07 -27.82 -3.15
C CYS B 1094 13.09 -29.34 -2.98
N GLN B 1095 14.01 -29.84 -2.16
CA GLN B 1095 14.10 -31.29 -1.94
C GLN B 1095 12.85 -31.77 -1.22
N THR B 1096 12.40 -31.01 -0.24
CA THR B 1096 11.21 -31.37 0.53
C THR B 1096 10.01 -31.44 -0.41
N ILE B 1097 9.92 -30.49 -1.33
CA ILE B 1097 8.81 -30.49 -2.29
C ILE B 1097 8.85 -31.75 -3.15
N LEU B 1098 10.02 -32.06 -3.69
CA LEU B 1098 10.19 -33.25 -4.53
C LEU B 1098 9.80 -34.52 -3.79
N LYS B 1099 10.15 -34.60 -2.51
CA LYS B 1099 9.82 -35.77 -1.72
C LYS B 1099 8.31 -35.93 -1.60
N ARG B 1100 7.61 -34.82 -1.36
CA ARG B 1100 6.15 -34.87 -1.24
C ARG B 1100 5.48 -35.22 -2.56
N LEU B 1101 6.13 -34.88 -3.67
CA LEU B 1101 5.56 -35.17 -4.98
C LEU B 1101 5.88 -36.57 -5.51
N GLU B 1102 6.96 -37.17 -5.01
CA GLU B 1102 7.39 -38.49 -5.45
C GLU B 1102 6.31 -39.57 -5.58
N PRO B 1103 5.47 -39.72 -4.55
CA PRO B 1103 4.41 -40.74 -4.61
C PRO B 1103 3.53 -40.57 -5.85
N PHE B 1104 3.20 -39.31 -6.16
CA PHE B 1104 2.35 -39.01 -7.30
C PHE B 1104 3.07 -39.16 -8.64
N LYS B 1105 4.36 -38.90 -8.65
CA LYS B 1105 5.16 -39.03 -9.86
C LYS B 1105 5.22 -40.51 -10.24
N LYS B 1106 5.62 -41.33 -9.26
CA LYS B 1106 5.72 -42.77 -9.45
C LYS B 1106 4.38 -43.37 -9.84
N LYS B 1107 3.31 -42.77 -9.33
CA LYS B 1107 1.95 -43.22 -9.60
C LYS B 1107 1.51 -42.86 -11.02
N ASN B 1108 2.11 -41.81 -11.57
CA ASN B 1108 1.77 -41.35 -12.91
C ASN B 1108 3.02 -40.79 -13.61
N PRO B 1109 4.00 -41.66 -13.88
CA PRO B 1109 5.29 -41.38 -14.52
C PRO B 1109 5.27 -40.51 -15.79
N ASP B 1110 4.26 -40.68 -16.64
CA ASP B 1110 4.18 -39.91 -17.87
C ASP B 1110 3.42 -38.59 -17.74
N GLY B 1111 2.96 -38.28 -16.53
CA GLY B 1111 2.23 -37.05 -16.33
C GLY B 1111 3.12 -35.81 -16.36
N SER B 1112 2.52 -34.65 -16.15
CA SER B 1112 3.27 -33.41 -16.14
C SER B 1112 3.45 -32.89 -14.72
N TRP B 1113 4.30 -31.88 -14.57
CA TRP B 1113 4.55 -31.29 -13.27
C TRP B 1113 3.21 -30.81 -12.73
N GLU B 1114 2.40 -30.24 -13.63
CA GLU B 1114 1.08 -29.75 -13.26
C GLU B 1114 0.17 -30.86 -12.74
N ASP B 1115 0.20 -32.02 -13.39
CA ASP B 1115 -0.63 -33.15 -12.96
C ASP B 1115 -0.24 -33.60 -11.56
N TRP B 1116 1.06 -33.77 -11.34
CA TRP B 1116 1.55 -34.22 -10.03
C TRP B 1116 1.18 -33.22 -8.93
N VAL B 1117 1.35 -31.93 -9.21
CA VAL B 1117 1.04 -30.88 -8.25
C VAL B 1117 -0.45 -30.91 -7.87
N MET B 1118 -1.32 -30.99 -8.87
CA MET B 1118 -2.76 -31.01 -8.60
C MET B 1118 -3.17 -32.29 -7.86
N ALA B 1119 -2.55 -33.41 -8.21
CA ALA B 1119 -2.84 -34.68 -7.56
C ALA B 1119 -2.47 -34.60 -6.09
N ALA B 1120 -1.32 -33.99 -5.82
CA ALA B 1120 -0.84 -33.84 -4.44
C ALA B 1120 -1.79 -32.94 -3.67
N TYR B 1121 -2.23 -31.84 -4.30
CA TYR B 1121 -3.15 -30.92 -3.64
C TYR B 1121 -4.44 -31.63 -3.26
N GLN B 1122 -5.04 -32.32 -4.22
CA GLN B 1122 -6.28 -33.04 -4.00
C GLN B 1122 -6.13 -34.20 -3.02
N ASP B 1123 -4.89 -34.64 -2.79
CA ASP B 1123 -4.64 -35.73 -1.86
C ASP B 1123 -4.28 -35.10 -0.52
N ARG B 1124 -4.51 -33.80 -0.43
CA ARG B 1124 -4.23 -33.02 0.75
C ARG B 1124 -2.81 -33.15 1.30
N VAL B 1125 -1.85 -32.93 0.40
CA VAL B 1125 -0.43 -32.96 0.76
C VAL B 1125 0.00 -31.50 0.65
N SER B 1126 0.69 -31.01 1.68
CA SER B 1126 1.13 -29.62 1.68
C SER B 1126 2.14 -29.28 0.58
N LEU B 1127 1.90 -28.17 -0.10
CA LEU B 1127 2.78 -27.72 -1.17
C LEU B 1127 3.53 -26.47 -0.73
N SER B 1128 3.78 -26.37 0.57
CA SER B 1128 4.49 -25.23 1.13
C SER B 1128 5.51 -25.73 2.15
N THR B 1129 6.71 -25.17 2.10
CA THR B 1129 7.74 -25.59 3.05
C THR B 1129 8.86 -24.57 3.22
N THR B 1130 9.59 -24.72 4.32
CA THR B 1130 10.72 -23.84 4.59
C THR B 1130 11.98 -24.59 4.21
N GLY B 1131 13.07 -23.84 4.09
CA GLY B 1131 14.36 -24.42 3.75
C GLY B 1131 15.35 -23.69 4.65
N PHE B 1132 16.39 -24.37 5.10
CA PHE B 1132 17.35 -23.72 5.99
C PHE B 1132 18.75 -24.27 5.77
N TYR B 1133 19.75 -23.43 6.02
CA TYR B 1133 21.14 -23.84 5.87
C TYR B 1133 21.99 -23.15 6.92
N ARG B 1134 23.05 -23.83 7.32
CA ARG B 1134 23.98 -23.35 8.33
C ARG B 1134 25.37 -23.76 7.86
N THR B 1135 26.27 -22.79 7.69
CA THR B 1135 27.63 -23.08 7.24
C THR B 1135 28.38 -23.83 8.33
N PRO B 1136 28.80 -25.07 8.05
CA PRO B 1136 29.52 -25.91 9.01
C PRO B 1136 30.98 -25.55 9.28
N ASN B 1137 31.44 -25.98 10.44
CA ASN B 1137 32.82 -25.79 10.89
C ASN B 1137 33.40 -24.37 10.85
N LEU B 1138 32.73 -23.46 11.54
CA LEU B 1138 33.20 -22.07 11.60
C LEU B 1138 33.33 -21.67 13.06
N GLY B 1139 34.39 -20.94 13.38
CA GLY B 1139 34.58 -20.50 14.75
C GLY B 1139 36.04 -20.21 15.08
N TYR B 1140 36.51 -19.06 14.63
CA TYR B 1140 37.88 -18.65 14.90
C TYR B 1140 37.91 -17.90 16.22
N SER B 1141 39.04 -17.99 16.91
CA SER B 1141 39.22 -17.31 18.19
C SER B 1141 40.50 -16.51 18.15
N PHE B 1142 40.43 -15.23 18.53
CA PHE B 1142 41.63 -14.40 18.54
C PHE B 1142 42.49 -14.77 19.75
N GLU B 1143 41.89 -15.40 20.74
CA GLU B 1143 42.61 -15.80 21.95
C GLU B 1143 43.54 -16.97 21.68
N THR B 1144 43.04 -17.97 20.97
CA THR B 1144 43.83 -19.16 20.66
C THR B 1144 44.42 -19.11 19.27
N ASN B 1145 44.00 -18.13 18.48
CA ASN B 1145 44.46 -17.99 17.11
C ASN B 1145 44.31 -19.34 16.41
N SER B 1146 43.11 -19.91 16.51
CA SER B 1146 42.80 -21.19 15.89
C SER B 1146 41.30 -21.25 15.60
N GLY B 1147 40.90 -22.22 14.78
CA GLY B 1147 39.50 -22.36 14.41
C GLY B 1147 39.31 -21.76 13.03
N ASN B 1148 38.38 -22.32 12.25
CA ASN B 1148 38.14 -21.80 10.91
C ASN B 1148 37.42 -20.46 10.91
N ALA B 1149 38.04 -19.45 10.32
CA ALA B 1149 37.41 -18.13 10.25
C ALA B 1149 36.54 -18.10 9.00
N PHE B 1150 36.93 -18.85 7.98
CA PHE B 1150 36.17 -18.88 6.73
C PHE B 1150 35.88 -20.30 6.25
N HIS B 1151 34.91 -20.44 5.36
CA HIS B 1151 34.52 -21.74 4.81
C HIS B 1151 35.46 -22.09 3.66
N TYR B 1152 35.99 -21.07 3.00
CA TYR B 1152 36.92 -21.23 1.89
C TYR B 1152 37.36 -19.86 1.43
N PHE B 1153 38.21 -19.80 0.40
CA PHE B 1153 38.68 -18.53 -0.11
C PHE B 1153 38.44 -18.40 -1.60
N THR B 1154 38.20 -17.18 -2.06
CA THR B 1154 38.00 -16.92 -3.49
C THR B 1154 39.30 -16.25 -3.92
N TYR B 1155 39.83 -16.65 -5.07
CA TYR B 1155 41.10 -16.11 -5.54
C TYR B 1155 41.02 -15.47 -6.92
N GLY B 1156 42.04 -14.65 -7.24
CA GLY B 1156 42.09 -14.01 -8.53
C GLY B 1156 43.39 -13.27 -8.73
N VAL B 1157 43.72 -12.99 -9.99
CA VAL B 1157 44.93 -12.27 -10.32
C VAL B 1157 44.60 -11.23 -11.38
N ALA B 1158 45.25 -10.08 -11.31
CA ALA B 1158 45.01 -9.02 -12.29
C ALA B 1158 46.29 -8.29 -12.67
N CYS B 1159 46.46 -8.09 -13.97
CA CYS B 1159 47.60 -7.38 -14.52
C CYS B 1159 47.08 -6.14 -15.23
N SER B 1160 47.62 -4.98 -14.86
CA SER B 1160 47.18 -3.74 -15.47
C SER B 1160 48.35 -2.89 -15.96
N GLU B 1161 48.14 -2.18 -17.06
CA GLU B 1161 49.15 -1.29 -17.61
C GLU B 1161 48.53 0.09 -17.74
N VAL B 1162 49.32 1.11 -17.42
CA VAL B 1162 48.82 2.48 -17.51
C VAL B 1162 49.86 3.40 -18.13
N GLU B 1163 49.40 4.58 -18.55
CA GLU B 1163 50.30 5.58 -19.09
C GLU B 1163 49.97 6.86 -18.33
N ILE B 1164 50.96 7.46 -17.69
CA ILE B 1164 50.70 8.69 -16.95
C ILE B 1164 51.26 9.87 -17.73
N ASP B 1165 50.64 11.03 -17.53
CA ASP B 1165 51.11 12.27 -18.15
C ASP B 1165 51.87 12.91 -16.99
N CYS B 1166 53.19 12.96 -17.09
CA CYS B 1166 54.03 13.51 -16.03
C CYS B 1166 53.88 15.01 -15.80
N LEU B 1167 53.26 15.68 -16.76
CA LEU B 1167 53.06 17.13 -16.66
C LEU B 1167 51.71 17.55 -16.09
N THR B 1168 50.72 16.66 -16.10
CA THR B 1168 49.38 17.02 -15.61
C THR B 1168 48.77 16.14 -14.52
N GLY B 1169 49.25 14.91 -14.39
CA GLY B 1169 48.70 14.02 -13.39
C GLY B 1169 47.66 13.07 -13.96
N ASP B 1170 47.21 13.37 -15.17
CA ASP B 1170 46.22 12.52 -15.83
C ASP B 1170 46.89 11.20 -16.21
N HIS B 1171 46.09 10.17 -16.46
CA HIS B 1171 46.63 8.88 -16.87
C HIS B 1171 45.59 8.04 -17.59
N LYS B 1172 46.06 7.10 -18.39
CA LYS B 1172 45.19 6.20 -19.12
C LYS B 1172 45.33 4.81 -18.55
N ASN B 1173 44.24 4.06 -18.54
CA ASN B 1173 44.27 2.68 -18.09
C ASN B 1173 44.25 1.93 -19.42
N LEU B 1174 45.45 1.63 -19.93
CA LEU B 1174 45.60 0.97 -21.22
C LEU B 1174 45.03 -0.43 -21.34
N ARG B 1175 45.37 -1.30 -20.39
CA ARG B 1175 44.89 -2.66 -20.44
C ARG B 1175 44.90 -3.34 -19.10
N THR B 1176 43.93 -4.21 -18.90
CA THR B 1176 43.81 -4.98 -17.67
C THR B 1176 43.37 -6.39 -18.02
N ASP B 1177 44.08 -7.36 -17.48
CA ASP B 1177 43.78 -8.77 -17.70
C ASP B 1177 43.48 -9.36 -16.33
N ILE B 1178 42.35 -10.05 -16.21
CA ILE B 1178 41.96 -10.65 -14.94
C ILE B 1178 41.59 -12.12 -15.06
N VAL B 1179 42.08 -12.93 -14.13
CA VAL B 1179 41.76 -14.35 -14.10
C VAL B 1179 41.19 -14.57 -12.70
N MET B 1180 39.91 -14.91 -12.63
CA MET B 1180 39.24 -15.08 -11.36
C MET B 1180 38.75 -16.50 -11.11
N ASP B 1181 38.99 -17.01 -9.91
CA ASP B 1181 38.53 -18.34 -9.54
C ASP B 1181 37.22 -18.26 -8.78
N VAL B 1182 36.12 -18.50 -9.49
CA VAL B 1182 34.80 -18.47 -8.87
C VAL B 1182 34.23 -19.89 -8.92
N GLY B 1183 35.13 -20.87 -8.95
CA GLY B 1183 34.71 -22.26 -9.01
C GLY B 1183 33.83 -22.48 -10.23
N SER B 1184 32.82 -23.34 -10.09
CA SER B 1184 31.90 -23.60 -11.18
C SER B 1184 30.78 -22.57 -11.06
N SER B 1185 30.93 -21.46 -11.77
CA SER B 1185 29.96 -20.37 -11.75
C SER B 1185 28.53 -20.81 -12.03
N LEU B 1186 27.58 -20.24 -11.30
CA LEU B 1186 26.18 -20.55 -11.50
C LEU B 1186 25.67 -19.72 -12.67
N ASN B 1187 26.34 -18.61 -12.93
CA ASN B 1187 25.98 -17.70 -14.00
C ASN B 1187 27.21 -16.89 -14.35
N PRO B 1188 27.96 -17.30 -15.39
CA PRO B 1188 29.16 -16.60 -15.80
C PRO B 1188 28.95 -15.14 -16.21
N ALA B 1189 27.76 -14.82 -16.71
CA ALA B 1189 27.46 -13.45 -17.10
C ALA B 1189 27.39 -12.57 -15.85
N ILE B 1190 26.67 -13.06 -14.85
CA ILE B 1190 26.53 -12.32 -13.60
C ILE B 1190 27.86 -12.25 -12.86
N ASP B 1191 28.60 -13.36 -12.87
CA ASP B 1191 29.89 -13.40 -12.18
C ASP B 1191 30.96 -12.53 -12.85
N ILE B 1192 31.00 -12.52 -14.18
CA ILE B 1192 31.96 -11.67 -14.86
C ILE B 1192 31.54 -10.22 -14.56
N GLY B 1193 30.24 -9.99 -14.47
CA GLY B 1193 29.72 -8.66 -14.19
C GLY B 1193 30.14 -8.20 -12.81
N GLN B 1194 30.18 -9.14 -11.86
CA GLN B 1194 30.58 -8.84 -10.51
C GLN B 1194 32.08 -8.54 -10.47
N VAL B 1195 32.85 -9.30 -11.24
CA VAL B 1195 34.29 -9.10 -11.31
C VAL B 1195 34.62 -7.71 -11.87
N GLU B 1196 34.00 -7.37 -12.99
CA GLU B 1196 34.24 -6.07 -13.62
C GLU B 1196 33.73 -4.93 -12.75
N GLY B 1197 32.55 -5.10 -12.18
CA GLY B 1197 32.00 -4.06 -11.33
C GLY B 1197 32.85 -3.81 -10.10
N ALA B 1198 33.24 -4.89 -9.42
CA ALA B 1198 34.08 -4.75 -8.23
C ALA B 1198 35.42 -4.15 -8.60
N PHE B 1199 36.02 -4.65 -9.67
CA PHE B 1199 37.31 -4.13 -10.12
C PHE B 1199 37.29 -2.63 -10.33
N VAL B 1200 36.23 -2.13 -10.97
CA VAL B 1200 36.13 -0.71 -11.23
C VAL B 1200 35.92 0.10 -9.96
N GLN B 1201 35.13 -0.41 -9.01
CA GLN B 1201 34.94 0.31 -7.76
C GLN B 1201 36.29 0.38 -7.03
N GLY B 1202 37.09 -0.68 -7.17
CA GLY B 1202 38.40 -0.71 -6.54
C GLY B 1202 39.27 0.33 -7.24
N LEU B 1203 39.19 0.35 -8.57
CA LEU B 1203 39.92 1.30 -9.39
C LEU B 1203 39.59 2.70 -8.91
N GLY B 1204 38.33 2.93 -8.59
CA GLY B 1204 37.92 4.24 -8.11
C GLY B 1204 38.52 4.54 -6.74
N LEU B 1205 38.45 3.54 -5.86
CA LEU B 1205 38.99 3.68 -4.51
C LEU B 1205 40.46 4.07 -4.54
N PHE B 1206 41.23 3.34 -5.34
CA PHE B 1206 42.66 3.57 -5.42
C PHE B 1206 43.17 4.68 -6.33
N THR B 1207 42.33 5.27 -7.18
CA THR B 1207 42.84 6.29 -8.08
C THR B 1207 42.02 7.55 -8.38
N LEU B 1208 40.72 7.52 -8.14
CA LEU B 1208 39.90 8.69 -8.46
C LEU B 1208 39.07 9.30 -7.34
N GLU B 1209 38.51 8.45 -6.49
CA GLU B 1209 37.64 8.89 -5.42
C GLU B 1209 38.33 9.37 -4.16
N GLU B 1210 37.99 10.59 -3.75
CA GLU B 1210 38.58 11.17 -2.56
C GLU B 1210 37.59 12.13 -1.91
N LEU B 1211 37.45 12.00 -0.59
CA LEU B 1211 36.55 12.86 0.16
C LEU B 1211 37.41 13.89 0.89
N HIS B 1212 37.00 15.16 0.85
CA HIS B 1212 37.74 16.22 1.51
C HIS B 1212 36.93 16.84 2.64
N TYR B 1213 37.57 17.03 3.79
CA TYR B 1213 36.92 17.60 4.97
C TYR B 1213 37.65 18.84 5.48
N SER B 1214 36.90 19.79 6.02
CA SER B 1214 37.50 21.00 6.57
C SER B 1214 38.22 20.57 7.85
N PRO B 1215 39.17 21.39 8.35
CA PRO B 1215 39.88 21.02 9.57
C PRO B 1215 38.91 20.83 10.74
N GLU B 1216 37.78 21.52 10.69
CA GLU B 1216 36.75 21.44 11.74
C GLU B 1216 35.88 20.19 11.61
N GLY B 1217 36.11 19.39 10.57
CA GLY B 1217 35.36 18.16 10.39
C GLY B 1217 34.12 18.20 9.50
N SER B 1218 34.00 19.22 8.64
CA SER B 1218 32.85 19.32 7.74
C SER B 1218 33.22 18.84 6.34
N LEU B 1219 32.46 17.87 5.84
CA LEU B 1219 32.68 17.32 4.51
C LEU B 1219 32.45 18.37 3.42
N HIS B 1220 33.45 18.52 2.55
CA HIS B 1220 33.38 19.48 1.44
C HIS B 1220 32.72 18.87 0.20
N THR B 1221 33.11 17.63 -0.10
CA THR B 1221 32.62 16.91 -1.28
C THR B 1221 31.32 16.16 -1.02
N ARG B 1222 30.21 16.69 -1.53
CA ARG B 1222 28.90 16.08 -1.30
C ARG B 1222 28.08 15.85 -2.56
N GLY B 1223 28.74 15.70 -3.70
CA GLY B 1223 28.02 15.45 -4.95
C GLY B 1223 28.95 14.97 -6.04
N PRO B 1224 28.40 14.47 -7.16
CA PRO B 1224 29.25 13.98 -8.26
C PRO B 1224 30.14 15.06 -8.87
N SER B 1225 29.79 16.32 -8.66
CA SER B 1225 30.60 17.42 -9.18
C SER B 1225 31.98 17.43 -8.50
N THR B 1226 32.03 17.03 -7.24
CA THR B 1226 33.29 17.03 -6.50
C THR B 1226 33.82 15.64 -6.13
N TYR B 1227 32.94 14.65 -6.09
CA TYR B 1227 33.36 13.29 -5.76
C TYR B 1227 33.32 12.56 -7.10
N LYS B 1228 34.48 12.17 -7.61
CA LYS B 1228 34.53 11.55 -8.92
C LYS B 1228 34.70 10.03 -8.97
N ILE B 1229 33.59 9.33 -9.17
CA ILE B 1229 33.65 7.87 -9.28
C ILE B 1229 34.05 7.58 -10.73
N PRO B 1230 34.45 6.34 -11.03
CA PRO B 1230 34.84 6.01 -12.41
C PRO B 1230 33.73 6.32 -13.42
N ALA B 1231 34.12 6.88 -14.56
CA ALA B 1231 33.19 7.22 -15.63
C ALA B 1231 33.38 6.19 -16.76
N PHE B 1232 32.55 6.29 -17.80
CA PHE B 1232 32.67 5.37 -18.93
C PHE B 1232 34.10 5.35 -19.44
N GLY B 1233 34.71 6.53 -19.54
CA GLY B 1233 36.07 6.60 -20.04
C GLY B 1233 37.18 6.25 -19.05
N SER B 1234 36.82 5.89 -17.83
CA SER B 1234 37.81 5.55 -16.80
C SER B 1234 38.27 4.09 -16.82
N ILE B 1235 37.55 3.23 -17.53
CA ILE B 1235 37.91 1.82 -17.55
C ILE B 1235 39.05 1.48 -18.48
N PRO B 1236 39.70 0.33 -18.27
CA PRO B 1236 40.81 -0.04 -19.15
C PRO B 1236 40.32 -0.22 -20.58
N THR B 1237 41.00 0.43 -21.52
CA THR B 1237 40.63 0.37 -22.93
C THR B 1237 40.58 -1.08 -23.42
N GLU B 1238 41.57 -1.87 -23.04
CA GLU B 1238 41.59 -3.29 -23.39
C GLU B 1238 41.26 -3.96 -22.05
N PHE B 1239 40.10 -4.57 -21.97
CA PHE B 1239 39.60 -5.19 -20.75
C PHE B 1239 39.32 -6.68 -20.96
N ARG B 1240 40.18 -7.54 -20.41
CA ARG B 1240 40.02 -8.98 -20.55
C ARG B 1240 39.75 -9.63 -19.21
N VAL B 1241 38.69 -10.43 -19.16
CA VAL B 1241 38.33 -11.13 -17.93
C VAL B 1241 38.12 -12.62 -18.19
N SER B 1242 38.75 -13.45 -17.36
CA SER B 1242 38.63 -14.89 -17.49
C SER B 1242 38.24 -15.55 -16.19
N LEU B 1243 37.35 -16.53 -16.28
CA LEU B 1243 36.93 -17.29 -15.12
C LEU B 1243 37.70 -18.61 -15.22
N LEU B 1244 38.46 -18.93 -14.18
CA LEU B 1244 39.27 -20.16 -14.17
C LEU B 1244 38.43 -21.38 -14.52
N ARG B 1245 38.97 -22.23 -15.39
CA ARG B 1245 38.28 -23.44 -15.82
C ARG B 1245 38.59 -24.62 -14.91
N ASP B 1246 37.71 -25.62 -14.95
CA ASP B 1246 37.86 -26.84 -14.16
C ASP B 1246 38.39 -26.62 -12.75
N CYS B 1247 37.59 -26.00 -11.90
CA CYS B 1247 37.99 -25.75 -10.52
C CYS B 1247 36.79 -25.74 -9.57
N PRO B 1248 35.98 -26.81 -9.61
CA PRO B 1248 34.80 -26.90 -8.74
C PRO B 1248 35.10 -26.75 -7.25
N ASN B 1249 34.23 -26.05 -6.54
CA ASN B 1249 34.36 -25.83 -5.11
C ASN B 1249 33.34 -26.70 -4.38
N LYS B 1250 33.80 -27.82 -3.85
CA LYS B 1250 32.92 -28.76 -3.15
C LYS B 1250 32.24 -28.18 -1.92
N LYS B 1251 32.67 -27.01 -1.46
CA LYS B 1251 32.08 -26.42 -0.28
C LYS B 1251 30.87 -25.51 -0.49
N ALA B 1252 30.47 -25.28 -1.73
CA ALA B 1252 29.32 -24.41 -1.99
C ALA B 1252 28.33 -24.99 -2.98
N ILE B 1253 27.14 -24.39 -3.02
CA ILE B 1253 26.06 -24.80 -3.90
C ILE B 1253 26.52 -25.01 -5.35
N TYR B 1254 26.31 -26.22 -5.85
CA TYR B 1254 26.68 -26.58 -7.22
C TYR B 1254 28.12 -26.24 -7.60
N ALA B 1255 29.02 -26.36 -6.62
CA ALA B 1255 30.43 -26.10 -6.82
C ALA B 1255 30.85 -24.68 -7.17
N SER B 1256 30.01 -23.70 -6.85
CA SER B 1256 30.32 -22.30 -7.15
C SER B 1256 31.12 -21.63 -6.03
N LYS B 1257 31.38 -20.34 -6.20
CA LYS B 1257 32.11 -19.55 -5.21
C LYS B 1257 31.62 -18.11 -5.11
N ALA B 1258 31.68 -17.53 -3.91
CA ALA B 1258 31.28 -16.15 -3.69
C ALA B 1258 32.14 -15.25 -4.59
N VAL B 1259 31.54 -14.24 -5.21
CA VAL B 1259 32.26 -13.36 -6.12
C VAL B 1259 32.05 -11.87 -5.84
N GLY B 1260 31.07 -11.55 -4.99
CA GLY B 1260 30.76 -10.16 -4.69
C GLY B 1260 31.90 -9.19 -4.38
N GLU B 1261 32.61 -9.44 -3.28
CA GLU B 1261 33.70 -8.58 -2.83
C GLU B 1261 35.12 -8.94 -3.26
N PRO B 1262 35.45 -10.24 -3.34
CA PRO B 1262 36.80 -10.68 -3.72
C PRO B 1262 37.54 -9.97 -4.86
N PRO B 1263 36.86 -9.65 -5.97
CA PRO B 1263 37.54 -8.97 -7.08
C PRO B 1263 37.91 -7.50 -6.89
N LEU B 1264 37.28 -6.83 -5.95
CA LEU B 1264 37.53 -5.40 -5.76
C LEU B 1264 38.98 -5.00 -5.54
N PHE B 1265 39.69 -5.71 -4.68
CA PHE B 1265 41.08 -5.33 -4.44
C PHE B 1265 41.95 -5.40 -5.70
N LEU B 1266 41.57 -6.25 -6.65
CA LEU B 1266 42.36 -6.38 -7.88
C LEU B 1266 42.49 -5.06 -8.62
N GLY B 1267 41.66 -4.08 -8.27
CA GLY B 1267 41.76 -2.77 -8.90
C GLY B 1267 43.06 -2.09 -8.51
N ALA B 1268 43.69 -2.61 -7.46
CA ALA B 1268 44.96 -2.04 -6.98
C ALA B 1268 46.08 -2.26 -8.00
N SER B 1269 45.90 -3.21 -8.91
CA SER B 1269 46.91 -3.47 -9.92
C SER B 1269 47.16 -2.17 -10.71
N VAL B 1270 46.12 -1.35 -10.85
CA VAL B 1270 46.25 -0.08 -11.55
C VAL B 1270 47.06 0.90 -10.69
N PHE B 1271 46.81 0.88 -9.39
CA PHE B 1271 47.52 1.76 -8.46
C PHE B 1271 49.02 1.51 -8.53
N PHE B 1272 49.42 0.25 -8.46
CA PHE B 1272 50.84 -0.08 -8.48
C PHE B 1272 51.46 0.06 -9.87
N ALA B 1273 50.63 -0.02 -10.92
CA ALA B 1273 51.13 0.15 -12.26
C ALA B 1273 51.48 1.63 -12.34
N ILE B 1274 50.64 2.47 -11.73
CA ILE B 1274 50.85 3.91 -11.70
C ILE B 1274 52.12 4.24 -10.92
N LYS B 1275 52.30 3.59 -9.77
CA LYS B 1275 53.48 3.85 -8.95
C LYS B 1275 54.73 3.46 -9.73
N ASP B 1276 54.61 2.39 -10.53
CA ASP B 1276 55.70 1.90 -11.35
C ASP B 1276 56.06 2.95 -12.39
N ALA B 1277 55.04 3.61 -12.95
CA ALA B 1277 55.25 4.64 -13.95
C ALA B 1277 55.90 5.87 -13.33
N ILE B 1278 55.44 6.23 -12.13
CA ILE B 1278 55.99 7.38 -11.43
C ILE B 1278 57.48 7.14 -11.15
N ARG B 1279 57.84 5.90 -10.84
CA ARG B 1279 59.22 5.57 -10.57
C ARG B 1279 60.07 5.84 -11.80
N ALA B 1280 59.51 5.51 -12.98
CA ALA B 1280 60.24 5.74 -14.22
C ALA B 1280 60.42 7.24 -14.43
N ALA B 1281 59.38 8.01 -14.09
CA ALA B 1281 59.42 9.46 -14.23
C ALA B 1281 60.44 10.09 -13.29
N ARG B 1282 60.51 9.58 -12.06
CA ARG B 1282 61.45 10.11 -11.08
C ARG B 1282 62.87 9.77 -11.52
N ALA B 1283 63.08 8.58 -12.07
CA ALA B 1283 64.40 8.19 -12.54
C ALA B 1283 64.78 9.10 -13.70
N GLN B 1284 63.76 9.68 -14.32
CA GLN B 1284 63.93 10.57 -15.46
C GLN B 1284 64.40 11.98 -15.06
N HIS B 1285 63.67 12.62 -14.15
CA HIS B 1285 64.02 13.99 -13.73
C HIS B 1285 64.29 14.16 -12.24
N THR B 1286 64.37 13.07 -11.49
CA THR B 1286 64.59 13.18 -10.05
C THR B 1286 65.76 12.34 -9.53
N ASN B 1287 65.92 12.36 -8.21
CA ASN B 1287 66.96 11.63 -7.48
C ASN B 1287 67.93 10.77 -8.28
N ASN B 1288 67.39 9.73 -8.92
CA ASN B 1288 68.19 8.79 -9.71
C ASN B 1288 68.81 7.77 -8.77
N ASN B 1289 68.15 7.54 -7.65
CA ASN B 1289 68.61 6.59 -6.63
C ASN B 1289 68.49 5.15 -7.08
N THR B 1290 67.41 4.84 -7.80
CA THR B 1290 67.14 3.50 -8.30
C THR B 1290 66.48 2.59 -7.26
N LYS B 1291 66.88 2.74 -6.00
CA LYS B 1291 66.32 1.95 -4.91
C LYS B 1291 65.55 2.83 -3.94
N GLU B 1292 65.24 4.04 -4.38
CA GLU B 1292 64.50 4.98 -3.55
C GLU B 1292 63.13 4.41 -3.22
N LEU B 1293 62.59 4.78 -2.06
CA LEU B 1293 61.28 4.32 -1.65
C LEU B 1293 60.40 5.51 -1.32
N PHE B 1294 59.84 6.13 -2.34
CA PHE B 1294 58.97 7.29 -2.14
C PHE B 1294 57.57 6.83 -1.74
N ARG B 1295 56.95 7.58 -0.83
CA ARG B 1295 55.62 7.25 -0.34
C ARG B 1295 54.50 7.71 -1.25
N LEU B 1296 53.57 6.80 -1.51
CA LEU B 1296 52.41 7.12 -2.35
C LEU B 1296 51.15 6.60 -1.66
N ASP B 1297 50.40 7.50 -1.03
CA ASP B 1297 49.18 7.09 -0.36
C ASP B 1297 48.06 6.93 -1.37
N SER B 1298 46.97 6.29 -0.96
CA SER B 1298 45.80 6.09 -1.81
C SER B 1298 44.75 7.13 -1.42
N PRO B 1299 43.99 7.65 -2.39
CA PRO B 1299 44.04 7.33 -3.83
C PRO B 1299 45.13 8.08 -4.58
N ALA B 1300 45.69 7.42 -5.59
CA ALA B 1300 46.72 8.01 -6.44
C ALA B 1300 46.02 8.92 -7.44
N THR B 1301 45.61 10.09 -6.98
CA THR B 1301 44.90 11.08 -7.80
C THR B 1301 45.86 11.85 -8.69
N PRO B 1302 45.31 12.68 -9.60
CA PRO B 1302 46.18 13.47 -10.47
C PRO B 1302 47.13 14.30 -9.62
N GLU B 1303 46.64 14.75 -8.47
CA GLU B 1303 47.45 15.55 -7.57
C GLU B 1303 48.67 14.77 -7.08
N LYS B 1304 48.44 13.59 -6.52
CA LYS B 1304 49.53 12.80 -6.01
C LYS B 1304 50.48 12.37 -7.12
N ILE B 1305 49.93 12.03 -8.28
CA ILE B 1305 50.74 11.60 -9.40
C ILE B 1305 51.66 12.73 -9.88
N ARG B 1306 51.08 13.90 -10.15
CA ARG B 1306 51.88 15.03 -10.60
C ARG B 1306 52.93 15.47 -9.59
N ASN B 1307 52.52 15.60 -8.32
CA ASN B 1307 53.45 16.02 -7.28
C ASN B 1307 54.61 15.05 -7.10
N ALA B 1308 54.36 13.77 -7.36
CA ALA B 1308 55.39 12.75 -7.23
C ALA B 1308 56.36 12.80 -8.41
N CYS B 1309 55.93 13.39 -9.51
CA CYS B 1309 56.79 13.50 -10.70
C CYS B 1309 57.63 14.77 -10.55
N VAL B 1310 58.49 14.76 -9.54
CA VAL B 1310 59.36 15.88 -9.24
C VAL B 1310 60.22 16.28 -10.43
N ASP B 1311 60.22 17.56 -10.74
CA ASP B 1311 60.99 18.08 -11.85
C ASP B 1311 61.32 19.55 -11.64
N LYS B 1312 61.79 20.20 -12.70
CA LYS B 1312 62.16 21.60 -12.63
C LYS B 1312 60.96 22.48 -12.32
N PHE B 1313 59.78 22.05 -12.75
CA PHE B 1313 58.57 22.82 -12.53
C PHE B 1313 58.06 22.71 -11.08
N THR B 1314 57.96 21.48 -10.57
CA THR B 1314 57.49 21.29 -9.20
C THR B 1314 58.45 22.01 -8.25
N THR B 1315 59.75 21.94 -8.54
CA THR B 1315 60.77 22.58 -7.71
C THR B 1315 60.53 24.08 -7.60
N LEU B 1316 60.20 24.71 -8.71
CA LEU B 1316 59.93 26.15 -8.71
C LEU B 1316 58.63 26.46 -7.97
N CYS B 1317 57.83 25.43 -7.70
CA CYS B 1317 56.55 25.61 -7.01
C CYS B 1317 56.47 25.05 -5.59
N VAL B 1318 57.47 24.29 -5.17
CA VAL B 1318 57.44 23.71 -3.83
C VAL B 1318 57.13 24.78 -2.78
N THR B 1319 56.39 24.41 -1.74
CA THR B 1319 56.04 25.34 -0.68
C THR B 1319 57.32 25.82 0.00
N GLY B 1320 57.99 26.78 -0.64
CA GLY B 1320 59.23 27.32 -0.14
C GLY B 1320 60.25 27.35 -1.25
N ALA B 1321 59.76 27.19 -2.47
CA ALA B 1321 60.59 27.18 -3.68
C ALA B 1321 61.36 28.49 -3.82
N PRO B 1322 62.23 28.60 -4.86
CA PRO B 1322 63.00 29.83 -5.04
C PRO B 1322 62.12 31.07 -5.15
N GLY B 1323 61.84 31.68 -3.99
CA GLY B 1323 61.01 32.87 -3.95
C GLY B 1323 60.95 33.44 -2.55
N ASN B 1324 60.20 32.76 -1.67
CA ASN B 1324 60.04 33.16 -0.27
C ASN B 1324 61.07 34.21 0.17
N CYS B 1325 60.82 35.46 -0.22
CA CYS B 1325 61.73 36.57 0.11
C CYS B 1325 63.17 36.08 0.22
N LYS B 1326 63.62 35.82 1.44
CA LYS B 1326 64.98 35.34 1.72
C LYS B 1326 65.36 35.58 3.19
N PRO B 1327 65.53 34.50 3.96
CA PRO B 1327 65.89 34.63 5.38
C PRO B 1327 67.22 35.34 5.60
N TRP B 1328 67.26 36.23 6.59
CA TRP B 1328 68.46 36.98 6.89
C TRP B 1328 69.67 36.07 7.06
N SER B 1329 69.47 34.93 7.72
CA SER B 1329 70.56 34.00 7.93
C SER B 1329 70.12 32.53 7.94
N LEU B 1330 71.06 31.66 7.66
CA LEU B 1330 70.82 30.21 7.65
C LEU B 1330 72.09 29.59 8.17
N ARG B 1331 71.97 28.68 9.14
CA ARG B 1331 73.17 28.06 9.68
C ARG B 1331 73.83 27.17 8.64
N VAL B 1332 75.14 27.03 8.76
CA VAL B 1332 75.90 26.25 7.81
C VAL B 1332 76.12 24.78 8.20
CA CA C . -25.75 -20.92 -7.96
CA CA D . -24.91 -11.54 -1.01
FE1 FES E . -20.86 -7.60 12.93
FE2 FES E . -22.46 -6.08 14.51
S1 FES E . -20.66 -7.17 15.12
S2 FES E . -22.67 -6.46 12.40
FE1 FES F . -26.22 5.47 7.24
FE2 FES F . -26.81 2.81 6.97
S1 FES F . -27.98 4.37 8.04
S2 FES F . -25.08 3.88 6.19
N1 MTE G . -19.82 -14.92 12.62
C2 MTE G . -19.66 -13.56 12.32
N2 MTE G . -19.66 -12.72 13.37
N3 MTE G . -19.51 -13.18 11.04
C4 MTE G . -19.52 -14.07 9.97
O4 MTE G . -19.39 -13.73 8.71
N5 MTE G . -19.83 -16.72 9.14
C6 MTE G . -20.36 -17.93 9.47
C7 MTE G . -19.97 -18.36 11.05
N8 MTE G . -19.99 -17.32 12.05
C9 MTE G . -19.67 -15.50 10.20
C10 MTE G . -19.84 -15.96 11.74
C1' MTE G . -20.23 -19.02 8.56
S1' MTE G . -21.32 -19.06 7.33
C2' MTE G . -19.14 -19.97 8.83
S2' MTE G . -19.02 -21.30 7.71
C3' MTE G . -18.13 -19.81 10.05
O3' MTE G . -18.59 -18.83 11.02
C4' MTE G . -16.73 -19.81 9.66
O4' MTE G . -15.97 -19.85 10.74
P MTE G . -15.30 -20.82 11.45
O1P MTE G . -15.04 -22.02 10.53
O2P MTE G . -16.05 -21.22 12.63
O3P MTE G . -14.10 -20.36 11.87
MO MOS H . -20.19 -20.53 5.74
S MOS H . -22.08 -20.80 4.72
O1 MOS H . -19.35 -22.21 5.17
O2 MOS H . -19.16 -19.63 4.67
PA FAD I . -36.58 16.73 3.81
O1A FAD I . -35.50 17.77 4.33
O2A FAD I . -36.03 15.59 3.04
O5B FAD I . -37.83 17.27 2.93
C5B FAD I . -38.95 16.55 2.41
C4B FAD I . -39.84 17.43 1.51
O4B FAD I . -40.59 18.38 2.27
C3B FAD I . -39.16 18.16 0.35
O3B FAD I . -40.01 17.93 -0.76
C2B FAD I . -39.21 19.61 0.81
O2B FAD I . -39.15 20.64 -0.16
C1B FAD I . -40.42 19.72 1.72
N9A FAD I . -40.50 20.60 2.92
C8A FAD I . -39.80 20.55 4.08
N7A FAD I . -40.17 21.52 4.91
C5A FAD I . -41.12 22.22 4.30
C6A FAD I . -41.92 23.35 4.62
N6A FAD I . -41.77 23.94 5.81
N1A FAD I . -42.86 23.82 3.71
C2A FAD I . -43.06 23.25 2.45
N3A FAD I . -42.30 22.16 2.14
C4A FAD I . -41.34 21.63 3.01
N1 FAD I . -41.82 8.55 7.17
C2 FAD I . -42.99 8.12 7.80
O2 FAD I . -44.05 8.72 7.62
N3 FAD I . -42.94 6.98 8.66
C4 FAD I . -41.70 6.28 8.87
O4 FAD I . -41.72 5.31 9.62
C4X FAD I . -40.50 6.71 8.23
N5 FAD I . -39.29 6.03 8.39
C5X FAD I . -38.09 6.39 7.78
C6 FAD I . -36.90 5.61 8.00
C7 FAD I . -35.67 6.00 7.33
C7M FAD I . -34.46 5.11 7.62
C8 FAD I . -35.63 7.19 6.45
C8M FAD I . -34.39 7.72 5.69
C9 FAD I . -36.82 7.94 6.25
C9A FAD I . -38.08 7.58 6.89
N10 FAD I . -39.35 8.32 6.70
C10 FAD I . -40.57 7.87 7.36
C1' FAD I . -39.55 9.53 5.80
C2' FAD I . -38.92 10.81 6.48
O2' FAD I . -37.96 10.54 7.53
C3' FAD I . -40.08 11.76 6.90
O3' FAD I . -40.92 11.95 5.74
C4' FAD I . -39.50 13.08 7.54
O4' FAD I . -40.34 13.87 8.38
C5' FAD I . -38.98 13.94 6.36
O5' FAD I . -38.57 15.18 6.91
P FAD I . -37.15 15.83 6.51
O1P FAD I . -35.88 14.90 6.58
O2P FAD I . -37.14 17.07 7.30
O3P FAD I . -37.49 16.20 5.01
C1 YSH J . -18.63 -27.43 1.00
N2 YSH J . -18.09 -25.96 0.40
N3 YSH J . -18.35 -24.95 1.24
C4 YSH J . -19.01 -25.33 2.41
C5 YSH J . -19.23 -26.68 2.41
C6 YSH J . -17.39 -25.91 -0.97
C7 YSH J . -16.44 -24.88 -1.18
C8 YSH J . -15.79 -24.79 -2.41
C9 YSH J . -16.07 -25.76 -3.44
C10 YSH J . -17.11 -26.92 -3.25
C11 YSH J . -17.76 -27.02 -2.10
C12 YSH J . -14.75 -23.71 -2.69
N13 YSH J . -13.96 -22.89 -2.89
O14 YSH J . -15.34 -25.63 -4.69
C15 YSH J . -15.71 -26.73 -5.71
C16 YSH J . -14.47 -27.13 -6.57
C17 YSH J . -13.30 -27.63 -5.73
C18 YSH J . -14.87 -28.21 -7.54
C19 YSH J . -13.97 -25.88 -7.29
C20 YSH J . -19.90 -27.45 3.46
O21 YSH J . -20.35 -26.90 4.45
O22 YSH J . -19.98 -28.81 3.19
C1 GOL K . -48.69 -6.67 21.13
O1 GOL K . -50.03 -6.23 21.33
C2 GOL K . -48.64 -7.99 20.36
O2 GOL K . -49.35 -9.02 21.07
C3 GOL K . -47.18 -8.40 20.16
O3 GOL K . -47.12 -9.64 19.45
C1 GOL L . -67.37 -6.93 21.67
O1 GOL L . -68.09 -6.49 20.53
C2 GOL L . -68.29 -7.12 22.86
O2 GOL L . -68.94 -5.88 23.16
C3 GOL L . -67.47 -7.59 24.06
O3 GOL L . -68.32 -7.77 25.19
C1 GOL M . -46.95 -3.40 17.54
O1 GOL M . -47.72 -4.57 17.82
C2 GOL M . -47.00 -3.06 16.05
O2 GOL M . -46.53 -4.16 15.27
C3 GOL M . -46.16 -1.82 15.79
O3 GOL M . -46.20 -1.48 14.39
C1 GOL N . -37.57 4.31 4.40
O1 GOL N . -38.77 5.00 4.75
C2 GOL N . -36.70 5.17 3.49
O2 GOL N . -37.42 5.51 2.30
C3 GOL N . -35.43 4.40 3.14
O3 GOL N . -34.61 5.20 2.28
C1 GOL O . -33.65 1.10 -3.27
O1 GOL O . -32.62 0.11 -3.24
C2 GOL O . -33.72 1.84 -1.93
O2 GOL O . -33.98 0.90 -0.88
C3 GOL O . -34.83 2.89 -2.00
O3 GOL O . -34.91 3.59 -0.74
C1 GOL P . -15.70 3.01 -3.78
O1 GOL P . -16.89 2.37 -4.23
C2 GOL P . -15.86 3.54 -2.35
O2 GOL P . -16.94 4.48 -2.28
C3 GOL P . -14.54 4.21 -1.95
O3 GOL P . -14.66 4.73 -0.62
C1 GOL Q . 2.55 -10.74 -5.82
O1 GOL Q . 3.43 -9.66 -6.09
C2 GOL Q . 3.36 -12.02 -5.68
O2 GOL Q . 4.08 -12.26 -6.90
C3 GOL Q . 2.40 -13.17 -5.39
O3 GOL Q . 3.13 -14.39 -5.25
C1 GOL R . -3.86 -10.15 17.15
O1 GOL R . -3.59 -11.52 17.41
C2 GOL R . -5.29 -9.93 16.67
O2 GOL R . -5.56 -10.69 15.49
C3 GOL R . -5.48 -8.43 16.40
O3 GOL R . -6.81 -8.18 15.93
C1 GOL S . -13.70 -26.94 30.05
O1 GOL S . -13.78 -28.29 29.62
C2 GOL S . -14.44 -26.01 29.08
O2 GOL S . -13.87 -26.13 27.77
C3 GOL S . -14.34 -24.57 29.57
O3 GOL S . -15.04 -23.71 28.67
C1 GOL T . -23.43 -11.03 -11.94
O1 GOL T . -22.52 -10.70 -13.00
C2 GOL T . -23.75 -12.52 -11.95
O2 GOL T . -24.33 -12.89 -13.21
C3 GOL T . -24.71 -12.84 -10.82
O3 GOL T . -25.01 -14.25 -10.83
C1 GOL U . -25.52 2.91 -12.25
O1 GOL U . -26.11 3.48 -11.08
C2 GOL U . -25.95 1.45 -12.39
O2 GOL U . -25.52 0.71 -11.24
C3 GOL U . -25.31 0.86 -13.65
O3 GOL U . -25.69 -0.52 -13.81
C ACY V . -27.83 -21.99 1.12
O ACY V . -28.29 -22.48 2.24
OXT ACY V . -28.49 -21.67 0.08
CH3 ACY V . -26.35 -21.81 1.14
CA CA W . 31.66 3.16 12.82
CA CA X . 26.92 5.83 2.52
FE1 FES Y . 23.48 -0.05 -10.91
FE2 FES Y . 24.23 1.17 -13.22
S1 FES Y . 23.42 -0.85 -13.01
S2 FES Y . 24.29 1.98 -11.21
FE1 FES Z . 19.94 14.65 -12.89
FE2 FES Z . 21.83 13.24 -11.51
S1 FES Z . 22.11 14.42 -13.34
S2 FES Z . 19.70 13.44 -11.06
N1 MTE AA . 26.59 -5.56 -7.05
C2 MTE AA . 25.67 -4.59 -7.42
N2 MTE AA . 25.39 -4.50 -8.73
N3 MTE AA . 25.12 -3.80 -6.47
C4 MTE AA . 25.42 -3.92 -5.12
O4 MTE AA . 24.92 -3.18 -4.17
N5 MTE AA . 26.94 -5.22 -3.15
C6 MTE AA . 28.16 -5.88 -2.96
C7 MTE AA . 28.35 -7.12 -4.08
N8 MTE AA . 27.95 -6.85 -5.44
C9 MTE AA . 26.39 -4.93 -4.64
C10 MTE AA . 27.04 -5.86 -5.79
C1' MTE AA . 28.50 -6.29 -1.64
S1' MTE AA . 29.20 -5.12 -0.71
C2' MTE AA . 28.18 -7.68 -1.26
S2' MTE AA . 28.62 -8.13 0.36
C3' MTE AA . 27.49 -8.73 -2.25
O3' MTE AA . 27.51 -8.22 -3.63
C4' MTE AA . 26.05 -8.81 -2.39
O4' MTE AA . 25.58 -10.16 -2.32
P MTE AA . 25.81 -11.49 -2.57
O1P MTE AA . 26.18 -12.17 -1.24
O2P MTE AA . 26.84 -11.71 -3.60
O3P MTE AA . 24.68 -12.07 -3.04
MO MOS BA . 28.86 -6.03 1.53
S MOS BA . 30.38 -4.63 2.22
O1 MOS BA . 29.05 -7.30 3.01
O2 MOS BA . 27.32 -5.57 2.18
PA FAD CA . 21.75 29.66 -16.65
O1A FAD CA . 20.37 29.52 -17.42
O2A FAD CA . 21.81 28.94 -15.35
O5B FAD CA . 22.30 31.15 -16.37
C5B FAD CA . 23.48 31.59 -15.68
C4B FAD CA . 23.54 33.12 -15.59
O4B FAD CA . 23.72 33.74 -16.88
C3B FAD CA . 22.38 33.85 -14.87
O3B FAD CA . 23.02 34.67 -13.92
C2B FAD CA . 21.74 34.66 -15.98
O2B FAD CA . 21.02 35.84 -15.68
C1B FAD CA . 22.84 34.89 -17.01
N9A FAD CA . 22.62 35.02 -18.47
C8A FAD CA . 22.23 34.10 -19.37
N7A FAD CA . 22.15 34.61 -20.59
C5A FAD CA . 22.49 35.90 -20.49
C6A FAD CA . 22.61 37.00 -21.40
N6A FAD CA . 22.34 36.82 -22.71
N1A FAD CA . 23.00 38.25 -20.93
C2A FAD CA . 23.29 38.50 -19.60
N3A FAD CA . 23.18 37.45 -18.72
C4A FAD CA . 22.79 36.17 -19.13
N1 FAD CA . 31.04 25.26 -16.61
C2 FAD CA . 32.34 25.31 -17.13
O2 FAD CA . 32.84 26.40 -17.42
N3 FAD CA . 33.04 24.09 -17.34
C4 FAD CA . 32.45 22.82 -17.01
O4 FAD CA . 33.12 21.82 -17.21
C4X FAD CA . 31.13 22.76 -16.46
N5 FAD CA . 30.53 21.56 -16.10
C5X FAD CA . 29.25 21.44 -15.54
C6 FAD CA . 28.73 20.14 -15.18
C7 FAD CA . 27.41 20.04 -14.58
C7M FAD CA . 26.95 18.63 -14.22
C8 FAD CA . 26.60 21.26 -14.36
C8M FAD CA . 25.18 21.30 -13.74
C9 FAD CA . 27.12 22.54 -14.72
C9A FAD CA . 28.46 22.68 -15.31
N10 FAD CA . 29.05 23.97 -15.69
C10 FAD CA . 30.41 24.01 -16.26
C1' FAD CA . 28.42 25.35 -15.54
C2' FAD CA . 27.36 25.58 -16.69
O2' FAD CA . 26.90 24.39 -17.36
C3' FAD CA . 27.88 26.70 -17.66
O3' FAD CA . 28.31 27.82 -16.85
C4' FAD CA . 26.77 27.06 -18.74
O4' FAD CA . 27.15 27.80 -19.88
C5' FAD CA . 25.64 27.81 -17.98
O5' FAD CA . 24.68 28.21 -18.97
P FAD CA . 23.09 28.09 -18.67
O1P FAD CA . 22.57 26.70 -18.10
O2P FAD CA . 22.50 28.57 -19.92
O3P FAD CA . 22.96 29.22 -17.58
C1 YSH DA . 30.64 -9.58 9.16
N2 YSH DA . 29.32 -8.52 9.10
N3 YSH DA . 29.13 -8.04 7.87
C4 YSH DA . 30.04 -8.50 6.93
C5 YSH DA . 30.95 -9.36 7.49
C6 YSH DA . 28.50 -8.23 10.38
C7 YSH DA . 27.13 -7.92 10.19
C8 YSH DA . 26.33 -7.65 11.31
C9 YSH DA . 26.91 -7.67 12.63
C10 YSH DA . 28.42 -8.00 12.89
C11 YSH DA . 29.21 -8.27 11.84
C12 YSH DA . 24.85 -7.31 11.17
N13 YSH DA . 23.72 -7.08 11.09
O14 YSH DA . 26.02 -7.37 13.76
C15 YSH DA . 26.73 -7.46 15.11
C16 YSH DA . 25.83 -8.10 16.22
C17 YSH DA . 25.35 -9.50 15.86
C18 YSH DA . 26.60 -8.16 17.52
C19 YSH DA . 24.57 -7.24 16.34
C20 YSH DA . 32.06 -10.03 6.80
O21 YSH DA . 32.27 -9.84 5.62
O22 YSH DA . 32.82 -10.86 7.62
C1 GOL EA . 63.18 22.79 -28.59
O1 GOL EA . 63.92 22.43 -29.75
C2 GOL EA . 63.67 22.03 -27.37
O2 GOL EA . 63.53 20.62 -27.58
C3 GOL EA . 62.85 22.46 -26.14
O3 GOL EA . 63.32 21.75 -24.99
C1 GOL FA . 47.26 12.11 -22.71
O1 GOL FA . 48.27 12.95 -23.22
C2 GOL FA . 47.69 11.46 -21.39
O2 GOL FA . 48.88 10.68 -21.59
C3 GOL FA . 46.55 10.57 -20.89
O3 GOL FA . 46.94 9.96 -19.66
C1 GOL GA . 43.31 14.96 -20.77
O1 GOL GA . 44.65 14.49 -20.58
C2 GOL GA . 42.93 15.98 -19.71
O2 GOL GA . 43.06 15.38 -18.41
C3 GOL GA . 41.51 16.46 -19.93
O3 GOL GA . 41.15 17.42 -18.93
C1 GOL HA . 11.48 -13.03 -10.82
O1 GOL HA . 12.06 -14.26 -10.37
C2 GOL HA . 12.46 -11.87 -10.71
O2 GOL HA . 12.90 -11.70 -9.37
C3 GOL HA . 11.77 -10.60 -11.21
O3 GOL HA . 12.66 -9.49 -11.10
C1 GOL IA . 5.78 10.27 -4.71
O1 GOL IA . 6.44 11.45 -4.27
C2 GOL IA . 6.59 9.57 -5.79
O2 GOL IA . 6.80 10.46 -6.89
C3 GOL IA . 5.86 8.32 -6.25
O3 GOL IA . 6.63 7.66 -7.27
C1 GOL JA . 10.25 11.32 -2.28
O1 GOL JA . 9.20 11.57 -3.22
C2 GOL JA . 10.75 12.61 -1.66
O2 GOL JA . 11.23 13.49 -2.67
C3 GOL JA . 11.86 12.27 -0.66
O3 GOL JA . 12.35 13.46 -0.05
C1 GOL KA . 23.69 10.57 12.13
O1 GOL KA . 22.66 10.79 13.09
C2 GOL KA . 24.81 9.75 12.75
O2 GOL KA . 25.35 10.42 13.89
C3 GOL KA . 25.92 9.53 11.71
O3 GOL KA . 26.97 8.76 12.29
C1 GOL LA . 27.42 20.74 -4.11
O1 GOL LA . 26.55 19.68 -3.72
C2 GOL LA . 26.77 21.62 -5.16
O2 GOL LA . 26.43 20.84 -6.32
C3 GOL LA . 27.72 22.75 -5.55
O3 GOL LA . 27.10 23.58 -6.54
C1 GOL MA . 28.58 23.72 -10.27
O1 GOL MA . 27.42 24.29 -9.68
C2 GOL MA . 28.27 22.34 -10.83
O2 GOL MA . 27.77 21.49 -9.79
C3 GOL MA . 29.55 21.75 -11.45
O3 GOL MA . 29.28 20.45 -11.98
C1 GOL NA . 44.75 17.55 -24.08
O1 GOL NA . 43.54 16.81 -24.26
C2 GOL NA . 45.03 17.77 -22.60
O2 GOL NA . 43.95 18.50 -22.01
C3 GOL NA . 46.34 18.54 -22.46
O3 GOL NA . 46.64 18.75 -21.08
C ACY OA . 35.30 -0.72 5.12
O ACY OA . 36.13 -1.33 4.30
OXT ACY OA . 35.51 0.35 5.78
CH3 ACY OA . 33.97 -1.40 5.23
#